data_9C88
#
_entry.id   9C88
#
_cell.length_a   1.00
_cell.length_b   1.00
_cell.length_c   1.00
_cell.angle_alpha   90.00
_cell.angle_beta   90.00
_cell.angle_gamma   90.00
#
_symmetry.space_group_name_H-M   'P 1'
#
loop_
_entity.id
_entity.type
_entity.pdbx_description
1 polymer 'Branched-Degron DHFR'
2 polymer 'ATP-dependent Clp protease ATP-binding subunit ClpX'
3 polymer 'ATP-dependent Clp protease proteolytic subunit'
4 non-polymer "ADENOSINE-5'-TRIPHOSPHATE"
5 non-polymer 'MAGNESIUM ION'
6 non-polymer "ADENOSINE-5'-DIPHOSPHATE"
#
loop_
_entity_poly.entity_id
_entity_poly.type
_entity_poly.pdbx_seq_one_letter_code
_entity_poly.pdbx_strand_id
1 'polypeptide(L)' (UNK)(UNK)(UNK)(UNK)(UNK)(UNK)(UNK)(UNK)(UNK)(UNK) S
2 'polypeptide(L)'
;MGSSHHHHHHDYDIPTTENLYFQGSSALPTPHEIRNHLDDYVIGQEQAKKVLAVAVYNHYKRLRNGDTSNGVELGKSNIL
LIGPTGSGKTLLAETLARLLDVPFTMADATTLTEAGYVGEDVENIIQKLLQKSDYDVQKAQRGIVYIDEIDKISRKSDNP
SITRDVSGEGVQQALLKLIEGTVAAVPPQGGRKHPQQEFLQVDTSKILFICGGAFAGLDKVISHRVETGSGIGFGATVKA
KSDKASEGELLAQVEPEDLIKFGLIPEFIGRLPVVATLNELSEEALIQILKEPKNALTKQYQALFNLEGVDLEFRDEALD
AIAKKAMARKTGARGLRSIVEAALLDTMYDLPSMEDVEKVVIDESVIDGQSEPLLIYGKPEAQQASGE
;
A,B,C,D,E,F
3 'polypeptide(L)'
;LVPMVIEQTSRGERSFDIYSRLLKERVIFLTGQVEDHMANLIVAQMLFLEAENPEKDIYLYINSPGGVITAGMSIYDTMQ
FIKPDVSTICMGQAASMGAFLLTAGAKGKRFCLPNSRVMIHQPLGGYQGQATDIEIHAREILKVKGRMNELMALHTGQSL
EQIERDTERDRFLSAPEAVEYGLVDSILTHRNENLYFQSLEHHHHHH
;
h,i,j,k,l,m,n,p,q,r,s,t,u,v
#
# COMPACT_ATOMS: atom_id res chain seq x y z
N UNK A 1 21.93 -62.27 -0.76
CA UNK A 1 22.32 -60.86 -0.71
C UNK A 1 21.20 -60.03 -0.08
N UNK A 2 21.33 -58.70 -0.17
CA UNK A 2 20.36 -57.78 0.38
C UNK A 2 19.76 -56.93 -0.74
N UNK A 3 18.50 -56.55 -0.55
CA UNK A 3 17.76 -55.74 -1.51
C UNK A 3 17.33 -54.45 -0.83
N UNK A 4 17.81 -53.33 -1.34
CA UNK A 4 17.48 -52.03 -0.78
C UNK A 4 16.06 -51.61 -1.15
N UNK A 5 15.41 -50.90 -0.24
CA UNK A 5 14.04 -50.41 -0.44
C UNK A 5 13.99 -48.95 -0.02
N UNK A 6 13.69 -48.07 -0.96
CA UNK A 6 13.60 -46.65 -0.68
C UNK A 6 12.29 -46.32 0.03
N UNK A 7 12.30 -45.22 0.77
CA UNK A 7 11.13 -44.76 1.51
C UNK A 7 11.03 -43.25 1.37
N UNK A 8 9.84 -42.77 0.98
CA UNK A 8 9.62 -41.35 0.81
C UNK A 8 9.56 -40.67 2.18
N UNK A 9 9.82 -39.36 2.18
CA UNK A 9 9.81 -38.54 3.37
C UNK A 9 8.78 -37.43 3.23
N UNK A 10 8.40 -36.86 4.37
CA UNK A 10 7.42 -35.78 4.42
C UNK A 10 6.11 -36.20 3.77
N LEU B 28 52.05 -50.60 -31.28
CA LEU B 28 52.78 -50.64 -32.55
C LEU B 28 52.15 -49.71 -33.60
N PRO B 29 50.87 -49.90 -33.91
CA PRO B 29 50.24 -49.02 -34.91
C PRO B 29 50.28 -47.57 -34.48
N THR B 30 50.51 -46.69 -35.45
CA THR B 30 50.57 -45.27 -35.17
C THR B 30 49.17 -44.69 -34.95
N PRO B 31 49.05 -43.62 -34.17
CA PRO B 31 47.71 -43.04 -33.94
C PRO B 31 47.02 -42.58 -35.21
N HIS B 32 47.78 -42.08 -36.19
CA HIS B 32 47.16 -41.59 -37.42
C HIS B 32 46.37 -42.70 -38.12
N GLU B 33 47.00 -43.86 -38.33
CA GLU B 33 46.29 -44.95 -38.99
C GLU B 33 45.16 -45.46 -38.12
N ILE B 34 45.34 -45.45 -36.79
CA ILE B 34 44.27 -45.88 -35.90
C ILE B 34 43.05 -44.98 -36.07
N ARG B 35 43.30 -43.67 -36.17
CA ARG B 35 42.21 -42.67 -36.27
C ARG B 35 41.65 -42.65 -37.71
N ASN B 36 42.39 -43.13 -38.72
CA ASN B 36 41.86 -43.27 -40.06
C ASN B 36 40.86 -44.41 -40.13
N HIS B 37 41.22 -45.58 -39.59
CA HIS B 37 40.31 -46.71 -39.59
C HIS B 37 39.11 -46.44 -38.68
N LEU B 38 39.36 -45.82 -37.53
CA LEU B 38 38.28 -45.49 -36.61
C LEU B 38 37.34 -44.45 -37.20
N ASP B 39 37.90 -43.49 -37.95
CA ASP B 39 37.09 -42.45 -38.56
C ASP B 39 36.10 -43.01 -39.57
N ASP B 40 36.35 -44.22 -40.08
CA ASP B 40 35.43 -44.82 -41.05
C ASP B 40 34.04 -44.98 -40.46
N TYR B 41 33.96 -45.28 -39.17
CA TYR B 41 32.68 -45.47 -38.50
C TYR B 41 32.15 -44.21 -37.85
N VAL B 42 33.04 -43.40 -37.25
CA VAL B 42 32.66 -42.17 -36.57
C VAL B 42 33.25 -40.99 -37.32
N ILE B 43 32.41 -39.99 -37.62
CA ILE B 43 32.84 -38.80 -38.34
C ILE B 43 32.21 -37.59 -37.66
N GLY B 44 32.99 -36.52 -37.53
CA GLY B 44 32.55 -35.29 -36.91
C GLY B 44 33.22 -34.98 -35.59
N GLN B 45 33.99 -35.90 -35.02
CA GLN B 45 34.68 -35.70 -33.75
C GLN B 45 36.18 -35.75 -34.00
N GLU B 46 36.89 -34.76 -33.47
CA GLU B 46 38.33 -34.65 -33.63
C GLU B 46 39.08 -34.82 -32.31
N GLN B 47 38.70 -34.06 -31.28
CA GLN B 47 39.38 -34.17 -29.99
C GLN B 47 39.19 -35.57 -29.40
N ALA B 48 37.98 -36.11 -29.48
CA ALA B 48 37.73 -37.43 -28.93
C ALA B 48 38.59 -38.50 -29.60
N LYS B 49 38.69 -38.41 -30.93
CA LYS B 49 39.46 -39.42 -31.72
C LYS B 49 40.95 -39.31 -31.40
N LYS B 50 41.47 -38.11 -31.16
CA LYS B 50 42.88 -37.91 -30.80
C LYS B 50 43.18 -38.44 -29.40
N VAL B 51 42.29 -38.17 -28.44
CA VAL B 51 42.52 -38.64 -27.07
C VAL B 51 42.53 -40.16 -27.02
N LEU B 52 41.57 -40.80 -27.70
CA LEU B 52 41.52 -42.26 -27.70
C LEU B 52 42.76 -42.85 -28.36
N ALA B 53 43.14 -42.31 -29.53
CA ALA B 53 44.31 -42.82 -30.23
C ALA B 53 45.58 -42.61 -29.42
N VAL B 54 45.72 -41.43 -28.81
CA VAL B 54 46.91 -41.14 -28.00
C VAL B 54 46.98 -42.09 -26.81
N ALA B 55 45.86 -42.26 -26.11
CA ALA B 55 45.86 -43.16 -24.95
C ALA B 55 46.15 -44.58 -25.37
N VAL B 56 45.55 -45.04 -26.47
CA VAL B 56 45.79 -46.40 -26.94
C VAL B 56 47.26 -46.57 -27.31
N TYR B 57 47.84 -45.60 -28.01
CA TYR B 57 49.24 -45.70 -28.38
C TYR B 57 50.11 -45.72 -27.13
N ASN B 58 49.80 -44.89 -26.14
CA ASN B 58 50.54 -44.90 -24.90
C ASN B 58 50.35 -46.20 -24.14
N HIS B 59 49.18 -46.83 -24.29
CA HIS B 59 48.93 -48.10 -23.63
C HIS B 59 49.84 -49.19 -24.18
N TYR B 60 50.00 -49.25 -25.51
CA TYR B 60 50.88 -50.24 -26.10
C TYR B 60 52.34 -50.00 -25.68
N LYS B 61 52.76 -48.73 -25.70
CA LYS B 61 54.13 -48.42 -25.29
C LYS B 61 54.35 -48.77 -23.83
N ARG B 62 53.42 -48.35 -22.96
CA ARG B 62 53.55 -48.66 -21.54
C ARG B 62 53.40 -50.16 -21.28
N LEU B 63 52.86 -50.91 -22.25
CA LEU B 63 52.72 -52.35 -22.07
C LEU B 63 54.08 -53.01 -21.90
N ARG B 64 55.07 -52.60 -22.70
CA ARG B 64 56.39 -53.18 -22.59
C ARG B 64 57.03 -52.88 -21.25
N ASN B 65 56.83 -51.67 -20.72
CA ASN B 65 57.38 -51.28 -19.43
C ASN B 65 56.42 -50.37 -18.68
N LEU B 74 54.96 -44.54 -17.75
CA LEU B 74 54.95 -45.40 -16.57
C LEU B 74 53.56 -45.39 -15.92
N GLY B 75 52.92 -44.23 -15.95
CA GLY B 75 51.60 -44.09 -15.37
C GLY B 75 50.53 -43.83 -16.42
N LYS B 76 49.47 -44.65 -16.40
CA LYS B 76 48.38 -44.51 -17.36
C LYS B 76 47.50 -43.33 -16.99
N SER B 77 46.72 -42.89 -17.98
CA SER B 77 45.77 -41.78 -17.81
C SER B 77 44.39 -42.27 -18.23
N ASN B 78 43.43 -42.15 -17.31
CA ASN B 78 42.06 -42.57 -17.58
C ASN B 78 41.32 -41.48 -18.35
N ILE B 79 40.58 -41.88 -19.37
CA ILE B 79 39.84 -40.95 -20.21
C ILE B 79 38.40 -40.86 -19.73
N LEU B 80 37.80 -39.68 -19.93
CA LEU B 80 36.42 -39.42 -19.57
C LEU B 80 35.76 -38.78 -20.79
N LEU B 81 34.71 -39.43 -21.30
CA LEU B 81 33.99 -38.96 -22.48
C LEU B 81 32.70 -38.28 -22.08
N ILE B 82 32.47 -37.08 -22.61
CA ILE B 82 31.28 -36.29 -22.35
C ILE B 82 30.69 -35.86 -23.68
N GLY B 83 29.39 -36.03 -23.85
CA GLY B 83 28.72 -35.66 -25.07
C GLY B 83 27.23 -35.96 -25.04
N PRO B 84 26.45 -35.18 -25.79
CA PRO B 84 25.00 -35.41 -25.80
C PRO B 84 24.64 -36.71 -26.50
N THR B 85 23.37 -37.07 -26.39
CA THR B 85 22.87 -38.30 -27.00
C THR B 85 23.07 -38.26 -28.51
N GLY B 86 23.51 -39.39 -29.07
CA GLY B 86 23.73 -39.49 -30.50
C GLY B 86 25.04 -38.91 -30.98
N SER B 87 25.95 -38.55 -30.07
CA SER B 87 27.23 -38.00 -30.49
C SER B 87 28.16 -39.07 -31.03
N GLY B 88 28.10 -40.27 -30.49
CA GLY B 88 28.94 -41.36 -30.94
C GLY B 88 29.90 -41.85 -29.86
N LYS B 89 29.51 -41.68 -28.60
CA LYS B 89 30.37 -42.10 -27.49
C LYS B 89 30.52 -43.62 -27.46
N THR B 90 29.40 -44.33 -27.32
CA THR B 90 29.46 -45.79 -27.29
C THR B 90 29.90 -46.39 -28.61
N LEU B 91 29.69 -45.69 -29.72
CA LEU B 91 30.11 -46.22 -31.02
C LEU B 91 31.62 -46.30 -31.11
N LEU B 92 32.33 -45.34 -30.53
CA LEU B 92 33.78 -45.35 -30.57
C LEU B 92 34.34 -46.58 -29.88
N ALA B 93 33.77 -46.96 -28.74
CA ALA B 93 34.25 -48.13 -28.01
C ALA B 93 34.14 -49.39 -28.84
N GLU B 94 33.04 -49.56 -29.58
CA GLU B 94 32.87 -50.75 -30.40
C GLU B 94 33.95 -50.84 -31.47
N THR B 95 34.28 -49.71 -32.10
CA THR B 95 35.31 -49.72 -33.14
C THR B 95 36.66 -50.12 -32.58
N LEU B 96 36.99 -49.66 -31.37
CA LEU B 96 38.28 -49.99 -30.78
C LEU B 96 38.45 -51.50 -30.62
N ALA B 97 37.36 -52.23 -30.37
CA ALA B 97 37.47 -53.67 -30.19
C ALA B 97 38.11 -54.33 -31.41
N ARG B 98 37.68 -53.94 -32.62
CA ARG B 98 38.25 -54.52 -33.83
C ARG B 98 39.71 -54.11 -34.00
N LEU B 99 40.03 -52.84 -33.75
CA LEU B 99 41.39 -52.35 -33.92
C LEU B 99 42.29 -52.76 -32.76
N LEU B 100 41.77 -52.85 -31.55
CA LEU B 100 42.58 -53.22 -30.40
C LEU B 100 43.08 -54.65 -30.52
N ASP B 101 44.24 -54.89 -29.89
CA ASP B 101 44.87 -56.21 -29.88
C ASP B 101 44.96 -56.75 -28.45
N VAL B 102 44.21 -56.17 -27.52
CA VAL B 102 44.21 -56.60 -26.12
C VAL B 102 42.77 -56.86 -25.71
N PRO B 103 42.52 -57.61 -24.63
CA PRO B 103 41.14 -57.89 -24.23
C PRO B 103 40.36 -56.60 -23.99
N PHE B 104 39.10 -56.61 -24.43
CA PHE B 104 38.20 -55.49 -24.28
C PHE B 104 36.84 -55.98 -23.80
N THR B 105 36.17 -55.16 -22.99
CA THR B 105 34.87 -55.55 -22.46
C THR B 105 34.11 -54.28 -22.06
N MET B 106 32.94 -54.09 -22.65
CA MET B 106 32.09 -52.95 -22.35
C MET B 106 31.16 -53.29 -21.19
N ALA B 107 30.94 -52.32 -20.31
CA ALA B 107 30.08 -52.51 -19.15
C ALA B 107 29.10 -51.35 -19.05
N ASP B 108 28.21 -51.43 -18.06
CA ASP B 108 27.19 -50.42 -17.82
C ASP B 108 27.20 -50.06 -16.35
N ALA B 109 27.21 -48.77 -16.04
CA ALA B 109 27.22 -48.32 -14.65
C ALA B 109 25.85 -48.40 -13.99
N THR B 110 24.78 -48.60 -14.76
CA THR B 110 23.44 -48.68 -14.20
C THR B 110 23.10 -50.06 -13.67
N THR B 111 24.00 -51.04 -13.81
CA THR B 111 23.76 -52.39 -13.32
C THR B 111 24.68 -52.79 -12.18
N LEU B 112 25.69 -52.00 -11.87
CA LEU B 112 26.63 -52.30 -10.80
C LEU B 112 26.14 -51.71 -9.48
N THR B 113 26.34 -52.46 -8.40
CA THR B 113 25.93 -52.05 -7.06
C THR B 113 27.03 -52.40 -6.08
N GLU B 114 26.92 -51.85 -4.87
CA GLU B 114 27.91 -52.11 -3.83
C GLU B 114 27.90 -53.60 -3.46
N ALA B 115 29.00 -54.04 -2.86
CA ALA B 115 29.12 -55.44 -2.45
C ALA B 115 28.06 -55.80 -1.43
N GLY B 116 27.60 -57.06 -1.50
CA GLY B 116 26.60 -57.56 -0.61
C GLY B 116 25.17 -57.42 -1.08
N TYR B 117 24.94 -56.71 -2.19
CA TYR B 117 23.59 -56.51 -2.73
C TYR B 117 23.34 -57.44 -3.91
N VAL B 118 22.05 -57.61 -4.24
CA VAL B 118 21.63 -58.54 -5.33
C VAL B 118 22.10 -58.00 -6.69
N GLY B 119 22.26 -56.69 -6.82
CA GLY B 119 22.73 -56.09 -8.08
C GLY B 119 24.10 -56.62 -8.43
N GLU B 120 24.61 -56.31 -9.63
CA GLU B 120 25.93 -56.83 -10.09
C GLU B 120 27.02 -56.34 -9.13
N ASP B 121 28.25 -56.83 -9.27
CA ASP B 121 29.39 -56.39 -8.43
C ASP B 121 30.41 -55.72 -9.34
N VAL B 122 31.23 -54.80 -8.82
CA VAL B 122 32.29 -54.18 -9.61
C VAL B 122 33.30 -55.23 -10.04
N GLU B 123 33.61 -56.17 -9.15
CA GLU B 123 34.59 -57.20 -9.48
C GLU B 123 34.14 -58.07 -10.65
N ASN B 124 32.84 -58.12 -10.94
CA ASN B 124 32.37 -58.92 -12.07
C ASN B 124 32.91 -58.39 -13.38
N ILE B 125 33.29 -57.11 -13.44
CA ILE B 125 33.84 -56.54 -14.66
C ILE B 125 35.09 -57.30 -15.07
N ILE B 126 35.97 -57.58 -14.12
CA ILE B 126 37.19 -58.32 -14.43
C ILE B 126 36.85 -59.74 -14.85
N GLN B 127 35.82 -60.33 -14.24
CA GLN B 127 35.44 -61.69 -14.61
C GLN B 127 35.08 -61.78 -16.09
N LYS B 128 34.36 -60.77 -16.61
CA LYS B 128 34.03 -60.77 -18.03
C LYS B 128 35.29 -60.63 -18.88
N LEU B 129 36.25 -59.84 -18.41
CA LEU B 129 37.49 -59.66 -19.15
C LEU B 129 38.24 -60.98 -19.27
N LEU B 130 38.29 -61.76 -18.19
CA LEU B 130 38.98 -63.05 -18.25
C LEU B 130 38.33 -63.96 -19.28
N GLN B 131 36.99 -63.98 -19.34
CA GLN B 131 36.31 -64.82 -20.31
C GLN B 131 36.66 -64.39 -21.73
N LYS B 132 36.84 -63.09 -21.95
CA LYS B 132 37.21 -62.59 -23.27
C LYS B 132 38.67 -62.90 -23.60
N SER B 133 39.53 -62.97 -22.57
CA SER B 133 40.94 -63.25 -22.73
C SER B 133 41.28 -64.72 -22.50
N ASP B 134 40.28 -65.60 -22.48
CA ASP B 134 40.50 -67.03 -22.25
C ASP B 134 41.17 -67.25 -20.89
N TYR B 135 40.70 -66.51 -19.89
CA TYR B 135 41.23 -66.61 -18.52
C TYR B 135 42.73 -66.38 -18.48
N ASP B 136 43.21 -65.43 -19.27
CA ASP B 136 44.63 -65.09 -19.33
C ASP B 136 44.86 -63.90 -18.39
N VAL B 137 45.21 -64.22 -17.14
CA VAL B 137 45.42 -63.19 -16.13
C VAL B 137 46.46 -62.18 -16.60
N GLN B 138 47.59 -62.65 -17.13
CA GLN B 138 48.62 -61.72 -17.58
C GLN B 138 48.11 -60.84 -18.71
N LYS B 139 47.45 -61.43 -19.72
CA LYS B 139 46.92 -60.64 -20.82
C LYS B 139 45.77 -59.75 -20.35
N ALA B 140 44.97 -60.24 -19.41
CA ALA B 140 43.86 -59.45 -18.90
C ALA B 140 44.34 -58.28 -18.06
N GLN B 141 45.50 -58.42 -17.42
CA GLN B 141 46.04 -57.34 -16.60
C GLN B 141 46.41 -56.11 -17.40
N ARG B 142 46.48 -56.23 -18.74
CA ARG B 142 46.82 -55.11 -19.61
C ARG B 142 45.69 -54.82 -20.60
N GLY B 143 44.47 -55.25 -20.30
CA GLY B 143 43.34 -55.02 -21.17
C GLY B 143 42.76 -53.63 -20.99
N ILE B 144 41.71 -53.36 -21.76
CA ILE B 144 41.01 -52.09 -21.74
C ILE B 144 39.56 -52.32 -21.33
N VAL B 145 39.07 -51.49 -20.42
CA VAL B 145 37.70 -51.58 -19.91
C VAL B 145 37.00 -50.27 -20.22
N TYR B 146 35.80 -50.35 -20.79
CA TYR B 146 35.00 -49.20 -21.15
C TYR B 146 33.71 -49.20 -20.34
N ILE B 147 33.49 -48.15 -19.56
CA ILE B 147 32.30 -48.00 -18.75
C ILE B 147 31.37 -47.01 -19.44
N ASP B 148 30.07 -47.27 -19.34
CA ASP B 148 29.05 -46.42 -19.95
C ASP B 148 28.03 -46.01 -18.90
N GLU B 149 27.30 -44.94 -19.20
CA GLU B 149 26.28 -44.40 -18.30
C GLU B 149 26.89 -44.05 -16.95
N ILE B 150 28.13 -43.53 -16.98
CA ILE B 150 28.79 -43.15 -15.74
C ILE B 150 28.07 -41.99 -15.06
N ASP B 151 27.36 -41.17 -15.83
CA ASP B 151 26.64 -40.04 -15.25
C ASP B 151 25.36 -40.46 -14.55
N LYS B 152 24.84 -41.65 -14.85
CA LYS B 152 23.61 -42.12 -14.22
C LYS B 152 23.84 -42.55 -12.77
N ILE B 153 25.08 -42.83 -12.39
CA ILE B 153 25.38 -43.25 -11.02
C ILE B 153 25.80 -42.05 -10.18
N SER B 154 25.61 -40.84 -10.73
CA SER B 154 25.95 -39.63 -10.01
C SER B 154 25.07 -39.49 -8.78
N ARG B 155 25.66 -39.66 -7.60
CA ARG B 155 24.91 -39.58 -6.36
C ARG B 155 24.14 -38.26 -6.27
N LYS B 156 22.87 -38.34 -5.90
CA LYS B 156 22.02 -37.17 -5.77
C LYS B 156 20.96 -37.40 -4.69
N ARG B 164 19.84 -45.95 1.04
CA ARG B 164 21.24 -46.20 0.73
C ARG B 164 21.48 -46.06 -0.77
N ASP B 165 22.54 -45.34 -1.14
CA ASP B 165 22.88 -45.12 -2.55
C ASP B 165 23.64 -46.32 -3.11
N VAL B 166 22.92 -47.44 -3.21
CA VAL B 166 23.53 -48.67 -3.74
C VAL B 166 23.97 -48.47 -5.18
N SER B 167 23.21 -47.69 -5.94
CA SER B 167 23.53 -47.41 -7.34
C SER B 167 24.09 -46.01 -7.55
N GLY B 168 24.41 -45.29 -6.47
CA GLY B 168 24.95 -43.96 -6.57
C GLY B 168 26.39 -43.87 -6.10
N GLU B 169 26.63 -43.18 -4.99
CA GLU B 169 27.98 -43.05 -4.46
C GLU B 169 28.57 -44.40 -4.05
N GLY B 170 27.72 -45.40 -3.79
CA GLY B 170 28.22 -46.70 -3.41
C GLY B 170 28.91 -47.44 -4.53
N VAL B 171 28.65 -47.03 -5.78
CA VAL B 171 29.28 -47.66 -6.94
C VAL B 171 30.53 -46.92 -7.37
N GLN B 172 30.77 -45.72 -6.85
CA GLN B 172 31.94 -44.93 -7.20
C GLN B 172 33.13 -45.21 -6.30
N GLN B 173 32.90 -45.42 -5.01
CA GLN B 173 34.00 -45.73 -4.10
C GLN B 173 34.62 -47.07 -4.46
N ALA B 174 33.78 -48.08 -4.67
CA ALA B 174 34.29 -49.39 -5.05
C ALA B 174 34.97 -49.32 -6.41
N LEU B 175 34.38 -48.57 -7.35
CA LEU B 175 34.99 -48.42 -8.67
C LEU B 175 36.26 -47.59 -8.60
N LEU B 176 36.30 -46.61 -7.70
CA LEU B 176 37.49 -45.79 -7.57
C LEU B 176 38.71 -46.62 -7.22
N LYS B 177 38.56 -47.55 -6.27
CA LYS B 177 39.68 -48.42 -5.89
C LYS B 177 40.15 -49.23 -7.10
N LEU B 178 39.24 -49.58 -8.00
CA LEU B 178 39.62 -50.34 -9.19
C LEU B 178 40.46 -49.51 -10.14
N ILE B 179 40.12 -48.23 -10.29
CA ILE B 179 40.89 -47.36 -11.19
C ILE B 179 42.31 -47.20 -10.70
N GLU B 180 42.48 -46.88 -9.41
CA GLU B 180 43.82 -46.69 -8.87
C GLU B 180 44.63 -47.98 -8.92
N GLY B 181 43.97 -49.12 -8.70
CA GLY B 181 44.65 -50.40 -8.72
C GLY B 181 44.55 -51.15 -7.41
N THR B 182 43.82 -52.28 -7.42
CA THR B 182 43.63 -53.09 -6.23
C THR B 182 43.44 -54.55 -6.68
N VAL B 183 43.34 -55.43 -5.69
CA VAL B 183 43.15 -56.86 -5.96
C VAL B 183 41.69 -57.12 -6.29
N ALA B 184 41.40 -58.29 -6.84
CA ALA B 184 40.05 -58.68 -7.22
C ALA B 184 39.73 -60.04 -6.62
N ALA B 185 38.49 -60.48 -6.80
CA ALA B 185 38.00 -61.75 -6.29
C ALA B 185 37.22 -62.49 -7.36
N VAL B 186 37.76 -62.54 -8.57
CA VAL B 186 37.06 -63.21 -9.67
C VAL B 186 36.89 -64.69 -9.33
N PRO B 187 35.73 -65.28 -9.53
CA PRO B 187 35.55 -66.71 -9.22
C PRO B 187 36.39 -67.57 -10.14
N PRO B 188 36.76 -68.79 -9.72
CA PRO B 188 37.57 -69.67 -10.57
C PRO B 188 36.77 -70.29 -11.72
N GLN B 189 36.46 -69.46 -12.70
CA GLN B 189 35.70 -69.89 -13.88
C GLN B 189 34.36 -70.51 -13.46
N GLY B 190 33.76 -69.95 -12.42
CA GLY B 190 32.49 -70.45 -11.92
C GLY B 190 32.66 -71.34 -10.72
N GLY B 191 32.35 -70.83 -9.53
CA GLY B 191 32.47 -71.58 -8.31
C GLY B 191 31.48 -72.73 -8.23
N GLU B 198 38.99 -69.97 -5.42
CA GLU B 198 40.35 -69.49 -5.61
C GLU B 198 40.44 -67.98 -5.36
N PHE B 199 39.42 -67.25 -5.82
CA PHE B 199 39.37 -65.80 -5.67
C PHE B 199 40.61 -65.15 -6.29
N LEU B 200 40.76 -65.39 -7.59
CA LEU B 200 41.90 -64.84 -8.33
C LEU B 200 41.99 -63.33 -8.17
N GLN B 201 43.18 -62.86 -7.85
CA GLN B 201 43.43 -61.44 -7.68
C GLN B 201 44.08 -60.88 -8.94
N VAL B 202 43.62 -59.69 -9.35
CA VAL B 202 44.12 -59.03 -10.55
C VAL B 202 44.35 -57.57 -10.22
N ASP B 203 45.51 -57.04 -10.61
CA ASP B 203 45.83 -55.65 -10.38
C ASP B 203 45.32 -54.81 -11.54
N THR B 204 44.51 -53.80 -11.23
CA THR B 204 43.93 -52.92 -12.24
C THR B 204 44.70 -51.63 -12.42
N SER B 205 45.85 -51.47 -11.76
CA SER B 205 46.62 -50.25 -11.92
C SER B 205 47.09 -50.07 -13.35
N LYS B 206 47.24 -51.17 -14.10
CA LYS B 206 47.66 -51.12 -15.49
C LYS B 206 46.50 -51.19 -16.47
N ILE B 207 45.37 -51.77 -16.06
CA ILE B 207 44.22 -51.86 -16.97
C ILE B 207 43.69 -50.46 -17.24
N LEU B 208 43.42 -50.18 -18.51
CA LEU B 208 42.91 -48.88 -18.92
C LEU B 208 41.40 -48.85 -18.77
N PHE B 209 40.89 -47.79 -18.14
CA PHE B 209 39.46 -47.62 -17.89
C PHE B 209 39.00 -46.36 -18.61
N ILE B 210 37.94 -46.49 -19.40
CA ILE B 210 37.35 -45.37 -20.14
C ILE B 210 35.90 -45.26 -19.74
N CYS B 211 35.47 -44.05 -19.39
CA CYS B 211 34.10 -43.78 -18.95
C CYS B 211 33.39 -42.88 -19.95
N GLY B 212 32.15 -43.24 -20.27
CA GLY B 212 31.31 -42.49 -21.20
C GLY B 212 30.21 -41.74 -20.47
N GLY B 213 28.99 -41.86 -20.98
CA GLY B 213 27.85 -41.20 -20.38
C GLY B 213 27.50 -39.87 -20.99
N ALA B 214 26.22 -39.60 -21.13
CA ALA B 214 25.71 -38.34 -21.70
C ALA B 214 25.16 -37.52 -20.53
N PHE B 215 26.01 -36.67 -19.96
CA PHE B 215 25.62 -35.84 -18.83
C PHE B 215 24.50 -34.90 -19.25
N ALA B 216 23.31 -35.10 -18.69
CA ALA B 216 22.15 -34.27 -18.98
C ALA B 216 22.02 -33.21 -17.90
N GLY B 217 21.84 -31.95 -18.31
CA GLY B 217 21.72 -30.86 -17.39
C GLY B 217 23.03 -30.25 -16.96
N LEU B 218 24.16 -30.85 -17.35
CA LEU B 218 25.46 -30.30 -16.98
C LEU B 218 25.65 -28.89 -17.55
N ASP B 219 25.05 -28.63 -18.71
CA ASP B 219 25.15 -27.30 -19.32
C ASP B 219 24.70 -26.21 -18.35
N LYS B 220 23.58 -26.45 -17.67
CA LYS B 220 23.10 -25.46 -16.70
C LYS B 220 24.12 -25.25 -15.60
N VAL B 221 24.72 -26.34 -15.12
CA VAL B 221 25.74 -26.23 -14.08
C VAL B 221 26.91 -25.40 -14.58
N ILE B 222 27.34 -25.67 -15.81
CA ILE B 222 28.45 -24.91 -16.39
C ILE B 222 28.04 -23.46 -16.60
N SER B 223 26.80 -23.23 -17.02
CA SER B 223 26.35 -21.86 -17.23
C SER B 223 26.38 -21.05 -15.94
N HIS B 224 26.04 -21.68 -14.81
CA HIS B 224 26.06 -20.98 -13.54
C HIS B 224 27.47 -20.48 -13.21
N ARG B 225 28.48 -21.33 -13.44
CA ARG B 225 29.90 -20.96 -13.20
C ARG B 225 30.21 -19.74 -14.06
N VAL B 226 29.85 -19.76 -15.34
CA VAL B 226 30.15 -18.69 -16.29
C VAL B 226 28.96 -17.76 -16.49
N GLU B 227 28.01 -17.77 -15.57
CA GLU B 227 26.83 -16.91 -15.70
C GLU B 227 27.26 -15.45 -15.71
N THR B 228 26.57 -14.66 -16.54
CA THR B 228 26.88 -13.24 -16.65
C THR B 228 26.14 -12.39 -15.63
N GLY B 229 24.99 -12.85 -15.15
CA GLY B 229 24.23 -12.10 -14.17
C GLY B 229 23.24 -11.16 -14.82
N SER B 230 22.38 -11.70 -15.68
CA SER B 230 21.39 -10.89 -16.38
C SER B 230 20.49 -10.16 -15.38
N GLY B 231 20.25 -8.87 -15.64
CA GLY B 231 19.42 -8.06 -14.79
C GLY B 231 18.16 -7.59 -15.50
N ILE B 232 17.72 -6.37 -15.20
CA ILE B 232 16.53 -5.80 -15.82
C ILE B 232 16.79 -4.46 -16.48
N GLY B 233 17.85 -3.75 -16.12
CA GLY B 233 18.12 -2.45 -16.69
C GLY B 233 18.70 -2.50 -18.09
N PHE B 234 18.92 -1.31 -18.64
CA PHE B 234 19.47 -1.19 -19.99
C PHE B 234 20.87 -1.76 -20.06
N GLY B 235 21.64 -1.67 -18.98
CA GLY B 235 22.98 -2.21 -18.94
C GLY B 235 23.08 -3.69 -18.73
N ALA B 236 21.95 -4.38 -18.63
CA ALA B 236 21.94 -5.82 -18.43
C ALA B 236 22.45 -6.51 -19.69
N THR B 237 22.50 -7.84 -19.63
CA THR B 237 22.97 -8.68 -20.74
C THR B 237 21.89 -9.65 -21.18
N VAL B 238 20.64 -9.17 -21.25
CA VAL B 238 19.55 -10.02 -21.68
C VAL B 238 19.82 -10.54 -23.09
N LYS B 239 19.62 -11.84 -23.28
CA LYS B 239 19.85 -12.48 -24.57
C LYS B 239 18.68 -13.38 -24.91
N ALA B 240 18.52 -13.63 -26.20
CA ALA B 240 17.45 -14.48 -26.71
C ALA B 240 17.91 -15.94 -26.71
N LYS B 241 16.93 -16.84 -26.75
CA LYS B 241 17.25 -18.27 -26.75
C LYS B 241 18.21 -18.62 -27.88
N SER B 242 18.00 -18.04 -29.06
CA SER B 242 18.90 -18.31 -30.19
C SER B 242 20.31 -17.84 -29.87
N ASP B 243 20.45 -16.67 -29.26
CA ASP B 243 21.77 -16.15 -28.93
C ASP B 243 22.47 -17.00 -27.87
N LYS B 244 21.69 -17.68 -27.03
CA LYS B 244 22.27 -18.52 -25.99
C LYS B 244 23.23 -19.54 -26.59
N ALA B 245 24.37 -19.72 -25.92
CA ALA B 245 25.39 -20.66 -26.39
C ALA B 245 24.81 -22.07 -26.47
N SER B 246 25.25 -22.81 -27.50
CA SER B 246 24.78 -24.16 -27.69
C SER B 246 25.36 -25.09 -26.63
N GLU B 247 24.74 -26.27 -26.50
CA GLU B 247 25.19 -27.26 -25.52
C GLU B 247 26.67 -27.58 -25.69
N GLY B 248 27.11 -27.73 -26.94
CA GLY B 248 28.51 -28.06 -27.18
C GLY B 248 29.47 -27.05 -26.60
N GLU B 249 29.16 -25.76 -26.76
CA GLU B 249 30.05 -24.72 -26.25
C GLU B 249 30.24 -24.84 -24.74
N LEU B 250 29.15 -25.02 -23.99
CA LEU B 250 29.27 -25.14 -22.54
C LEU B 250 30.06 -26.38 -22.16
N LEU B 251 29.78 -27.52 -22.81
CA LEU B 251 30.50 -28.75 -22.50
C LEU B 251 32.01 -28.58 -22.67
N ALA B 252 32.42 -27.78 -23.66
CA ALA B 252 33.85 -27.57 -23.88
C ALA B 252 34.49 -26.86 -22.70
N GLN B 253 33.73 -25.98 -22.04
CA GLN B 253 34.23 -25.22 -20.90
C GLN B 253 34.05 -25.97 -19.57
N VAL B 254 33.56 -27.21 -19.61
CA VAL B 254 33.35 -27.97 -18.38
C VAL B 254 34.63 -28.01 -17.55
N GLU B 255 34.46 -27.99 -16.24
CA GLU B 255 35.56 -28.03 -15.28
C GLU B 255 35.34 -29.13 -14.25
N PRO B 256 36.40 -29.63 -13.62
CA PRO B 256 36.22 -30.70 -12.62
C PRO B 256 35.29 -30.30 -11.48
N GLU B 257 35.31 -29.04 -11.05
CA GLU B 257 34.47 -28.62 -9.95
C GLU B 257 32.98 -28.81 -10.28
N ASP B 258 32.60 -28.51 -11.52
CA ASP B 258 31.20 -28.67 -11.91
C ASP B 258 30.76 -30.11 -11.77
N LEU B 259 31.64 -31.07 -12.08
CA LEU B 259 31.28 -32.48 -11.96
C LEU B 259 31.04 -32.88 -10.51
N ILE B 260 31.76 -32.27 -9.57
CA ILE B 260 31.58 -32.62 -8.16
C ILE B 260 30.15 -32.33 -7.72
N LYS B 261 29.67 -31.11 -7.99
CA LYS B 261 28.32 -30.76 -7.61
C LYS B 261 27.29 -31.51 -8.43
N PHE B 262 27.68 -32.06 -9.58
CA PHE B 262 26.76 -32.82 -10.41
C PHE B 262 26.37 -34.15 -9.76
N GLY B 263 27.12 -34.59 -8.76
CA GLY B 263 26.84 -35.84 -8.09
C GLY B 263 27.95 -36.85 -8.21
N LEU B 264 29.19 -36.37 -8.35
CA LEU B 264 30.37 -37.21 -8.50
C LEU B 264 31.35 -36.92 -7.37
N ILE B 265 32.01 -37.98 -6.91
CA ILE B 265 32.99 -37.83 -5.82
C ILE B 265 34.19 -37.05 -6.33
N PRO B 266 34.72 -36.07 -5.57
CA PRO B 266 35.89 -35.33 -6.08
C PRO B 266 37.07 -36.23 -6.40
N GLU B 267 37.30 -37.26 -5.59
CA GLU B 267 38.41 -38.17 -5.84
C GLU B 267 38.18 -39.03 -7.08
N PHE B 268 36.91 -39.30 -7.43
CA PHE B 268 36.62 -40.10 -8.60
C PHE B 268 37.10 -39.40 -9.87
N ILE B 269 36.76 -38.12 -10.03
CA ILE B 269 37.20 -37.40 -11.21
C ILE B 269 38.71 -37.21 -11.19
N GLY B 270 39.31 -37.14 -10.00
CA GLY B 270 40.75 -36.98 -9.91
C GLY B 270 41.49 -38.11 -10.59
N ARG B 271 40.98 -39.34 -10.47
CA ARG B 271 41.63 -40.48 -11.11
C ARG B 271 41.51 -40.42 -12.63
N LEU B 272 40.59 -39.59 -13.14
CA LEU B 272 40.38 -39.44 -14.57
C LEU B 272 40.80 -38.03 -14.99
N PRO B 273 42.11 -37.75 -15.08
CA PRO B 273 42.53 -36.40 -15.48
C PRO B 273 42.19 -36.06 -16.92
N VAL B 274 42.19 -37.04 -17.82
CA VAL B 274 41.87 -36.79 -19.23
C VAL B 274 40.37 -36.74 -19.39
N VAL B 275 39.87 -35.63 -19.95
CA VAL B 275 38.45 -35.43 -20.18
C VAL B 275 38.26 -35.03 -21.63
N ALA B 276 37.39 -35.74 -22.34
CA ALA B 276 37.09 -35.48 -23.73
C ALA B 276 35.65 -35.02 -23.87
N THR B 277 35.45 -33.99 -24.69
CA THR B 277 34.13 -33.41 -24.92
C THR B 277 33.75 -33.54 -26.39
N LEU B 278 32.49 -33.89 -26.65
CA LEU B 278 31.96 -34.05 -27.99
C LEU B 278 31.00 -32.91 -28.29
N ASN B 279 31.10 -32.36 -29.49
CA ASN B 279 30.24 -31.27 -29.92
C ASN B 279 28.98 -31.81 -30.57
N GLU B 280 27.90 -31.05 -30.47
CA GLU B 280 26.63 -31.46 -31.05
C GLU B 280 26.77 -31.57 -32.57
N LEU B 281 26.28 -32.67 -33.13
CA LEU B 281 26.37 -32.87 -34.57
C LEU B 281 25.62 -31.78 -35.32
N SER B 282 26.26 -31.22 -36.34
CA SER B 282 25.68 -30.17 -37.15
C SER B 282 24.97 -30.78 -38.36
N GLU B 283 24.34 -29.92 -39.16
CA GLU B 283 23.64 -30.39 -40.34
C GLU B 283 24.60 -31.08 -41.30
N GLU B 284 25.78 -30.51 -41.49
CA GLU B 284 26.77 -31.11 -42.40
C GLU B 284 27.21 -32.48 -41.88
N ALA B 285 27.44 -32.59 -40.57
CA ALA B 285 27.87 -33.87 -40.00
C ALA B 285 26.79 -34.93 -40.20
N LEU B 286 25.53 -34.57 -39.93
CA LEU B 286 24.44 -35.53 -40.10
C LEU B 286 24.32 -35.98 -41.54
N ILE B 287 24.49 -35.06 -42.49
CA ILE B 287 24.40 -35.42 -43.90
C ILE B 287 25.45 -36.47 -44.24
N GLN B 288 26.69 -36.28 -43.79
CA GLN B 288 27.74 -37.24 -44.05
C GLN B 288 27.46 -38.56 -43.33
N ILE B 289 27.01 -38.47 -42.07
CA ILE B 289 26.73 -39.67 -41.29
C ILE B 289 25.66 -40.53 -41.94
N LEU B 290 24.80 -39.92 -42.76
CA LEU B 290 23.72 -40.67 -43.40
C LEU B 290 24.26 -41.69 -44.39
N LYS B 291 25.36 -41.38 -45.09
CA LYS B 291 25.92 -42.29 -46.08
C LYS B 291 27.41 -42.57 -45.91
N GLU B 292 28.19 -41.58 -45.48
CA GLU B 292 29.63 -41.77 -45.35
C GLU B 292 30.03 -42.94 -44.45
N PRO B 293 29.41 -43.15 -43.28
CA PRO B 293 29.82 -44.26 -42.42
C PRO B 293 29.73 -45.61 -43.12
N LYS B 294 30.65 -46.51 -42.75
CA LYS B 294 30.66 -47.84 -43.34
C LYS B 294 29.33 -48.55 -43.14
N ASN B 295 28.67 -48.31 -42.01
CA ASN B 295 27.37 -48.88 -41.67
C ASN B 295 26.36 -47.77 -41.48
N ALA B 296 26.38 -46.81 -42.41
CA ALA B 296 25.49 -45.66 -42.32
C ALA B 296 24.02 -46.09 -42.41
N LEU B 297 23.14 -45.18 -41.99
CA LEU B 297 21.70 -45.47 -42.00
C LEU B 297 21.20 -45.72 -43.42
N THR B 298 21.62 -44.89 -44.38
CA THR B 298 21.16 -45.06 -45.75
C THR B 298 21.57 -46.42 -46.30
N LYS B 299 22.80 -46.84 -46.02
CA LYS B 299 23.27 -48.14 -46.50
C LYS B 299 22.51 -49.28 -45.86
N GLN B 300 22.07 -49.11 -44.60
CA GLN B 300 21.32 -50.16 -43.93
C GLN B 300 19.97 -50.38 -44.60
N TYR B 301 19.22 -49.30 -44.83
CA TYR B 301 17.92 -49.45 -45.48
C TYR B 301 18.07 -49.83 -46.94
N GLN B 302 19.12 -49.32 -47.60
CA GLN B 302 19.35 -49.67 -48.99
C GLN B 302 19.55 -51.17 -49.14
N ALA B 303 20.33 -51.77 -48.25
CA ALA B 303 20.54 -53.22 -48.32
C ALA B 303 19.23 -53.96 -48.00
N LEU B 304 18.40 -53.40 -47.12
CA LEU B 304 17.14 -54.04 -46.79
C LEU B 304 16.27 -54.18 -48.02
N PHE B 305 16.20 -53.14 -48.85
CA PHE B 305 15.40 -53.21 -50.07
C PHE B 305 15.96 -54.24 -51.04
N ASN B 306 17.28 -54.45 -50.99
CA ASN B 306 17.94 -55.43 -51.91
C ASN B 306 17.51 -56.85 -51.56
N LEU B 307 17.14 -57.13 -50.30
CA LEU B 307 16.67 -58.46 -49.93
C LEU B 307 15.38 -58.81 -50.64
N GLU B 308 14.55 -57.81 -50.95
CA GLU B 308 13.29 -58.04 -51.65
C GLU B 308 13.47 -58.07 -53.15
N GLY B 309 14.49 -57.38 -53.68
CA GLY B 309 14.74 -57.34 -55.11
C GLY B 309 14.63 -55.94 -55.67
N VAL B 310 14.89 -54.94 -54.82
CA VAL B 310 14.84 -53.54 -55.21
C VAL B 310 16.13 -52.85 -54.82
N ASP B 311 16.54 -51.87 -55.61
CA ASP B 311 17.76 -51.10 -55.39
C ASP B 311 17.36 -49.68 -55.01
N LEU B 312 17.28 -49.41 -53.70
CA LEU B 312 16.90 -48.09 -53.22
C LEU B 312 17.98 -47.07 -53.57
N GLU B 313 17.55 -45.85 -53.88
CA GLU B 313 18.45 -44.76 -54.23
C GLU B 313 18.06 -43.52 -53.45
N PHE B 314 19.03 -42.88 -52.83
CA PHE B 314 18.82 -41.66 -52.05
C PHE B 314 19.41 -40.47 -52.79
N ARG B 315 18.71 -39.33 -52.70
CA ARG B 315 19.13 -38.10 -53.34
C ARG B 315 19.86 -37.23 -52.32
N ASP B 316 20.78 -36.41 -52.84
CA ASP B 316 21.54 -35.51 -51.96
C ASP B 316 20.62 -34.50 -51.28
N GLU B 317 19.65 -33.97 -52.03
CA GLU B 317 18.73 -32.98 -51.44
C GLU B 317 17.92 -33.60 -50.31
N ALA B 318 17.55 -34.87 -50.44
CA ALA B 318 16.76 -35.53 -49.41
C ALA B 318 17.53 -35.62 -48.09
N LEU B 319 18.83 -35.89 -48.16
CA LEU B 319 19.62 -36.04 -46.95
C LEU B 319 19.64 -34.76 -46.12
N ASP B 320 19.80 -33.61 -46.77
CA ASP B 320 19.85 -32.36 -46.01
C ASP B 320 18.53 -32.11 -45.28
N ALA B 321 17.40 -32.38 -45.94
CA ALA B 321 16.11 -32.17 -45.29
C ALA B 321 15.99 -33.04 -44.05
N ILE B 322 16.43 -34.30 -44.14
CA ILE B 322 16.37 -35.20 -42.99
C ILE B 322 17.20 -34.67 -41.84
N ALA B 323 18.34 -34.04 -42.16
CA ALA B 323 19.20 -33.50 -41.12
C ALA B 323 18.49 -32.41 -40.33
N LYS B 324 17.75 -31.54 -41.01
CA LYS B 324 17.03 -30.47 -40.31
C LYS B 324 16.04 -31.05 -39.31
N LYS B 325 15.29 -32.07 -39.71
CA LYS B 325 14.32 -32.68 -38.81
C LYS B 325 15.01 -33.34 -37.62
N ALA B 326 16.14 -34.01 -37.86
CA ALA B 326 16.84 -34.68 -36.77
C ALA B 326 17.28 -33.68 -35.69
N MET B 327 17.78 -32.51 -36.11
CA MET B 327 18.21 -31.53 -35.13
C MET B 327 17.05 -31.07 -34.25
N ALA B 328 15.87 -30.90 -34.84
CA ALA B 328 14.71 -30.49 -34.07
C ALA B 328 14.34 -31.54 -33.02
N ARG B 329 14.48 -32.82 -33.37
CA ARG B 329 14.16 -33.89 -32.43
C ARG B 329 15.04 -33.84 -31.18
N LYS B 330 16.21 -33.20 -31.25
CA LYS B 330 17.11 -33.10 -30.11
C LYS B 330 17.53 -34.48 -29.63
N THR B 331 17.74 -35.41 -30.56
CA THR B 331 18.16 -36.77 -30.25
C THR B 331 19.46 -37.16 -30.93
N GLY B 332 20.20 -36.19 -31.48
CA GLY B 332 21.45 -36.52 -32.13
C GLY B 332 21.23 -37.29 -33.42
N ALA B 333 22.17 -38.19 -33.73
CA ALA B 333 22.06 -38.99 -34.94
C ALA B 333 20.90 -39.99 -34.85
N ARG B 334 20.44 -40.30 -33.63
CA ARG B 334 19.35 -41.24 -33.48
C ARG B 334 18.08 -40.75 -34.15
N GLY B 335 17.92 -39.43 -34.28
CA GLY B 335 16.72 -38.89 -34.91
C GLY B 335 16.64 -39.21 -36.39
N LEU B 336 17.78 -39.47 -37.04
CA LEU B 336 17.77 -39.79 -38.46
C LEU B 336 16.94 -41.03 -38.76
N ARG B 337 16.94 -42.00 -37.83
CA ARG B 337 16.19 -43.23 -38.07
C ARG B 337 14.69 -42.96 -38.07
N SER B 338 14.22 -42.04 -37.23
CA SER B 338 12.80 -41.73 -37.17
C SER B 338 12.31 -41.13 -38.49
N ILE B 339 13.09 -40.21 -39.05
CA ILE B 339 12.68 -39.57 -40.30
C ILE B 339 12.62 -40.58 -41.45
N VAL B 340 13.64 -41.43 -41.55
CA VAL B 340 13.67 -42.41 -42.63
C VAL B 340 12.51 -43.39 -42.49
N GLU B 341 12.28 -43.90 -41.28
CA GLU B 341 11.20 -44.86 -41.06
C GLU B 341 9.84 -44.24 -41.33
N ALA B 342 9.65 -42.98 -40.93
CA ALA B 342 8.34 -42.33 -41.14
C ALA B 342 8.05 -42.17 -42.63
N ALA B 343 9.02 -41.66 -43.38
CA ALA B 343 8.82 -41.47 -44.82
C ALA B 343 8.60 -42.80 -45.54
N LEU B 344 9.34 -43.82 -45.15
CA LEU B 344 9.25 -45.14 -45.78
C LEU B 344 8.22 -46.04 -45.13
N LEU B 345 7.50 -45.57 -44.12
CA LEU B 345 6.50 -46.40 -43.45
C LEU B 345 5.46 -46.89 -44.45
N ASP B 346 4.74 -45.97 -45.08
CA ASP B 346 3.72 -46.37 -46.05
C ASP B 346 4.33 -47.09 -47.23
N THR B 347 5.48 -46.61 -47.72
CA THR B 347 6.12 -47.25 -48.86
C THR B 347 6.52 -48.69 -48.55
N MET B 348 7.10 -48.92 -47.37
CA MET B 348 7.53 -50.26 -47.01
C MET B 348 6.36 -51.18 -46.69
N TYR B 349 5.18 -50.62 -46.40
CA TYR B 349 4.02 -51.45 -46.08
C TYR B 349 3.41 -52.07 -47.34
N ASP B 350 3.39 -51.33 -48.45
CA ASP B 350 2.81 -51.82 -49.69
C ASP B 350 3.84 -52.26 -50.72
N LEU B 351 5.12 -51.91 -50.54
CA LEU B 351 6.17 -52.29 -51.48
C LEU B 351 6.22 -53.80 -51.69
N PRO B 352 6.32 -54.61 -50.63
CA PRO B 352 6.38 -56.07 -50.83
C PRO B 352 5.13 -56.66 -51.44
N SER B 353 4.00 -55.96 -51.38
CA SER B 353 2.75 -56.47 -51.94
C SER B 353 2.51 -56.05 -53.38
N MET B 354 3.42 -55.30 -53.99
CA MET B 354 3.29 -54.86 -55.38
C MET B 354 4.52 -55.30 -56.15
N GLU B 355 4.31 -56.02 -57.24
CA GLU B 355 5.38 -56.51 -58.10
C GLU B 355 5.58 -55.59 -59.30
N ASP B 356 6.57 -55.94 -60.11
CA ASP B 356 6.94 -55.21 -61.33
C ASP B 356 7.69 -53.93 -61.02
N VAL B 357 8.14 -53.74 -59.78
CA VAL B 357 8.89 -52.55 -59.38
C VAL B 357 10.37 -52.89 -59.39
N GLU B 358 11.18 -52.00 -59.98
CA GLU B 358 12.61 -52.20 -60.09
C GLU B 358 13.42 -51.33 -59.15
N LYS B 359 13.11 -50.04 -59.03
CA LYS B 359 13.86 -49.15 -58.15
C LYS B 359 12.92 -48.17 -57.47
N VAL B 360 13.40 -47.60 -56.38
CA VAL B 360 12.67 -46.61 -55.59
C VAL B 360 13.56 -45.40 -55.41
N VAL B 361 13.02 -44.21 -55.67
CA VAL B 361 13.76 -42.96 -55.56
C VAL B 361 13.08 -42.08 -54.52
N ILE B 362 13.84 -41.64 -53.53
CA ILE B 362 13.35 -40.77 -52.47
C ILE B 362 13.88 -39.37 -52.69
N ASP B 363 12.99 -38.40 -52.78
CA ASP B 363 13.35 -37.01 -53.01
C ASP B 363 12.96 -36.17 -51.79
N GLU B 364 13.40 -34.90 -51.81
CA GLU B 364 13.10 -33.99 -50.71
C GLU B 364 11.60 -33.85 -50.51
N SER B 365 10.82 -33.97 -51.59
CA SER B 365 9.37 -33.84 -51.48
C SER B 365 8.79 -34.92 -50.57
N VAL B 366 9.27 -36.16 -50.72
CA VAL B 366 8.77 -37.25 -49.88
C VAL B 366 9.05 -36.96 -48.41
N ILE B 367 10.24 -36.43 -48.11
CA ILE B 367 10.59 -36.13 -46.73
C ILE B 367 9.60 -35.11 -46.16
N ASP B 368 9.28 -34.08 -46.94
CA ASP B 368 8.33 -33.07 -46.50
C ASP B 368 6.92 -33.61 -46.39
N GLY B 369 6.62 -34.75 -47.01
CA GLY B 369 5.30 -35.33 -46.96
C GLY B 369 4.34 -34.82 -48.01
N GLN B 370 4.83 -34.14 -49.05
CA GLN B 370 4.00 -33.61 -50.10
C GLN B 370 4.02 -34.45 -51.37
N SER B 371 4.62 -35.63 -51.32
CA SER B 371 4.69 -36.50 -52.49
C SER B 371 4.83 -37.95 -52.02
N GLU B 372 5.12 -38.85 -52.96
CA GLU B 372 5.29 -40.26 -52.69
C GLU B 372 6.54 -40.73 -53.45
N PRO B 373 7.34 -41.63 -52.86
CA PRO B 373 8.56 -42.09 -53.56
C PRO B 373 8.32 -42.56 -54.98
N LEU B 374 9.05 -41.97 -55.93
CA LEU B 374 8.92 -42.36 -57.32
C LEU B 374 9.29 -43.83 -57.51
N LEU B 375 8.50 -44.54 -58.30
CA LEU B 375 8.71 -45.94 -58.58
C LEU B 375 9.16 -46.14 -60.02
N ILE B 376 10.11 -47.04 -60.20
CA ILE B 376 10.66 -47.35 -61.52
C ILE B 376 10.21 -48.77 -61.86
N TYR B 377 9.17 -48.87 -62.68
CA TYR B 377 8.64 -50.17 -63.09
C TYR B 377 9.46 -50.75 -64.24
N GLY B 378 9.22 -52.02 -64.53
CA GLY B 378 9.92 -52.70 -65.60
C GLY B 378 9.87 -54.21 -65.46
N ALA C 27 8.31 -68.93 -46.36
CA ALA C 27 8.23 -67.57 -46.91
C ALA C 27 7.70 -66.61 -45.85
N LEU C 28 8.37 -65.48 -45.69
CA LEU C 28 7.94 -64.50 -44.72
C LEU C 28 6.63 -63.85 -45.16
N PRO C 29 5.69 -63.62 -44.24
CA PRO C 29 4.43 -62.98 -44.63
C PRO C 29 4.60 -61.50 -44.91
N THR C 30 3.78 -61.01 -45.85
CA THR C 30 3.83 -59.61 -46.22
C THR C 30 3.15 -58.76 -45.15
N PRO C 31 3.49 -57.47 -45.10
CA PRO C 31 2.85 -56.59 -44.09
C PRO C 31 1.34 -56.56 -44.21
N HIS C 32 0.80 -56.66 -45.43
CA HIS C 32 -0.65 -56.64 -45.60
C HIS C 32 -1.30 -57.80 -44.86
N GLU C 33 -0.70 -58.99 -44.95
CA GLU C 33 -1.24 -60.14 -44.24
C GLU C 33 -1.27 -59.88 -42.74
N ILE C 34 -0.18 -59.32 -42.20
CA ILE C 34 -0.13 -59.02 -40.77
C ILE C 34 -1.21 -58.01 -40.41
N ARG C 35 -1.35 -56.97 -41.23
CA ARG C 35 -2.38 -55.96 -40.98
C ARG C 35 -3.76 -56.57 -41.04
N ASN C 36 -3.99 -57.49 -41.98
CA ASN C 36 -5.30 -58.13 -42.08
C ASN C 36 -5.64 -58.90 -40.81
N HIS C 37 -4.67 -59.63 -40.26
CA HIS C 37 -4.92 -60.38 -39.04
C HIS C 37 -5.22 -59.44 -37.88
N LEU C 38 -4.49 -58.33 -37.79
CA LEU C 38 -4.73 -57.37 -36.71
C LEU C 38 -6.13 -56.77 -36.80
N ASP C 39 -6.67 -56.64 -38.02
CA ASP C 39 -8.02 -56.10 -38.17
C ASP C 39 -9.06 -57.01 -37.57
N ASP C 40 -8.82 -58.33 -37.57
CA ASP C 40 -9.78 -59.27 -37.00
C ASP C 40 -10.06 -58.97 -35.54
N TYR C 41 -9.07 -58.43 -34.82
CA TYR C 41 -9.22 -58.13 -33.40
C TYR C 41 -9.15 -56.64 -33.07
N VAL C 42 -8.62 -55.81 -33.98
CA VAL C 42 -8.49 -54.38 -33.75
C VAL C 42 -9.34 -53.64 -34.79
N ILE C 43 -9.78 -52.44 -34.43
CA ILE C 43 -10.62 -51.63 -35.29
C ILE C 43 -10.13 -50.18 -35.28
N GLY C 44 -10.10 -49.56 -36.45
CA GLY C 44 -9.72 -48.16 -36.58
C GLY C 44 -8.33 -47.80 -36.10
N GLN C 45 -7.32 -48.59 -36.48
CA GLN C 45 -5.93 -48.30 -36.11
C GLN C 45 -5.06 -48.65 -37.32
N GLU C 46 -4.81 -47.65 -38.17
CA GLU C 46 -4.01 -47.87 -39.37
C GLU C 46 -2.51 -47.72 -39.08
N GLN C 47 -2.13 -46.58 -38.49
CA GLN C 47 -0.71 -46.35 -38.20
C GLN C 47 -0.14 -47.43 -37.30
N ALA C 48 -0.87 -47.80 -36.25
CA ALA C 48 -0.39 -48.84 -35.33
C ALA C 48 -0.13 -50.14 -36.08
N LYS C 49 -1.10 -50.57 -36.89
CA LYS C 49 -0.94 -51.82 -37.63
C LYS C 49 0.19 -51.69 -38.65
N LYS C 50 0.27 -50.55 -39.35
CA LYS C 50 1.32 -50.35 -40.34
C LYS C 50 2.70 -50.42 -39.70
N VAL C 51 2.91 -49.64 -38.63
CA VAL C 51 4.21 -49.62 -37.96
C VAL C 51 4.55 -51.01 -37.44
N LEU C 52 3.59 -51.65 -36.76
CA LEU C 52 3.83 -52.99 -36.24
C LEU C 52 4.10 -53.98 -37.36
N ALA C 53 3.29 -53.93 -38.42
CA ALA C 53 3.49 -54.85 -39.54
C ALA C 53 4.84 -54.59 -40.21
N VAL C 54 5.17 -53.33 -40.46
CA VAL C 54 6.45 -53.01 -41.08
C VAL C 54 7.60 -53.41 -40.16
N ALA C 55 7.48 -53.08 -38.87
CA ALA C 55 8.53 -53.44 -37.92
C ALA C 55 8.69 -54.95 -37.85
N VAL C 56 7.58 -55.68 -37.76
CA VAL C 56 7.64 -57.13 -37.72
C VAL C 56 8.21 -57.67 -39.03
N TYR C 57 7.80 -57.08 -40.15
CA TYR C 57 8.32 -57.53 -41.44
C TYR C 57 9.83 -57.36 -41.50
N ASN C 58 10.33 -56.22 -41.02
CA ASN C 58 11.78 -56.00 -41.02
C ASN C 58 12.47 -57.00 -40.11
N HIS C 59 11.88 -57.27 -38.94
CA HIS C 59 12.48 -58.24 -38.02
C HIS C 59 12.51 -59.62 -38.65
N TYR C 60 11.44 -60.00 -39.35
CA TYR C 60 11.40 -61.30 -40.01
C TYR C 60 12.51 -61.40 -41.05
N LYS C 61 12.71 -60.34 -41.84
CA LYS C 61 13.77 -60.36 -42.84
C LYS C 61 15.14 -60.44 -42.17
N ARG C 62 15.31 -59.73 -41.04
CA ARG C 62 16.58 -59.81 -40.33
C ARG C 62 16.84 -61.22 -39.82
N LEU C 63 15.80 -61.90 -39.34
CA LEU C 63 15.97 -63.28 -38.89
C LEU C 63 16.35 -64.17 -40.06
N ARG C 64 15.72 -63.97 -41.22
CA ARG C 64 16.05 -64.75 -42.40
C ARG C 64 17.51 -64.61 -42.77
N ASN C 65 18.08 -63.43 -42.55
CA ASN C 65 19.48 -63.14 -42.83
C ASN C 65 20.24 -62.84 -41.55
N GLY C 66 19.99 -63.66 -40.52
CA GLY C 66 20.66 -63.45 -39.23
C GLY C 66 22.16 -63.41 -39.37
N ASP C 67 22.71 -64.18 -40.31
CA ASP C 67 24.16 -64.19 -40.50
C ASP C 67 24.67 -62.79 -40.82
N THR C 68 23.90 -62.03 -41.61
CA THR C 68 24.27 -60.66 -41.98
C THR C 68 25.67 -60.63 -42.61
N SER C 69 25.88 -61.53 -43.57
CA SER C 69 27.17 -61.61 -44.25
C SER C 69 27.56 -60.25 -44.83
N ASN C 70 26.59 -59.52 -45.35
CA ASN C 70 26.87 -58.21 -45.93
C ASN C 70 27.52 -57.30 -44.91
N GLY C 71 28.58 -56.62 -45.33
CA GLY C 71 29.32 -55.71 -44.47
C GLY C 71 28.45 -54.81 -43.61
N VAL C 72 27.39 -54.26 -44.19
CA VAL C 72 26.52 -53.37 -43.44
C VAL C 72 25.88 -54.12 -42.29
N GLU C 73 26.01 -53.55 -41.07
CA GLU C 73 25.44 -54.15 -39.87
C GLU C 73 24.08 -53.51 -39.64
N LEU C 74 23.05 -54.13 -40.22
CA LEU C 74 21.68 -53.65 -40.13
C LEU C 74 21.27 -53.44 -38.68
N GLY C 75 20.73 -52.25 -38.39
CA GLY C 75 20.27 -51.92 -37.06
C GLY C 75 18.77 -52.10 -36.91
N LYS C 76 18.32 -52.12 -35.67
CA LYS C 76 16.91 -52.28 -35.34
C LYS C 76 16.30 -50.94 -34.96
N SER C 77 14.98 -50.85 -35.09
CA SER C 77 14.23 -49.64 -34.77
C SER C 77 13.09 -50.02 -33.83
N ASN C 78 13.16 -49.56 -32.59
CA ASN C 78 12.12 -49.84 -31.60
C ASN C 78 10.95 -48.88 -31.80
N ILE C 79 9.77 -49.35 -31.41
CA ILE C 79 8.54 -48.57 -31.57
C ILE C 79 7.99 -48.18 -30.21
N LEU C 80 7.29 -47.04 -30.20
CA LEU C 80 6.65 -46.50 -29.01
C LEU C 80 5.19 -46.24 -29.35
N LEU C 81 4.28 -46.83 -28.59
CA LEU C 81 2.85 -46.69 -28.83
C LEU C 81 2.24 -45.68 -27.88
N ILE C 82 1.48 -44.74 -28.43
CA ILE C 82 0.80 -43.69 -27.67
C ILE C 82 -0.66 -43.70 -28.05
N GLY C 83 -1.54 -43.70 -27.05
CA GLY C 83 -2.96 -43.71 -27.29
C GLY C 83 -3.78 -43.64 -26.02
N PRO C 84 -4.98 -43.03 -26.08
CA PRO C 84 -5.81 -42.93 -24.88
C PRO C 84 -6.26 -44.29 -24.39
N THR C 85 -7.00 -44.30 -23.27
CA THR C 85 -7.49 -45.56 -22.72
C THR C 85 -8.47 -46.22 -23.68
N GLY C 86 -8.46 -47.56 -23.68
CA GLY C 86 -9.35 -48.31 -24.55
C GLY C 86 -9.09 -48.08 -26.03
N SER C 87 -7.83 -47.84 -26.41
CA SER C 87 -7.48 -47.61 -27.80
C SER C 87 -6.95 -48.86 -28.50
N GLY C 88 -6.45 -49.82 -27.75
CA GLY C 88 -5.93 -51.05 -28.31
C GLY C 88 -4.43 -51.24 -28.20
N LYS C 89 -3.74 -50.46 -27.35
CA LYS C 89 -2.30 -50.62 -27.21
C LYS C 89 -1.95 -52.01 -26.69
N THR C 90 -2.59 -52.41 -25.58
CA THR C 90 -2.33 -53.73 -25.02
C THR C 90 -2.97 -54.83 -25.87
N LEU C 91 -4.01 -54.50 -26.64
CA LEU C 91 -4.65 -55.51 -27.48
C LEU C 91 -3.79 -55.87 -28.68
N LEU C 92 -3.14 -54.88 -29.28
CA LEU C 92 -2.28 -55.15 -30.44
C LEU C 92 -1.17 -56.12 -30.09
N ALA C 93 -0.55 -55.94 -28.92
CA ALA C 93 0.53 -56.84 -28.53
C ALA C 93 0.04 -58.28 -28.38
N GLU C 94 -1.14 -58.47 -27.78
CA GLU C 94 -1.68 -59.81 -27.61
C GLU C 94 -1.94 -60.47 -28.96
N THR C 95 -2.54 -59.72 -29.88
CA THR C 95 -2.84 -60.28 -31.21
C THR C 95 -1.56 -60.65 -31.94
N LEU C 96 -0.53 -59.83 -31.82
CA LEU C 96 0.74 -60.10 -32.50
C LEU C 96 1.35 -61.40 -32.01
N ALA C 97 1.27 -61.67 -30.71
CA ALA C 97 1.86 -62.89 -30.16
C ALA C 97 1.21 -64.15 -30.72
N ARG C 98 -0.03 -64.07 -31.21
CA ARG C 98 -0.69 -65.24 -31.76
C ARG C 98 -0.14 -65.60 -33.13
N LEU C 99 -0.11 -64.63 -34.05
CA LEU C 99 0.39 -64.86 -35.39
C LEU C 99 1.92 -64.86 -35.48
N LEU C 100 2.61 -64.44 -34.42
CA LEU C 100 4.05 -64.42 -34.45
C LEU C 100 4.62 -65.84 -34.41
N ASP C 101 5.87 -65.97 -34.85
CA ASP C 101 6.58 -67.24 -34.87
C ASP C 101 7.78 -67.27 -33.94
N VAL C 102 8.44 -66.14 -33.71
CA VAL C 102 9.59 -66.07 -32.82
C VAL C 102 9.09 -65.83 -31.40
N PRO C 103 9.93 -66.02 -30.38
CA PRO C 103 9.46 -65.79 -29.01
C PRO C 103 8.98 -64.37 -28.79
N PHE C 104 7.94 -64.25 -27.96
CA PHE C 104 7.35 -62.95 -27.64
C PHE C 104 7.15 -62.88 -26.13
N THR C 105 7.15 -61.66 -25.60
CA THR C 105 6.99 -61.47 -24.16
C THR C 105 6.35 -60.12 -23.88
N MET C 106 5.58 -60.08 -22.80
CA MET C 106 4.89 -58.89 -22.33
C MET C 106 5.36 -58.60 -20.91
N ALA C 107 5.57 -57.31 -20.62
CA ALA C 107 6.04 -56.91 -19.30
C ALA C 107 5.30 -55.65 -18.86
N ASP C 108 5.54 -55.26 -17.61
CA ASP C 108 4.94 -54.07 -17.02
C ASP C 108 6.05 -53.21 -16.45
N ALA C 109 6.16 -51.97 -16.94
CA ALA C 109 7.20 -51.08 -16.49
C ALA C 109 7.05 -50.67 -15.03
N THR C 110 5.82 -50.70 -14.50
CA THR C 110 5.62 -50.31 -13.10
C THR C 110 6.33 -51.26 -12.15
N THR C 111 6.27 -52.57 -12.42
CA THR C 111 6.92 -53.54 -11.56
C THR C 111 8.44 -53.48 -11.66
N LEU C 112 8.96 -52.92 -12.74
CA LEU C 112 10.40 -52.84 -12.92
C LEU C 112 11.02 -51.79 -12.00
N THR C 113 12.28 -52.02 -11.64
CA THR C 113 13.04 -51.12 -10.77
C THR C 113 14.51 -51.26 -11.13
N GLU C 114 15.31 -50.29 -10.72
CA GLU C 114 16.73 -50.34 -11.01
C GLU C 114 17.38 -51.49 -10.25
N ALA C 115 18.54 -51.91 -10.75
CA ALA C 115 19.25 -53.04 -10.14
C ALA C 115 19.62 -52.73 -8.69
N GLY C 116 19.59 -53.77 -7.87
CA GLY C 116 19.93 -53.64 -6.47
C GLY C 116 18.78 -53.27 -5.56
N TYR C 117 17.54 -53.53 -5.96
CA TYR C 117 16.37 -53.20 -5.14
C TYR C 117 15.42 -54.38 -5.11
N VAL C 118 14.52 -54.36 -4.12
CA VAL C 118 13.55 -55.44 -3.95
C VAL C 118 12.65 -55.55 -5.17
N GLY C 119 12.43 -54.46 -5.89
CA GLY C 119 11.57 -54.49 -7.06
C GLY C 119 12.16 -55.34 -8.17
N GLU C 120 11.31 -55.66 -9.13
CA GLU C 120 11.74 -56.47 -10.26
C GLU C 120 12.80 -55.74 -11.07
N ASP C 121 13.71 -56.50 -11.67
CA ASP C 121 14.80 -55.95 -12.46
C ASP C 121 14.49 -56.09 -13.95
N VAL C 122 15.11 -55.21 -14.75
CA VAL C 122 14.91 -55.24 -16.19
C VAL C 122 15.39 -56.56 -16.78
N GLU C 123 16.41 -57.17 -16.17
CA GLU C 123 16.93 -58.43 -16.68
C GLU C 123 15.88 -59.53 -16.67
N ASN C 124 14.87 -59.43 -15.79
CA ASN C 124 13.84 -60.45 -15.75
C ASN C 124 13.01 -60.47 -17.02
N ILE C 125 13.01 -59.37 -17.79
CA ILE C 125 12.25 -59.34 -19.03
C ILE C 125 12.77 -60.40 -19.99
N ILE C 126 14.09 -60.49 -20.14
CA ILE C 126 14.67 -61.50 -21.02
C ILE C 126 14.48 -62.88 -20.41
N GLN C 127 14.47 -62.97 -19.08
CA GLN C 127 14.25 -64.27 -18.45
C GLN C 127 12.92 -64.87 -18.87
N LYS C 128 11.86 -64.05 -18.88
CA LYS C 128 10.57 -64.54 -19.33
C LYS C 128 10.64 -64.90 -20.82
N LEU C 129 11.33 -64.07 -21.61
CA LEU C 129 11.48 -64.36 -23.02
C LEU C 129 12.25 -65.66 -23.22
N LEU C 130 13.29 -65.88 -22.42
CA LEU C 130 14.06 -67.11 -22.53
C LEU C 130 13.20 -68.32 -22.18
N GLN C 131 12.34 -68.18 -21.17
CA GLN C 131 11.46 -69.29 -20.80
C GLN C 131 10.49 -69.63 -21.91
N LYS C 132 10.06 -68.63 -22.69
CA LYS C 132 9.14 -68.87 -23.79
C LYS C 132 9.79 -69.63 -24.94
N SER C 133 11.12 -69.61 -25.03
CA SER C 133 11.85 -70.29 -26.10
C SER C 133 12.50 -71.59 -25.62
N ASP C 134 12.09 -72.09 -24.45
CA ASP C 134 12.64 -73.33 -23.91
C ASP C 134 14.16 -73.20 -23.74
N TYR C 135 14.60 -72.03 -23.29
CA TYR C 135 16.01 -71.74 -23.07
C TYR C 135 16.82 -71.89 -24.36
N ASP C 136 16.26 -71.36 -25.45
CA ASP C 136 16.90 -71.38 -26.76
C ASP C 136 17.50 -69.99 -26.96
N VAL C 137 18.80 -69.86 -26.67
CA VAL C 137 19.48 -68.57 -26.80
C VAL C 137 19.37 -68.04 -28.22
N GLN C 138 19.50 -68.92 -29.22
CA GLN C 138 19.41 -68.48 -30.59
C GLN C 138 18.07 -67.83 -30.89
N LYS C 139 16.98 -68.43 -30.39
CA LYS C 139 15.66 -67.84 -30.62
C LYS C 139 15.45 -66.60 -29.75
N ALA C 140 15.99 -66.62 -28.53
CA ALA C 140 15.83 -65.46 -27.64
C ALA C 140 16.48 -64.21 -28.21
N GLN C 141 17.65 -64.37 -28.84
CA GLN C 141 18.35 -63.22 -29.40
C GLN C 141 17.57 -62.57 -30.53
N ARG C 142 16.57 -63.23 -31.09
CA ARG C 142 15.74 -62.71 -32.19
C ARG C 142 14.28 -62.86 -31.78
N GLY C 143 13.75 -61.86 -31.08
CA GLY C 143 12.38 -61.87 -30.62
C GLY C 143 11.86 -60.47 -30.48
N ILE C 144 10.61 -60.36 -30.02
CA ILE C 144 9.94 -59.09 -29.82
C ILE C 144 9.45 -59.03 -28.38
N VAL C 145 9.58 -57.85 -27.77
CA VAL C 145 9.16 -57.63 -26.39
C VAL C 145 8.29 -56.39 -26.33
N TYR C 146 7.16 -56.49 -25.65
CA TYR C 146 6.23 -55.38 -25.50
C TYR C 146 6.23 -54.95 -24.03
N ILE C 147 6.51 -53.66 -23.79
CA ILE C 147 6.56 -53.10 -22.46
C ILE C 147 5.36 -52.17 -22.31
N ASP C 148 4.35 -52.61 -21.55
CA ASP C 148 3.16 -51.83 -21.33
C ASP C 148 3.37 -50.88 -20.15
N GLU C 149 2.55 -49.83 -20.12
CA GLU C 149 2.60 -48.81 -19.06
C GLU C 149 3.94 -48.08 -19.04
N ILE C 150 4.54 -47.87 -20.22
CA ILE C 150 5.81 -47.17 -20.29
C ILE C 150 5.67 -45.75 -19.77
N ASP C 151 4.49 -45.16 -19.92
CA ASP C 151 4.26 -43.80 -19.44
C ASP C 151 4.28 -43.71 -17.92
N LYS C 152 4.12 -44.84 -17.22
CA LYS C 152 4.12 -44.81 -15.76
C LYS C 152 5.51 -44.53 -15.21
N ILE C 153 6.53 -45.20 -15.76
CA ILE C 153 7.90 -44.98 -15.28
C ILE C 153 8.37 -43.56 -15.55
N SER C 154 7.67 -42.82 -16.42
CA SER C 154 8.02 -41.45 -16.73
C SER C 154 8.26 -40.64 -15.46
N ARG C 155 9.43 -40.01 -15.39
CA ARG C 155 9.77 -39.21 -14.21
C ARG C 155 8.72 -38.13 -13.99
N LYS C 156 8.32 -37.96 -12.72
CA LYS C 156 7.33 -36.96 -12.37
C LYS C 156 7.70 -35.60 -12.95
N SER C 157 8.96 -35.21 -12.83
CA SER C 157 9.44 -33.95 -13.34
C SER C 157 10.82 -34.17 -13.96
N ASP C 158 11.17 -33.28 -14.90
CA ASP C 158 12.47 -33.35 -15.56
C ASP C 158 13.58 -32.69 -14.75
N ASN C 159 13.26 -32.14 -13.59
CA ASN C 159 14.25 -31.50 -12.73
C ASN C 159 15.14 -32.57 -12.11
N PRO C 160 16.28 -32.19 -11.55
CA PRO C 160 17.17 -33.18 -10.94
C PRO C 160 16.44 -33.99 -9.89
N SER C 161 16.72 -35.30 -9.87
CA SER C 161 16.10 -36.23 -8.94
C SER C 161 16.83 -36.16 -7.60
N ILE C 162 16.34 -35.28 -6.72
CA ILE C 162 16.94 -35.16 -5.40
C ILE C 162 16.80 -36.47 -4.65
N THR C 163 15.68 -37.17 -4.83
CA THR C 163 15.40 -38.46 -4.22
C THR C 163 15.34 -39.45 -5.39
N ARG C 164 16.39 -40.27 -5.53
CA ARG C 164 16.49 -41.24 -6.61
C ARG C 164 15.16 -41.94 -6.86
N ASP C 165 14.69 -41.87 -8.10
CA ASP C 165 13.43 -42.48 -8.52
C ASP C 165 13.72 -43.93 -8.88
N VAL C 166 13.55 -44.83 -7.90
CA VAL C 166 13.80 -46.24 -8.14
C VAL C 166 12.90 -46.76 -9.25
N SER C 167 11.63 -46.39 -9.21
CA SER C 167 10.66 -46.82 -10.23
C SER C 167 10.53 -45.81 -11.37
N GLY C 168 11.19 -44.66 -11.28
CA GLY C 168 11.12 -43.66 -12.31
C GLY C 168 12.32 -43.67 -13.24
N GLU C 169 13.16 -42.64 -13.13
CA GLU C 169 14.35 -42.55 -13.98
C GLU C 169 15.20 -43.81 -13.92
N GLY C 170 15.26 -44.45 -12.75
CA GLY C 170 16.03 -45.67 -12.59
C GLY C 170 15.71 -46.71 -13.65
N VAL C 171 14.41 -46.97 -13.87
CA VAL C 171 14.01 -47.95 -14.87
C VAL C 171 14.41 -47.47 -16.26
N GLN C 172 14.19 -46.20 -16.57
CA GLN C 172 14.55 -45.66 -17.87
C GLN C 172 16.04 -45.82 -18.13
N GLN C 173 16.86 -45.41 -17.16
CA GLN C 173 18.32 -45.52 -17.31
C GLN C 173 18.75 -46.98 -17.44
N ALA C 174 18.11 -47.88 -16.70
CA ALA C 174 18.47 -49.29 -16.79
C ALA C 174 18.15 -49.87 -18.16
N LEU C 175 17.05 -49.44 -18.77
CA LEU C 175 16.64 -49.94 -20.08
C LEU C 175 17.37 -49.27 -21.23
N LEU C 176 18.14 -48.21 -20.97
CA LEU C 176 18.85 -47.51 -22.04
C LEU C 176 19.68 -48.46 -22.87
N LYS C 177 20.51 -49.28 -22.23
CA LYS C 177 21.36 -50.22 -22.95
C LYS C 177 20.57 -51.43 -23.46
N LEU C 178 19.55 -51.87 -22.73
CA LEU C 178 18.77 -53.02 -23.18
C LEU C 178 18.08 -52.74 -24.50
N ILE C 179 17.45 -51.57 -24.63
CA ILE C 179 16.77 -51.24 -25.88
C ILE C 179 17.79 -51.00 -26.98
N GLU C 180 18.85 -50.24 -26.67
CA GLU C 180 19.88 -49.97 -27.66
C GLU C 180 20.60 -51.24 -28.08
N GLY C 181 20.94 -52.10 -27.11
CA GLY C 181 21.64 -53.34 -27.38
C GLY C 181 22.85 -53.52 -26.51
N THR C 182 22.92 -54.64 -25.79
CA THR C 182 24.03 -54.94 -24.90
C THR C 182 23.90 -56.39 -24.46
N VAL C 183 24.79 -56.81 -23.57
CA VAL C 183 24.78 -58.16 -23.03
C VAL C 183 24.16 -58.13 -21.64
N ALA C 184 23.21 -59.03 -21.40
CA ALA C 184 22.51 -59.10 -20.13
C ALA C 184 22.73 -60.46 -19.50
N ALA C 185 22.79 -60.48 -18.18
CA ALA C 185 23.00 -61.69 -17.39
C ALA C 185 21.67 -62.11 -16.78
N VAL C 186 21.27 -63.35 -17.03
CA VAL C 186 20.02 -63.89 -16.50
C VAL C 186 20.31 -65.18 -15.76
N PRO C 187 19.51 -65.55 -14.76
CA PRO C 187 19.77 -66.80 -14.03
C PRO C 187 19.77 -68.00 -14.96
N PRO C 188 20.62 -68.99 -14.71
CA PRO C 188 20.66 -70.18 -15.60
C PRO C 188 19.30 -70.81 -15.79
N GLN C 189 18.65 -71.19 -14.69
CA GLN C 189 17.34 -71.81 -14.76
C GLN C 189 16.77 -72.03 -13.36
N GLN C 197 26.60 -69.65 -9.90
CA GLN C 197 26.19 -68.35 -10.40
C GLN C 197 26.45 -68.25 -11.90
N GLU C 198 26.05 -69.29 -12.64
CA GLU C 198 26.24 -69.33 -14.09
C GLU C 198 25.12 -68.54 -14.76
N PHE C 199 25.21 -67.22 -14.65
CA PHE C 199 24.23 -66.31 -15.22
C PHE C 199 24.40 -66.33 -16.74
N LEU C 200 23.49 -67.00 -17.43
CA LEU C 200 23.56 -67.10 -18.89
C LEU C 200 23.61 -65.72 -19.52
N GLN C 201 24.55 -65.56 -20.45
CA GLN C 201 24.72 -64.29 -21.17
C GLN C 201 23.88 -64.27 -22.43
N VAL C 202 23.16 -63.18 -22.64
CA VAL C 202 22.30 -63.01 -23.80
C VAL C 202 22.50 -61.60 -24.36
N ASP C 203 22.50 -61.48 -25.68
CA ASP C 203 22.67 -60.20 -26.36
C ASP C 203 21.31 -59.63 -26.74
N THR C 204 21.12 -58.35 -26.45
CA THR C 204 19.87 -57.65 -26.75
C THR C 204 20.02 -56.66 -27.90
N SER C 205 21.00 -56.88 -28.77
CA SER C 205 21.22 -55.98 -29.90
C SER C 205 20.29 -56.24 -31.07
N LYS C 206 19.78 -57.47 -31.19
CA LYS C 206 18.87 -57.84 -32.27
C LYS C 206 17.45 -58.06 -31.80
N ILE C 207 17.18 -57.96 -30.49
CA ILE C 207 15.84 -58.17 -29.97
C ILE C 207 15.05 -56.88 -30.11
N LEU C 208 13.84 -56.99 -30.66
CA LEU C 208 12.96 -55.85 -30.86
C LEU C 208 12.19 -55.56 -29.58
N PHE C 209 12.10 -54.28 -29.22
CA PHE C 209 11.39 -53.84 -28.04
C PHE C 209 10.33 -52.84 -28.43
N ILE C 210 9.13 -52.99 -27.89
CA ILE C 210 8.00 -52.12 -28.17
C ILE C 210 7.46 -51.60 -26.83
N CYS C 211 7.17 -50.30 -26.77
CA CYS C 211 6.67 -49.66 -25.57
C CYS C 211 5.31 -49.05 -25.84
N GLY C 212 4.45 -49.08 -24.82
CA GLY C 212 3.11 -48.52 -24.93
C GLY C 212 2.66 -47.83 -23.66
N GLY C 213 1.91 -46.74 -23.80
CA GLY C 213 1.44 -46.01 -22.66
C GLY C 213 0.38 -45.00 -23.05
N ALA C 214 -0.35 -44.53 -22.05
CA ALA C 214 -1.42 -43.56 -22.26
C ALA C 214 -0.90 -42.13 -22.24
N PHE C 215 0.05 -41.83 -21.35
CA PHE C 215 0.62 -40.50 -21.22
C PHE C 215 -0.46 -39.45 -20.93
N ALA C 216 -1.16 -39.67 -19.83
CA ALA C 216 -2.23 -38.76 -19.40
C ALA C 216 -1.62 -37.40 -19.11
N GLY C 217 -2.04 -36.38 -19.85
CA GLY C 217 -1.55 -35.02 -19.70
C GLY C 217 -0.61 -34.58 -20.80
N LEU C 218 -0.13 -35.51 -21.62
CA LEU C 218 0.77 -35.15 -22.71
C LEU C 218 0.11 -34.15 -23.66
N ASP C 219 -1.21 -34.25 -23.83
CA ASP C 219 -1.91 -33.31 -24.70
C ASP C 219 -1.71 -31.88 -24.24
N LYS C 220 -1.71 -31.65 -22.93
CA LYS C 220 -1.51 -30.30 -22.41
C LYS C 220 -0.14 -29.77 -22.81
N VAL C 221 0.88 -30.61 -22.72
CA VAL C 221 2.23 -30.19 -23.10
C VAL C 221 2.27 -29.80 -24.56
N ILE C 222 1.64 -30.61 -25.41
CA ILE C 222 1.62 -30.32 -26.84
C ILE C 222 0.89 -29.01 -27.11
N SER C 223 -0.24 -28.80 -26.42
CA SER C 223 -0.99 -27.55 -26.62
C SER C 223 -0.16 -26.35 -26.20
N HIS C 224 0.57 -26.45 -25.09
CA HIS C 224 1.39 -25.33 -24.64
C HIS C 224 2.44 -24.95 -25.67
N ARG C 225 2.91 -25.94 -26.44
CA ARG C 225 3.92 -25.70 -27.49
C ARG C 225 3.22 -25.29 -28.79
N VAL C 226 2.29 -26.12 -29.28
CA VAL C 226 1.59 -25.83 -30.54
C VAL C 226 0.89 -24.49 -30.46
N GLU C 227 0.16 -24.26 -29.36
CA GLU C 227 -0.55 -23.01 -29.15
C GLU C 227 0.28 -22.08 -28.30
N THR C 228 0.47 -20.84 -28.78
CA THR C 228 1.24 -19.83 -28.07
C THR C 228 0.48 -18.52 -28.12
N GLY C 229 0.95 -17.55 -27.35
CA GLY C 229 0.28 -16.25 -27.31
C GLY C 229 -1.17 -16.35 -26.90
N SER C 230 -1.47 -17.20 -25.92
CA SER C 230 -2.83 -17.40 -25.41
C SER C 230 -2.90 -16.76 -24.03
N GLY C 231 -3.28 -15.48 -23.99
CA GLY C 231 -3.39 -14.74 -22.75
C GLY C 231 -4.48 -13.69 -22.80
N ILE C 232 -4.45 -12.77 -21.85
CA ILE C 232 -5.44 -11.69 -21.79
C ILE C 232 -4.97 -10.54 -22.66
N GLY C 233 -5.87 -10.03 -23.49
CA GLY C 233 -5.56 -8.93 -24.39
C GLY C 233 -6.23 -9.06 -25.74
N PHE C 234 -6.39 -7.92 -26.42
CA PHE C 234 -7.02 -7.93 -27.74
C PHE C 234 -6.19 -8.72 -28.74
N GLY C 235 -4.88 -8.55 -28.72
CA GLY C 235 -4.01 -9.26 -29.65
C GLY C 235 -3.86 -10.73 -29.35
N ALA C 236 -4.13 -11.15 -28.11
CA ALA C 236 -4.00 -12.54 -27.75
C ALA C 236 -5.06 -13.38 -28.46
N THR C 237 -4.91 -14.69 -28.35
CA THR C 237 -5.83 -15.65 -28.96
C THR C 237 -6.64 -16.35 -27.88
N VAL C 238 -7.93 -16.52 -28.13
CA VAL C 238 -8.85 -17.16 -27.20
C VAL C 238 -9.63 -18.20 -28.00
N LYS C 239 -9.28 -19.48 -27.81
CA LYS C 239 -9.96 -20.56 -28.55
C LYS C 239 -11.39 -20.75 -28.08
N ALA C 240 -11.64 -20.59 -26.77
CA ALA C 240 -12.95 -20.77 -26.13
C ALA C 240 -13.29 -22.25 -25.93
N LYS C 241 -12.34 -23.15 -26.19
CA LYS C 241 -12.48 -24.60 -26.08
C LYS C 241 -13.30 -25.17 -27.23
N SER C 242 -13.88 -24.33 -28.08
CA SER C 242 -14.65 -24.82 -29.22
C SER C 242 -13.73 -25.22 -30.36
N ASP C 243 -12.77 -24.35 -30.69
CA ASP C 243 -11.82 -24.62 -31.77
C ASP C 243 -10.57 -25.34 -31.26
N LYS C 244 -10.42 -25.49 -29.95
CA LYS C 244 -9.25 -26.17 -29.40
C LYS C 244 -9.13 -27.57 -29.99
N ALA C 245 -7.90 -27.95 -30.32
CA ALA C 245 -7.65 -29.26 -30.90
C ALA C 245 -7.99 -30.36 -29.90
N SER C 246 -8.48 -31.48 -30.43
CA SER C 246 -8.85 -32.62 -29.59
C SER C 246 -7.61 -33.38 -29.14
N GLU C 247 -7.79 -34.22 -28.14
CA GLU C 247 -6.67 -35.01 -27.61
C GLU C 247 -6.08 -35.90 -28.69
N GLY C 248 -6.92 -36.55 -29.48
CA GLY C 248 -6.45 -37.43 -30.54
C GLY C 248 -5.52 -36.75 -31.51
N GLU C 249 -5.99 -35.68 -32.16
CA GLU C 249 -5.13 -34.97 -33.11
C GLU C 249 -3.95 -34.31 -32.42
N LEU C 250 -4.11 -33.84 -31.18
CA LEU C 250 -3.01 -33.22 -30.47
C LEU C 250 -1.83 -34.18 -30.34
N LEU C 251 -2.11 -35.43 -29.94
CA LEU C 251 -1.04 -36.41 -29.81
C LEU C 251 -0.41 -36.74 -31.15
N ALA C 252 -1.17 -36.61 -32.24
CA ALA C 252 -0.62 -36.91 -33.56
C ALA C 252 0.54 -35.98 -33.91
N GLN C 253 0.56 -34.78 -33.32
CA GLN C 253 1.62 -33.81 -33.56
C GLN C 253 2.70 -33.85 -32.49
N VAL C 254 2.72 -34.91 -31.68
CA VAL C 254 3.72 -35.01 -30.61
C VAL C 254 5.12 -34.98 -31.22
N GLU C 255 6.04 -34.39 -30.48
CA GLU C 255 7.44 -34.25 -30.85
C GLU C 255 8.30 -34.66 -29.67
N PRO C 256 9.56 -35.04 -29.92
CA PRO C 256 10.42 -35.45 -28.80
C PRO C 256 10.50 -34.41 -27.69
N GLU C 257 10.57 -33.13 -28.05
CA GLU C 257 10.63 -32.08 -27.02
C GLU C 257 9.44 -32.16 -26.08
N ASP C 258 8.25 -32.47 -26.62
CA ASP C 258 7.07 -32.56 -25.78
C ASP C 258 7.23 -33.65 -24.72
N LEU C 259 7.79 -34.79 -25.13
CA LEU C 259 7.99 -35.89 -24.17
C LEU C 259 8.94 -35.48 -23.04
N ILE C 260 9.91 -34.63 -23.33
CA ILE C 260 10.84 -34.19 -22.29
C ILE C 260 10.11 -33.46 -21.19
N LYS C 261 9.21 -32.55 -21.57
CA LYS C 261 8.44 -31.79 -20.58
C LYS C 261 7.56 -32.73 -19.75
N PHE C 262 6.90 -33.68 -20.43
CA PHE C 262 6.04 -34.63 -19.72
C PHE C 262 6.86 -35.46 -18.73
N GLY C 263 8.15 -35.61 -18.99
CA GLY C 263 9.06 -36.35 -18.13
C GLY C 263 9.56 -37.62 -18.78
N LEU C 264 10.77 -37.54 -19.35
CA LEU C 264 11.43 -38.66 -20.01
C LEU C 264 12.86 -38.25 -20.31
N ILE C 265 13.79 -39.15 -20.04
CA ILE C 265 15.20 -38.88 -20.29
C ILE C 265 15.43 -38.82 -21.79
N PRO C 266 16.09 -37.78 -22.32
CA PRO C 266 16.31 -37.73 -23.78
C PRO C 266 17.03 -38.96 -24.31
N GLU C 267 17.91 -39.57 -23.52
CA GLU C 267 18.60 -40.77 -23.98
C GLU C 267 17.60 -41.88 -24.29
N PHE C 268 16.52 -41.97 -23.52
CA PHE C 268 15.52 -43.00 -23.75
C PHE C 268 14.72 -42.73 -25.02
N ILE C 269 14.50 -41.47 -25.36
CA ILE C 269 13.75 -41.13 -26.57
C ILE C 269 14.50 -41.62 -27.80
N GLY C 270 15.82 -41.46 -27.81
CA GLY C 270 16.62 -41.90 -28.94
C GLY C 270 16.48 -43.38 -29.22
N ARG C 271 16.34 -44.18 -28.15
CA ARG C 271 16.20 -45.65 -28.30
C ARG C 271 14.85 -45.99 -28.95
N LEU C 272 13.94 -45.02 -29.09
CA LEU C 272 12.62 -45.22 -29.67
C LEU C 272 12.44 -44.19 -30.78
N PRO C 273 13.06 -44.41 -31.94
CA PRO C 273 12.93 -43.42 -33.03
C PRO C 273 11.52 -43.29 -33.57
N VAL C 274 10.90 -44.38 -34.01
CA VAL C 274 9.55 -44.35 -34.56
C VAL C 274 8.56 -44.35 -33.40
N VAL C 275 7.59 -43.45 -33.45
CA VAL C 275 6.57 -43.31 -32.42
C VAL C 275 5.21 -43.41 -33.09
N ALA C 276 4.42 -44.41 -32.70
CA ALA C 276 3.08 -44.60 -33.25
C ALA C 276 2.06 -43.99 -32.28
N THR C 277 1.15 -43.20 -32.82
CA THR C 277 0.13 -42.52 -32.03
C THR C 277 -1.26 -43.00 -32.45
N LEU C 278 -1.93 -43.70 -31.55
CA LEU C 278 -3.28 -44.17 -31.81
C LEU C 278 -4.27 -43.04 -31.59
N ASN C 279 -5.34 -43.04 -32.37
CA ASN C 279 -6.37 -42.01 -32.28
C ASN C 279 -7.53 -42.48 -31.42
N GLU C 280 -8.16 -41.53 -30.73
CA GLU C 280 -9.29 -41.84 -29.87
C GLU C 280 -10.43 -42.40 -30.71
N LEU C 281 -10.98 -43.53 -30.28
CA LEU C 281 -12.07 -44.16 -31.00
C LEU C 281 -13.27 -43.23 -31.09
N SER C 282 -13.89 -43.20 -32.26
CA SER C 282 -15.06 -42.38 -32.52
C SER C 282 -16.34 -43.20 -32.34
N GLU C 283 -17.47 -42.51 -32.33
CA GLU C 283 -18.75 -43.19 -32.17
C GLU C 283 -18.95 -44.24 -33.25
N GLU C 284 -18.65 -43.91 -34.51
CA GLU C 284 -18.79 -44.88 -35.58
C GLU C 284 -17.83 -46.05 -35.40
N ALA C 285 -16.58 -45.76 -35.02
CA ALA C 285 -15.61 -46.83 -34.82
C ALA C 285 -16.04 -47.76 -33.69
N LEU C 286 -16.56 -47.19 -32.60
CA LEU C 286 -17.00 -48.02 -31.48
C LEU C 286 -18.13 -48.96 -31.89
N ILE C 287 -19.06 -48.48 -32.72
CA ILE C 287 -20.16 -49.31 -33.16
C ILE C 287 -19.65 -50.58 -33.82
N GLN C 288 -18.54 -50.48 -34.55
CA GLN C 288 -17.98 -51.66 -35.21
C GLN C 288 -17.35 -52.60 -34.20
N ILE C 289 -16.68 -52.06 -33.18
CA ILE C 289 -16.03 -52.88 -32.17
C ILE C 289 -17.05 -53.74 -31.42
N LEU C 290 -18.32 -53.34 -31.43
CA LEU C 290 -19.34 -54.11 -30.72
C LEU C 290 -19.47 -55.53 -31.27
N LYS C 291 -19.36 -55.69 -32.60
CA LYS C 291 -19.52 -57.01 -33.21
C LYS C 291 -18.40 -57.43 -34.13
N GLU C 292 -17.79 -56.49 -34.86
CA GLU C 292 -16.72 -56.85 -35.80
C GLU C 292 -15.59 -57.66 -35.18
N PRO C 293 -15.08 -57.34 -34.01
CA PRO C 293 -13.98 -58.13 -33.45
C PRO C 293 -14.38 -59.59 -33.27
N LYS C 294 -13.40 -60.48 -33.49
CA LYS C 294 -13.65 -61.91 -33.33
C LYS C 294 -14.17 -62.21 -31.94
N ASN C 295 -13.66 -61.51 -30.93
CA ASN C 295 -14.07 -61.66 -29.54
C ASN C 295 -14.73 -60.37 -29.05
N ALA C 296 -15.58 -59.80 -29.90
CA ALA C 296 -16.26 -58.55 -29.58
C ALA C 296 -17.10 -58.68 -28.32
N LEU C 297 -17.44 -57.54 -27.75
CA LEU C 297 -18.25 -57.51 -26.52
C LEU C 297 -19.61 -58.16 -26.73
N THR C 298 -20.27 -57.83 -27.84
CA THR C 298 -21.58 -58.41 -28.12
C THR C 298 -21.50 -59.92 -28.23
N LYS C 299 -20.48 -60.42 -28.94
CA LYS C 299 -20.33 -61.86 -29.09
C LYS C 299 -20.11 -62.53 -27.74
N GLN C 300 -19.30 -61.90 -26.88
CA GLN C 300 -19.04 -62.47 -25.56
C GLN C 300 -20.34 -62.56 -24.76
N TYR C 301 -21.13 -61.49 -24.77
CA TYR C 301 -22.40 -61.52 -24.04
C TYR C 301 -23.39 -62.49 -24.68
N GLN C 302 -23.43 -62.54 -26.01
CA GLN C 302 -24.33 -63.47 -26.68
C GLN C 302 -23.96 -64.92 -26.35
N ALA C 303 -22.67 -65.21 -26.32
CA ALA C 303 -22.23 -66.57 -25.99
C ALA C 303 -22.53 -66.89 -24.54
N LEU C 304 -22.42 -65.91 -23.65
CA LEU C 304 -22.69 -66.14 -22.24
C LEU C 304 -24.13 -66.63 -22.04
N PHE C 305 -25.09 -65.93 -22.66
CA PHE C 305 -26.48 -66.34 -22.54
C PHE C 305 -26.72 -67.68 -23.23
N ASN C 306 -26.05 -67.91 -24.36
CA ASN C 306 -26.21 -69.18 -25.07
C ASN C 306 -25.77 -70.35 -24.20
N LEU C 307 -24.66 -70.18 -23.47
CA LEU C 307 -24.19 -71.26 -22.60
C LEU C 307 -25.23 -71.61 -21.54
N GLU C 308 -26.01 -70.62 -21.11
CA GLU C 308 -27.04 -70.87 -20.10
C GLU C 308 -28.24 -71.58 -20.71
N GLY C 309 -28.58 -71.26 -21.95
CA GLY C 309 -29.72 -71.86 -22.61
C GLY C 309 -30.66 -70.86 -23.24
N VAL C 310 -30.31 -69.58 -23.18
CA VAL C 310 -31.14 -68.51 -23.73
C VAL C 310 -30.39 -67.86 -24.88
N ASP C 311 -31.15 -67.30 -25.82
CA ASP C 311 -30.60 -66.63 -26.99
C ASP C 311 -30.63 -65.12 -26.77
N LEU C 312 -29.59 -64.44 -27.25
CA LEU C 312 -29.47 -62.99 -27.13
C LEU C 312 -29.32 -62.38 -28.52
N GLU C 313 -29.98 -61.25 -28.73
CA GLU C 313 -29.94 -60.55 -30.01
C GLU C 313 -29.70 -59.07 -29.75
N PHE C 314 -28.68 -58.51 -30.41
CA PHE C 314 -28.33 -57.11 -30.27
C PHE C 314 -28.76 -56.37 -31.53
N ARG C 315 -29.62 -55.37 -31.37
CA ARG C 315 -30.09 -54.59 -32.50
C ARG C 315 -29.07 -53.52 -32.88
N ASP C 316 -28.98 -53.24 -34.18
CA ASP C 316 -28.04 -52.23 -34.65
C ASP C 316 -28.35 -50.87 -34.03
N GLU C 317 -29.65 -50.55 -33.89
CA GLU C 317 -30.03 -49.27 -33.30
C GLU C 317 -29.54 -49.15 -31.86
N ALA C 318 -29.54 -50.27 -31.13
CA ALA C 318 -29.09 -50.24 -29.75
C ALA C 318 -27.59 -49.97 -29.66
N LEU C 319 -26.82 -50.48 -30.64
CA LEU C 319 -25.38 -50.29 -30.62
C LEU C 319 -25.00 -48.82 -30.66
N ASP C 320 -25.66 -48.03 -31.52
CA ASP C 320 -25.32 -46.61 -31.61
C ASP C 320 -25.56 -45.90 -30.29
N ALA C 321 -26.66 -46.22 -29.60
CA ALA C 321 -26.94 -45.56 -28.33
C ALA C 321 -25.85 -45.88 -27.31
N ILE C 322 -25.38 -47.13 -27.29
CA ILE C 322 -24.32 -47.52 -26.36
C ILE C 322 -23.05 -46.74 -26.66
N ALA C 323 -22.71 -46.61 -27.94
CA ALA C 323 -21.51 -45.87 -28.32
C ALA C 323 -21.57 -44.43 -27.85
N LYS C 324 -22.73 -43.78 -27.98
CA LYS C 324 -22.84 -42.39 -27.55
C LYS C 324 -22.53 -42.24 -26.08
N LYS C 325 -23.08 -43.11 -25.23
CA LYS C 325 -22.80 -43.03 -23.80
C LYS C 325 -21.35 -43.38 -23.50
N ALA C 326 -20.79 -44.36 -24.22
CA ALA C 326 -19.40 -44.74 -24.01
C ALA C 326 -18.46 -43.59 -24.35
N MET C 327 -18.79 -42.82 -25.38
CA MET C 327 -17.96 -41.68 -25.78
C MET C 327 -17.95 -40.58 -24.73
N ALA C 328 -18.88 -40.61 -23.77
CA ALA C 328 -18.94 -39.60 -22.72
C ALA C 328 -18.19 -40.00 -21.47
N ARG C 329 -17.95 -41.30 -21.27
CA ARG C 329 -17.22 -41.76 -20.10
C ARG C 329 -15.73 -41.45 -20.21
N LYS C 330 -15.21 -41.33 -21.44
CA LYS C 330 -13.82 -41.04 -21.71
C LYS C 330 -12.91 -42.20 -21.34
N THR C 331 -13.45 -43.40 -21.19
CA THR C 331 -12.67 -44.58 -20.84
C THR C 331 -12.38 -45.47 -22.05
N GLY C 332 -12.72 -45.02 -23.25
CA GLY C 332 -12.45 -45.82 -24.43
C GLY C 332 -13.39 -47.01 -24.55
N ALA C 333 -12.89 -48.06 -25.21
CA ALA C 333 -13.68 -49.27 -25.39
C ALA C 333 -14.09 -49.90 -24.07
N ARG C 334 -13.31 -49.66 -23.01
CA ARG C 334 -13.65 -50.23 -21.71
C ARG C 334 -15.00 -49.76 -21.19
N GLY C 335 -15.49 -48.61 -21.67
CA GLY C 335 -16.78 -48.12 -21.22
C GLY C 335 -17.94 -48.90 -21.76
N LEU C 336 -17.75 -49.58 -22.89
CA LEU C 336 -18.83 -50.37 -23.49
C LEU C 336 -19.31 -51.46 -22.54
N ARG C 337 -18.37 -52.16 -21.90
CA ARG C 337 -18.74 -53.22 -20.98
C ARG C 337 -19.65 -52.73 -19.86
N SER C 338 -19.41 -51.52 -19.36
CA SER C 338 -20.23 -51.00 -18.28
C SER C 338 -21.67 -50.75 -18.74
N ILE C 339 -21.83 -50.21 -19.95
CA ILE C 339 -23.17 -49.93 -20.47
C ILE C 339 -23.95 -51.22 -20.71
N VAL C 340 -23.30 -52.20 -21.35
CA VAL C 340 -23.97 -53.45 -21.66
C VAL C 340 -24.41 -54.16 -20.38
N GLU C 341 -23.50 -54.30 -19.42
CA GLU C 341 -23.85 -54.98 -18.19
C GLU C 341 -24.85 -54.18 -17.36
N ALA C 342 -24.79 -52.85 -17.43
CA ALA C 342 -25.73 -52.03 -16.66
C ALA C 342 -27.16 -52.27 -17.12
N ALA C 343 -27.38 -52.37 -18.44
CA ALA C 343 -28.72 -52.60 -18.95
C ALA C 343 -29.17 -54.03 -18.72
N LEU C 344 -28.23 -54.98 -18.77
CA LEU C 344 -28.54 -56.39 -18.57
C LEU C 344 -28.37 -56.83 -17.12
N LEU C 345 -28.05 -55.90 -16.21
CA LEU C 345 -27.88 -56.28 -14.81
C LEU C 345 -29.14 -56.91 -14.25
N ASP C 346 -30.28 -56.23 -14.41
CA ASP C 346 -31.54 -56.77 -13.91
C ASP C 346 -31.92 -58.05 -14.64
N THR C 347 -31.71 -58.09 -15.96
CA THR C 347 -32.04 -59.28 -16.73
C THR C 347 -31.23 -60.48 -16.27
N MET C 348 -29.90 -60.33 -16.18
CA MET C 348 -29.06 -61.44 -15.76
C MET C 348 -29.34 -61.88 -14.33
N TYR C 349 -29.90 -61.00 -13.50
CA TYR C 349 -30.20 -61.37 -12.13
C TYR C 349 -31.43 -62.26 -12.02
N ASP C 350 -32.47 -61.98 -12.80
CA ASP C 350 -33.70 -62.77 -12.74
C ASP C 350 -33.84 -63.75 -13.89
N LEU C 351 -33.11 -63.57 -14.99
CA LEU C 351 -33.24 -64.50 -16.11
C LEU C 351 -32.95 -65.94 -15.71
N PRO C 352 -31.95 -66.24 -14.88
CA PRO C 352 -31.71 -67.64 -14.50
C PRO C 352 -32.90 -68.31 -13.81
N SER C 353 -33.80 -67.53 -13.21
CA SER C 353 -34.96 -68.07 -12.53
C SER C 353 -36.13 -68.23 -13.49
N MET C 354 -36.33 -67.27 -14.39
CA MET C 354 -37.41 -67.33 -15.35
C MET C 354 -37.31 -68.59 -16.20
N GLU C 355 -38.44 -69.27 -16.37
CA GLU C 355 -38.51 -70.52 -17.14
C GLU C 355 -39.22 -70.31 -18.46
N ASP C 356 -38.88 -71.14 -19.43
CA ASP C 356 -39.42 -71.19 -20.79
C ASP C 356 -38.90 -70.05 -21.67
N VAL C 357 -38.08 -69.14 -21.15
CA VAL C 357 -37.54 -68.07 -21.97
C VAL C 357 -36.58 -68.67 -22.99
N GLU C 358 -36.72 -68.25 -24.25
CA GLU C 358 -35.88 -68.76 -25.32
C GLU C 358 -35.00 -67.71 -25.98
N LYS C 359 -35.44 -66.45 -26.06
CA LYS C 359 -34.64 -65.42 -26.69
C LYS C 359 -34.96 -64.07 -26.09
N VAL C 360 -33.97 -63.18 -26.10
CA VAL C 360 -34.08 -61.83 -25.59
C VAL C 360 -33.68 -60.87 -26.70
N VAL C 361 -34.47 -59.80 -26.87
CA VAL C 361 -34.22 -58.79 -27.89
C VAL C 361 -33.85 -57.50 -27.19
N ILE C 362 -32.64 -57.02 -27.44
CA ILE C 362 -32.15 -55.78 -26.84
C ILE C 362 -32.45 -54.64 -27.80
N ASP C 363 -33.39 -53.78 -27.42
CA ASP C 363 -33.79 -52.64 -28.24
C ASP C 363 -33.10 -51.37 -27.73
N GLU C 364 -33.12 -50.33 -28.57
CA GLU C 364 -32.49 -49.07 -28.21
C GLU C 364 -33.17 -48.43 -27.00
N SER C 365 -34.45 -48.74 -26.78
CA SER C 365 -35.16 -48.16 -25.64
C SER C 365 -34.60 -48.65 -24.31
N VAL C 366 -34.14 -49.90 -24.26
CA VAL C 366 -33.59 -50.43 -23.01
C VAL C 366 -32.33 -49.68 -22.61
N ILE C 367 -31.53 -49.25 -23.59
CA ILE C 367 -30.28 -48.55 -23.28
C ILE C 367 -30.55 -47.30 -22.45
N ASP C 368 -31.55 -46.50 -22.86
CA ASP C 368 -31.86 -45.29 -22.11
C ASP C 368 -32.36 -45.61 -20.71
N GLY C 369 -32.93 -46.80 -20.52
CA GLY C 369 -33.43 -47.22 -19.23
C GLY C 369 -34.91 -47.06 -19.00
N GLN C 370 -35.68 -46.70 -20.03
CA GLN C 370 -37.13 -46.52 -19.90
C GLN C 370 -37.91 -47.76 -20.33
N SER C 371 -37.24 -48.85 -20.72
CA SER C 371 -37.90 -50.07 -21.14
C SER C 371 -37.12 -51.27 -20.64
N GLU C 372 -37.78 -52.43 -20.66
CA GLU C 372 -37.18 -53.68 -20.23
C GLU C 372 -36.95 -54.58 -21.44
N PRO C 373 -35.84 -55.32 -21.50
CA PRO C 373 -35.60 -56.19 -22.67
C PRO C 373 -36.76 -57.13 -22.96
N LEU C 374 -37.22 -57.13 -24.21
CA LEU C 374 -38.31 -58.01 -24.61
C LEU C 374 -37.92 -59.45 -24.40
N LEU C 375 -38.79 -60.21 -23.72
CA LEU C 375 -38.56 -61.62 -23.44
C LEU C 375 -39.42 -62.48 -24.34
N ILE C 376 -38.80 -63.47 -24.98
CA ILE C 376 -39.48 -64.39 -25.88
C ILE C 376 -39.59 -65.74 -25.17
N TYR C 377 -40.83 -66.17 -24.93
CA TYR C 377 -41.09 -67.44 -24.25
C TYR C 377 -41.29 -68.54 -25.29
N GLY C 378 -40.49 -69.60 -25.19
CA GLY C 378 -40.58 -70.72 -26.11
C GLY C 378 -41.78 -71.59 -25.85
N SER D 26 -22.82 -79.00 -8.56
CA SER D 26 -22.96 -79.32 -9.98
C SER D 26 -23.77 -78.25 -10.70
N ALA D 27 -24.80 -77.74 -10.03
CA ALA D 27 -25.68 -76.71 -10.57
C ALA D 27 -25.31 -75.38 -9.93
N LEU D 28 -24.90 -74.41 -10.75
CA LEU D 28 -24.54 -73.10 -10.24
C LEU D 28 -25.75 -72.45 -9.58
N PRO D 29 -25.63 -71.98 -8.34
CA PRO D 29 -26.79 -71.34 -7.70
C PRO D 29 -27.21 -70.10 -8.45
N THR D 30 -28.53 -69.90 -8.58
CA THR D 30 -29.04 -68.75 -9.28
C THR D 30 -28.79 -67.48 -8.46
N PRO D 31 -28.74 -66.32 -9.12
CA PRO D 31 -28.52 -65.07 -8.37
C PRO D 31 -29.51 -64.87 -7.24
N HIS D 32 -30.77 -65.27 -7.45
CA HIS D 32 -31.79 -65.12 -6.41
C HIS D 32 -31.33 -65.80 -5.13
N GLU D 33 -30.86 -67.05 -5.24
CA GLU D 33 -30.39 -67.77 -4.05
C GLU D 33 -29.23 -67.04 -3.40
N ILE D 34 -28.30 -66.53 -4.20
CA ILE D 34 -27.16 -65.80 -3.65
C ILE D 34 -27.64 -64.57 -2.89
N ARG D 35 -28.58 -63.83 -3.47
CA ARG D 35 -29.11 -62.65 -2.79
C ARG D 35 -29.80 -63.03 -1.50
N ASN D 36 -30.54 -64.14 -1.49
CA ASN D 36 -31.23 -64.57 -0.28
C ASN D 36 -30.22 -64.78 0.85
N HIS D 37 -29.09 -65.43 0.54
CA HIS D 37 -28.07 -65.65 1.55
C HIS D 37 -27.53 -64.32 2.07
N LEU D 38 -27.30 -63.38 1.15
CA LEU D 38 -26.79 -62.07 1.56
C LEU D 38 -27.80 -61.35 2.47
N ASP D 39 -29.09 -61.46 2.15
CA ASP D 39 -30.10 -60.81 2.97
C ASP D 39 -30.06 -61.30 4.41
N ASP D 40 -29.63 -62.55 4.62
CA ASP D 40 -29.56 -63.09 5.97
C ASP D 40 -28.65 -62.24 6.86
N TYR D 41 -27.61 -61.65 6.28
CA TYR D 41 -26.67 -60.81 7.02
C TYR D 41 -26.81 -59.33 6.71
N VAL D 42 -27.12 -58.98 5.47
CA VAL D 42 -27.27 -57.59 5.07
C VAL D 42 -28.75 -57.25 4.97
N ILE D 43 -29.07 -55.98 5.24
CA ILE D 43 -30.44 -55.49 5.20
C ILE D 43 -30.45 -54.30 4.26
N GLY D 44 -30.93 -54.51 3.03
CA GLY D 44 -31.00 -53.45 2.04
C GLY D 44 -29.94 -53.60 0.97
N GLN D 45 -29.62 -52.50 0.30
CA GLN D 45 -28.62 -52.47 -0.77
C GLN D 45 -28.94 -53.54 -1.81
N GLU D 46 -30.17 -53.49 -2.32
CA GLU D 46 -30.60 -54.46 -3.32
C GLU D 46 -29.80 -54.33 -4.61
N GLN D 47 -29.53 -53.09 -5.04
CA GLN D 47 -28.78 -52.88 -6.27
C GLN D 47 -27.40 -53.52 -6.19
N ALA D 48 -26.70 -53.29 -5.08
CA ALA D 48 -25.37 -53.87 -4.92
C ALA D 48 -25.44 -55.39 -4.84
N LYS D 49 -26.46 -55.93 -4.18
CA LYS D 49 -26.60 -57.37 -4.05
C LYS D 49 -26.73 -58.04 -5.41
N LYS D 50 -27.54 -57.45 -6.31
CA LYS D 50 -27.71 -58.04 -7.63
C LYS D 50 -26.39 -58.06 -8.40
N VAL D 51 -25.63 -56.96 -8.32
CA VAL D 51 -24.36 -56.90 -9.02
C VAL D 51 -23.43 -58.00 -8.52
N LEU D 52 -23.33 -58.15 -7.20
CA LEU D 52 -22.47 -59.20 -6.65
C LEU D 52 -22.97 -60.58 -7.04
N ALA D 53 -24.28 -60.80 -6.94
CA ALA D 53 -24.84 -62.10 -7.31
C ALA D 53 -24.59 -62.38 -8.79
N VAL D 54 -24.82 -61.38 -9.65
CA VAL D 54 -24.61 -61.58 -11.08
C VAL D 54 -23.14 -61.86 -11.35
N ALA D 55 -22.23 -61.14 -10.69
CA ALA D 55 -20.81 -61.35 -10.89
C ALA D 55 -20.43 -62.78 -10.53
N VAL D 56 -20.93 -63.28 -9.39
CA VAL D 56 -20.62 -64.64 -8.98
C VAL D 56 -21.20 -65.63 -9.99
N TYR D 57 -22.44 -65.39 -10.42
CA TYR D 57 -23.05 -66.29 -11.40
C TYR D 57 -22.26 -66.28 -12.70
N ASN D 58 -21.85 -65.09 -13.16
CA ASN D 58 -21.06 -65.02 -14.39
C ASN D 58 -19.69 -65.64 -14.17
N HIS D 59 -19.08 -65.40 -13.01
CA HIS D 59 -17.78 -65.98 -12.73
C HIS D 59 -17.86 -67.50 -12.71
N TYR D 60 -18.91 -68.03 -12.08
CA TYR D 60 -19.09 -69.48 -12.05
C TYR D 60 -19.30 -70.01 -13.46
N LYS D 61 -20.11 -69.32 -14.26
CA LYS D 61 -20.33 -69.75 -15.64
C LYS D 61 -19.02 -69.71 -16.42
N ARG D 62 -18.23 -68.66 -16.22
CA ARG D 62 -16.94 -68.58 -16.88
C ARG D 62 -16.05 -69.74 -16.43
N LEU D 63 -16.05 -70.03 -15.13
CA LEU D 63 -15.27 -71.17 -14.63
C LEU D 63 -15.81 -72.47 -15.21
N ARG D 64 -17.14 -72.63 -15.19
CA ARG D 64 -17.73 -73.83 -15.77
C ARG D 64 -17.42 -73.91 -17.26
N ASN D 65 -17.32 -72.77 -17.92
CA ASN D 65 -16.99 -72.67 -19.34
C ASN D 65 -15.52 -72.35 -19.54
N GLY D 66 -14.66 -72.80 -18.61
CA GLY D 66 -13.25 -72.54 -18.71
C GLY D 66 -12.61 -73.08 -19.97
N ASP D 67 -13.23 -74.07 -20.59
CA ASP D 67 -12.71 -74.65 -21.82
C ASP D 67 -13.08 -73.80 -23.05
N THR D 68 -13.79 -72.70 -22.85
CA THR D 68 -14.20 -71.80 -23.93
C THR D 68 -14.92 -72.57 -25.04
N SER D 69 -16.09 -73.10 -24.68
CA SER D 69 -16.92 -73.85 -25.61
C SER D 69 -17.73 -72.88 -26.48
N ASN D 70 -17.00 -71.96 -27.09
CA ASN D 70 -17.57 -70.93 -27.95
C ASN D 70 -16.46 -70.39 -28.83
N GLY D 71 -16.79 -69.36 -29.63
CA GLY D 71 -15.85 -68.74 -30.53
C GLY D 71 -15.23 -67.46 -30.02
N VAL D 72 -15.35 -67.15 -28.73
CA VAL D 72 -14.80 -65.92 -28.16
C VAL D 72 -14.12 -66.21 -26.83
N GLU D 73 -13.23 -65.30 -26.44
CA GLU D 73 -12.50 -65.40 -25.18
C GLU D 73 -13.18 -64.50 -24.14
N LEU D 74 -14.28 -65.02 -23.61
CA LEU D 74 -15.10 -64.32 -22.62
C LEU D 74 -14.25 -63.61 -21.58
N GLY D 75 -14.47 -62.30 -21.44
CA GLY D 75 -13.75 -61.50 -20.46
C GLY D 75 -14.50 -61.39 -19.15
N LYS D 76 -13.89 -60.68 -18.21
CA LYS D 76 -14.46 -60.46 -16.89
C LYS D 76 -14.89 -58.99 -16.76
N SER D 77 -15.67 -58.73 -15.71
CA SER D 77 -16.17 -57.39 -15.43
C SER D 77 -16.03 -57.14 -13.93
N ASN D 78 -15.03 -56.34 -13.56
CA ASN D 78 -14.79 -56.04 -12.15
C ASN D 78 -15.86 -55.07 -11.64
N ILE D 79 -16.09 -55.13 -10.33
CA ILE D 79 -17.09 -54.30 -9.68
C ILE D 79 -16.39 -53.26 -8.81
N LEU D 80 -17.09 -52.15 -8.57
CA LEU D 80 -16.59 -51.05 -7.74
C LEU D 80 -17.72 -50.68 -6.79
N LEU D 81 -17.62 -51.15 -5.54
CA LEU D 81 -18.65 -50.91 -4.51
C LEU D 81 -18.42 -49.55 -3.85
N ILE D 82 -19.19 -48.56 -4.28
CA ILE D 82 -19.12 -47.21 -3.73
C ILE D 82 -20.32 -47.02 -2.79
N GLY D 83 -20.10 -46.26 -1.72
CA GLY D 83 -21.16 -46.00 -0.77
C GLY D 83 -20.68 -45.35 0.51
N PRO D 84 -21.60 -44.73 1.25
CA PRO D 84 -21.21 -44.09 2.52
C PRO D 84 -20.68 -45.10 3.52
N THR D 85 -19.76 -44.64 4.37
CA THR D 85 -19.17 -45.51 5.38
C THR D 85 -20.27 -46.09 6.27
N GLY D 86 -20.14 -47.39 6.55
CA GLY D 86 -21.11 -48.08 7.37
C GLY D 86 -22.31 -48.60 6.62
N SER D 87 -22.33 -48.48 5.29
CA SER D 87 -23.46 -48.97 4.51
C SER D 87 -23.47 -50.49 4.41
N GLY D 88 -22.30 -51.11 4.55
CA GLY D 88 -22.20 -52.57 4.47
C GLY D 88 -21.35 -53.06 3.33
N LYS D 89 -20.41 -52.21 2.88
CA LYS D 89 -19.53 -52.60 1.78
C LYS D 89 -18.63 -53.76 2.19
N THR D 90 -17.94 -53.63 3.33
CA THR D 90 -17.07 -54.70 3.78
C THR D 90 -17.88 -55.92 4.21
N LEU D 91 -19.06 -55.68 4.79
CA LEU D 91 -19.91 -56.79 5.23
C LEU D 91 -20.26 -57.72 4.07
N LEU D 92 -20.55 -57.14 2.90
CA LEU D 92 -20.90 -57.95 1.74
C LEU D 92 -19.76 -58.89 1.37
N ALA D 93 -18.52 -58.39 1.41
CA ALA D 93 -17.39 -59.23 1.05
C ALA D 93 -17.26 -60.41 2.01
N GLU D 94 -17.45 -60.18 3.31
CA GLU D 94 -17.34 -61.26 4.28
C GLU D 94 -18.41 -62.32 4.05
N THR D 95 -19.65 -61.89 3.79
CA THR D 95 -20.73 -62.84 3.55
C THR D 95 -20.49 -63.64 2.28
N LEU D 96 -19.96 -62.99 1.24
CA LEU D 96 -19.71 -63.69 -0.02
C LEU D 96 -18.72 -64.82 0.15
N ALA D 97 -17.68 -64.60 0.97
CA ALA D 97 -16.67 -65.63 1.20
C ALA D 97 -17.25 -66.90 1.81
N ARG D 98 -18.40 -66.83 2.47
CA ARG D 98 -19.00 -68.00 3.09
C ARG D 98 -19.73 -68.88 2.09
N LEU D 99 -20.44 -68.27 1.15
CA LEU D 99 -21.18 -69.00 0.13
C LEU D 99 -20.41 -69.18 -1.17
N LEU D 100 -19.18 -68.70 -1.24
CA LEU D 100 -18.39 -68.83 -2.45
C LEU D 100 -17.75 -70.21 -2.54
N ASP D 101 -17.56 -70.67 -3.79
CA ASP D 101 -16.94 -71.96 -4.06
C ASP D 101 -15.50 -71.84 -4.51
N VAL D 102 -15.11 -70.70 -5.08
CA VAL D 102 -13.75 -70.48 -5.54
C VAL D 102 -12.99 -69.73 -4.44
N PRO D 103 -11.66 -69.64 -4.53
CA PRO D 103 -10.92 -68.94 -3.47
C PRO D 103 -11.31 -67.47 -3.39
N PHE D 104 -11.27 -66.95 -2.16
CA PHE D 104 -11.60 -65.56 -1.90
C PHE D 104 -10.54 -64.96 -0.98
N THR D 105 -10.34 -63.66 -1.10
CA THR D 105 -9.34 -62.98 -0.28
C THR D 105 -9.68 -61.48 -0.23
N MET D 106 -9.43 -60.89 0.94
CA MET D 106 -9.66 -59.47 1.16
C MET D 106 -8.33 -58.76 1.26
N ALA D 107 -8.31 -57.49 0.84
CA ALA D 107 -7.08 -56.70 0.87
C ALA D 107 -7.38 -55.31 1.40
N ASP D 108 -6.30 -54.55 1.60
CA ASP D 108 -6.38 -53.17 2.10
C ASP D 108 -5.47 -52.33 1.21
N ALA D 109 -6.08 -51.44 0.42
CA ALA D 109 -5.31 -50.60 -0.50
C ALA D 109 -4.31 -49.71 0.23
N THR D 110 -4.59 -49.35 1.49
CA THR D 110 -3.69 -48.46 2.21
C THR D 110 -2.29 -49.07 2.40
N THR D 111 -2.22 -50.34 2.78
CA THR D 111 -0.91 -50.96 2.99
C THR D 111 -0.16 -51.14 1.68
N LEU D 112 -0.86 -51.24 0.55
CA LEU D 112 -0.20 -51.42 -0.72
C LEU D 112 0.63 -50.19 -1.08
N THR D 113 1.74 -50.45 -1.78
CA THR D 113 2.65 -49.38 -2.19
C THR D 113 3.32 -49.81 -3.49
N GLU D 114 3.83 -48.81 -4.22
CA GLU D 114 4.49 -49.08 -5.49
C GLU D 114 5.72 -49.96 -5.28
N ALA D 115 6.06 -50.72 -6.32
CA ALA D 115 7.22 -51.61 -6.25
C ALA D 115 8.50 -50.83 -6.02
N GLY D 116 9.43 -51.44 -5.29
CA GLY D 116 10.70 -50.81 -4.98
C GLY D 116 10.71 -49.96 -3.73
N TYR D 117 9.68 -50.06 -2.89
CA TYR D 117 9.61 -49.25 -1.67
C TYR D 117 9.34 -50.17 -0.48
N VAL D 118 9.54 -49.61 0.71
CA VAL D 118 9.35 -50.36 1.94
C VAL D 118 7.91 -50.85 2.08
N GLY D 119 6.96 -50.09 1.56
CA GLY D 119 5.56 -50.48 1.66
C GLY D 119 5.29 -51.80 0.97
N GLU D 120 4.13 -52.37 1.33
CA GLU D 120 3.73 -53.66 0.76
C GLU D 120 3.50 -53.52 -0.75
N ASP D 121 3.80 -54.60 -1.46
CA ASP D 121 3.66 -54.63 -2.91
C ASP D 121 2.30 -55.18 -3.31
N VAL D 122 1.90 -54.89 -4.55
CA VAL D 122 0.62 -55.35 -5.08
C VAL D 122 0.59 -56.87 -5.19
N GLU D 123 1.73 -57.49 -5.53
CA GLU D 123 1.78 -58.94 -5.69
C GLU D 123 1.44 -59.68 -4.41
N ASN D 124 1.52 -59.03 -3.25
CA ASN D 124 1.20 -59.70 -1.99
C ASN D 124 -0.25 -60.17 -1.97
N ILE D 125 -1.12 -59.52 -2.75
CA ILE D 125 -2.52 -59.92 -2.79
C ILE D 125 -2.65 -61.34 -3.30
N ILE D 126 -1.91 -61.68 -4.37
CA ILE D 126 -1.98 -63.03 -4.92
C ILE D 126 -1.42 -64.04 -3.94
N GLN D 127 -0.40 -63.67 -3.17
CA GLN D 127 0.18 -64.58 -2.20
C GLN D 127 -0.87 -65.03 -1.19
N LYS D 128 -1.67 -64.09 -0.69
CA LYS D 128 -2.72 -64.44 0.26
C LYS D 128 -3.75 -65.36 -0.40
N LEU D 129 -4.11 -65.07 -1.65
CA LEU D 129 -5.07 -65.91 -2.35
C LEU D 129 -4.56 -67.33 -2.49
N LEU D 130 -3.26 -67.51 -2.69
CA LEU D 130 -2.69 -68.85 -2.81
C LEU D 130 -2.84 -69.63 -1.52
N GLN D 131 -2.65 -68.97 -0.37
CA GLN D 131 -2.80 -69.65 0.91
C GLN D 131 -4.19 -70.23 1.06
N LYS D 132 -5.21 -69.51 0.59
CA LYS D 132 -6.57 -70.02 0.69
C LYS D 132 -6.81 -71.18 -0.26
N SER D 133 -6.03 -71.24 -1.34
CA SER D 133 -6.15 -72.30 -2.34
C SER D 133 -5.08 -73.38 -2.20
N ASP D 134 -4.39 -73.42 -1.05
CA ASP D 134 -3.34 -74.42 -0.82
C ASP D 134 -2.20 -74.28 -1.83
N TYR D 135 -1.92 -73.04 -2.24
CA TYR D 135 -0.85 -72.75 -3.20
C TYR D 135 -1.06 -73.50 -4.51
N ASP D 136 -2.31 -73.53 -4.97
CA ASP D 136 -2.69 -74.17 -6.24
C ASP D 136 -2.86 -73.07 -7.27
N VAL D 137 -1.91 -72.97 -8.19
CA VAL D 137 -1.98 -71.93 -9.22
C VAL D 137 -3.27 -72.05 -10.01
N GLN D 138 -3.67 -73.27 -10.37
CA GLN D 138 -4.90 -73.45 -11.13
C GLN D 138 -6.10 -72.94 -10.34
N LYS D 139 -6.13 -73.21 -9.03
CA LYS D 139 -7.23 -72.75 -8.20
C LYS D 139 -7.19 -71.24 -8.00
N ALA D 140 -6.00 -70.70 -7.73
CA ALA D 140 -5.86 -69.27 -7.51
C ALA D 140 -6.14 -68.45 -8.76
N GLN D 141 -6.04 -69.05 -9.95
CA GLN D 141 -6.29 -68.35 -11.19
C GLN D 141 -7.78 -68.19 -11.49
N ARG D 142 -8.66 -68.64 -10.59
CA ARG D 142 -10.10 -68.54 -10.81
C ARG D 142 -10.84 -68.08 -9.56
N GLY D 143 -10.16 -67.43 -8.63
CA GLY D 143 -10.78 -66.96 -7.40
C GLY D 143 -11.29 -65.54 -7.52
N ILE D 144 -11.69 -64.99 -6.36
CA ILE D 144 -12.19 -63.62 -6.27
C ILE D 144 -11.32 -62.88 -5.27
N VAL D 145 -11.25 -61.56 -5.44
CA VAL D 145 -10.44 -60.71 -4.58
C VAL D 145 -11.20 -59.42 -4.28
N TYR D 146 -11.12 -58.98 -3.03
CA TYR D 146 -11.75 -57.75 -2.58
C TYR D 146 -10.68 -56.78 -2.09
N ILE D 147 -10.77 -55.53 -2.51
CA ILE D 147 -9.80 -54.49 -2.15
C ILE D 147 -10.57 -53.37 -1.47
N ASP D 148 -10.51 -53.37 -0.13
CA ASP D 148 -11.23 -52.36 0.69
C ASP D 148 -10.41 -51.08 0.75
N GLU D 149 -11.05 -49.94 0.99
CA GLU D 149 -10.35 -48.63 1.18
C GLU D 149 -9.69 -48.26 -0.14
N ILE D 150 -10.34 -48.58 -1.28
CA ILE D 150 -9.77 -48.21 -2.57
C ILE D 150 -9.78 -46.70 -2.76
N ASP D 151 -10.68 -45.99 -2.08
CA ASP D 151 -10.74 -44.55 -2.22
C ASP D 151 -9.55 -43.84 -1.59
N LYS D 152 -8.83 -44.51 -0.68
CA LYS D 152 -7.69 -43.88 -0.03
C LYS D 152 -6.51 -43.70 -0.99
N ILE D 153 -6.33 -44.64 -1.92
CA ILE D 153 -5.22 -44.58 -2.87
C ILE D 153 -5.49 -43.54 -3.96
N SER D 154 -6.64 -42.86 -3.87
CA SER D 154 -6.96 -41.85 -4.87
C SER D 154 -5.86 -40.79 -4.93
N ARG D 155 -5.45 -40.44 -6.14
CA ARG D 155 -4.39 -39.46 -6.32
C ARG D 155 -4.82 -38.09 -5.80
N LYS D 156 -3.86 -37.38 -5.20
CA LYS D 156 -4.11 -36.04 -4.67
C LYS D 156 -3.99 -35.06 -5.83
N SER D 157 -5.11 -34.92 -6.57
CA SER D 157 -5.14 -34.03 -7.72
C SER D 157 -4.61 -32.64 -7.39
N ASP D 158 -5.04 -32.09 -6.26
CA ASP D 158 -4.58 -30.76 -5.86
C ASP D 158 -3.07 -30.74 -5.65
N ASN D 159 -2.53 -31.81 -5.07
CA ASN D 159 -1.09 -31.87 -4.84
C ASN D 159 -0.33 -31.79 -6.16
N PRO D 160 0.79 -31.06 -6.22
CA PRO D 160 1.53 -30.98 -7.49
C PRO D 160 2.15 -32.31 -7.88
N SER D 161 2.33 -32.49 -9.19
CA SER D 161 2.93 -33.71 -9.73
C SER D 161 4.45 -33.56 -9.71
N ILE D 162 4.99 -33.57 -8.49
CA ILE D 162 6.43 -33.43 -8.25
C ILE D 162 6.99 -34.65 -7.54
N THR D 163 6.30 -35.12 -6.49
CA THR D 163 6.71 -36.29 -5.71
C THR D 163 5.82 -37.45 -6.08
N ARG D 164 6.43 -38.55 -6.51
CA ARG D 164 5.68 -39.75 -6.90
C ARG D 164 4.79 -40.21 -5.76
N ASP D 165 3.50 -40.40 -6.07
CA ASP D 165 2.53 -40.84 -5.07
C ASP D 165 2.53 -42.37 -5.00
N VAL D 166 3.56 -42.90 -4.33
CA VAL D 166 3.68 -44.35 -4.21
C VAL D 166 2.50 -44.92 -3.44
N SER D 167 2.01 -44.20 -2.43
CA SER D 167 0.87 -44.69 -1.65
C SER D 167 -0.45 -44.51 -2.39
N GLY D 168 -0.53 -43.55 -3.30
CA GLY D 168 -1.75 -43.28 -4.04
C GLY D 168 -1.69 -43.65 -5.51
N GLU D 169 -1.47 -42.66 -6.37
CA GLU D 169 -1.41 -42.91 -7.81
C GLU D 169 -0.47 -44.05 -8.14
N GLY D 170 0.61 -44.20 -7.38
CA GLY D 170 1.55 -45.28 -7.65
C GLY D 170 0.88 -46.64 -7.53
N VAL D 171 -0.02 -46.80 -6.55
CA VAL D 171 -0.70 -48.08 -6.38
C VAL D 171 -1.68 -48.33 -7.51
N GLN D 172 -2.39 -47.28 -7.95
CA GLN D 172 -3.35 -47.44 -9.04
C GLN D 172 -2.64 -47.89 -10.32
N GLN D 173 -1.47 -47.29 -10.60
CA GLN D 173 -0.74 -47.66 -11.81
C GLN D 173 -0.28 -49.12 -11.77
N ALA D 174 0.07 -49.62 -10.59
CA ALA D 174 0.51 -51.00 -10.47
C ALA D 174 -0.64 -52.00 -10.59
N LEU D 175 -1.87 -51.57 -10.33
CA LEU D 175 -3.03 -52.45 -10.43
C LEU D 175 -3.64 -52.48 -11.82
N LEU D 176 -3.20 -51.63 -12.73
CA LEU D 176 -3.76 -51.61 -14.08
C LEU D 176 -3.58 -52.96 -14.76
N LYS D 177 -2.34 -53.47 -14.77
CA LYS D 177 -2.09 -54.76 -15.40
C LYS D 177 -2.67 -55.91 -14.59
N LEU D 178 -2.71 -55.78 -13.26
CA LEU D 178 -3.27 -56.84 -12.43
C LEU D 178 -4.74 -57.08 -12.77
N ILE D 179 -5.53 -56.01 -12.85
CA ILE D 179 -6.94 -56.16 -13.17
C ILE D 179 -7.12 -56.65 -14.60
N GLU D 180 -6.41 -56.04 -15.55
CA GLU D 180 -6.53 -56.46 -16.94
C GLU D 180 -5.99 -57.87 -17.13
N GLY D 181 -4.86 -58.18 -16.50
CA GLY D 181 -4.26 -59.50 -16.61
C GLY D 181 -2.76 -59.47 -16.80
N THR D 182 -2.04 -60.19 -15.94
CA THR D 182 -0.59 -60.24 -16.01
C THR D 182 -0.10 -61.47 -15.25
N VAL D 183 1.11 -61.89 -15.57
CA VAL D 183 1.72 -63.06 -14.91
C VAL D 183 2.41 -62.53 -13.65
N ALA D 184 1.65 -62.44 -12.57
CA ALA D 184 2.18 -61.95 -11.31
C ALA D 184 3.23 -62.90 -10.75
N ALA D 185 4.31 -62.32 -10.21
CA ALA D 185 5.39 -63.09 -9.60
C ALA D 185 5.14 -63.16 -8.10
N VAL D 186 4.75 -64.33 -7.62
CA VAL D 186 4.44 -64.56 -6.21
C VAL D 186 5.60 -65.33 -5.60
N PRO D 187 6.04 -64.99 -4.38
CA PRO D 187 7.15 -65.72 -3.76
C PRO D 187 6.79 -67.17 -3.57
N PRO D 188 7.77 -68.10 -3.69
CA PRO D 188 7.51 -69.53 -3.52
C PRO D 188 7.59 -69.99 -2.07
N GLN D 189 6.84 -69.34 -1.18
CA GLN D 189 6.82 -69.67 0.24
C GLN D 189 8.21 -69.53 0.85
N GLY D 190 8.84 -68.38 0.61
CA GLY D 190 10.16 -68.09 1.11
C GLY D 190 11.14 -67.77 -0.01
N GLY D 191 12.42 -68.00 0.27
CA GLY D 191 13.47 -67.75 -0.69
C GLY D 191 13.68 -68.90 -1.65
N GLN D 196 14.89 -64.28 -6.89
CA GLN D 196 16.04 -65.15 -7.12
C GLN D 196 15.68 -66.28 -8.09
N GLN D 197 15.04 -67.31 -7.56
CA GLN D 197 14.62 -68.46 -8.36
C GLN D 197 13.40 -69.09 -7.69
N GLU D 198 12.84 -70.10 -8.35
CA GLU D 198 11.68 -70.83 -7.83
C GLU D 198 10.43 -69.95 -7.73
N PHE D 199 10.52 -68.69 -8.14
CA PHE D 199 9.37 -67.79 -8.07
C PHE D 199 8.21 -68.35 -8.88
N LEU D 200 7.06 -68.48 -8.23
CA LEU D 200 5.87 -68.97 -8.93
C LEU D 200 5.34 -67.92 -9.88
N GLN D 201 4.61 -68.36 -10.90
CA GLN D 201 4.05 -67.49 -11.93
C GLN D 201 2.54 -67.72 -12.00
N VAL D 202 1.77 -66.79 -11.43
CA VAL D 202 0.31 -66.85 -11.42
C VAL D 202 -0.20 -65.80 -12.40
N ASP D 203 -1.14 -66.20 -13.26
CA ASP D 203 -1.74 -65.32 -14.25
C ASP D 203 -3.08 -64.81 -13.71
N THR D 204 -3.15 -63.51 -13.46
CA THR D 204 -4.36 -62.88 -12.94
C THR D 204 -5.27 -62.40 -14.08
N SER D 205 -5.58 -63.29 -15.01
CA SER D 205 -6.43 -62.97 -16.15
C SER D 205 -7.90 -63.26 -15.91
N LYS D 206 -8.22 -64.37 -15.25
CA LYS D 206 -9.60 -64.75 -14.96
C LYS D 206 -10.01 -64.45 -13.53
N ILE D 207 -9.15 -63.80 -12.75
CA ILE D 207 -9.46 -63.47 -11.36
C ILE D 207 -10.35 -62.24 -11.33
N LEU D 208 -11.40 -62.28 -10.52
CA LEU D 208 -12.33 -61.18 -10.37
C LEU D 208 -11.91 -60.31 -9.19
N PHE D 209 -11.95 -59.00 -9.39
CA PHE D 209 -11.58 -58.04 -8.37
C PHE D 209 -12.75 -57.12 -8.07
N ILE D 210 -13.00 -56.89 -6.78
CA ILE D 210 -14.09 -56.04 -6.31
C ILE D 210 -13.46 -54.98 -5.41
N CYS D 211 -13.52 -53.72 -5.84
CA CYS D 211 -12.95 -52.62 -5.10
C CYS D 211 -14.04 -51.88 -4.31
N GLY D 212 -13.72 -51.52 -3.06
CA GLY D 212 -14.65 -50.82 -2.22
C GLY D 212 -13.96 -49.69 -1.47
N GLY D 213 -14.75 -48.68 -1.14
CA GLY D 213 -14.24 -47.53 -0.42
C GLY D 213 -15.29 -46.47 -0.19
N ALA D 214 -15.28 -45.85 0.98
CA ALA D 214 -16.24 -44.81 1.33
C ALA D 214 -15.67 -43.48 0.86
N PHE D 215 -15.99 -43.12 -0.39
CA PHE D 215 -15.50 -41.88 -0.97
C PHE D 215 -16.09 -40.68 -0.23
N ALA D 216 -15.23 -39.86 0.35
CA ALA D 216 -15.63 -38.68 1.10
C ALA D 216 -15.33 -37.46 0.24
N GLY D 217 -16.36 -36.65 -0.02
CA GLY D 217 -16.23 -35.46 -0.83
C GLY D 217 -16.66 -35.65 -2.27
N LEU D 218 -16.89 -36.88 -2.70
CA LEU D 218 -17.33 -37.13 -4.07
C LEU D 218 -18.67 -36.48 -4.34
N ASP D 219 -19.57 -36.49 -3.35
CA ASP D 219 -20.89 -35.88 -3.53
C ASP D 219 -20.78 -34.42 -3.97
N LYS D 220 -19.83 -33.69 -3.39
CA LYS D 220 -19.65 -32.29 -3.75
C LYS D 220 -19.30 -32.15 -5.23
N VAL D 221 -18.42 -33.03 -5.73
CA VAL D 221 -18.04 -32.98 -7.13
C VAL D 221 -19.26 -33.18 -8.02
N ILE D 222 -20.11 -34.15 -7.65
CA ILE D 222 -21.30 -34.43 -8.43
C ILE D 222 -22.25 -33.24 -8.40
N SER D 223 -22.34 -32.56 -7.25
CA SER D 223 -23.25 -31.42 -7.14
C SER D 223 -22.88 -30.32 -8.13
N HIS D 224 -21.59 -29.99 -8.23
CA HIS D 224 -21.16 -28.95 -9.15
C HIS D 224 -21.52 -29.29 -10.59
N ARG D 225 -21.35 -30.56 -10.97
CA ARG D 225 -21.64 -30.97 -12.35
C ARG D 225 -23.15 -31.02 -12.62
N VAL D 226 -23.95 -31.26 -11.58
CA VAL D 226 -25.40 -31.37 -11.76
C VAL D 226 -26.13 -30.12 -11.28
N GLU D 227 -25.93 -29.75 -10.01
CA GLU D 227 -26.62 -28.58 -9.46
C GLU D 227 -26.36 -27.33 -10.29
N THR D 228 -25.09 -27.06 -10.59
CA THR D 228 -24.67 -25.89 -11.38
C THR D 228 -25.42 -24.63 -10.94
N GLY D 229 -25.67 -24.51 -9.64
CA GLY D 229 -26.37 -23.35 -9.09
C GLY D 229 -25.45 -22.38 -8.39
N SER D 230 -25.22 -21.22 -8.99
CA SER D 230 -24.35 -20.20 -8.41
C SER D 230 -24.72 -18.85 -9.01
N GLY D 231 -23.90 -17.85 -8.74
CA GLY D 231 -24.10 -16.50 -9.24
C GLY D 231 -24.63 -15.57 -8.16
N ILE D 232 -24.30 -14.28 -8.34
CA ILE D 232 -24.71 -13.25 -7.38
C ILE D 232 -25.53 -12.17 -8.11
N GLY D 233 -25.36 -12.07 -9.42
CA GLY D 233 -26.04 -11.05 -10.19
C GLY D 233 -27.53 -11.33 -10.38
N PHE D 234 -28.19 -10.34 -10.96
CA PHE D 234 -29.62 -10.46 -11.22
C PHE D 234 -29.93 -11.59 -12.19
N GLY D 235 -29.09 -11.76 -13.21
CA GLY D 235 -29.28 -12.81 -14.19
C GLY D 235 -28.68 -14.13 -13.75
N ALA D 236 -28.62 -14.35 -12.43
CA ALA D 236 -28.09 -15.58 -11.86
C ALA D 236 -29.23 -16.51 -11.49
N THR D 237 -28.88 -17.65 -10.89
CA THR D 237 -29.85 -18.66 -10.48
C THR D 237 -29.59 -18.97 -9.01
N VAL D 238 -30.22 -18.20 -8.13
CA VAL D 238 -30.07 -18.41 -6.69
C VAL D 238 -30.76 -19.71 -6.30
N LYS D 239 -30.06 -20.56 -5.56
CA LYS D 239 -30.59 -21.84 -5.12
C LYS D 239 -30.70 -21.87 -3.60
N ALA D 240 -31.80 -22.45 -3.11
CA ALA D 240 -32.04 -22.57 -1.69
C ALA D 240 -31.30 -23.78 -1.13
N LYS D 241 -30.88 -23.67 0.13
CA LYS D 241 -30.15 -24.76 0.77
C LYS D 241 -30.99 -26.04 0.85
N SER D 242 -32.32 -25.92 0.89
CA SER D 242 -33.16 -27.10 0.96
C SER D 242 -33.18 -27.86 -0.37
N ASP D 243 -33.12 -27.13 -1.48
CA ASP D 243 -33.14 -27.77 -2.78
C ASP D 243 -31.92 -28.67 -2.99
N LYS D 244 -30.85 -28.44 -2.24
CA LYS D 244 -29.66 -29.26 -2.38
C LYS D 244 -29.99 -30.73 -2.13
N ALA D 245 -29.44 -31.59 -2.97
CA ALA D 245 -29.68 -33.02 -2.84
C ALA D 245 -28.84 -33.61 -1.71
N SER D 246 -29.02 -34.89 -1.46
CA SER D 246 -28.30 -35.61 -0.42
C SER D 246 -27.16 -36.41 -1.02
N GLU D 247 -26.24 -36.85 -0.16
CA GLU D 247 -25.09 -37.62 -0.63
C GLU D 247 -25.56 -38.88 -1.37
N GLY D 248 -26.56 -39.57 -0.83
CA GLY D 248 -27.06 -40.76 -1.50
C GLY D 248 -27.61 -40.47 -2.88
N GLU D 249 -28.40 -39.40 -3.00
CA GLU D 249 -28.96 -39.03 -4.29
C GLU D 249 -27.85 -38.68 -5.29
N LEU D 250 -26.91 -37.84 -4.87
CA LEU D 250 -25.81 -37.46 -5.75
C LEU D 250 -24.97 -38.67 -6.14
N LEU D 251 -24.63 -39.51 -5.15
CA LEU D 251 -23.81 -40.69 -5.43
C LEU D 251 -24.49 -41.61 -6.44
N ALA D 252 -25.83 -41.64 -6.44
CA ALA D 252 -26.53 -42.50 -7.40
C ALA D 252 -26.25 -42.06 -8.83
N GLN D 253 -26.18 -40.75 -9.08
CA GLN D 253 -25.91 -40.21 -10.40
C GLN D 253 -24.42 -40.04 -10.66
N VAL D 254 -23.57 -40.80 -9.95
CA VAL D 254 -22.14 -40.70 -10.15
C VAL D 254 -21.76 -41.18 -11.55
N GLU D 255 -20.75 -40.55 -12.12
CA GLU D 255 -20.23 -40.85 -13.44
C GLU D 255 -18.72 -40.94 -13.37
N PRO D 256 -18.08 -41.59 -14.35
CA PRO D 256 -16.61 -41.69 -14.31
C PRO D 256 -15.92 -40.34 -14.25
N GLU D 257 -16.49 -39.31 -14.88
CA GLU D 257 -15.87 -37.99 -14.84
C GLU D 257 -15.73 -37.48 -13.41
N ASP D 258 -16.68 -37.84 -12.54
CA ASP D 258 -16.60 -37.40 -11.15
C ASP D 258 -15.44 -38.07 -10.43
N LEU D 259 -15.21 -39.35 -10.70
CA LEU D 259 -14.11 -40.06 -10.05
C LEU D 259 -12.76 -39.47 -10.45
N ILE D 260 -12.63 -38.98 -11.68
CA ILE D 260 -11.37 -38.40 -12.12
C ILE D 260 -11.01 -37.22 -11.23
N LYS D 261 -11.98 -36.37 -10.91
CA LYS D 261 -11.71 -35.23 -10.04
C LYS D 261 -11.37 -35.68 -8.62
N PHE D 262 -11.89 -36.84 -8.21
CA PHE D 262 -11.61 -37.33 -6.87
C PHE D 262 -10.16 -37.77 -6.71
N GLY D 263 -9.54 -38.25 -7.78
CA GLY D 263 -8.17 -38.70 -7.72
C GLY D 263 -7.90 -40.02 -8.41
N LEU D 264 -8.88 -40.57 -9.10
CA LEU D 264 -8.73 -41.83 -9.81
C LEU D 264 -8.37 -41.56 -11.26
N ILE D 265 -7.30 -42.22 -11.73
CA ILE D 265 -6.84 -42.06 -13.10
C ILE D 265 -7.79 -42.77 -14.04
N PRO D 266 -7.96 -42.31 -15.27
CA PRO D 266 -8.87 -43.00 -16.19
C PRO D 266 -8.47 -44.45 -16.46
N GLU D 267 -7.17 -44.76 -16.39
CA GLU D 267 -6.73 -46.12 -16.63
C GLU D 267 -7.25 -47.08 -15.56
N PHE D 268 -7.49 -46.59 -14.35
CA PHE D 268 -7.96 -47.43 -13.26
C PHE D 268 -9.47 -47.63 -13.30
N ILE D 269 -10.23 -46.54 -13.41
CA ILE D 269 -11.69 -46.67 -13.47
C ILE D 269 -12.10 -47.45 -14.70
N GLY D 270 -11.35 -47.33 -15.80
CA GLY D 270 -11.69 -48.07 -17.01
C GLY D 270 -11.70 -49.58 -16.77
N ARG D 271 -10.74 -50.07 -15.98
CA ARG D 271 -10.69 -51.50 -15.69
C ARG D 271 -11.89 -51.94 -14.84
N LEU D 272 -12.58 -51.00 -14.20
CA LEU D 272 -13.74 -51.30 -13.37
C LEU D 272 -14.99 -50.76 -14.06
N PRO D 273 -15.52 -51.46 -15.08
CA PRO D 273 -16.72 -50.95 -15.76
C PRO D 273 -17.96 -51.00 -14.90
N VAL D 274 -18.16 -52.07 -14.13
CA VAL D 274 -19.34 -52.21 -13.29
C VAL D 274 -19.13 -51.39 -12.02
N VAL D 275 -20.06 -50.47 -11.77
CA VAL D 275 -20.02 -49.60 -10.60
C VAL D 275 -21.34 -49.72 -9.86
N ALA D 276 -21.28 -49.97 -8.56
CA ALA D 276 -22.46 -50.10 -7.72
C ALA D 276 -22.41 -49.05 -6.63
N THR D 277 -23.59 -48.55 -6.27
CA THR D 277 -23.73 -47.51 -5.25
C THR D 277 -24.65 -48.00 -4.14
N LEU D 278 -24.26 -47.73 -2.90
CA LEU D 278 -25.05 -48.10 -1.72
C LEU D 278 -25.69 -46.85 -1.15
N ASN D 279 -27.00 -46.90 -0.94
CA ASN D 279 -27.73 -45.77 -0.41
C ASN D 279 -27.45 -45.61 1.09
N GLU D 280 -27.76 -44.42 1.60
CA GLU D 280 -27.57 -44.13 3.01
C GLU D 280 -28.71 -44.76 3.81
N LEU D 281 -28.36 -45.63 4.75
CA LEU D 281 -29.37 -46.31 5.56
C LEU D 281 -30.31 -45.30 6.22
N SER D 282 -31.61 -45.53 6.08
CA SER D 282 -32.62 -44.68 6.66
C SER D 282 -32.97 -45.15 8.07
N GLU D 283 -33.75 -44.33 8.77
CA GLU D 283 -34.15 -44.67 10.13
C GLU D 283 -34.90 -45.99 10.16
N GLU D 284 -35.81 -46.20 9.20
CA GLU D 284 -36.55 -47.46 9.15
C GLU D 284 -35.62 -48.64 8.93
N ALA D 285 -34.63 -48.47 8.05
CA ALA D 285 -33.69 -49.55 7.77
C ALA D 285 -32.89 -49.89 9.03
N LEU D 286 -32.48 -48.87 9.79
CA LEU D 286 -31.70 -49.12 11.00
C LEU D 286 -32.49 -49.98 11.98
N ILE D 287 -33.79 -49.72 12.13
CA ILE D 287 -34.61 -50.52 13.04
C ILE D 287 -34.51 -51.99 12.71
N GLN D 288 -34.36 -52.32 11.43
CA GLN D 288 -34.24 -53.72 11.03
C GLN D 288 -32.85 -54.26 11.38
N ILE D 289 -31.82 -53.43 11.25
CA ILE D 289 -30.46 -53.84 11.54
C ILE D 289 -30.34 -54.32 12.97
N LEU D 290 -31.10 -53.70 13.88
CA LEU D 290 -31.01 -54.06 15.31
C LEU D 290 -31.35 -55.54 15.48
N LYS D 291 -32.19 -56.13 14.62
CA LYS D 291 -32.65 -57.52 14.81
C LYS D 291 -32.51 -58.40 13.55
N GLU D 292 -33.00 -57.95 12.40
CA GLU D 292 -33.02 -58.78 11.16
C GLU D 292 -31.66 -59.45 10.88
N PRO D 293 -30.51 -58.73 10.82
CA PRO D 293 -29.25 -59.37 10.47
C PRO D 293 -28.99 -60.60 11.32
N LYS D 294 -28.36 -61.63 10.76
CA LYS D 294 -28.09 -62.90 11.48
C LYS D 294 -27.28 -62.59 12.75
N ASN D 295 -26.29 -61.70 12.65
CA ASN D 295 -25.48 -61.27 13.82
C ASN D 295 -25.87 -59.83 14.14
N ALA D 296 -27.18 -59.55 14.17
CA ALA D 296 -27.71 -58.18 14.42
C ALA D 296 -27.16 -57.63 15.74
N LEU D 297 -27.22 -56.32 15.94
CA LEU D 297 -26.64 -55.68 17.16
C LEU D 297 -27.36 -56.21 18.40
N THR D 298 -28.69 -56.25 18.42
CA THR D 298 -29.46 -56.67 19.63
C THR D 298 -29.08 -58.09 19.95
N LYS D 299 -28.96 -58.99 18.96
CA LYS D 299 -28.63 -60.38 19.20
C LYS D 299 -27.25 -60.52 19.84
N GLN D 300 -26.29 -59.71 19.38
CA GLN D 300 -24.94 -59.78 19.95
C GLN D 300 -24.95 -59.47 21.43
N TYR D 301 -25.71 -58.45 21.85
CA TYR D 301 -25.78 -58.11 23.26
C TYR D 301 -26.62 -59.11 24.04
N GLN D 302 -27.57 -59.78 23.39
CA GLN D 302 -28.36 -60.78 24.09
C GLN D 302 -27.50 -61.97 24.49
N ALA D 303 -26.62 -62.40 23.58
CA ALA D 303 -25.74 -63.52 23.91
C ALA D 303 -24.80 -63.14 25.05
N LEU D 304 -24.32 -61.90 25.05
CA LEU D 304 -23.44 -61.44 26.12
C LEU D 304 -24.14 -61.56 27.47
N PHE D 305 -25.41 -61.14 27.52
CA PHE D 305 -26.17 -61.24 28.76
C PHE D 305 -26.64 -62.66 29.01
N ASN D 306 -26.97 -63.40 27.95
CA ASN D 306 -27.45 -64.77 28.12
C ASN D 306 -26.39 -65.67 28.75
N LEU D 307 -25.14 -65.56 28.32
CA LEU D 307 -24.10 -66.40 28.90
C LEU D 307 -23.88 -66.11 30.37
N GLU D 308 -24.26 -64.91 30.84
CA GLU D 308 -24.13 -64.54 32.23
C GLU D 308 -25.32 -64.96 33.07
N GLY D 309 -26.39 -65.46 32.45
CA GLY D 309 -27.57 -65.89 33.17
C GLY D 309 -28.72 -64.89 33.19
N VAL D 310 -28.66 -63.84 32.39
CA VAL D 310 -29.70 -62.82 32.33
C VAL D 310 -30.24 -62.74 30.91
N ASP D 311 -31.53 -62.42 30.80
CA ASP D 311 -32.21 -62.28 29.53
C ASP D 311 -32.30 -60.81 29.15
N LEU D 312 -31.97 -60.50 27.90
CA LEU D 312 -31.99 -59.13 27.39
C LEU D 312 -33.08 -59.00 26.34
N GLU D 313 -33.94 -58.01 26.51
CA GLU D 313 -35.05 -57.74 25.60
C GLU D 313 -35.03 -56.27 25.21
N PHE D 314 -35.15 -55.99 23.92
CA PHE D 314 -35.15 -54.64 23.38
C PHE D 314 -36.54 -54.32 22.85
N ARG D 315 -37.23 -53.39 23.51
CA ARG D 315 -38.56 -53.01 23.08
C ARG D 315 -38.51 -52.35 21.71
N ASP D 316 -39.56 -52.57 20.91
CA ASP D 316 -39.62 -51.98 19.58
C ASP D 316 -39.54 -50.46 19.63
N GLU D 317 -40.15 -49.85 20.65
CA GLU D 317 -40.10 -48.39 20.77
C GLU D 317 -38.67 -47.90 20.99
N ALA D 318 -37.88 -48.64 21.77
CA ALA D 318 -36.50 -48.23 22.02
C ALA D 318 -35.69 -48.24 20.73
N LEU D 319 -35.92 -49.24 19.87
CA LEU D 319 -35.19 -49.32 18.61
C LEU D 319 -35.40 -48.08 17.76
N ASP D 320 -36.62 -47.54 17.76
CA ASP D 320 -36.89 -46.34 16.97
C ASP D 320 -36.03 -45.18 17.44
N ALA D 321 -35.95 -44.99 18.77
CA ALA D 321 -35.13 -43.90 19.31
C ALA D 321 -33.66 -44.12 19.00
N ILE D 322 -33.18 -45.37 19.11
CA ILE D 322 -31.79 -45.67 18.82
C ILE D 322 -31.47 -45.32 17.37
N ALA D 323 -32.34 -45.71 16.44
CA ALA D 323 -32.11 -45.40 15.03
C ALA D 323 -32.10 -43.89 14.79
N LYS D 324 -33.00 -43.16 15.46
CA LYS D 324 -33.04 -41.72 15.28
C LYS D 324 -31.74 -41.07 15.72
N LYS D 325 -31.20 -41.49 16.87
CA LYS D 325 -29.95 -40.92 17.35
C LYS D 325 -28.80 -41.24 16.40
N ALA D 326 -28.76 -42.48 15.90
CA ALA D 326 -27.70 -42.87 14.97
C ALA D 326 -27.79 -42.09 13.66
N MET D 327 -29.00 -41.76 13.23
CA MET D 327 -29.16 -41.00 11.99
C MET D 327 -28.46 -39.65 12.04
N ALA D 328 -28.27 -39.09 13.23
CA ALA D 328 -27.61 -37.81 13.39
C ALA D 328 -26.10 -37.95 13.45
N ARG D 329 -25.60 -39.04 14.02
CA ARG D 329 -24.16 -39.25 14.13
C ARG D 329 -23.50 -39.40 12.76
N LYS D 330 -24.28 -39.72 11.71
CA LYS D 330 -23.78 -39.89 10.35
C LYS D 330 -22.57 -40.84 10.32
N THR D 331 -22.66 -41.93 11.09
CA THR D 331 -21.61 -42.93 11.15
C THR D 331 -22.10 -44.31 10.69
N GLY D 332 -23.23 -44.35 10.00
CA GLY D 332 -23.75 -45.61 9.51
C GLY D 332 -24.23 -46.50 10.65
N ALA D 333 -24.23 -47.81 10.38
CA ALA D 333 -24.67 -48.78 11.39
C ALA D 333 -23.76 -48.79 12.61
N ARG D 334 -22.51 -48.34 12.48
CA ARG D 334 -21.60 -48.32 13.61
C ARG D 334 -22.11 -47.42 14.72
N GLY D 335 -22.92 -46.41 14.39
CA GLY D 335 -23.45 -45.53 15.41
C GLY D 335 -24.40 -46.23 16.35
N LEU D 336 -25.03 -47.31 15.88
CA LEU D 336 -25.98 -48.04 16.73
C LEU D 336 -25.29 -48.63 17.95
N ARG D 337 -24.06 -49.13 17.78
CA ARG D 337 -23.34 -49.72 18.90
C ARG D 337 -23.06 -48.69 19.99
N SER D 338 -22.75 -47.46 19.60
CA SER D 338 -22.47 -46.42 20.59
C SER D 338 -23.69 -46.14 21.46
N ILE D 339 -24.88 -46.08 20.85
CA ILE D 339 -26.10 -45.80 21.62
C ILE D 339 -26.37 -46.94 22.60
N VAL D 340 -26.26 -48.18 22.13
CA VAL D 340 -26.53 -49.32 23.00
C VAL D 340 -25.53 -49.37 24.16
N GLU D 341 -24.25 -49.13 23.86
CA GLU D 341 -23.23 -49.17 24.90
C GLU D 341 -23.50 -48.12 25.97
N ALA D 342 -23.83 -46.89 25.55
CA ALA D 342 -24.10 -45.84 26.52
C ALA D 342 -25.29 -46.18 27.40
N ALA D 343 -26.36 -46.70 26.80
CA ALA D 343 -27.55 -47.05 27.58
C ALA D 343 -27.25 -48.21 28.53
N LEU D 344 -26.51 -49.21 28.06
CA LEU D 344 -26.18 -50.38 28.87
C LEU D 344 -24.85 -50.26 29.59
N LEU D 345 -24.18 -49.11 29.49
CA LEU D 345 -22.90 -48.95 30.17
C LEU D 345 -23.05 -49.15 31.68
N ASP D 346 -23.99 -48.42 32.28
CA ASP D 346 -24.20 -48.53 33.72
C ASP D 346 -24.71 -49.92 34.09
N THR D 347 -25.61 -50.48 33.29
CA THR D 347 -26.15 -51.80 33.59
C THR D 347 -25.07 -52.86 33.62
N MET D 348 -24.18 -52.85 32.63
CA MET D 348 -23.12 -53.85 32.59
C MET D 348 -22.07 -53.64 33.69
N TYR D 349 -22.04 -52.46 34.31
CA TYR D 349 -21.06 -52.21 35.36
C TYR D 349 -21.52 -52.79 36.71
N ASP D 350 -22.82 -52.76 36.98
CA ASP D 350 -23.35 -53.25 38.24
C ASP D 350 -24.09 -54.58 38.13
N LEU D 351 -24.69 -54.88 36.98
CA LEU D 351 -25.43 -56.13 36.81
C LEU D 351 -24.63 -57.36 37.21
N PRO D 352 -23.38 -57.55 36.77
CA PRO D 352 -22.65 -58.76 37.18
C PRO D 352 -22.57 -58.95 38.69
N SER D 353 -22.44 -57.86 39.45
CA SER D 353 -22.36 -57.98 40.90
C SER D 353 -23.73 -58.26 41.52
N MET D 354 -24.80 -57.78 40.88
CA MET D 354 -26.14 -58.00 41.40
C MET D 354 -26.47 -59.48 41.39
N GLU D 355 -27.41 -59.85 42.26
CA GLU D 355 -27.86 -61.24 42.39
C GLU D 355 -29.37 -61.32 42.20
N ASP D 356 -29.83 -62.50 41.78
CA ASP D 356 -31.22 -62.85 41.52
C ASP D 356 -31.82 -62.10 40.33
N VAL D 357 -31.00 -61.40 39.54
CA VAL D 357 -31.50 -60.68 38.38
C VAL D 357 -31.68 -61.70 37.25
N GLU D 358 -32.90 -61.76 36.71
CA GLU D 358 -33.22 -62.71 35.64
C GLU D 358 -33.35 -62.07 34.27
N LYS D 359 -34.06 -60.95 34.15
CA LYS D 359 -34.25 -60.31 32.86
C LYS D 359 -34.12 -58.79 33.02
N VAL D 360 -33.72 -58.14 31.93
CA VAL D 360 -33.54 -56.70 31.88
C VAL D 360 -34.31 -56.18 30.66
N VAL D 361 -35.23 -55.24 30.90
CA VAL D 361 -36.05 -54.66 29.86
C VAL D 361 -35.60 -53.22 29.62
N ILE D 362 -35.38 -52.86 28.36
CA ILE D 362 -34.95 -51.52 27.96
C ILE D 362 -36.11 -50.86 27.22
N ASP D 363 -36.49 -49.68 27.69
CA ASP D 363 -37.58 -48.91 27.10
C ASP D 363 -37.04 -47.64 26.44
N GLU D 364 -37.89 -47.02 25.61
CA GLU D 364 -37.50 -45.79 24.93
C GLU D 364 -37.03 -44.73 25.91
N SER D 365 -37.62 -44.70 27.10
CA SER D 365 -37.23 -43.70 28.10
C SER D 365 -35.75 -43.84 28.45
N VAL D 366 -35.28 -45.08 28.58
CA VAL D 366 -33.87 -45.31 28.92
C VAL D 366 -32.97 -44.72 27.85
N ILE D 367 -33.35 -44.84 26.57
CA ILE D 367 -32.52 -44.31 25.51
C ILE D 367 -32.40 -42.79 25.62
N ASP D 368 -33.49 -42.11 25.98
CA ASP D 368 -33.47 -40.66 26.12
C ASP D 368 -32.79 -40.20 27.40
N GLY D 369 -32.74 -41.06 28.41
CA GLY D 369 -32.11 -40.74 29.67
C GLY D 369 -33.06 -40.38 30.81
N GLN D 370 -34.34 -40.69 30.68
CA GLN D 370 -35.32 -40.38 31.72
C GLN D 370 -35.68 -41.61 32.56
N SER D 371 -34.90 -42.68 32.45
CA SER D 371 -35.17 -43.89 33.22
C SER D 371 -33.98 -44.82 33.08
N GLU D 372 -34.04 -45.94 33.80
CA GLU D 372 -33.01 -46.96 33.79
C GLU D 372 -33.62 -48.32 33.45
N PRO D 373 -32.85 -49.23 32.82
CA PRO D 373 -33.41 -50.54 32.48
C PRO D 373 -34.04 -51.24 33.67
N LEU D 374 -35.27 -51.70 33.51
CA LEU D 374 -35.96 -52.38 34.60
C LEU D 374 -35.39 -53.78 34.76
N LEU D 375 -35.09 -54.16 36.01
CA LEU D 375 -34.52 -55.45 36.33
C LEU D 375 -35.61 -56.36 36.89
N ILE D 376 -35.82 -57.50 36.24
CA ILE D 376 -36.82 -58.47 36.66
C ILE D 376 -36.12 -59.42 37.65
N TYR D 377 -36.26 -59.14 38.94
CA TYR D 377 -35.64 -59.97 39.96
C TYR D 377 -36.34 -61.32 40.04
N GLY D 378 -35.69 -62.26 40.73
CA GLY D 378 -36.25 -63.59 40.90
C GLY D 378 -35.19 -64.62 41.28
N SER E 26 -12.85 -71.34 36.64
CA SER E 26 -12.93 -70.28 37.63
C SER E 26 -13.98 -69.25 37.21
N ALA E 27 -13.94 -68.08 37.85
CA ALA E 27 -14.87 -67.00 37.57
C ALA E 27 -14.10 -65.74 37.20
N LEU E 28 -14.57 -65.05 36.16
CA LEU E 28 -13.91 -63.84 35.72
C LEU E 28 -14.16 -62.70 36.71
N PRO E 29 -13.26 -61.73 36.78
CA PRO E 29 -13.48 -60.60 37.70
C PRO E 29 -14.56 -59.66 37.19
N THR E 30 -15.37 -59.17 38.12
CA THR E 30 -16.45 -58.26 37.79
C THR E 30 -15.93 -56.84 37.64
N PRO E 31 -16.70 -55.96 37.00
CA PRO E 31 -16.25 -54.57 36.85
C PRO E 31 -15.94 -53.91 38.17
N HIS E 32 -16.68 -54.22 39.24
CA HIS E 32 -16.41 -53.62 40.53
C HIS E 32 -14.99 -53.93 40.99
N GLU E 33 -14.58 -55.20 40.86
CA GLU E 33 -13.22 -55.56 41.24
C GLU E 33 -12.20 -54.84 40.36
N ILE E 34 -12.48 -54.75 39.06
CA ILE E 34 -11.58 -54.07 38.14
C ILE E 34 -11.50 -52.59 38.49
N ARG E 35 -12.64 -51.98 38.82
CA ARG E 35 -12.63 -50.56 39.16
C ARG E 35 -11.82 -50.31 40.43
N ASN E 36 -11.89 -51.25 41.37
CA ASN E 36 -11.14 -51.14 42.65
C ASN E 36 -9.67 -50.89 42.34
N HIS E 37 -9.10 -51.55 41.33
CA HIS E 37 -7.70 -51.36 40.96
C HIS E 37 -7.47 -49.97 40.36
N LEU E 38 -8.40 -49.52 39.53
CA LEU E 38 -8.25 -48.21 38.89
C LEU E 38 -8.38 -47.07 39.91
N ASP E 39 -9.43 -47.10 40.74
CA ASP E 39 -9.59 -46.03 41.72
C ASP E 39 -8.47 -46.02 42.74
N ASP E 40 -7.82 -47.16 42.98
CA ASP E 40 -6.71 -47.19 43.92
C ASP E 40 -5.52 -46.42 43.38
N TYR E 41 -5.34 -46.44 42.05
CA TYR E 41 -4.25 -45.73 41.39
C TYR E 41 -4.70 -44.46 40.69
N VAL E 42 -6.00 -44.26 40.50
CA VAL E 42 -6.53 -43.08 39.84
C VAL E 42 -7.53 -42.41 40.78
N ILE E 43 -7.72 -41.10 40.61
CA ILE E 43 -8.62 -40.32 41.45
C ILE E 43 -9.51 -39.46 40.57
N GLY E 44 -10.80 -39.43 40.88
CA GLY E 44 -11.76 -38.61 40.16
C GLY E 44 -11.93 -38.93 38.70
N GLN E 45 -12.01 -40.22 38.35
CA GLN E 45 -12.22 -40.65 36.97
C GLN E 45 -13.23 -41.79 36.92
N GLU E 46 -14.33 -41.64 37.65
CA GLU E 46 -15.35 -42.70 37.70
C GLU E 46 -15.91 -43.01 36.31
N GLN E 47 -16.23 -41.97 35.53
CA GLN E 47 -16.80 -42.21 34.20
C GLN E 47 -15.87 -43.04 33.33
N ALA E 48 -14.57 -42.67 33.30
CA ALA E 48 -13.63 -43.41 32.49
C ALA E 48 -13.39 -44.82 33.03
N LYS E 49 -13.39 -44.98 34.35
CA LYS E 49 -13.16 -46.30 34.94
C LYS E 49 -14.26 -47.28 34.55
N LYS E 50 -15.51 -46.82 34.55
CA LYS E 50 -16.62 -47.71 34.21
C LYS E 50 -16.48 -48.23 32.79
N VAL E 51 -16.15 -47.34 31.85
CA VAL E 51 -16.02 -47.76 30.44
C VAL E 51 -14.92 -48.80 30.31
N LEU E 52 -13.76 -48.55 30.93
CA LEU E 52 -12.66 -49.51 30.85
C LEU E 52 -13.02 -50.82 31.55
N ALA E 53 -13.67 -50.73 32.71
CA ALA E 53 -14.04 -51.94 33.43
C ALA E 53 -14.99 -52.80 32.62
N VAL E 54 -16.00 -52.18 31.99
CA VAL E 54 -16.95 -52.94 31.18
C VAL E 54 -16.25 -53.55 29.98
N ALA E 55 -15.35 -52.78 29.34
CA ALA E 55 -14.63 -53.31 28.18
C ALA E 55 -13.84 -54.55 28.55
N VAL E 56 -13.08 -54.49 29.64
CA VAL E 56 -12.31 -55.65 30.08
C VAL E 56 -13.22 -56.80 30.44
N TYR E 57 -14.29 -56.51 31.19
CA TYR E 57 -15.23 -57.57 31.57
C TYR E 57 -15.89 -58.14 30.32
N ASN E 58 -16.30 -57.28 29.39
CA ASN E 58 -16.91 -57.75 28.16
C ASN E 58 -15.91 -58.48 27.29
N HIS E 59 -14.65 -58.02 27.28
CA HIS E 59 -13.62 -58.68 26.49
C HIS E 59 -13.39 -60.10 26.99
N TYR E 60 -13.34 -60.29 28.31
CA TYR E 60 -13.14 -61.63 28.85
C TYR E 60 -14.28 -62.55 28.44
N LYS E 61 -15.52 -62.04 28.50
CA LYS E 61 -16.67 -62.87 28.10
C LYS E 61 -16.53 -63.27 26.64
N ARG E 62 -16.10 -62.34 25.79
CA ARG E 62 -15.90 -62.67 24.37
C ARG E 62 -14.81 -63.71 24.22
N LEU E 63 -13.72 -63.58 24.98
CA LEU E 63 -12.65 -64.56 24.91
C LEU E 63 -13.13 -65.92 25.40
N ARG E 64 -13.85 -65.94 26.52
CA ARG E 64 -14.38 -67.21 27.00
C ARG E 64 -15.39 -67.79 26.02
N ASN E 65 -16.07 -66.92 25.27
CA ASN E 65 -17.04 -67.33 24.26
C ASN E 65 -16.41 -67.30 22.86
N GLY E 66 -15.08 -67.41 22.79
CA GLY E 66 -14.41 -67.41 21.50
C GLY E 66 -14.85 -68.52 20.58
N ASP E 67 -15.41 -69.59 21.13
CA ASP E 67 -15.90 -70.71 20.32
C ASP E 67 -17.22 -70.39 19.64
N THR E 68 -17.75 -69.19 19.85
CA THR E 68 -19.01 -68.76 19.27
C THR E 68 -20.12 -69.77 19.56
N SER E 69 -20.33 -70.03 20.85
CA SER E 69 -21.36 -70.95 21.31
C SER E 69 -22.70 -70.21 21.39
N ASN E 70 -23.05 -69.58 20.26
CA ASN E 70 -24.28 -68.80 20.14
C ASN E 70 -24.52 -68.55 18.66
N GLY E 71 -25.54 -67.75 18.36
CA GLY E 71 -25.90 -67.41 17.00
C GLY E 71 -25.33 -66.09 16.51
N VAL E 72 -24.36 -65.51 17.22
CA VAL E 72 -23.76 -64.24 16.86
C VAL E 72 -22.24 -64.37 16.94
N GLU E 73 -21.56 -63.34 16.44
CA GLU E 73 -20.10 -63.29 16.45
C GLU E 73 -19.54 -62.45 17.58
N LEU E 74 -20.40 -61.87 18.42
CA LEU E 74 -19.97 -61.05 19.55
C LEU E 74 -18.93 -60.01 19.13
N GLY E 75 -19.36 -59.09 18.28
CA GLY E 75 -18.46 -58.04 17.83
C GLY E 75 -17.92 -57.23 18.99
N LYS E 76 -16.82 -56.54 18.74
CA LYS E 76 -16.16 -55.74 19.76
C LYS E 76 -16.48 -54.26 19.63
N SER E 77 -16.24 -53.54 20.72
CA SER E 77 -16.47 -52.10 20.80
C SER E 77 -15.18 -51.45 21.30
N ASN E 78 -14.67 -50.49 20.52
CA ASN E 78 -13.45 -49.80 20.88
C ASN E 78 -13.76 -48.52 21.65
N ILE E 79 -12.84 -48.14 22.54
CA ILE E 79 -13.01 -46.96 23.39
C ILE E 79 -12.13 -45.83 22.87
N LEU E 80 -12.55 -44.59 23.16
CA LEU E 80 -11.84 -43.37 22.77
C LEU E 80 -11.79 -42.48 24.00
N LEU E 81 -10.68 -42.54 24.74
CA LEU E 81 -10.50 -41.76 25.97
C LEU E 81 -10.08 -40.34 25.62
N ILE E 82 -11.04 -39.43 25.61
CA ILE E 82 -10.79 -38.02 25.32
C ILE E 82 -10.77 -37.29 26.67
N GLY E 83 -9.57 -37.03 27.17
CA GLY E 83 -9.42 -36.34 28.44
C GLY E 83 -8.43 -35.21 28.35
N PRO E 84 -8.57 -34.22 29.25
CA PRO E 84 -7.63 -33.08 29.22
C PRO E 84 -6.21 -33.55 29.54
N THR E 85 -5.24 -32.97 28.85
CA THR E 85 -3.83 -33.33 29.05
C THR E 85 -3.47 -33.24 30.53
N GLY E 86 -2.84 -34.29 31.03
CA GLY E 86 -2.43 -34.35 32.41
C GLY E 86 -3.46 -34.95 33.35
N SER E 87 -4.55 -35.51 32.83
CA SER E 87 -5.60 -36.10 33.65
C SER E 87 -5.33 -37.55 34.03
N GLY E 88 -4.31 -38.16 33.44
CA GLY E 88 -3.97 -39.54 33.74
C GLY E 88 -4.39 -40.56 32.70
N LYS E 89 -4.61 -40.12 31.45
CA LYS E 89 -4.96 -41.06 30.35
C LYS E 89 -3.92 -42.19 30.30
N THR E 90 -2.62 -41.90 30.27
CA THR E 90 -1.59 -42.93 30.19
C THR E 90 -1.59 -43.79 31.45
N LEU E 91 -1.85 -43.18 32.61
CA LEU E 91 -1.87 -43.93 33.85
C LEU E 91 -2.94 -45.02 33.82
N LEU E 92 -4.13 -44.69 33.31
CA LEU E 92 -5.20 -45.68 33.23
C LEU E 92 -4.81 -46.88 32.38
N ALA E 93 -3.90 -46.70 31.42
CA ALA E 93 -3.47 -47.81 30.58
C ALA E 93 -2.42 -48.66 31.29
N GLU E 94 -1.43 -48.01 31.91
CA GLU E 94 -0.40 -48.75 32.62
C GLU E 94 -0.99 -49.55 33.78
N THR E 95 -1.88 -48.93 34.54
CA THR E 95 -2.51 -49.63 35.66
C THR E 95 -3.34 -50.81 35.18
N LEU E 96 -3.97 -50.69 34.02
CA LEU E 96 -4.78 -51.78 33.49
C LEU E 96 -3.94 -52.99 33.12
N ALA E 97 -2.66 -52.81 32.81
CA ALA E 97 -1.79 -53.91 32.43
C ALA E 97 -1.30 -54.71 33.63
N ARG E 98 -1.51 -54.22 34.84
CA ARG E 98 -1.05 -54.95 36.03
C ARG E 98 -1.98 -56.08 36.42
N LEU E 99 -3.24 -56.06 35.95
CA LEU E 99 -4.20 -57.12 36.28
C LEU E 99 -4.77 -57.79 35.03
N LEU E 100 -4.16 -57.58 33.86
CA LEU E 100 -4.63 -58.18 32.63
C LEU E 100 -3.99 -59.55 32.43
N ASP E 101 -4.82 -60.54 32.09
CA ASP E 101 -4.38 -61.90 31.84
C ASP E 101 -4.09 -62.15 30.36
N VAL E 102 -4.18 -61.12 29.54
CA VAL E 102 -3.94 -61.24 28.10
C VAL E 102 -2.87 -60.23 27.72
N PRO E 103 -2.17 -60.45 26.60
CA PRO E 103 -1.12 -59.51 26.21
C PRO E 103 -1.67 -58.10 26.03
N PHE E 104 -0.88 -57.13 26.49
CA PHE E 104 -1.22 -55.72 26.41
C PHE E 104 0.01 -54.94 25.98
N THR E 105 -0.21 -53.86 25.22
CA THR E 105 0.90 -53.04 24.76
C THR E 105 0.42 -51.60 24.58
N MET E 106 1.39 -50.70 24.48
CA MET E 106 1.14 -49.28 24.30
C MET E 106 1.83 -48.82 23.02
N ALA E 107 1.30 -47.73 22.44
CA ALA E 107 1.85 -47.20 21.21
C ALA E 107 1.59 -45.71 21.14
N ASP E 108 2.34 -45.04 20.27
CA ASP E 108 2.24 -43.60 20.07
C ASP E 108 1.84 -43.33 18.63
N ALA E 109 0.90 -42.40 18.43
CA ALA E 109 0.43 -42.07 17.10
C ALA E 109 1.36 -41.12 16.35
N THR E 110 2.18 -40.35 17.07
CA THR E 110 3.08 -39.42 16.39
C THR E 110 4.13 -40.16 15.56
N THR E 111 4.56 -41.32 16.03
CA THR E 111 5.56 -42.10 15.29
C THR E 111 4.95 -42.81 14.08
N LEU E 112 3.67 -43.15 14.15
CA LEU E 112 3.02 -43.86 13.05
C LEU E 112 2.92 -42.96 11.82
N THR E 113 3.02 -43.59 10.65
CA THR E 113 2.92 -42.89 9.38
C THR E 113 2.34 -43.85 8.34
N GLU E 114 1.95 -43.30 7.20
CA GLU E 114 1.38 -44.10 6.13
C GLU E 114 2.44 -45.06 5.58
N ALA E 115 1.96 -46.17 5.02
CA ALA E 115 2.86 -47.17 4.47
C ALA E 115 3.68 -46.60 3.32
N GLY E 116 4.89 -47.13 3.17
CA GLY E 116 5.79 -46.68 2.12
C GLY E 116 6.64 -45.48 2.47
N TYR E 117 6.63 -45.03 3.72
CA TYR E 117 7.41 -43.88 4.15
C TYR E 117 8.41 -44.29 5.22
N VAL E 118 9.34 -43.38 5.50
CA VAL E 118 10.39 -43.63 6.49
C VAL E 118 9.78 -43.81 7.88
N GLY E 119 8.71 -43.07 8.18
CA GLY E 119 8.08 -43.16 9.48
C GLY E 119 7.64 -44.56 9.86
N GLU E 120 7.20 -44.73 11.12
CA GLU E 120 6.76 -46.02 11.58
C GLU E 120 5.44 -46.42 10.93
N ASP E 121 5.23 -47.73 10.81
CA ASP E 121 4.02 -48.28 10.20
C ASP E 121 3.01 -48.69 11.28
N VAL E 122 1.75 -48.77 10.87
CA VAL E 122 0.70 -49.16 11.79
C VAL E 122 0.87 -50.60 12.24
N GLU E 123 1.36 -51.48 11.35
CA GLU E 123 1.54 -52.88 11.71
C GLU E 123 2.57 -53.08 12.81
N ASN E 124 3.43 -52.09 13.05
CA ASN E 124 4.43 -52.22 14.11
C ASN E 124 3.78 -52.34 15.47
N ILE E 125 2.56 -51.83 15.62
CA ILE E 125 1.86 -51.91 16.90
C ILE E 125 1.65 -53.37 17.29
N ILE E 126 1.22 -54.20 16.33
CA ILE E 126 1.00 -55.61 16.62
C ILE E 126 2.32 -56.31 16.93
N GLN E 127 3.42 -55.83 16.35
CA GLN E 127 4.73 -56.46 16.61
C GLN E 127 5.04 -56.42 18.10
N LYS E 128 4.78 -55.28 18.76
CA LYS E 128 5.04 -55.19 20.19
C LYS E 128 4.17 -56.16 20.96
N LEU E 129 2.93 -56.37 20.51
CA LEU E 129 2.02 -57.28 21.19
C LEU E 129 2.54 -58.71 21.17
N LEU E 130 3.14 -59.13 20.05
CA LEU E 130 3.66 -60.49 19.96
C LEU E 130 4.71 -60.74 21.03
N GLN E 131 5.55 -59.74 21.31
CA GLN E 131 6.58 -59.91 22.33
C GLN E 131 5.97 -60.20 23.69
N LYS E 132 4.89 -59.49 24.03
CA LYS E 132 4.23 -59.70 25.31
C LYS E 132 3.54 -61.06 25.37
N SER E 133 3.14 -61.59 24.22
CA SER E 133 2.46 -62.88 24.14
C SER E 133 3.41 -64.03 23.82
N ASP E 134 4.72 -63.83 24.00
CA ASP E 134 5.71 -64.87 23.71
C ASP E 134 5.66 -65.28 22.24
N TYR E 135 5.41 -64.31 21.37
CA TYR E 135 5.33 -64.55 19.92
C TYR E 135 4.30 -65.63 19.60
N ASP E 136 3.18 -65.60 20.31
CA ASP E 136 2.09 -66.55 20.12
C ASP E 136 0.95 -65.83 19.40
N VAL E 137 0.66 -66.28 18.17
CA VAL E 137 -0.41 -65.64 17.40
C VAL E 137 -1.76 -65.87 18.06
N GLN E 138 -1.99 -67.06 18.61
CA GLN E 138 -3.27 -67.35 19.26
C GLN E 138 -3.51 -66.39 20.42
N LYS E 139 -2.48 -66.15 21.24
CA LYS E 139 -2.63 -65.24 22.36
C LYS E 139 -2.66 -63.79 21.90
N ALA E 140 -1.95 -63.47 20.81
CA ALA E 140 -1.91 -62.10 20.31
C ALA E 140 -3.21 -61.68 19.63
N GLN E 141 -3.99 -62.64 19.13
CA GLN E 141 -5.25 -62.33 18.46
C GLN E 141 -6.38 -62.05 19.43
N ARG E 142 -6.10 -62.03 20.73
CA ARG E 142 -7.12 -61.75 21.73
C ARG E 142 -6.59 -60.80 22.80
N GLY E 143 -5.63 -59.94 22.45
CA GLY E 143 -5.04 -59.00 23.37
C GLY E 143 -5.73 -57.64 23.33
N ILE E 144 -5.10 -56.68 24.01
CA ILE E 144 -5.60 -55.32 24.08
C ILE E 144 -4.50 -54.37 23.64
N VAL E 145 -4.90 -53.23 23.10
CA VAL E 145 -3.96 -52.21 22.62
C VAL E 145 -4.49 -50.85 23.03
N TYR E 146 -3.58 -49.97 23.45
CA TYR E 146 -3.92 -48.61 23.89
C TYR E 146 -3.11 -47.61 23.07
N ILE E 147 -3.73 -47.06 22.03
CA ILE E 147 -3.06 -46.06 21.21
C ILE E 147 -3.04 -44.73 21.96
N ASP E 148 -1.91 -44.03 21.87
CA ASP E 148 -1.74 -42.76 22.57
C ASP E 148 -1.49 -41.64 21.56
N GLU E 149 -1.74 -40.41 22.00
CA GLU E 149 -1.55 -39.22 21.18
C GLU E 149 -2.36 -39.31 19.89
N ILE E 150 -3.55 -39.91 19.98
CA ILE E 150 -4.41 -40.05 18.81
C ILE E 150 -4.90 -38.69 18.31
N ASP E 151 -4.81 -37.66 19.15
CA ASP E 151 -5.25 -36.33 18.74
C ASP E 151 -4.24 -35.62 17.84
N LYS E 152 -3.03 -36.15 17.72
CA LYS E 152 -2.01 -35.53 16.88
C LYS E 152 -2.13 -35.91 15.41
N ILE E 153 -2.76 -37.05 15.10
CA ILE E 153 -2.94 -37.45 13.70
C ILE E 153 -4.11 -36.74 13.05
N SER E 154 -4.86 -35.95 13.81
CA SER E 154 -5.99 -35.22 13.24
C SER E 154 -5.50 -34.25 12.18
N ARG E 155 -6.31 -34.08 11.13
CA ARG E 155 -5.95 -33.17 10.04
C ARG E 155 -5.61 -31.80 10.60
N LYS E 156 -4.46 -31.27 10.18
CA LYS E 156 -3.98 -29.97 10.65
C LYS E 156 -4.55 -28.87 9.75
N SER E 157 -5.84 -28.61 9.94
CA SER E 157 -6.55 -27.57 9.18
C SER E 157 -6.27 -27.70 7.68
N ASP E 158 -6.31 -28.93 7.18
CA ASP E 158 -6.06 -29.22 5.77
C ASP E 158 -7.15 -30.12 5.21
N ASN E 159 -8.40 -29.80 5.52
CA ASN E 159 -9.51 -30.59 5.01
C ASN E 159 -9.49 -30.72 3.49
N PRO E 160 -9.17 -29.68 2.72
CA PRO E 160 -9.11 -29.85 1.26
C PRO E 160 -8.14 -30.93 0.83
N SER E 161 -7.17 -31.28 1.69
CA SER E 161 -6.18 -32.31 1.40
C SER E 161 -5.23 -31.88 0.29
N ILE E 162 -4.69 -30.66 0.41
CA ILE E 162 -3.74 -30.17 -0.59
C ILE E 162 -2.60 -31.17 -0.75
N THR E 163 -2.11 -31.71 0.36
CA THR E 163 -1.05 -32.70 0.36
C THR E 163 -1.51 -33.86 1.25
N ARG E 164 -1.05 -35.06 0.93
CA ARG E 164 -1.43 -36.24 1.69
C ARG E 164 -0.78 -36.17 3.07
N ASP E 165 -1.62 -36.15 4.11
CA ASP E 165 -1.15 -36.09 5.50
C ASP E 165 -0.75 -37.50 5.94
N VAL E 166 0.46 -37.92 5.51
CA VAL E 166 0.94 -39.24 5.90
C VAL E 166 1.01 -39.36 7.42
N SER E 167 1.44 -38.29 8.10
CA SER E 167 1.50 -38.32 9.56
C SER E 167 0.14 -38.03 10.19
N GLY E 168 -0.82 -37.54 9.41
CA GLY E 168 -2.15 -37.23 9.92
C GLY E 168 -3.22 -38.13 9.36
N GLU E 169 -3.97 -37.62 8.38
CA GLU E 169 -5.04 -38.39 7.77
C GLU E 169 -4.57 -39.74 7.26
N GLY E 170 -3.32 -39.83 6.79
CA GLY E 170 -2.81 -41.09 6.29
C GLY E 170 -2.78 -42.17 7.35
N VAL E 171 -2.51 -41.81 8.60
CA VAL E 171 -2.48 -42.79 9.67
C VAL E 171 -3.89 -43.32 9.96
N GLN E 172 -4.88 -42.42 9.94
CA GLN E 172 -6.25 -42.83 10.20
C GLN E 172 -6.74 -43.82 9.14
N GLN E 173 -6.41 -43.56 7.87
CA GLN E 173 -6.85 -44.44 6.80
C GLN E 173 -6.30 -45.86 6.98
N ALA E 174 -5.03 -45.97 7.36
CA ALA E 174 -4.43 -47.29 7.55
C ALA E 174 -5.02 -48.02 8.76
N LEU E 175 -5.44 -47.27 9.78
CA LEU E 175 -6.00 -47.87 10.99
C LEU E 175 -7.46 -48.28 10.83
N LEU E 176 -8.14 -47.83 9.77
CA LEU E 176 -9.56 -48.18 9.59
C LEU E 176 -9.76 -49.69 9.60
N LYS E 177 -8.97 -50.41 8.80
CA LYS E 177 -9.10 -51.86 8.75
C LYS E 177 -8.53 -52.53 10.00
N LEU E 178 -7.63 -51.87 10.71
CA LEU E 178 -7.04 -52.47 11.90
C LEU E 178 -8.03 -52.53 13.06
N ILE E 179 -8.75 -51.43 13.30
CA ILE E 179 -9.71 -51.40 14.41
C ILE E 179 -10.86 -52.36 14.13
N GLU E 180 -11.44 -52.27 12.92
CA GLU E 180 -12.55 -53.15 12.58
C GLU E 180 -12.12 -54.61 12.57
N GLY E 181 -10.92 -54.89 12.06
CA GLY E 181 -10.41 -56.24 11.99
C GLY E 181 -9.92 -56.58 10.61
N THR E 182 -8.65 -56.99 10.51
CA THR E 182 -8.05 -57.34 9.24
C THR E 182 -6.79 -58.14 9.50
N VAL E 183 -6.51 -59.12 8.64
CA VAL E 183 -5.32 -59.94 8.79
C VAL E 183 -4.12 -59.10 8.35
N ALA E 184 -3.37 -58.60 9.32
CA ALA E 184 -2.19 -57.79 9.05
C ALA E 184 -0.95 -58.66 8.95
N ALA E 185 0.01 -58.20 8.13
CA ALA E 185 1.27 -58.90 7.92
C ALA E 185 2.33 -58.23 8.78
N VAL E 186 2.65 -58.84 9.92
CA VAL E 186 3.65 -58.29 10.83
C VAL E 186 5.00 -58.93 10.51
N PRO E 187 6.11 -58.20 10.66
CA PRO E 187 7.42 -58.78 10.38
C PRO E 187 7.68 -59.99 11.27
N PRO E 188 8.46 -60.97 10.80
CA PRO E 188 8.73 -62.14 11.64
C PRO E 188 9.29 -61.78 13.00
N GLN E 189 10.16 -60.78 13.07
CA GLN E 189 10.74 -60.35 14.35
C GLN E 189 11.24 -58.93 14.19
N GLY E 190 11.42 -58.25 15.32
CA GLY E 190 11.88 -56.88 15.32
C GLY E 190 11.88 -56.26 16.71
N GLN E 196 10.50 -60.00 6.86
CA GLN E 196 9.71 -59.79 5.65
C GLN E 196 9.66 -61.05 4.80
N GLN E 197 10.45 -62.05 5.18
CA GLN E 197 10.47 -63.30 4.42
C GLN E 197 9.21 -64.11 4.67
N GLU E 198 8.69 -64.09 5.90
CA GLU E 198 7.49 -64.83 6.26
C GLU E 198 6.25 -63.96 6.36
N PHE E 199 6.38 -62.74 6.90
CA PHE E 199 5.25 -61.83 7.06
C PHE E 199 4.11 -62.52 7.82
N LEU E 200 4.38 -62.84 9.09
CA LEU E 200 3.40 -63.50 9.94
C LEU E 200 2.06 -62.78 9.83
N GLN E 201 0.99 -63.57 9.73
CA GLN E 201 -0.37 -63.06 9.59
C GLN E 201 -1.06 -63.12 10.95
N VAL E 202 -1.43 -61.94 11.46
CA VAL E 202 -2.11 -61.81 12.75
C VAL E 202 -3.47 -61.18 12.49
N ASP E 203 -4.53 -61.83 12.96
CA ASP E 203 -5.89 -61.33 12.80
C ASP E 203 -6.21 -60.39 13.94
N THR E 204 -6.64 -59.16 13.61
CA THR E 204 -6.99 -58.15 14.60
C THR E 204 -8.51 -57.97 14.73
N SER E 205 -9.28 -59.02 14.46
CA SER E 205 -10.73 -58.92 14.55
C SER E 205 -11.21 -58.96 16.00
N LYS E 206 -10.50 -59.65 16.88
CA LYS E 206 -10.87 -59.77 18.28
C LYS E 206 -9.95 -58.99 19.21
N ILE E 207 -9.17 -58.05 18.69
CA ILE E 207 -8.24 -57.25 19.49
C ILE E 207 -8.88 -55.89 19.76
N LEU E 208 -8.95 -55.51 21.03
CA LEU E 208 -9.51 -54.24 21.43
C LEU E 208 -8.46 -53.15 21.28
N PHE E 209 -8.88 -51.99 20.78
CA PHE E 209 -7.99 -50.86 20.54
C PHE E 209 -8.53 -49.64 21.27
N ILE E 210 -7.80 -49.18 22.28
CA ILE E 210 -8.17 -47.99 23.04
C ILE E 210 -7.34 -46.83 22.53
N CYS E 211 -7.98 -45.68 22.34
CA CYS E 211 -7.31 -44.48 21.83
C CYS E 211 -7.41 -43.38 22.87
N GLY E 212 -6.26 -42.82 23.23
CA GLY E 212 -6.20 -41.74 24.20
C GLY E 212 -5.55 -40.50 23.64
N GLY E 213 -6.16 -39.34 23.84
CA GLY E 213 -5.63 -38.09 23.33
C GLY E 213 -6.11 -36.92 24.15
N ALA E 214 -5.47 -35.77 23.93
CA ALA E 214 -5.82 -34.55 24.63
C ALA E 214 -6.84 -33.71 23.89
N PHE E 215 -6.86 -33.77 22.56
CA PHE E 215 -7.81 -33.01 21.75
C PHE E 215 -7.86 -31.55 22.19
N ALA E 216 -6.70 -30.91 22.17
CA ALA E 216 -6.61 -29.51 22.56
C ALA E 216 -7.37 -28.64 21.56
N GLY E 217 -8.37 -27.93 22.07
CA GLY E 217 -9.21 -27.07 21.25
C GLY E 217 -10.56 -27.66 20.92
N LEU E 218 -10.76 -28.96 21.16
CA LEU E 218 -12.03 -29.58 20.86
C LEU E 218 -13.16 -28.93 21.64
N ASP E 219 -12.87 -28.33 22.79
CA ASP E 219 -13.90 -27.68 23.59
C ASP E 219 -14.55 -26.55 22.79
N LYS E 220 -13.76 -25.82 22.01
CA LYS E 220 -14.32 -24.73 21.21
C LYS E 220 -15.32 -25.27 20.21
N VAL E 221 -15.00 -26.39 19.56
CA VAL E 221 -15.91 -26.98 18.58
C VAL E 221 -17.23 -27.36 19.25
N ILE E 222 -17.15 -28.02 20.40
CA ILE E 222 -18.36 -28.41 21.12
C ILE E 222 -19.12 -27.17 21.59
N SER E 223 -18.38 -26.21 22.15
CA SER E 223 -19.02 -24.99 22.64
C SER E 223 -19.68 -24.23 21.49
N HIS E 224 -18.99 -24.12 20.34
CA HIS E 224 -19.56 -23.39 19.21
C HIS E 224 -20.87 -24.01 18.76
N ARG E 225 -21.04 -25.32 18.92
CA ARG E 225 -22.26 -25.99 18.51
C ARG E 225 -23.35 -25.88 19.57
N VAL E 226 -23.06 -26.27 20.81
CA VAL E 226 -24.08 -26.23 21.86
C VAL E 226 -24.49 -24.80 22.17
N GLU E 227 -23.60 -23.83 21.97
CA GLU E 227 -23.95 -22.45 22.26
C GLU E 227 -25.09 -21.98 21.36
N THR E 228 -25.94 -21.13 21.93
CA THR E 228 -27.09 -20.59 21.21
C THR E 228 -26.63 -19.33 20.46
N GLY E 229 -27.59 -18.57 19.94
CA GLY E 229 -27.27 -17.34 19.23
C GLY E 229 -27.26 -17.52 17.72
N SER E 230 -28.28 -16.97 17.05
CA SER E 230 -28.38 -17.08 15.60
C SER E 230 -27.50 -16.05 14.90
N GLY E 231 -27.45 -14.84 15.41
CA GLY E 231 -26.64 -13.82 14.78
C GLY E 231 -26.62 -12.53 15.58
N ILE E 232 -26.19 -11.46 14.91
CA ILE E 232 -26.10 -10.14 15.51
C ILE E 232 -27.14 -9.23 14.87
N GLY E 233 -27.66 -8.30 15.67
CA GLY E 233 -28.66 -7.35 15.22
C GLY E 233 -29.86 -7.31 16.13
N PHE E 234 -30.71 -6.31 15.87
CA PHE E 234 -31.92 -6.14 16.68
C PHE E 234 -32.90 -7.29 16.47
N GLY E 235 -32.92 -7.87 15.28
CA GLY E 235 -33.80 -8.98 14.97
C GLY E 235 -33.19 -10.35 15.14
N ALA E 236 -32.02 -10.44 15.77
CA ALA E 236 -31.35 -11.70 15.99
C ALA E 236 -31.69 -12.24 17.37
N THR E 237 -31.16 -13.43 17.67
CA THR E 237 -31.38 -14.10 18.95
C THR E 237 -30.08 -14.08 19.75
N VAL E 238 -30.13 -13.55 20.96
CA VAL E 238 -28.96 -13.48 21.82
C VAL E 238 -28.83 -14.79 22.59
N LYS E 239 -27.59 -15.21 22.81
CA LYS E 239 -27.33 -16.45 23.55
C LYS E 239 -28.06 -16.44 24.88
N ALA E 240 -28.98 -17.39 25.05
CA ALA E 240 -29.75 -17.48 26.29
C ALA E 240 -28.83 -17.79 27.47
N LYS E 241 -28.65 -16.80 28.35
CA LYS E 241 -27.81 -16.94 29.54
C LYS E 241 -26.48 -17.60 29.21
N SER E 242 -25.70 -16.92 28.36
CA SER E 242 -24.40 -17.43 27.96
C SER E 242 -23.55 -17.70 29.21
N ASP E 243 -23.24 -18.97 29.43
CA ASP E 243 -22.46 -19.40 30.58
C ASP E 243 -21.15 -20.04 30.10
N LYS E 244 -20.24 -20.28 31.05
CA LYS E 244 -18.95 -20.88 30.77
C LYS E 244 -18.88 -22.23 31.48
N ALA E 245 -18.34 -23.23 30.78
CA ALA E 245 -18.21 -24.57 31.32
C ALA E 245 -16.77 -25.05 31.16
N SER E 246 -16.36 -25.93 32.07
CA SER E 246 -15.01 -26.47 32.03
C SER E 246 -14.85 -27.40 30.83
N GLU E 247 -13.58 -27.63 30.46
CA GLU E 247 -13.31 -28.51 29.33
C GLU E 247 -13.96 -29.88 29.53
N GLY E 248 -13.94 -30.39 30.77
CA GLY E 248 -14.56 -31.67 31.03
C GLY E 248 -16.07 -31.64 30.86
N GLU E 249 -16.72 -30.56 31.31
CA GLU E 249 -18.17 -30.46 31.17
C GLU E 249 -18.57 -30.42 29.70
N LEU E 250 -17.83 -29.68 28.88
CA LEU E 250 -18.14 -29.61 27.46
C LEU E 250 -17.78 -30.88 26.71
N LEU E 251 -16.76 -31.61 27.18
CA LEU E 251 -16.37 -32.85 26.52
C LEU E 251 -17.40 -33.96 26.73
N ALA E 252 -18.08 -33.95 27.88
CA ALA E 252 -19.09 -34.97 28.14
C ALA E 252 -20.22 -34.91 27.11
N GLN E 253 -20.45 -33.74 26.53
CA GLN E 253 -21.49 -33.55 25.52
C GLN E 253 -20.95 -33.70 24.11
N VAL E 254 -19.70 -34.13 23.96
CA VAL E 254 -19.11 -34.27 22.63
C VAL E 254 -19.92 -35.28 21.81
N GLU E 255 -19.91 -35.09 20.50
CA GLU E 255 -20.60 -35.93 19.54
C GLU E 255 -19.66 -36.21 18.37
N PRO E 256 -19.95 -37.26 17.60
CA PRO E 256 -19.07 -37.57 16.45
C PRO E 256 -18.86 -36.40 15.52
N GLU E 257 -19.89 -35.58 15.30
CA GLU E 257 -19.75 -34.43 14.42
C GLU E 257 -18.68 -33.48 14.91
N ASP E 258 -18.61 -33.29 16.23
CA ASP E 258 -17.59 -32.39 16.79
C ASP E 258 -16.19 -32.89 16.47
N LEU E 259 -15.97 -34.20 16.60
CA LEU E 259 -14.66 -34.76 16.32
C LEU E 259 -14.29 -34.59 14.84
N ILE E 260 -15.28 -34.70 13.95
CA ILE E 260 -15.00 -34.55 12.52
C ILE E 260 -14.45 -33.17 12.23
N LYS E 261 -15.05 -32.13 12.82
CA LYS E 261 -14.57 -30.77 12.58
C LYS E 261 -13.16 -30.57 13.14
N PHE E 262 -12.75 -31.38 14.12
CA PHE E 262 -11.42 -31.26 14.69
C PHE E 262 -10.33 -31.78 13.76
N GLY E 263 -10.71 -32.52 12.72
CA GLY E 263 -9.76 -33.05 11.77
C GLY E 263 -9.69 -34.57 11.79
N LEU E 264 -10.78 -35.22 12.18
CA LEU E 264 -10.86 -36.67 12.25
C LEU E 264 -11.77 -37.19 11.14
N ILE E 265 -11.35 -38.30 10.54
CA ILE E 265 -12.13 -38.91 9.46
C ILE E 265 -13.37 -39.58 10.07
N PRO E 266 -14.56 -39.36 9.50
CA PRO E 266 -15.75 -40.00 10.07
C PRO E 266 -15.64 -41.52 10.14
N GLU E 267 -14.93 -42.13 9.18
CA GLU E 267 -14.77 -43.58 9.18
C GLU E 267 -13.97 -44.04 10.39
N PHE E 268 -12.92 -43.30 10.76
CA PHE E 268 -12.10 -43.71 11.90
C PHE E 268 -12.88 -43.63 13.21
N ILE E 269 -13.56 -42.50 13.45
CA ILE E 269 -14.32 -42.37 14.69
C ILE E 269 -15.42 -43.41 14.75
N GLY E 270 -15.93 -43.85 13.60
CA GLY E 270 -16.98 -44.86 13.59
C GLY E 270 -16.53 -46.16 14.24
N ARG E 271 -15.25 -46.50 14.08
CA ARG E 271 -14.72 -47.72 14.68
C ARG E 271 -14.71 -47.65 16.20
N LEU E 272 -14.86 -46.45 16.77
CA LEU E 272 -14.87 -46.24 18.22
C LEU E 272 -16.27 -45.77 18.63
N PRO E 273 -17.17 -46.69 19.00
CA PRO E 273 -18.53 -46.25 19.35
C PRO E 273 -18.62 -45.56 20.70
N VAL E 274 -17.95 -46.09 21.73
CA VAL E 274 -18.01 -45.53 23.08
C VAL E 274 -16.91 -44.51 23.24
N VAL E 275 -17.26 -43.36 23.81
CA VAL E 275 -16.33 -42.26 24.06
C VAL E 275 -16.40 -41.91 25.54
N ALA E 276 -15.26 -41.97 26.22
CA ALA E 276 -15.16 -41.65 27.63
C ALA E 276 -14.39 -40.35 27.80
N THR E 277 -14.86 -39.51 28.72
CA THR E 277 -14.26 -38.22 28.99
C THR E 277 -13.76 -38.13 30.42
N LEU E 278 -12.66 -37.40 30.59
CA LEU E 278 -12.03 -37.18 31.88
C LEU E 278 -12.22 -35.72 32.29
N ASN E 279 -12.05 -35.46 33.58
CA ASN E 279 -12.22 -34.12 34.13
C ASN E 279 -10.88 -33.61 34.66
N GLU E 280 -10.70 -32.29 34.56
CA GLU E 280 -9.47 -31.67 35.02
C GLU E 280 -9.33 -31.82 36.54
N LEU E 281 -8.10 -31.97 36.98
CA LEU E 281 -7.82 -32.14 38.41
C LEU E 281 -7.84 -30.79 39.11
N SER E 282 -8.43 -30.77 40.30
CA SER E 282 -8.55 -29.58 41.13
C SER E 282 -7.65 -29.72 42.36
N GLU E 283 -7.60 -28.64 43.14
CA GLU E 283 -6.78 -28.64 44.35
C GLU E 283 -7.12 -29.84 45.23
N GLU E 284 -8.42 -30.11 45.40
CA GLU E 284 -8.83 -31.26 46.21
C GLU E 284 -8.35 -32.56 45.60
N ALA E 285 -8.46 -32.71 44.28
CA ALA E 285 -8.01 -33.93 43.62
C ALA E 285 -6.52 -34.12 43.80
N LEU E 286 -5.75 -33.04 43.65
CA LEU E 286 -4.30 -33.14 43.81
C LEU E 286 -3.93 -33.59 45.23
N ILE E 287 -4.64 -33.07 46.24
CA ILE E 287 -4.35 -33.46 47.61
C ILE E 287 -4.58 -34.95 47.79
N GLN E 288 -5.68 -35.47 47.26
CA GLN E 288 -5.97 -36.89 47.37
C GLN E 288 -4.93 -37.72 46.63
N ILE E 289 -4.56 -37.29 45.41
CA ILE E 289 -3.57 -38.01 44.64
C ILE E 289 -2.21 -38.02 45.31
N LEU E 290 -1.95 -37.07 46.21
CA LEU E 290 -0.65 -37.01 46.87
C LEU E 290 -0.46 -38.13 47.90
N LYS E 291 -1.55 -38.66 48.47
CA LYS E 291 -1.46 -39.71 49.48
C LYS E 291 -2.29 -40.94 49.16
N GLU E 292 -3.48 -40.78 48.58
CA GLU E 292 -4.37 -41.92 48.29
C GLU E 292 -3.73 -42.99 47.40
N PRO E 293 -3.12 -42.63 46.27
CA PRO E 293 -2.55 -43.66 45.40
C PRO E 293 -1.49 -44.49 46.12
N LYS E 294 -1.47 -45.79 45.82
CA LYS E 294 -0.47 -46.67 46.43
C LYS E 294 0.94 -46.25 46.06
N ASN E 295 1.12 -45.69 44.87
CA ASN E 295 2.41 -45.20 44.39
C ASN E 295 2.44 -43.67 44.39
N ALA E 296 1.76 -43.07 45.35
CA ALA E 296 1.69 -41.61 45.44
C ALA E 296 3.08 -41.01 45.61
N LEU E 297 3.19 -39.73 45.23
CA LEU E 297 4.48 -39.03 45.35
C LEU E 297 4.96 -39.01 46.78
N THR E 298 4.07 -38.72 47.73
CA THR E 298 4.47 -38.67 49.13
C THR E 298 4.97 -40.03 49.60
N LYS E 299 4.27 -41.11 49.24
CA LYS E 299 4.70 -42.44 49.65
C LYS E 299 6.05 -42.80 49.06
N GLN E 300 6.30 -42.40 47.81
CA GLN E 300 7.58 -42.70 47.19
C GLN E 300 8.73 -42.07 47.96
N TYR E 301 8.58 -40.83 48.40
CA TYR E 301 9.64 -40.18 49.15
C TYR E 301 9.77 -40.81 50.54
N GLN E 302 8.66 -41.24 51.13
CA GLN E 302 8.72 -41.88 52.44
C GLN E 302 9.62 -43.10 52.39
N ALA E 303 9.44 -43.93 51.36
CA ALA E 303 10.28 -45.11 51.21
C ALA E 303 11.73 -44.72 50.99
N LEU E 304 11.97 -43.66 50.21
CA LEU E 304 13.33 -43.20 49.97
C LEU E 304 14.01 -42.85 51.29
N PHE E 305 13.31 -42.15 52.18
CA PHE E 305 13.86 -41.82 53.48
C PHE E 305 13.94 -43.04 54.38
N ASN E 306 13.07 -44.03 54.18
CA ASN E 306 13.11 -45.23 55.01
C ASN E 306 14.41 -46.00 54.79
N LEU E 307 14.97 -45.94 53.58
CA LEU E 307 16.23 -46.62 53.31
C LEU E 307 17.32 -46.10 54.23
N GLU E 308 17.34 -44.78 54.45
CA GLU E 308 18.33 -44.19 55.34
C GLU E 308 18.00 -44.48 56.81
N GLY E 309 16.73 -44.75 57.11
CA GLY E 309 16.28 -45.04 58.46
C GLY E 309 15.28 -44.03 58.99
N VAL E 310 15.34 -42.79 58.51
CA VAL E 310 14.44 -41.75 58.98
C VAL E 310 13.06 -41.95 58.36
N ASP E 311 12.02 -41.65 59.15
CA ASP E 311 10.64 -41.76 58.71
C ASP E 311 10.14 -40.37 58.33
N LEU E 312 9.65 -40.24 57.09
CA LEU E 312 9.17 -38.96 56.59
C LEU E 312 7.66 -38.87 56.73
N GLU E 313 7.19 -37.71 57.17
CA GLU E 313 5.77 -37.45 57.36
C GLU E 313 5.39 -36.15 56.66
N PHE E 314 4.22 -36.16 56.01
CA PHE E 314 3.70 -35.01 55.28
C PHE E 314 2.45 -34.51 55.99
N ARG E 315 2.48 -33.27 56.44
CA ARG E 315 1.33 -32.69 57.11
C ARG E 315 0.20 -32.41 56.11
N ASP E 316 -1.03 -32.42 56.62
CA ASP E 316 -2.17 -32.16 55.76
C ASP E 316 -2.09 -30.77 55.14
N GLU E 317 -1.73 -29.76 55.95
CA GLU E 317 -1.62 -28.41 55.43
C GLU E 317 -0.52 -28.31 54.38
N ALA E 318 0.56 -29.08 54.53
CA ALA E 318 1.64 -29.04 53.54
C ALA E 318 1.14 -29.47 52.18
N LEU E 319 0.42 -30.60 52.12
CA LEU E 319 -0.11 -31.08 50.86
C LEU E 319 -1.09 -30.07 50.26
N ASP E 320 -1.87 -29.41 51.11
CA ASP E 320 -2.83 -28.42 50.62
C ASP E 320 -2.11 -27.29 49.90
N ALA E 321 -1.00 -26.81 50.46
CA ALA E 321 -0.24 -25.74 49.81
C ALA E 321 0.41 -26.23 48.53
N ILE E 322 0.82 -27.51 48.51
CA ILE E 322 1.45 -28.07 47.32
C ILE E 322 0.50 -28.00 46.13
N ALA E 323 -0.77 -28.36 46.36
CA ALA E 323 -1.76 -28.32 45.29
C ALA E 323 -1.95 -26.90 44.78
N LYS E 324 -2.00 -25.93 45.70
CA LYS E 324 -2.19 -24.54 45.29
C LYS E 324 -1.04 -24.06 44.40
N LYS E 325 0.19 -24.46 44.72
CA LYS E 325 1.33 -24.03 43.91
C LYS E 325 1.27 -24.68 42.53
N ALA E 326 0.98 -25.98 42.47
CA ALA E 326 0.91 -26.66 41.19
C ALA E 326 -0.19 -26.06 40.31
N MET E 327 -1.35 -25.77 40.90
CA MET E 327 -2.44 -25.18 40.13
C MET E 327 -2.06 -23.80 39.61
N ALA E 328 -1.36 -23.00 40.42
CA ALA E 328 -0.96 -21.67 39.98
C ALA E 328 0.02 -21.74 38.82
N ARG E 329 0.94 -22.69 38.86
CA ARG E 329 1.93 -22.85 37.80
C ARG E 329 1.40 -23.61 36.60
N LYS E 330 0.19 -24.17 36.68
CA LYS E 330 -0.42 -24.93 35.60
C LYS E 330 0.30 -26.24 35.33
N THR E 331 1.22 -26.64 36.21
CA THR E 331 1.96 -27.88 36.01
C THR E 331 1.13 -29.12 36.30
N GLY E 332 0.08 -29.01 37.10
CA GLY E 332 -0.74 -30.17 37.40
C GLY E 332 -0.05 -31.16 38.31
N ALA E 333 -0.40 -32.43 38.13
CA ALA E 333 0.16 -33.50 38.95
C ALA E 333 1.68 -33.59 38.80
N ARG E 334 2.16 -33.48 37.55
CA ARG E 334 3.61 -33.59 37.28
C ARG E 334 4.36 -32.52 38.08
N GLY E 335 3.75 -31.34 38.31
CA GLY E 335 4.41 -30.30 39.07
C GLY E 335 4.65 -30.67 40.52
N LEU E 336 3.84 -31.57 41.06
CA LEU E 336 4.00 -32.00 42.44
C LEU E 336 5.41 -32.52 42.70
N ARG E 337 5.90 -33.34 41.77
CA ARG E 337 7.25 -33.94 41.91
C ARG E 337 8.31 -32.83 41.91
N SER E 338 8.18 -31.81 41.06
CA SER E 338 9.15 -30.71 41.01
C SER E 338 9.10 -29.88 42.27
N ILE E 339 7.89 -29.58 42.77
CA ILE E 339 7.76 -28.77 43.97
C ILE E 339 8.40 -29.47 45.16
N VAL E 340 8.13 -30.76 45.33
CA VAL E 340 8.69 -31.50 46.45
C VAL E 340 10.20 -31.63 46.31
N GLU E 341 10.68 -31.84 45.09
CA GLU E 341 12.13 -31.99 44.88
C GLU E 341 12.89 -30.75 45.37
N ALA E 342 12.41 -29.57 45.00
CA ALA E 342 13.08 -28.35 45.42
C ALA E 342 12.96 -28.13 46.92
N ALA E 343 11.79 -28.43 47.50
CA ALA E 343 11.59 -28.24 48.92
C ALA E 343 12.36 -29.23 49.78
N LEU E 344 12.66 -30.42 49.24
CA LEU E 344 13.39 -31.44 49.99
C LEU E 344 14.81 -31.65 49.49
N LEU E 345 15.28 -30.85 48.54
CA LEU E 345 16.64 -31.01 48.03
C LEU E 345 17.66 -30.87 49.16
N ASP E 346 17.58 -29.76 49.90
CA ASP E 346 18.52 -29.54 51.00
C ASP E 346 18.30 -30.54 52.13
N THR E 347 17.05 -30.95 52.34
CA THR E 347 16.75 -31.88 53.42
C THR E 347 17.49 -33.21 53.24
N MET E 348 17.48 -33.74 52.02
CA MET E 348 18.14 -35.01 51.74
C MET E 348 19.60 -34.85 51.33
N TYR E 349 20.11 -33.62 51.27
CA TYR E 349 21.49 -33.39 50.91
C TYR E 349 22.46 -33.61 52.07
N ASP E 350 21.96 -33.61 53.30
CA ASP E 350 22.76 -33.80 54.50
C ASP E 350 22.44 -35.10 55.22
N LEU E 351 21.19 -35.55 55.18
CA LEU E 351 20.78 -36.78 55.84
C LEU E 351 21.68 -37.97 55.55
N PRO E 352 22.06 -38.26 54.30
CA PRO E 352 22.95 -39.41 54.08
C PRO E 352 24.23 -39.34 54.89
N SER E 353 24.80 -38.14 55.03
CA SER E 353 26.02 -37.93 55.80
C SER E 353 25.76 -37.28 57.16
N MET E 354 24.51 -36.95 57.47
CA MET E 354 24.14 -36.32 58.73
C MET E 354 23.22 -37.30 59.46
N GLU E 355 23.79 -38.09 60.37
CA GLU E 355 23.07 -39.10 61.12
C GLU E 355 22.48 -38.50 62.39
N ASP E 356 21.95 -39.36 63.25
CA ASP E 356 21.34 -39.04 64.54
C ASP E 356 19.92 -38.53 64.38
N VAL E 357 19.41 -38.39 63.14
CA VAL E 357 18.05 -37.90 62.91
C VAL E 357 17.09 -39.09 62.95
N GLU E 358 15.88 -38.84 63.45
CA GLU E 358 14.85 -39.87 63.53
C GLU E 358 13.60 -39.52 62.75
N LYS E 359 13.23 -38.24 62.68
CA LYS E 359 12.04 -37.83 61.94
C LYS E 359 12.27 -36.45 61.34
N VAL E 360 11.59 -36.19 60.23
CA VAL E 360 11.68 -34.91 59.51
C VAL E 360 10.25 -34.47 59.22
N VAL E 361 9.72 -33.57 60.03
CA VAL E 361 8.37 -33.07 59.84
C VAL E 361 8.37 -31.99 58.78
N ILE E 362 7.34 -31.98 57.93
CA ILE E 362 7.20 -31.01 56.85
C ILE E 362 6.01 -30.11 57.18
N ASP E 363 6.21 -28.80 57.03
CA ASP E 363 5.19 -27.82 57.32
C ASP E 363 4.93 -26.97 56.07
N GLU E 364 3.77 -26.32 56.05
CA GLU E 364 3.41 -25.47 54.93
C GLU E 364 4.48 -24.43 54.64
N SER E 365 5.02 -23.83 55.70
CA SER E 365 6.06 -22.82 55.51
C SER E 365 7.28 -23.38 54.79
N VAL E 366 7.55 -24.68 54.95
CA VAL E 366 8.69 -25.29 54.30
C VAL E 366 8.56 -25.21 52.78
N ILE E 367 7.33 -25.35 52.27
CA ILE E 367 7.13 -25.28 50.82
C ILE E 367 7.51 -23.90 50.30
N ASP E 368 7.12 -22.85 51.01
CA ASP E 368 7.44 -21.50 50.60
C ASP E 368 8.93 -21.20 50.71
N GLY E 369 9.66 -21.97 51.51
CA GLY E 369 11.08 -21.76 51.70
C GLY E 369 11.46 -20.89 52.88
N GLN E 370 10.49 -20.22 53.50
CA GLN E 370 10.80 -19.37 54.65
C GLN E 370 11.36 -20.19 55.80
N SER E 371 10.77 -21.34 56.07
CA SER E 371 11.19 -22.21 57.16
C SER E 371 12.10 -23.30 56.62
N GLU E 372 12.49 -24.23 57.50
CA GLU E 372 13.35 -25.34 57.18
C GLU E 372 12.82 -26.60 57.86
N PRO E 373 13.21 -27.78 57.40
CA PRO E 373 12.71 -29.02 58.01
C PRO E 373 12.99 -29.04 59.51
N LEU E 374 11.99 -29.50 60.27
CA LEU E 374 12.11 -29.59 61.73
C LEU E 374 12.77 -30.91 62.08
N LEU E 375 14.10 -30.92 61.98
CA LEU E 375 14.86 -32.12 62.29
C LEU E 375 14.63 -32.56 63.73
N ILE E 376 14.43 -33.86 63.91
CA ILE E 376 14.19 -34.45 65.22
C ILE E 376 15.28 -35.48 65.49
N TYR E 377 15.73 -35.53 66.73
CA TYR E 377 16.78 -36.44 67.15
C TYR E 377 16.28 -37.33 68.28
N GLY E 378 16.65 -38.61 68.23
CA GLY E 378 16.24 -39.57 69.24
C GLY E 378 16.90 -40.92 69.06
N LEU F 28 26.27 -46.41 48.95
CA LEU F 28 26.83 -45.51 47.94
C LEU F 28 27.31 -44.20 48.58
N PRO F 29 28.19 -43.49 47.88
CA PRO F 29 28.71 -42.23 48.44
C PRO F 29 27.59 -41.22 48.67
N THR F 30 27.71 -40.48 49.77
CA THR F 30 26.72 -39.48 50.12
C THR F 30 26.84 -38.27 49.20
N PRO F 31 25.81 -37.42 49.15
CA PRO F 31 25.89 -36.23 48.28
C PRO F 31 27.15 -35.41 48.49
N HIS F 32 27.64 -35.32 49.73
CA HIS F 32 28.86 -34.58 49.99
C HIS F 32 30.03 -35.17 49.22
N GLU F 33 30.14 -36.49 49.22
CA GLU F 33 31.24 -37.13 48.50
C GLU F 33 31.16 -36.81 47.01
N ILE F 34 29.96 -36.87 46.44
CA ILE F 34 29.81 -36.54 45.01
C ILE F 34 30.18 -35.08 44.78
N ARG F 35 29.72 -34.19 45.66
CA ARG F 35 30.04 -32.77 45.51
C ARG F 35 31.54 -32.55 45.62
N ASN F 36 32.20 -33.25 46.54
CA ASN F 36 33.64 -33.12 46.69
C ASN F 36 34.34 -33.49 45.38
N HIS F 37 33.92 -34.60 44.77
CA HIS F 37 34.51 -35.01 43.51
C HIS F 37 34.25 -33.97 42.42
N LEU F 38 33.03 -33.41 42.40
CA LEU F 38 32.71 -32.39 41.41
C LEU F 38 33.58 -31.17 41.59
N ASP F 39 33.75 -30.72 42.84
CA ASP F 39 34.59 -29.55 43.10
C ASP F 39 36.02 -29.77 42.62
N ASP F 40 36.50 -31.01 42.71
CA ASP F 40 37.86 -31.30 42.26
C ASP F 40 38.02 -31.05 40.76
N TYR F 41 37.02 -31.46 39.97
CA TYR F 41 37.06 -31.29 38.53
C TYR F 41 36.16 -30.17 38.03
N VAL F 42 35.53 -29.42 38.92
CA VAL F 42 34.65 -28.33 38.53
C VAL F 42 34.81 -27.19 39.53
N ILE F 43 34.78 -25.96 39.02
CA ILE F 43 34.91 -24.76 39.82
C ILE F 43 33.64 -23.95 39.63
N GLY F 44 32.93 -23.68 40.73
CA GLY F 44 31.70 -22.93 40.67
C GLY F 44 30.48 -23.83 40.51
N GLN F 45 29.34 -23.18 40.31
CA GLN F 45 28.07 -23.88 40.14
C GLN F 45 27.77 -24.75 41.35
N GLU F 46 27.90 -24.14 42.53
CA GLU F 46 27.65 -24.87 43.78
C GLU F 46 26.20 -25.35 43.85
N GLN F 47 25.25 -24.48 43.47
CA GLN F 47 23.85 -24.87 43.52
C GLN F 47 23.57 -26.03 42.57
N ALA F 48 24.13 -25.97 41.36
CA ALA F 48 23.92 -27.06 40.40
C ALA F 48 24.53 -28.36 40.90
N LYS F 49 25.72 -28.30 41.48
CA LYS F 49 26.36 -29.52 41.98
C LYS F 49 25.52 -30.18 43.06
N LYS F 50 24.85 -29.39 43.90
CA LYS F 50 24.00 -29.98 44.94
C LYS F 50 22.83 -30.75 44.33
N VAL F 51 22.23 -30.20 43.28
CA VAL F 51 21.09 -30.86 42.64
C VAL F 51 21.51 -32.21 42.06
N LEU F 52 22.60 -32.21 41.29
CA LEU F 52 23.05 -33.47 40.69
C LEU F 52 23.52 -34.46 41.75
N ALA F 53 24.17 -33.98 42.80
CA ALA F 53 24.63 -34.90 43.85
C ALA F 53 23.44 -35.60 44.48
N VAL F 54 22.39 -34.85 44.80
CA VAL F 54 21.19 -35.44 45.39
C VAL F 54 20.44 -36.26 44.34
N ALA F 55 20.27 -35.70 43.14
CA ALA F 55 19.56 -36.39 42.07
C ALA F 55 20.17 -37.75 41.79
N VAL F 56 21.48 -37.79 41.53
CA VAL F 56 22.13 -39.07 41.25
C VAL F 56 22.00 -40.02 42.43
N TYR F 57 22.18 -39.49 43.65
CA TYR F 57 22.06 -40.33 44.83
C TYR F 57 20.69 -40.99 44.92
N ASN F 58 19.63 -40.20 44.67
CA ASN F 58 18.28 -40.74 44.73
C ASN F 58 18.00 -41.68 43.55
N HIS F 59 18.40 -41.26 42.35
CA HIS F 59 18.15 -42.10 41.17
C HIS F 59 18.78 -43.48 41.33
N TYR F 60 20.05 -43.54 41.73
CA TYR F 60 20.71 -44.82 41.90
C TYR F 60 20.18 -45.54 43.13
N LYS F 61 19.83 -44.80 44.19
CA LYS F 61 19.27 -45.43 45.37
C LYS F 61 17.96 -46.14 45.03
N ARG F 62 17.13 -45.50 44.20
CA ARG F 62 15.88 -46.13 43.79
C ARG F 62 16.14 -47.36 42.95
N LEU F 63 17.13 -47.29 42.05
CA LEU F 63 17.46 -48.43 41.20
C LEU F 63 17.93 -49.61 42.04
N ARG F 64 18.89 -49.37 42.93
CA ARG F 64 19.39 -50.45 43.78
C ARG F 64 18.29 -51.01 44.67
N ASN F 65 17.50 -50.13 45.27
CA ASN F 65 16.40 -50.54 46.14
C ASN F 65 15.09 -50.64 45.35
N GLY F 66 15.12 -51.49 44.32
CA GLY F 66 13.94 -51.66 43.49
C GLY F 66 12.76 -52.17 44.26
N ASP F 67 13.02 -53.04 45.25
CA ASP F 67 11.92 -53.57 46.06
C ASP F 67 11.21 -52.44 46.81
N THR F 68 11.96 -51.47 47.29
CA THR F 68 11.43 -50.31 48.03
C THR F 68 10.90 -50.70 49.40
N SER F 69 11.14 -51.92 49.85
CA SER F 69 10.67 -52.43 51.14
C SER F 69 9.15 -52.45 51.24
N ASN F 70 8.45 -52.26 50.13
CA ASN F 70 7.00 -52.25 50.10
C ASN F 70 6.56 -52.43 48.66
N GLY F 71 5.26 -52.29 48.40
CA GLY F 71 4.72 -52.41 47.06
C GLY F 71 4.81 -51.16 46.22
N VAL F 72 5.30 -50.06 46.79
CA VAL F 72 5.40 -48.80 46.05
C VAL F 72 6.41 -48.94 44.92
N GLU F 73 6.09 -48.30 43.80
CA GLU F 73 6.96 -48.29 42.61
C GLU F 73 7.54 -46.88 42.49
N LEU F 74 8.76 -46.71 42.99
CA LEU F 74 9.42 -45.42 42.97
C LEU F 74 9.55 -44.91 41.53
N GLY F 75 9.22 -43.64 41.34
CA GLY F 75 9.27 -43.01 40.03
C GLY F 75 10.53 -42.19 39.85
N LYS F 76 10.97 -42.06 38.60
CA LYS F 76 12.17 -41.29 38.28
C LYS F 76 11.91 -39.80 38.39
N SER F 77 13.01 -39.05 38.50
CA SER F 77 12.99 -37.58 38.59
C SER F 77 14.02 -37.08 37.58
N ASN F 78 13.57 -36.85 36.34
CA ASN F 78 14.47 -36.39 35.30
C ASN F 78 15.08 -35.05 35.69
N ILE F 79 16.29 -34.80 35.18
CA ILE F 79 17.03 -33.58 35.48
C ILE F 79 16.99 -32.65 34.27
N LEU F 80 17.03 -31.35 34.56
CA LEU F 80 17.01 -30.31 33.55
C LEU F 80 18.10 -29.29 33.89
N LEU F 81 19.00 -29.05 32.94
CA LEU F 81 20.10 -28.12 33.13
C LEU F 81 19.91 -26.91 32.23
N ILE F 82 20.06 -25.72 32.79
CA ILE F 82 19.91 -24.46 32.07
C ILE F 82 21.17 -23.64 32.30
N GLY F 83 21.87 -23.32 31.21
CA GLY F 83 23.08 -22.53 31.29
C GLY F 83 23.60 -22.14 29.92
N PRO F 84 24.37 -21.07 29.85
CA PRO F 84 24.91 -20.64 28.55
C PRO F 84 25.98 -21.58 28.05
N THR F 85 26.42 -21.34 26.82
CA THR F 85 27.44 -22.16 26.20
C THR F 85 28.73 -22.09 26.99
N GLY F 86 29.43 -23.23 27.06
CA GLY F 86 30.68 -23.30 27.80
C GLY F 86 30.51 -23.11 29.29
N SER F 87 29.41 -23.60 29.85
CA SER F 87 29.13 -23.50 31.27
C SER F 87 29.52 -24.75 32.04
N GLY F 88 30.14 -25.73 31.39
CA GLY F 88 30.54 -26.94 32.07
C GLY F 88 29.46 -27.98 32.22
N LYS F 89 28.38 -27.88 31.45
CA LYS F 89 27.31 -28.87 31.54
C LYS F 89 27.81 -30.24 31.11
N THR F 90 28.46 -30.31 29.94
CA THR F 90 28.99 -31.59 29.47
C THR F 90 30.02 -32.13 30.44
N LEU F 91 30.94 -31.28 30.90
CA LEU F 91 31.96 -31.72 31.84
C LEU F 91 31.33 -32.18 33.15
N LEU F 92 30.31 -31.45 33.62
CA LEU F 92 29.65 -31.83 34.87
C LEU F 92 29.00 -33.20 34.73
N ALA F 93 28.30 -33.45 33.62
CA ALA F 93 27.67 -34.75 33.42
C ALA F 93 28.72 -35.84 33.25
N GLU F 94 29.81 -35.53 32.54
CA GLU F 94 30.87 -36.52 32.34
C GLU F 94 31.46 -36.96 33.67
N THR F 95 31.58 -36.04 34.63
CA THR F 95 32.14 -36.40 35.93
C THR F 95 31.32 -37.47 36.62
N LEU F 96 29.99 -37.34 36.58
CA LEU F 96 29.13 -38.34 37.21
C LEU F 96 29.32 -39.71 36.56
N ALA F 97 29.32 -39.76 35.23
CA ALA F 97 29.52 -41.02 34.54
C ALA F 97 30.90 -41.60 34.81
N ARG F 98 31.93 -40.75 34.78
CA ARG F 98 33.28 -41.22 35.03
C ARG F 98 33.42 -41.73 36.46
N LEU F 99 32.77 -41.06 37.41
CA LEU F 99 32.84 -41.51 38.81
C LEU F 99 32.30 -42.91 38.96
N LEU F 100 31.18 -43.22 38.29
CA LEU F 100 30.57 -44.53 38.34
C LEU F 100 31.13 -45.41 37.22
N ASP F 101 30.70 -46.67 37.19
CA ASP F 101 31.12 -47.64 36.20
C ASP F 101 29.98 -47.98 35.23
N VAL F 102 29.22 -46.96 34.84
CA VAL F 102 28.09 -47.14 33.94
C VAL F 102 28.34 -46.42 32.61
N PRO F 103 27.63 -46.76 31.54
CA PRO F 103 27.85 -46.09 30.26
C PRO F 103 27.32 -44.65 30.28
N PHE F 104 27.72 -43.91 29.26
CA PHE F 104 27.30 -42.52 29.11
C PHE F 104 27.17 -42.22 27.63
N THR F 105 26.16 -41.43 27.27
CA THR F 105 25.93 -41.06 25.88
C THR F 105 25.48 -39.60 25.81
N MET F 106 25.72 -39.01 24.64
CA MET F 106 25.36 -37.62 24.38
C MET F 106 24.52 -37.57 23.10
N ALA F 107 23.79 -36.47 22.93
CA ALA F 107 22.95 -36.31 21.75
C ALA F 107 22.62 -34.83 21.58
N ASP F 108 21.96 -34.52 20.48
CA ASP F 108 21.56 -33.17 20.15
C ASP F 108 20.09 -33.17 19.75
N ALA F 109 19.39 -32.08 20.07
CA ALA F 109 17.98 -31.96 19.75
C ALA F 109 17.72 -31.44 18.35
N THR F 110 18.64 -30.64 17.80
CA THR F 110 18.44 -30.11 16.45
C THR F 110 18.45 -31.22 15.41
N THR F 111 19.23 -32.28 15.63
CA THR F 111 19.28 -33.38 14.68
C THR F 111 17.99 -34.18 14.69
N LEU F 112 17.41 -34.38 15.86
CA LEU F 112 16.17 -35.14 15.96
C LEU F 112 15.04 -34.40 15.28
N THR F 113 14.13 -35.16 14.65
CA THR F 113 12.99 -34.60 13.95
C THR F 113 11.79 -35.48 14.19
N GLU F 114 10.72 -35.25 13.44
CA GLU F 114 9.49 -36.02 13.56
C GLU F 114 9.58 -37.29 12.72
N ALA F 115 8.55 -38.13 12.86
CA ALA F 115 8.48 -39.38 12.12
C ALA F 115 7.93 -39.12 10.72
N GLY F 116 8.47 -39.83 9.74
CA GLY F 116 8.05 -39.66 8.37
C GLY F 116 8.72 -38.50 7.66
N TYR F 117 9.87 -38.05 8.13
CA TYR F 117 10.60 -36.94 7.53
C TYR F 117 12.03 -37.38 7.25
N VAL F 118 12.72 -36.57 6.45
CA VAL F 118 14.11 -36.87 6.10
C VAL F 118 14.99 -36.96 7.34
N GLY F 119 14.65 -36.20 8.38
CA GLY F 119 15.44 -36.22 9.60
C GLY F 119 15.26 -37.50 10.37
N GLU F 120 16.14 -37.68 11.37
CA GLU F 120 16.11 -38.87 12.20
C GLU F 120 15.04 -38.75 13.28
N ASP F 121 14.80 -39.85 13.97
CA ASP F 121 13.82 -39.94 15.04
C ASP F 121 14.52 -40.06 16.38
N VAL F 122 13.72 -39.93 17.45
CA VAL F 122 14.27 -40.03 18.80
C VAL F 122 14.81 -41.42 19.09
N GLU F 123 14.34 -42.44 18.37
CA GLU F 123 14.82 -43.80 18.61
C GLU F 123 16.33 -43.90 18.41
N ASN F 124 16.90 -43.06 17.55
CA ASN F 124 18.33 -43.09 17.31
C ASN F 124 19.12 -42.89 18.61
N ILE F 125 18.55 -42.15 19.57
CA ILE F 125 19.23 -41.93 20.83
C ILE F 125 19.46 -43.26 21.54
N ILE F 126 18.43 -44.11 21.58
CA ILE F 126 18.58 -45.41 22.23
C ILE F 126 19.55 -46.29 21.45
N GLN F 127 19.65 -46.09 20.14
CA GLN F 127 20.56 -46.89 19.33
C GLN F 127 22.00 -46.73 19.82
N LYS F 128 22.41 -45.50 20.13
CA LYS F 128 23.75 -45.25 20.62
C LYS F 128 23.94 -45.69 22.07
N LEU F 129 22.86 -45.84 22.83
CA LEU F 129 22.98 -46.25 24.22
C LEU F 129 23.32 -47.73 24.34
N LEU F 130 22.69 -48.57 23.52
CA LEU F 130 22.97 -50.00 23.58
C LEU F 130 24.40 -50.29 23.15
N GLN F 131 24.85 -49.68 22.06
CA GLN F 131 26.21 -49.89 21.59
C GLN F 131 27.22 -49.49 22.66
N LYS F 132 27.01 -48.32 23.28
CA LYS F 132 27.91 -47.86 24.33
C LYS F 132 27.86 -48.79 25.53
N SER F 133 26.70 -49.38 25.81
CA SER F 133 26.52 -50.28 26.94
C SER F 133 26.88 -51.72 26.61
N ASP F 134 27.41 -51.99 25.42
CA ASP F 134 27.79 -53.35 25.02
C ASP F 134 26.58 -54.27 24.93
N TYR F 135 25.41 -53.71 24.62
CA TYR F 135 24.18 -54.48 24.49
C TYR F 135 23.87 -55.24 25.79
N ASP F 136 24.12 -54.60 26.93
CA ASP F 136 23.87 -55.17 28.24
C ASP F 136 22.69 -54.43 28.85
N VAL F 137 21.57 -55.14 29.03
CA VAL F 137 20.38 -54.51 29.59
C VAL F 137 20.62 -54.03 31.01
N GLN F 138 21.25 -54.87 31.84
CA GLN F 138 21.52 -54.49 33.22
C GLN F 138 22.42 -53.27 33.28
N LYS F 139 23.55 -53.31 32.56
CA LYS F 139 24.47 -52.18 32.57
C LYS F 139 23.88 -50.97 31.85
N ALA F 140 22.97 -51.18 30.89
CA ALA F 140 22.38 -50.06 30.18
C ALA F 140 21.41 -49.29 31.06
N GLN F 141 20.61 -50.01 31.86
CA GLN F 141 19.63 -49.33 32.73
C GLN F 141 20.33 -48.41 33.72
N ARG F 142 21.43 -48.87 34.33
CA ARG F 142 22.14 -48.04 35.28
C ARG F 142 22.87 -46.88 34.62
N GLY F 143 22.97 -46.88 33.30
CA GLY F 143 23.64 -45.81 32.58
C GLY F 143 22.89 -44.49 32.59
N ILE F 144 23.51 -43.45 32.05
CA ILE F 144 22.92 -42.12 31.98
C ILE F 144 23.11 -41.59 30.56
N VAL F 145 22.21 -40.72 30.15
CA VAL F 145 22.23 -40.10 28.83
C VAL F 145 22.02 -38.60 28.99
N TYR F 146 22.74 -37.83 28.17
CA TYR F 146 22.67 -36.38 28.20
C TYR F 146 22.22 -35.84 26.85
N ILE F 147 21.48 -34.74 26.88
CA ILE F 147 20.96 -34.08 25.70
C ILE F 147 21.41 -32.61 25.73
N ASP F 148 21.85 -32.10 24.59
CA ASP F 148 22.32 -30.73 24.47
C ASP F 148 21.46 -29.98 23.46
N GLU F 149 21.47 -28.66 23.58
CA GLU F 149 20.67 -27.80 22.70
C GLU F 149 19.19 -28.16 22.77
N ILE F 150 18.70 -28.35 23.99
CA ILE F 150 17.29 -28.71 24.17
C ILE F 150 16.38 -27.65 23.55
N ASP F 151 16.83 -26.39 23.53
CA ASP F 151 16.06 -25.32 22.95
C ASP F 151 16.23 -25.35 21.43
N LYS F 152 15.76 -24.31 20.75
CA LYS F 152 15.80 -24.14 19.29
C LYS F 152 14.77 -25.03 18.61
N ILE F 153 14.00 -25.82 19.35
CA ILE F 153 12.99 -26.71 18.78
C ILE F 153 11.63 -26.42 19.42
N SER F 154 11.47 -25.22 19.98
CA SER F 154 10.24 -24.84 20.63
C SER F 154 9.15 -24.57 19.59
N ARG F 155 7.98 -24.13 20.09
CA ARG F 155 6.85 -23.82 19.22
C ARG F 155 7.25 -22.82 18.14
N LYS F 156 6.82 -23.11 16.91
CA LYS F 156 7.09 -22.25 15.75
C LYS F 156 8.46 -21.58 15.82
N GLY F 168 8.56 -28.65 14.48
CA GLY F 168 9.20 -28.19 15.70
C GLY F 168 8.60 -28.81 16.95
N GLU F 169 7.30 -28.57 17.15
CA GLU F 169 6.62 -29.14 18.31
C GLU F 169 6.55 -30.66 18.23
N GLY F 170 6.60 -31.21 17.01
CA GLY F 170 6.51 -32.65 16.85
C GLY F 170 7.65 -33.40 17.53
N VAL F 171 8.86 -32.85 17.45
CA VAL F 171 10.00 -33.52 18.07
C VAL F 171 9.77 -33.69 19.57
N GLN F 172 9.19 -32.67 20.21
CA GLN F 172 8.93 -32.77 21.64
C GLN F 172 7.96 -33.91 21.93
N GLN F 173 6.90 -34.03 21.11
CA GLN F 173 5.95 -35.11 21.31
C GLN F 173 6.61 -36.47 21.13
N ALA F 174 7.48 -36.60 20.12
CA ALA F 174 8.19 -37.85 19.92
C ALA F 174 9.10 -38.15 21.10
N LEU F 175 9.79 -37.12 21.61
CA LEU F 175 10.68 -37.30 22.75
C LEU F 175 9.90 -37.45 24.05
N LEU F 176 8.65 -36.97 24.10
CA LEU F 176 7.84 -37.11 25.30
C LEU F 176 7.53 -38.57 25.62
N LYS F 177 7.59 -39.46 24.63
CA LYS F 177 7.32 -40.87 24.89
C LYS F 177 8.50 -41.50 25.63
N LEU F 178 9.72 -41.28 25.13
CA LEU F 178 10.91 -41.84 25.78
C LEU F 178 10.88 -41.53 27.27
N ILE F 179 10.53 -40.31 27.62
CA ILE F 179 10.43 -39.93 29.02
C ILE F 179 9.19 -40.57 29.61
N GLU F 180 9.24 -40.92 30.89
CA GLU F 180 8.16 -41.54 31.65
C GLU F 180 8.09 -43.05 31.38
N GLY F 181 8.92 -43.59 30.47
CA GLY F 181 8.93 -45.02 30.23
C GLY F 181 8.54 -45.51 28.84
N THR F 182 9.37 -46.38 28.25
CA THR F 182 9.09 -46.97 26.95
C THR F 182 9.74 -48.36 26.91
N VAL F 183 9.46 -49.08 25.83
CA VAL F 183 9.99 -50.43 25.62
C VAL F 183 10.69 -50.48 24.27
N ALA F 184 11.28 -49.36 23.84
CA ALA F 184 11.93 -49.29 22.54
C ALA F 184 12.83 -50.51 22.31
N ALA F 185 12.87 -50.97 21.07
CA ALA F 185 13.65 -52.13 20.67
C ALA F 185 14.79 -51.73 19.75
N VAL F 186 15.92 -52.42 19.90
CA VAL F 186 17.12 -52.17 19.10
C VAL F 186 17.65 -53.52 18.62
N PRO F 187 18.22 -53.61 17.42
CA PRO F 187 18.77 -54.91 16.97
C PRO F 187 20.00 -55.29 17.78
N PRO F 188 20.24 -56.59 17.96
CA PRO F 188 21.40 -57.02 18.74
C PRO F 188 22.61 -57.31 17.84
N GLN F 189 23.75 -57.55 18.50
CA GLN F 189 25.00 -57.84 17.81
C GLN F 189 25.27 -56.84 16.70
N GLY F 190 25.10 -55.57 17.01
CA GLY F 190 25.33 -54.50 16.05
C GLY F 190 26.69 -53.85 16.20
N GLN F 197 19.48 -62.63 16.80
CA GLN F 197 18.63 -61.58 16.26
C GLN F 197 17.30 -61.51 17.01
N GLU F 198 17.37 -61.33 18.32
CA GLU F 198 16.18 -61.24 19.16
C GLU F 198 15.71 -59.80 19.36
N PHE F 199 16.43 -58.82 18.83
CA PHE F 199 16.06 -57.41 18.96
C PHE F 199 15.84 -57.03 20.43
N LEU F 200 16.93 -57.10 21.20
CA LEU F 200 16.87 -56.77 22.63
C LEU F 200 16.28 -55.39 22.82
N GLN F 201 15.25 -55.31 23.67
CA GLN F 201 14.57 -54.06 23.97
C GLN F 201 14.92 -53.63 25.38
N VAL F 202 15.27 -52.36 25.54
CA VAL F 202 15.65 -51.79 26.82
C VAL F 202 14.55 -50.84 27.28
N ASP F 203 14.17 -50.98 28.56
CA ASP F 203 13.15 -50.12 29.12
C ASP F 203 13.74 -48.76 29.44
N THR F 204 13.01 -47.69 29.12
CA THR F 204 13.47 -46.33 29.36
C THR F 204 12.83 -45.72 30.61
N SER F 205 12.35 -46.57 31.52
CA SER F 205 11.74 -46.11 32.76
C SER F 205 12.71 -46.13 33.93
N LYS F 206 13.92 -46.64 33.72
CA LYS F 206 14.95 -46.70 34.76
C LYS F 206 16.23 -45.98 34.33
N ILE F 207 16.19 -45.26 33.22
CA ILE F 207 17.35 -44.53 32.70
C ILE F 207 17.17 -43.05 33.00
N LEU F 208 18.23 -42.41 33.48
CA LEU F 208 18.19 -40.99 33.82
C LEU F 208 18.38 -40.14 32.57
N PHE F 209 17.50 -39.18 32.36
CA PHE F 209 17.54 -38.27 31.22
C PHE F 209 17.94 -36.88 31.72
N ILE F 210 19.10 -36.41 31.27
CA ILE F 210 19.62 -35.10 31.65
C ILE F 210 19.58 -34.22 30.41
N CYS F 211 18.66 -33.25 30.40
CA CYS F 211 18.49 -32.35 29.27
C CYS F 211 19.16 -31.01 29.57
N GLY F 212 20.06 -30.59 28.70
CA GLY F 212 20.78 -29.34 28.85
C GLY F 212 20.68 -28.52 27.58
N GLY F 213 20.77 -27.20 27.74
CA GLY F 213 20.71 -26.31 26.60
C GLY F 213 21.01 -24.89 27.00
N ALA F 214 21.32 -24.07 25.99
CA ALA F 214 21.64 -22.66 26.17
C ALA F 214 20.42 -21.86 25.74
N PHE F 215 19.64 -21.39 26.72
CA PHE F 215 18.44 -20.62 26.45
C PHE F 215 18.83 -19.16 26.24
N ALA F 216 18.62 -18.67 25.02
CA ALA F 216 18.92 -17.29 24.66
C ALA F 216 17.62 -16.50 24.72
N GLY F 217 17.57 -15.52 25.61
CA GLY F 217 16.39 -14.69 25.81
C GLY F 217 15.59 -15.05 27.04
N LEU F 218 15.83 -16.23 27.63
CA LEU F 218 15.10 -16.63 28.82
C LEU F 218 15.29 -15.62 29.94
N ASP F 219 16.45 -14.95 29.99
CA ASP F 219 16.69 -13.96 31.02
C ASP F 219 15.68 -12.82 30.94
N LYS F 220 15.37 -12.37 29.71
CA LYS F 220 14.40 -11.30 29.56
C LYS F 220 13.02 -11.75 30.03
N VAL F 221 12.64 -12.98 29.70
CA VAL F 221 11.35 -13.50 30.12
C VAL F 221 11.26 -13.51 31.65
N ILE F 222 12.31 -14.00 32.31
CA ILE F 222 12.31 -14.04 33.77
C ILE F 222 12.37 -12.63 34.34
N SER F 223 13.10 -11.73 33.67
CA SER F 223 13.22 -10.36 34.15
C SER F 223 11.85 -9.71 34.33
N HIS F 224 11.01 -9.76 33.30
CA HIS F 224 9.69 -9.17 33.38
C HIS F 224 8.89 -9.78 34.54
N ARG F 225 8.94 -11.10 34.66
CA ARG F 225 8.21 -11.79 35.73
C ARG F 225 8.75 -11.44 37.10
N VAL F 226 10.08 -11.33 37.24
CA VAL F 226 10.72 -11.14 38.59
C VAL F 226 11.21 -9.71 38.80
N GLU F 227 10.98 -8.79 37.85
CA GLU F 227 11.46 -7.39 37.95
C GLU F 227 10.46 -6.48 37.23
N THR F 228 10.79 -5.19 37.07
CA THR F 228 9.92 -4.21 36.37
C THR F 228 10.01 -4.45 34.89
N GLY F 229 8.89 -4.33 34.16
CA GLY F 229 8.86 -4.46 32.72
C GLY F 229 9.15 -3.14 32.05
N SER F 230 10.39 -2.66 32.18
CA SER F 230 10.81 -1.38 31.60
C SER F 230 11.33 -1.52 30.19
N GLY F 231 12.09 -2.57 29.89
CA GLY F 231 12.61 -2.78 28.55
C GLY F 231 13.36 -1.61 27.99
N ILE F 232 12.78 -0.95 26.99
CA ILE F 232 13.38 0.22 26.34
C ILE F 232 12.85 1.47 27.02
N GLY F 233 13.72 2.46 27.21
CA GLY F 233 13.32 3.70 27.84
C GLY F 233 14.39 4.30 28.73
N PHE F 234 14.17 5.55 29.15
CA PHE F 234 15.13 6.22 30.01
C PHE F 234 15.18 5.61 31.41
N GLY F 235 14.05 5.14 31.91
CA GLY F 235 13.96 4.55 33.23
C GLY F 235 14.20 3.05 33.28
N ALA F 236 14.62 2.45 32.18
CA ALA F 236 14.87 1.02 32.14
C ALA F 236 16.30 0.70 32.56
N THR F 237 16.57 -0.59 32.73
CA THR F 237 17.88 -1.09 33.13
C THR F 237 18.47 -1.86 31.95
N VAL F 238 19.30 -1.19 31.17
CA VAL F 238 19.93 -1.80 30.01
C VAL F 238 21.16 -2.57 30.47
N LYS F 239 21.30 -3.81 29.99
CA LYS F 239 22.43 -4.65 30.35
C LYS F 239 23.62 -4.26 29.49
N ALA F 240 24.29 -3.18 29.90
CA ALA F 240 25.46 -2.67 29.19
C ALA F 240 26.78 -2.97 29.88
N LYS F 241 26.75 -3.44 31.12
CA LYS F 241 27.97 -3.76 31.84
C LYS F 241 28.43 -5.20 31.64
N SER F 242 27.67 -6.01 30.91
CA SER F 242 28.02 -7.41 30.66
C SER F 242 27.99 -8.24 31.95
N ASP F 243 27.08 -7.89 32.85
CA ASP F 243 26.94 -8.58 34.12
C ASP F 243 26.88 -10.09 33.95
N LYS F 244 27.78 -10.80 34.62
CA LYS F 244 27.84 -12.26 34.55
C LYS F 244 26.98 -12.93 35.62
N ALA F 245 26.51 -12.17 36.62
CA ALA F 245 25.68 -12.72 37.68
C ALA F 245 24.19 -12.48 37.43
N SER F 246 23.85 -11.45 36.64
CA SER F 246 22.45 -11.16 36.37
C SER F 246 21.76 -12.35 35.73
N GLU F 247 22.37 -12.91 34.68
CA GLU F 247 21.77 -14.06 34.01
C GLU F 247 21.68 -15.25 34.97
N GLY F 248 22.80 -15.57 35.63
CA GLY F 248 22.79 -16.68 36.57
C GLY F 248 21.76 -16.50 37.66
N GLU F 249 21.71 -15.30 38.25
CA GLU F 249 20.74 -15.03 39.31
C GLU F 249 19.32 -15.14 38.78
N LEU F 250 19.05 -14.50 37.64
CA LEU F 250 17.70 -14.56 37.07
C LEU F 250 17.32 -15.99 36.72
N LEU F 251 18.22 -16.71 36.05
CA LEU F 251 17.93 -18.09 35.68
C LEU F 251 17.68 -18.96 36.91
N ALA F 252 18.35 -18.67 38.02
CA ALA F 252 18.12 -19.46 39.23
C ALA F 252 16.69 -19.33 39.72
N GLN F 253 16.03 -18.21 39.40
CA GLN F 253 14.66 -17.97 39.80
C GLN F 253 13.65 -18.40 38.75
N VAL F 254 14.12 -19.09 37.69
CA VAL F 254 13.21 -19.52 36.64
C VAL F 254 12.09 -20.38 37.23
N GLU F 255 10.92 -20.30 36.61
CA GLU F 255 9.74 -21.04 37.03
C GLU F 255 9.10 -21.66 35.80
N PRO F 256 8.20 -22.63 35.98
CA PRO F 256 7.56 -23.26 34.82
C PRO F 256 6.89 -22.26 33.88
N GLU F 257 6.24 -21.23 34.41
CA GLU F 257 5.58 -20.25 33.53
C GLU F 257 6.59 -19.61 32.58
N ASP F 258 7.82 -19.38 33.07
CA ASP F 258 8.84 -18.79 32.21
C ASP F 258 9.15 -19.72 31.04
N LEU F 259 9.27 -21.02 31.31
CA LEU F 259 9.54 -21.98 30.25
C LEU F 259 8.40 -22.01 29.25
N ILE F 260 7.15 -21.91 29.73
CA ILE F 260 6.01 -21.92 28.83
C ILE F 260 6.12 -20.77 27.85
N LYS F 261 6.46 -19.58 28.35
CA LYS F 261 6.61 -18.43 27.45
C LYS F 261 7.73 -18.68 26.45
N PHE F 262 8.81 -19.31 26.90
CA PHE F 262 9.92 -19.61 26.00
C PHE F 262 9.48 -20.47 24.83
N GLY F 263 8.46 -21.30 25.04
CA GLY F 263 7.94 -22.16 23.99
C GLY F 263 7.90 -23.63 24.37
N LEU F 264 8.54 -23.97 25.49
CA LEU F 264 8.57 -25.35 25.95
C LEU F 264 7.16 -25.85 26.24
N ILE F 265 6.84 -27.04 25.75
CA ILE F 265 5.51 -27.61 25.98
C ILE F 265 5.34 -27.89 27.48
N PRO F 266 4.19 -27.59 28.08
CA PRO F 266 4.04 -27.89 29.52
C PRO F 266 4.27 -29.35 29.86
N GLU F 267 3.84 -30.27 28.99
CA GLU F 267 4.04 -31.68 29.25
C GLU F 267 5.52 -32.00 29.37
N PHE F 268 6.34 -31.48 28.45
CA PHE F 268 7.77 -31.72 28.51
C PHE F 268 8.36 -31.18 29.81
N ILE F 269 7.89 -30.01 30.24
CA ILE F 269 8.39 -29.44 31.49
C ILE F 269 8.04 -30.34 32.66
N GLY F 270 6.84 -30.95 32.62
CA GLY F 270 6.44 -31.83 33.70
C GLY F 270 7.32 -33.07 33.80
N ARG F 271 7.76 -33.60 32.65
CA ARG F 271 8.63 -34.78 32.67
C ARG F 271 9.96 -34.49 33.34
N LEU F 272 10.35 -33.22 33.41
CA LEU F 272 11.61 -32.81 34.03
C LEU F 272 11.33 -32.08 35.33
N PRO F 273 11.09 -32.80 36.42
CA PRO F 273 10.80 -32.11 37.70
C PRO F 273 12.01 -31.40 38.29
N VAL F 274 13.17 -32.03 38.24
CA VAL F 274 14.38 -31.42 38.80
C VAL F 274 14.95 -30.43 37.80
N VAL F 275 15.31 -29.25 38.27
CA VAL F 275 15.86 -28.19 37.45
C VAL F 275 17.11 -27.63 38.12
N ALA F 276 18.14 -27.36 37.32
CA ALA F 276 19.39 -26.81 37.80
C ALA F 276 19.80 -25.64 36.93
N THR F 277 20.46 -24.66 37.56
CA THR F 277 20.90 -23.45 36.88
C THR F 277 22.41 -23.32 37.00
N LEU F 278 23.06 -22.93 35.90
CA LEU F 278 24.49 -22.74 35.85
C LEU F 278 24.80 -21.33 35.38
N ASN F 279 25.75 -20.68 36.03
CA ASN F 279 26.14 -19.33 35.70
C ASN F 279 27.25 -19.32 34.65
N GLU F 280 27.40 -18.20 33.97
CA GLU F 280 28.41 -18.05 32.94
C GLU F 280 29.78 -17.83 33.58
N LEU F 281 30.80 -18.47 33.02
CA LEU F 281 32.15 -18.34 33.54
C LEU F 281 32.62 -16.90 33.42
N SER F 282 32.88 -16.27 34.56
CA SER F 282 33.35 -14.89 34.60
C SER F 282 34.88 -14.88 34.44
N GLU F 283 35.47 -13.68 34.50
CA GLU F 283 36.92 -13.57 34.38
C GLU F 283 37.63 -14.31 35.51
N GLU F 284 37.18 -14.09 36.74
CA GLU F 284 37.79 -14.75 37.88
C GLU F 284 37.60 -16.26 37.82
N ALA F 285 36.45 -16.71 37.33
CA ALA F 285 36.18 -18.14 37.24
C ALA F 285 37.16 -18.83 36.30
N LEU F 286 37.40 -18.22 35.13
CA LEU F 286 38.32 -18.82 34.16
C LEU F 286 39.72 -18.99 34.74
N ILE F 287 40.18 -18.02 35.53
CA ILE F 287 41.52 -18.11 36.11
C ILE F 287 41.65 -19.38 36.96
N GLN F 288 40.62 -19.70 37.74
CA GLN F 288 40.67 -20.89 38.58
C GLN F 288 40.69 -22.17 37.75
N ILE F 289 39.97 -22.18 36.62
CA ILE F 289 39.90 -23.38 35.78
C ILE F 289 41.29 -23.82 35.33
N LEU F 290 42.22 -22.89 35.19
CA LEU F 290 43.56 -23.24 34.71
C LEU F 290 44.41 -23.91 35.78
N LYS F 291 44.10 -23.73 37.07
CA LYS F 291 44.90 -24.36 38.11
C LYS F 291 44.10 -25.14 39.15
N GLU F 292 42.90 -24.65 39.51
CA GLU F 292 42.12 -25.33 40.55
C GLU F 292 41.68 -26.74 40.15
N PRO F 293 41.12 -26.98 38.96
CA PRO F 293 40.68 -28.33 38.62
C PRO F 293 41.79 -29.35 38.71
N LYS F 294 41.43 -30.57 39.14
CA LYS F 294 42.40 -31.66 39.24
C LYS F 294 43.21 -31.79 37.96
N ASN F 295 42.53 -32.09 36.85
CA ASN F 295 43.17 -32.21 35.55
C ASN F 295 43.14 -30.86 34.83
N ALA F 296 43.69 -29.87 35.50
CA ALA F 296 43.72 -28.51 34.96
C ALA F 296 44.64 -28.45 33.75
N LEU F 297 44.44 -27.40 32.95
CA LEU F 297 45.26 -27.22 31.75
C LEU F 297 46.73 -27.03 32.10
N THR F 298 47.01 -26.22 33.11
CA THR F 298 48.40 -25.97 33.51
C THR F 298 49.04 -27.26 34.02
N LYS F 299 48.34 -27.97 34.91
CA LYS F 299 48.87 -29.21 35.47
C LYS F 299 49.28 -30.19 34.38
N GLN F 300 48.46 -30.30 33.32
CA GLN F 300 48.79 -31.23 32.24
C GLN F 300 50.11 -30.84 31.58
N TYR F 301 50.31 -29.55 31.32
CA TYR F 301 51.55 -29.11 30.70
C TYR F 301 52.71 -29.20 31.70
N GLN F 302 52.46 -28.87 32.97
CA GLN F 302 53.51 -28.95 33.97
C GLN F 302 54.01 -30.38 34.11
N ALA F 303 53.09 -31.35 34.10
CA ALA F 303 53.50 -32.75 34.21
C ALA F 303 54.38 -33.15 33.03
N LEU F 304 54.02 -32.67 31.83
CA LEU F 304 54.82 -32.99 30.64
C LEU F 304 56.17 -32.30 30.70
N PHE F 305 56.21 -31.06 31.21
CA PHE F 305 57.47 -30.34 31.28
C PHE F 305 58.39 -30.89 32.36
N ASN F 306 57.87 -31.18 33.55
CA ASN F 306 58.71 -31.71 34.62
C ASN F 306 59.19 -33.13 34.33
N LEU F 307 58.57 -33.82 33.36
CA LEU F 307 59.01 -35.17 33.03
C LEU F 307 60.46 -35.17 32.58
N GLU F 308 60.92 -34.08 31.97
CA GLU F 308 62.29 -33.94 31.49
C GLU F 308 63.11 -33.04 32.41
N GLY F 309 62.70 -32.91 33.67
CA GLY F 309 63.43 -32.06 34.61
C GLY F 309 63.41 -30.60 34.24
N VAL F 310 62.26 -30.09 33.83
CA VAL F 310 62.08 -28.69 33.45
C VAL F 310 60.84 -28.16 34.15
N ASP F 311 61.02 -27.09 34.92
CA ASP F 311 59.90 -26.48 35.63
C ASP F 311 59.12 -25.56 34.69
N LEU F 312 57.81 -25.49 34.91
CA LEU F 312 56.91 -24.66 34.09
C LEU F 312 56.14 -23.75 35.04
N GLU F 313 56.63 -22.52 35.21
CA GLU F 313 56.00 -21.54 36.09
C GLU F 313 55.01 -20.71 35.29
N PHE F 314 53.72 -20.90 35.57
CA PHE F 314 52.66 -20.14 34.91
C PHE F 314 52.41 -18.88 35.71
N ARG F 315 52.95 -17.75 35.23
CA ARG F 315 52.78 -16.48 35.89
C ARG F 315 51.30 -16.17 36.11
N ASP F 316 50.96 -15.74 37.33
CA ASP F 316 49.57 -15.40 37.62
C ASP F 316 49.06 -14.32 36.69
N GLU F 317 49.93 -13.41 36.25
CA GLU F 317 49.52 -12.35 35.35
C GLU F 317 49.18 -12.90 33.97
N ALA F 318 49.96 -13.88 33.50
CA ALA F 318 49.69 -14.46 32.18
C ALA F 318 48.36 -15.21 32.18
N LEU F 319 47.98 -15.79 33.31
CA LEU F 319 46.73 -16.55 33.37
C LEU F 319 45.52 -15.66 33.08
N ASP F 320 45.49 -14.45 33.63
CA ASP F 320 44.35 -13.57 33.38
C ASP F 320 44.24 -13.23 31.90
N ALA F 321 45.38 -12.98 31.25
CA ALA F 321 45.35 -12.66 29.83
C ALA F 321 44.78 -13.83 29.03
N ILE F 322 45.17 -15.05 29.39
CA ILE F 322 44.65 -16.23 28.70
C ILE F 322 43.14 -16.28 28.82
N ALA F 323 42.63 -16.06 30.03
CA ALA F 323 41.18 -16.07 30.24
C ALA F 323 40.51 -14.91 29.50
N LYS F 324 41.17 -13.74 29.48
CA LYS F 324 40.60 -12.58 28.80
C LYS F 324 40.42 -12.86 27.31
N LYS F 325 41.40 -13.54 26.70
CA LYS F 325 41.29 -13.85 25.28
C LYS F 325 40.07 -14.71 24.99
N ALA F 326 39.78 -15.68 25.87
CA ALA F 326 38.62 -16.54 25.67
C ALA F 326 37.34 -15.72 25.65
N MET F 327 37.20 -14.78 26.58
CA MET F 327 36.00 -13.95 26.62
C MET F 327 35.91 -13.05 25.40
N ALA F 328 37.05 -12.57 24.91
CA ALA F 328 37.04 -11.68 23.75
C ALA F 328 36.43 -12.38 22.54
N ARG F 329 36.82 -13.63 22.30
CA ARG F 329 36.29 -14.42 21.20
C ARG F 329 35.09 -15.27 21.59
N LYS F 330 34.68 -15.21 22.86
CA LYS F 330 33.54 -15.99 23.34
C LYS F 330 33.72 -17.47 23.03
N THR F 331 34.94 -17.97 23.18
CA THR F 331 35.24 -19.37 22.92
C THR F 331 34.96 -20.27 24.13
N GLY F 332 34.75 -19.69 25.31
CA GLY F 332 34.48 -20.47 26.48
C GLY F 332 35.71 -21.24 26.96
N ALA F 333 35.46 -22.18 27.87
CA ALA F 333 36.53 -22.99 28.41
C ALA F 333 37.22 -23.81 27.33
N ARG F 334 36.49 -24.15 26.26
CA ARG F 334 37.08 -24.92 25.17
C ARG F 334 38.23 -24.17 24.53
N GLY F 335 38.08 -22.86 24.35
CA GLY F 335 39.13 -22.08 23.72
C GLY F 335 40.39 -21.99 24.56
N LEU F 336 40.27 -22.16 25.88
CA LEU F 336 41.44 -22.09 26.76
C LEU F 336 42.58 -22.97 26.27
N ARG F 337 42.25 -24.22 25.90
CA ARG F 337 43.29 -25.14 25.42
C ARG F 337 44.02 -24.57 24.22
N SER F 338 43.28 -24.06 23.24
CA SER F 338 43.91 -23.52 22.03
C SER F 338 44.80 -22.32 22.37
N ILE F 339 44.34 -21.46 23.28
CA ILE F 339 45.13 -20.29 23.65
C ILE F 339 46.48 -20.70 24.25
N VAL F 340 46.45 -21.64 25.19
CA VAL F 340 47.69 -22.07 25.82
C VAL F 340 48.54 -22.89 24.85
N GLU F 341 47.90 -23.76 24.07
CA GLU F 341 48.62 -24.60 23.12
C GLU F 341 49.54 -23.79 22.21
N ALA F 342 49.00 -22.73 21.60
CA ALA F 342 49.82 -21.90 20.71
C ALA F 342 50.99 -21.27 21.46
N ALA F 343 50.72 -20.74 22.66
CA ALA F 343 51.77 -20.11 23.43
C ALA F 343 52.85 -21.09 23.88
N LEU F 344 52.50 -22.37 24.07
CA LEU F 344 53.46 -23.36 24.51
C LEU F 344 54.08 -24.15 23.36
N LEU F 345 53.45 -24.18 22.19
CA LEU F 345 53.99 -24.93 21.07
C LEU F 345 55.39 -24.44 20.71
N ASP F 346 55.55 -23.13 20.53
CA ASP F 346 56.86 -22.58 20.20
C ASP F 346 57.85 -22.83 21.34
N THR F 347 57.40 -22.65 22.58
CA THR F 347 58.28 -22.86 23.72
C THR F 347 58.70 -24.33 23.84
N MET F 348 57.76 -25.24 23.66
CA MET F 348 58.06 -26.67 23.76
C MET F 348 58.69 -27.23 22.49
N TYR F 349 58.66 -26.47 21.38
CA TYR F 349 59.28 -26.93 20.15
C TYR F 349 60.79 -26.70 20.15
N ASP F 350 61.26 -25.73 20.92
CA ASP F 350 62.68 -25.42 21.03
C ASP F 350 63.29 -25.96 22.31
N LEU F 351 62.48 -26.20 23.34
CA LEU F 351 63.01 -26.71 24.61
C LEU F 351 63.83 -27.98 24.41
N PRO F 352 63.36 -28.98 23.66
CA PRO F 352 64.19 -30.19 23.47
C PRO F 352 65.36 -29.98 22.54
N SER F 353 65.32 -28.91 21.73
CA SER F 353 66.43 -28.65 20.80
C SER F 353 67.74 -28.43 21.53
N MET F 354 67.70 -27.81 22.71
CA MET F 354 68.89 -27.56 23.50
C MET F 354 68.79 -28.31 24.82
N GLU F 355 69.95 -28.60 25.39
CA GLU F 355 70.07 -29.32 26.65
C GLU F 355 70.42 -28.35 27.76
N ASP F 356 70.32 -28.83 28.99
CA ASP F 356 70.60 -28.10 30.23
C ASP F 356 69.43 -27.20 30.62
N VAL F 357 68.31 -27.23 29.88
CA VAL F 357 67.16 -26.40 30.23
C VAL F 357 66.78 -26.69 31.68
N GLU F 358 66.61 -25.63 32.47
CA GLU F 358 66.28 -25.76 33.88
C GLU F 358 64.86 -25.33 34.23
N LYS F 359 64.30 -24.34 33.54
CA LYS F 359 62.96 -23.88 33.87
C LYS F 359 62.49 -22.90 32.81
N VAL F 360 61.17 -22.71 32.75
CA VAL F 360 60.51 -21.81 31.81
C VAL F 360 59.63 -20.88 32.62
N VAL F 361 59.43 -19.66 32.11
CA VAL F 361 58.63 -18.65 32.79
C VAL F 361 57.71 -17.98 31.76
N ILE F 362 56.44 -18.36 31.77
CA ILE F 362 55.47 -17.75 30.87
C ILE F 362 55.13 -16.37 31.41
N ASP F 363 54.96 -15.40 30.52
CA ASP F 363 54.67 -14.02 30.93
C ASP F 363 53.50 -13.46 30.12
N GLU F 364 53.11 -12.24 30.49
CA GLU F 364 51.99 -11.57 29.81
C GLU F 364 52.27 -11.39 28.32
N SER F 365 53.48 -10.95 27.97
CA SER F 365 53.81 -10.72 26.57
C SER F 365 53.80 -12.03 25.78
N VAL F 366 54.12 -13.15 26.43
CA VAL F 366 54.11 -14.43 25.73
C VAL F 366 52.71 -14.75 25.22
N ILE F 367 51.69 -14.50 26.05
CA ILE F 367 50.33 -14.76 25.63
C ILE F 367 49.96 -13.85 24.46
N ASP F 368 50.37 -12.58 24.53
CA ASP F 368 50.08 -11.64 23.45
C ASP F 368 50.81 -12.02 22.17
N GLY F 369 51.97 -12.67 22.30
CA GLY F 369 52.74 -13.09 21.15
C GLY F 369 53.91 -12.20 20.79
N GLN F 370 54.23 -11.20 21.62
CA GLN F 370 55.34 -10.28 21.35
C GLN F 370 56.60 -10.65 22.12
N SER F 371 56.61 -11.79 22.81
CA SER F 371 57.78 -12.21 23.57
C SER F 371 57.77 -13.72 23.75
N GLU F 372 58.92 -14.25 24.17
CA GLU F 372 59.10 -15.67 24.42
C GLU F 372 59.47 -15.89 25.88
N PRO F 373 59.01 -16.97 26.49
CA PRO F 373 59.35 -17.21 27.91
C PRO F 373 60.82 -17.51 28.07
N LEU F 374 61.48 -16.71 28.91
CA LEU F 374 62.90 -16.88 29.16
C LEU F 374 63.18 -18.27 29.71
N LEU F 375 64.24 -18.90 29.21
CA LEU F 375 64.65 -20.23 29.63
C LEU F 375 65.79 -20.14 30.64
N ILE F 376 65.74 -21.00 31.65
CA ILE F 376 66.75 -21.05 32.70
C ILE F 376 67.75 -22.14 32.37
N TYR F 377 69.00 -21.93 32.78
CA TYR F 377 70.06 -22.89 32.54
C TYR F 377 70.99 -22.99 33.75
N LEU G 28 63.26 -39.15 22.78
CA LEU G 28 64.52 -38.42 22.88
C LEU G 28 64.74 -37.47 21.70
N PRO G 29 64.46 -37.93 20.47
CA PRO G 29 64.66 -37.06 19.30
C PRO G 29 63.97 -35.72 19.44
N THR G 30 64.75 -34.64 19.44
CA THR G 30 64.18 -33.30 19.57
C THR G 30 63.37 -32.95 18.32
N PRO G 31 62.41 -32.04 18.43
CA PRO G 31 61.62 -31.67 17.24
C PRO G 31 62.46 -31.21 16.06
N HIS G 32 63.59 -30.54 16.31
CA HIS G 32 64.43 -30.10 15.20
C HIS G 32 64.94 -31.31 14.40
N GLU G 33 65.38 -32.35 15.09
CA GLU G 33 65.82 -33.55 14.37
C GLU G 33 64.66 -34.18 13.64
N ILE G 34 63.49 -34.22 14.27
CA ILE G 34 62.30 -34.77 13.64
C ILE G 34 61.91 -33.90 12.44
N ARG G 35 61.91 -32.59 12.63
CA ARG G 35 61.55 -31.67 11.56
C ARG G 35 62.52 -31.77 10.38
N ASN G 36 63.78 -32.14 10.65
CA ASN G 36 64.76 -32.25 9.58
C ASN G 36 64.29 -33.21 8.50
N HIS G 37 63.83 -34.40 8.90
CA HIS G 37 63.36 -35.38 7.92
C HIS G 37 62.08 -34.90 7.24
N LEU G 38 61.18 -34.25 7.99
CA LEU G 38 59.94 -33.77 7.41
C LEU G 38 60.21 -32.81 6.26
N ASP G 39 61.13 -31.85 6.46
CA ASP G 39 61.43 -30.90 5.41
C ASP G 39 62.18 -31.55 4.26
N ASP G 40 63.00 -32.56 4.54
CA ASP G 40 63.74 -33.24 3.48
C ASP G 40 62.80 -33.91 2.49
N TYR G 41 61.71 -34.51 2.98
CA TYR G 41 60.75 -35.21 2.14
C TYR G 41 59.53 -34.35 1.80
N VAL G 42 58.85 -33.81 2.82
CA VAL G 42 57.68 -32.98 2.62
C VAL G 42 58.11 -31.55 2.38
N ILE G 43 57.39 -30.86 1.50
CA ILE G 43 57.67 -29.47 1.15
C ILE G 43 56.43 -28.65 1.49
N GLY G 44 56.63 -27.54 2.20
CA GLY G 44 55.52 -26.70 2.59
C GLY G 44 54.94 -27.10 3.93
N GLN G 45 53.85 -26.43 4.28
CA GLN G 45 53.16 -26.67 5.54
C GLN G 45 54.15 -26.61 6.72
N GLU G 46 54.96 -25.56 6.73
CA GLU G 46 55.95 -25.40 7.79
C GLU G 46 55.28 -25.35 9.17
N GLN G 47 54.18 -24.60 9.28
CA GLN G 47 53.49 -24.50 10.56
C GLN G 47 52.97 -25.86 11.00
N ALA G 48 52.41 -26.64 10.07
CA ALA G 48 51.90 -27.97 10.41
C ALA G 48 53.01 -28.90 10.87
N LYS G 49 54.18 -28.84 10.22
CA LYS G 49 55.29 -29.70 10.63
C LYS G 49 55.69 -29.42 12.07
N LYS G 50 55.68 -28.15 12.47
CA LYS G 50 56.02 -27.81 13.85
C LYS G 50 55.00 -28.43 14.81
N VAL G 51 53.73 -28.41 14.44
CA VAL G 51 52.69 -28.98 15.29
C VAL G 51 52.87 -30.49 15.41
N LEU G 52 53.10 -31.17 14.28
CA LEU G 52 53.26 -32.62 14.32
C LEU G 52 54.49 -33.03 15.11
N ALA G 53 55.61 -32.32 14.91
CA ALA G 53 56.84 -32.65 15.63
C ALA G 53 56.61 -32.60 17.14
N VAL G 54 55.99 -31.53 17.62
CA VAL G 54 55.72 -31.40 19.06
C VAL G 54 54.74 -32.47 19.51
N ALA G 55 53.69 -32.70 18.73
CA ALA G 55 52.69 -33.70 19.10
C ALA G 55 53.31 -35.08 19.23
N VAL G 56 54.05 -35.52 18.21
CA VAL G 56 54.66 -36.84 18.26
C VAL G 56 55.74 -36.89 19.33
N TYR G 57 56.51 -35.80 19.48
CA TYR G 57 57.56 -35.78 20.48
C TYR G 57 57.01 -36.08 21.87
N ASN G 58 55.88 -35.46 22.22
CA ASN G 58 55.29 -35.70 23.53
C ASN G 58 54.57 -37.05 23.59
N HIS G 59 54.03 -37.52 22.47
CA HIS G 59 53.30 -38.79 22.51
C HIS G 59 54.21 -39.97 22.84
N TYR G 60 55.31 -40.14 22.11
CA TYR G 60 56.18 -41.27 22.42
C TYR G 60 56.90 -41.10 23.75
N LYS G 61 56.94 -39.87 24.28
CA LYS G 61 57.54 -39.69 25.59
C LYS G 61 56.76 -40.47 26.65
N ARG G 62 55.47 -40.70 26.40
CA ARG G 62 54.67 -41.47 27.33
C ARG G 62 55.20 -42.90 27.44
N LEU G 63 55.75 -43.44 26.35
CA LEU G 63 56.29 -44.79 26.39
C LEU G 63 57.42 -44.88 27.41
N ARG G 64 58.32 -43.89 27.42
CA ARG G 64 59.41 -43.88 28.37
C ARG G 64 58.92 -43.64 29.79
N ASN G 65 57.70 -43.12 29.94
CA ASN G 65 57.07 -42.84 31.23
C ASN G 65 55.69 -43.46 31.29
N GLY G 66 55.60 -44.73 30.89
CA GLY G 66 54.29 -45.40 30.90
C GLY G 66 53.60 -45.32 32.25
N ASP G 67 54.38 -45.39 33.34
CA ASP G 67 53.79 -45.31 34.67
C ASP G 67 53.02 -44.01 34.84
N THR G 68 53.51 -42.92 34.25
CA THR G 68 52.87 -41.60 34.34
C THR G 68 52.36 -41.32 35.75
N SER G 69 53.18 -41.66 36.74
CA SER G 69 52.83 -41.45 38.15
C SER G 69 52.99 -39.97 38.50
N ASN G 70 52.06 -39.18 37.97
CA ASN G 70 52.04 -37.74 38.17
C ASN G 70 50.68 -37.32 38.74
N GLY G 71 50.58 -36.06 39.13
CA GLY G 71 49.35 -35.56 39.70
C GLY G 71 48.16 -35.65 38.77
N VAL G 72 48.39 -35.51 37.46
CA VAL G 72 47.33 -35.54 36.46
C VAL G 72 47.73 -36.49 35.33
N GLU G 73 46.72 -37.02 34.65
CA GLU G 73 46.92 -37.92 33.52
C GLU G 73 46.73 -37.13 32.23
N LEU G 74 47.68 -37.29 31.30
CA LEU G 74 47.65 -36.59 30.03
C LEU G 74 46.91 -37.43 29.00
N GLY G 75 45.74 -36.97 28.58
CA GLY G 75 44.96 -37.68 27.57
C GLY G 75 45.75 -37.83 26.29
N LYS G 76 45.57 -38.96 25.60
CA LYS G 76 46.29 -39.21 24.36
C LYS G 76 46.24 -37.98 23.46
N SER G 77 47.43 -37.51 23.05
CA SER G 77 47.54 -36.31 22.22
C SER G 77 47.35 -36.64 20.74
N ASN G 78 46.16 -37.12 20.42
CA ASN G 78 45.84 -37.44 19.04
C ASN G 78 45.84 -36.15 18.20
N ILE G 79 46.27 -36.28 16.94
CA ILE G 79 46.37 -35.15 16.03
C ILE G 79 45.34 -35.31 14.92
N LEU G 80 44.68 -34.21 14.58
CA LEU G 80 43.67 -34.16 13.53
C LEU G 80 44.26 -33.37 12.36
N LEU G 81 44.66 -34.09 11.31
CA LEU G 81 45.25 -33.46 10.13
C LEU G 81 44.15 -32.91 9.24
N ILE G 82 44.18 -31.60 9.00
CA ILE G 82 43.19 -30.93 8.17
C ILE G 82 43.87 -30.30 6.97
N GLY G 83 43.85 -30.99 5.83
CA GLY G 83 44.46 -30.49 4.62
C GLY G 83 43.84 -31.10 3.38
N PRO G 84 43.89 -30.38 2.25
CA PRO G 84 43.32 -30.91 1.01
C PRO G 84 43.88 -32.28 0.66
N THR G 85 43.22 -32.93 -0.29
CA THR G 85 43.64 -34.26 -0.73
C THR G 85 44.97 -34.23 -1.46
N GLY G 86 45.46 -33.06 -1.85
CA GLY G 86 46.73 -32.94 -2.54
C GLY G 86 47.81 -32.33 -1.68
N SER G 87 47.45 -31.93 -0.45
CA SER G 87 48.41 -31.31 0.44
C SER G 87 49.54 -32.26 0.83
N GLY G 88 49.26 -33.56 0.87
CA GLY G 88 50.25 -34.54 1.25
C GLY G 88 50.17 -35.02 2.69
N LYS G 89 49.01 -34.90 3.33
CA LYS G 89 48.86 -35.33 4.72
C LYS G 89 49.35 -36.76 4.91
N THR G 90 49.01 -37.66 3.99
CA THR G 90 49.44 -39.05 4.09
C THR G 90 50.96 -39.13 4.17
N LEU G 91 51.66 -38.38 3.31
CA LEU G 91 53.12 -38.40 3.31
C LEU G 91 53.67 -37.98 4.66
N LEU G 92 53.10 -36.93 5.25
CA LEU G 92 53.57 -36.46 6.56
C LEU G 92 53.55 -37.60 7.58
N ALA G 93 52.43 -38.32 7.63
CA ALA G 93 52.34 -39.45 8.57
C ALA G 93 53.29 -40.56 8.16
N GLU G 94 53.38 -40.86 6.86
CA GLU G 94 54.28 -41.91 6.40
C GLU G 94 55.73 -41.53 6.66
N THR G 95 56.10 -40.28 6.38
CA THR G 95 57.48 -39.86 6.62
C THR G 95 57.83 -39.96 8.10
N LEU G 96 56.90 -39.54 8.97
CA LEU G 96 57.15 -39.63 10.41
C LEU G 96 57.20 -41.08 10.86
N ALA G 97 56.41 -41.96 10.23
CA ALA G 97 56.44 -43.37 10.58
C ALA G 97 57.80 -43.98 10.29
N ARG G 98 58.38 -43.66 9.13
CA ARG G 98 59.69 -44.18 8.78
C ARG G 98 60.77 -43.53 9.63
N LEU G 99 60.51 -42.32 10.14
CA LEU G 99 61.49 -41.65 10.98
C LEU G 99 61.77 -42.46 12.23
N LEU G 100 60.72 -43.03 12.84
CA LEU G 100 60.83 -43.87 14.02
C LEU G 100 60.76 -45.34 13.62
N ASP G 101 61.05 -46.20 14.59
CA ASP G 101 61.02 -47.65 14.37
C ASP G 101 59.68 -48.25 14.75
N VAL G 102 58.66 -47.42 14.99
CA VAL G 102 57.34 -47.88 15.38
C VAL G 102 56.55 -48.29 14.13
N PRO G 103 55.55 -49.17 14.27
CA PRO G 103 54.75 -49.56 13.10
C PRO G 103 53.75 -48.49 12.71
N PHE G 104 53.29 -48.57 11.47
CA PHE G 104 52.32 -47.61 10.93
C PHE G 104 51.28 -48.36 10.10
N THR G 105 50.01 -48.00 10.29
CA THR G 105 48.89 -48.62 9.59
C THR G 105 48.14 -47.53 8.82
N MET G 106 48.21 -47.58 7.49
CA MET G 106 47.54 -46.60 6.64
C MET G 106 46.09 -47.04 6.42
N ALA G 107 45.31 -46.93 7.49
CA ALA G 107 43.90 -47.31 7.45
C ALA G 107 43.07 -46.19 6.81
N ASP G 108 41.76 -46.42 6.75
CA ASP G 108 40.84 -45.45 6.18
C ASP G 108 39.50 -45.59 6.87
N ALA G 109 38.71 -44.52 6.82
CA ALA G 109 37.39 -44.48 7.44
C ALA G 109 36.26 -44.81 6.48
N THR G 110 36.28 -44.27 5.26
CA THR G 110 35.23 -44.56 4.30
C THR G 110 35.22 -46.04 3.91
N THR G 111 36.39 -46.69 3.93
CA THR G 111 36.46 -48.10 3.58
C THR G 111 35.63 -48.95 4.54
N LEU G 112 35.70 -48.63 5.83
CA LEU G 112 34.96 -49.38 6.84
C LEU G 112 33.50 -48.92 6.86
N THR G 113 32.62 -49.85 7.24
CA THR G 113 31.19 -49.57 7.29
C THR G 113 30.82 -49.12 8.69
N GLU G 114 29.53 -48.88 8.92
CA GLU G 114 29.03 -48.44 10.20
C GLU G 114 28.92 -49.63 11.16
N ALA G 115 28.79 -49.33 12.45
CA ALA G 115 28.68 -50.39 13.45
C ALA G 115 27.48 -51.28 13.14
N GLY G 116 27.72 -52.59 13.18
CA GLY G 116 26.70 -53.58 12.91
C GLY G 116 26.65 -54.04 11.46
N TYR G 117 27.24 -53.27 10.54
CA TYR G 117 27.23 -53.66 9.14
C TYR G 117 28.18 -54.84 8.91
N VAL G 118 27.80 -55.71 7.98
CA VAL G 118 28.60 -56.89 7.65
C VAL G 118 29.37 -56.73 6.35
N GLY G 119 29.24 -55.58 5.68
CA GLY G 119 29.95 -55.39 4.43
C GLY G 119 31.46 -55.36 4.62
N GLU G 120 31.92 -54.64 5.64
CA GLU G 120 33.34 -54.53 5.94
C GLU G 120 33.55 -54.67 7.44
N ASP G 121 34.75 -55.14 7.80
CA ASP G 121 35.12 -55.33 9.20
C ASP G 121 35.69 -54.04 9.75
N VAL G 122 35.11 -53.55 10.85
CA VAL G 122 35.59 -52.31 11.47
C VAL G 122 36.77 -52.55 12.40
N GLU G 123 36.96 -53.78 12.87
CA GLU G 123 38.05 -54.12 13.77
C GLU G 123 39.31 -54.57 13.03
N ASN G 124 39.31 -54.55 11.71
CA ASN G 124 40.48 -54.97 10.94
C ASN G 124 41.64 -54.00 11.09
N ILE G 125 41.40 -52.77 11.52
CA ILE G 125 42.49 -51.82 11.68
C ILE G 125 43.40 -52.21 12.84
N ILE G 126 42.80 -52.59 13.97
CA ILE G 126 43.60 -53.01 15.11
C ILE G 126 44.27 -54.34 14.82
N GLN G 127 43.61 -55.19 14.02
CA GLN G 127 44.18 -56.50 13.66
C GLN G 127 45.34 -56.36 12.69
N LYS G 128 45.18 -55.54 11.64
CA LYS G 128 46.24 -55.37 10.67
C LYS G 128 47.49 -54.75 11.29
N LEU G 129 47.32 -53.90 12.30
CA LEU G 129 48.47 -53.28 12.94
C LEU G 129 49.39 -54.33 13.56
N LEU G 130 48.80 -55.31 14.25
CA LEU G 130 49.61 -56.36 14.85
C LEU G 130 50.34 -57.19 13.80
N GLN G 131 49.74 -57.36 12.62
CA GLN G 131 50.39 -58.13 11.57
C GLN G 131 51.74 -57.52 11.20
N LYS G 132 51.78 -56.19 11.06
CA LYS G 132 53.04 -55.53 10.75
C LYS G 132 53.95 -55.43 11.97
N SER G 133 53.41 -55.61 13.17
CA SER G 133 54.17 -55.55 14.41
C SER G 133 54.55 -56.93 14.93
N ASP G 134 54.67 -57.91 14.03
CA ASP G 134 55.02 -59.29 14.37
C ASP G 134 54.24 -59.79 15.58
N TYR G 135 52.98 -59.38 15.69
CA TYR G 135 52.10 -59.81 16.77
C TYR G 135 52.71 -59.61 18.15
N ASP G 136 53.32 -58.46 18.40
CA ASP G 136 53.93 -58.13 19.69
C ASP G 136 53.14 -56.97 20.29
N VAL G 137 52.67 -57.15 21.52
CA VAL G 137 51.89 -56.11 22.20
C VAL G 137 52.71 -54.84 22.33
N GLN G 138 53.97 -54.96 22.75
CA GLN G 138 54.80 -53.78 22.92
C GLN G 138 55.02 -53.06 21.58
N LYS G 139 55.36 -53.82 20.55
CA LYS G 139 55.58 -53.22 19.23
C LYS G 139 54.30 -52.64 18.67
N ALA G 140 53.20 -53.39 18.78
CA ALA G 140 51.92 -52.93 18.25
C ALA G 140 51.46 -51.64 18.94
N GLN G 141 51.51 -51.61 20.27
CA GLN G 141 51.08 -50.42 21.01
C GLN G 141 52.20 -49.39 21.13
N ARG G 142 52.86 -49.08 20.01
CA ARG G 142 53.93 -48.10 20.00
C ARG G 142 53.89 -47.17 18.79
N GLY G 143 53.13 -47.49 17.76
CA GLY G 143 53.08 -46.69 16.55
C GLY G 143 51.90 -45.75 16.45
N ILE G 144 51.53 -45.44 15.21
CA ILE G 144 50.43 -44.54 14.88
C ILE G 144 49.51 -45.26 13.91
N VAL G 145 48.21 -44.94 13.99
CA VAL G 145 47.19 -45.53 13.13
C VAL G 145 46.50 -44.35 12.44
N TYR G 146 46.80 -44.16 11.16
CA TYR G 146 46.24 -43.07 10.37
C TYR G 146 44.95 -43.52 9.70
N ILE G 147 43.83 -42.89 10.06
CA ILE G 147 42.53 -43.19 9.49
C ILE G 147 42.21 -42.04 8.54
N ASP G 148 42.37 -42.30 7.25
CA ASP G 148 42.16 -41.28 6.21
C ASP G 148 40.67 -41.09 5.95
N GLU G 149 40.26 -40.06 5.25
CA GLU G 149 38.91 -39.77 4.78
C GLU G 149 37.87 -39.92 5.89
N ILE G 150 38.13 -39.24 7.02
CA ILE G 150 37.18 -39.27 8.12
C ILE G 150 36.08 -38.22 7.96
N ASP G 151 36.33 -37.18 7.16
CA ASP G 151 35.32 -36.15 6.93
C ASP G 151 34.23 -36.61 5.98
N LYS G 152 34.55 -37.53 5.07
CA LYS G 152 33.56 -38.04 4.13
C LYS G 152 32.40 -38.73 4.84
N ILE G 153 32.67 -39.35 5.99
CA ILE G 153 31.62 -40.01 6.76
C ILE G 153 31.08 -39.11 7.86
N SER G 154 31.74 -37.99 8.15
CA SER G 154 31.28 -37.07 9.18
C SER G 154 29.90 -36.53 8.84
N ARG G 155 29.09 -36.29 9.87
CA ARG G 155 27.75 -35.77 9.67
C ARG G 155 27.80 -34.39 9.03
N LYS G 156 26.78 -34.09 8.22
CA LYS G 156 26.71 -32.80 7.53
C LYS G 156 27.95 -32.56 6.70
N SER G 167 23.48 -41.88 9.06
CA SER G 167 24.32 -43.07 8.90
C SER G 167 25.79 -42.71 9.09
N GLY G 168 26.21 -41.60 8.49
CA GLY G 168 27.59 -41.18 8.62
C GLY G 168 27.98 -40.88 10.06
N GLU G 169 27.08 -40.23 10.79
CA GLU G 169 27.37 -39.91 12.19
C GLU G 169 27.61 -41.18 13.00
N GLY G 170 26.86 -42.24 12.72
CA GLY G 170 27.04 -43.48 13.45
C GLY G 170 28.41 -44.08 13.26
N VAL G 171 29.03 -43.86 12.10
CA VAL G 171 30.36 -44.40 11.85
C VAL G 171 31.36 -43.84 12.85
N GLN G 172 31.27 -42.54 13.14
CA GLN G 172 32.16 -41.93 14.12
C GLN G 172 32.09 -42.68 15.45
N GLN G 173 30.87 -42.97 15.91
CA GLN G 173 30.71 -43.72 17.14
C GLN G 173 31.27 -45.13 16.99
N ALA G 174 31.10 -45.72 15.81
CA ALA G 174 31.63 -47.06 15.57
C ALA G 174 33.14 -47.07 15.72
N LEU G 175 33.82 -46.05 15.20
CA LEU G 175 35.26 -45.96 15.33
C LEU G 175 35.66 -45.63 16.76
N LEU G 176 34.84 -44.85 17.47
CA LEU G 176 35.14 -44.52 18.85
C LEU G 176 35.21 -45.77 19.72
N LYS G 177 34.57 -46.86 19.28
CA LYS G 177 34.61 -48.09 20.05
C LYS G 177 36.04 -48.58 20.22
N LEU G 178 36.87 -48.41 19.18
CA LEU G 178 38.26 -48.83 19.22
C LEU G 178 39.25 -47.70 19.47
N ILE G 179 38.82 -46.44 19.36
CA ILE G 179 39.74 -45.33 19.59
C ILE G 179 40.19 -45.31 21.04
N GLU G 180 39.29 -45.59 21.98
CA GLU G 180 39.62 -45.60 23.39
C GLU G 180 38.93 -46.77 24.07
N GLY G 181 39.54 -47.25 25.15
CA GLY G 181 39.01 -48.36 25.92
C GLY G 181 38.58 -49.54 25.09
N THR G 182 39.54 -50.22 24.46
CA THR G 182 39.25 -51.37 23.62
C THR G 182 40.38 -52.38 23.68
N VAL G 183 40.03 -53.66 23.67
CA VAL G 183 40.99 -54.76 23.66
C VAL G 183 40.51 -55.72 22.58
N ALA G 184 41.05 -55.58 21.37
CA ALA G 184 40.65 -56.41 20.24
C ALA G 184 41.87 -56.71 19.37
N ALA G 185 42.25 -57.99 19.31
CA ALA G 185 43.39 -58.41 18.51
C ALA G 185 43.28 -59.90 18.25
N VAL G 186 44.05 -60.38 17.28
CA VAL G 186 44.06 -61.79 16.91
C VAL G 186 45.50 -62.29 16.95
N PRO G 187 45.75 -63.53 17.42
CA PRO G 187 47.13 -64.03 17.45
C PRO G 187 47.81 -64.03 16.09
N PHE G 199 41.90 -64.99 19.46
CA PHE G 199 41.71 -63.60 19.84
C PHE G 199 42.67 -63.23 20.95
N LEU G 200 43.50 -62.20 20.70
CA LEU G 200 44.47 -61.76 21.69
C LEU G 200 44.00 -60.58 22.53
N GLN G 201 42.98 -59.85 22.06
CA GLN G 201 42.40 -58.71 22.78
C GLN G 201 43.49 -57.79 23.35
N VAL G 202 44.28 -57.22 22.45
CA VAL G 202 45.35 -56.32 22.82
C VAL G 202 44.80 -54.90 22.94
N ASP G 203 45.22 -54.19 23.96
CA ASP G 203 44.74 -52.83 24.19
C ASP G 203 45.34 -51.86 23.18
N THR G 204 44.69 -50.70 23.05
CA THR G 204 45.12 -49.65 22.12
C THR G 204 45.27 -48.30 22.82
N SER G 205 45.58 -48.30 24.12
CA SER G 205 45.73 -47.04 24.86
C SER G 205 46.91 -46.21 24.37
N LYS G 206 47.91 -46.83 23.74
CA LYS G 206 49.08 -46.12 23.25
C LYS G 206 49.01 -45.76 21.78
N ILE G 207 48.23 -46.50 20.99
CA ILE G 207 48.09 -46.24 19.56
C ILE G 207 47.63 -44.81 19.33
N LEU G 208 48.34 -44.07 18.48
CA LEU G 208 48.01 -42.69 18.16
C LEU G 208 47.12 -42.68 16.93
N PHE G 209 45.82 -42.47 17.15
CA PHE G 209 44.84 -42.45 16.08
C PHE G 209 44.81 -41.05 15.44
N ILE G 210 45.72 -40.85 14.48
CA ILE G 210 45.83 -39.58 13.77
C ILE G 210 44.84 -39.64 12.61
N CYS G 211 43.68 -39.02 12.77
CA CYS G 211 42.65 -39.01 11.74
C CYS G 211 42.89 -37.84 10.80
N GLY G 212 43.01 -38.12 9.51
CA GLY G 212 43.24 -37.09 8.51
C GLY G 212 42.09 -36.92 7.54
N GLY G 213 41.99 -35.74 6.93
CA GLY G 213 40.92 -35.49 5.98
C GLY G 213 40.97 -34.05 5.51
N ALA G 214 40.27 -33.81 4.40
CA ALA G 214 40.21 -32.48 3.81
C ALA G 214 39.07 -31.64 4.38
N PHE G 215 38.08 -32.26 4.99
CA PHE G 215 36.94 -31.56 5.58
C PHE G 215 36.36 -30.54 4.61
N ALA G 216 35.84 -31.05 3.49
CA ALA G 216 35.24 -30.19 2.49
C ALA G 216 34.04 -29.49 3.11
N GLY G 217 34.09 -28.16 3.16
CA GLY G 217 33.04 -27.38 3.77
C GLY G 217 33.37 -26.82 5.14
N LEU G 218 34.53 -27.21 5.70
CA LEU G 218 34.91 -26.68 7.02
C LEU G 218 35.30 -25.22 6.92
N ASP G 219 35.86 -24.80 5.79
CA ASP G 219 36.26 -23.40 5.63
C ASP G 219 35.07 -22.46 5.73
N LYS G 220 33.96 -22.80 5.06
CA LYS G 220 32.78 -21.95 5.15
C LYS G 220 32.11 -22.05 6.51
N VAL G 221 32.19 -23.21 7.16
CA VAL G 221 31.61 -23.35 8.49
C VAL G 221 32.32 -22.41 9.46
N ILE G 222 33.65 -22.36 9.39
CA ILE G 222 34.39 -21.44 10.24
C ILE G 222 34.09 -20.00 9.84
N SER G 223 33.91 -19.76 8.55
CA SER G 223 33.58 -18.40 8.10
C SER G 223 32.26 -17.96 8.70
N HIS G 224 31.30 -18.89 8.84
CA HIS G 224 30.01 -18.54 9.42
C HIS G 224 30.18 -18.04 10.85
N ARG G 225 31.13 -18.62 11.59
CA ARG G 225 31.38 -18.21 12.96
C ARG G 225 32.04 -16.82 13.02
N VAL G 226 32.83 -16.48 11.99
CA VAL G 226 33.54 -15.22 11.97
C VAL G 226 33.00 -14.30 10.87
N GLU G 227 31.70 -14.41 10.57
CA GLU G 227 31.11 -13.57 9.53
C GLU G 227 31.42 -12.10 9.77
N THR G 228 31.21 -11.62 10.99
CA THR G 228 31.44 -10.23 11.37
C THR G 228 30.78 -9.29 10.36
N GLY G 229 29.46 -9.41 10.27
CA GLY G 229 28.68 -8.58 9.36
C GLY G 229 29.03 -7.12 9.45
N SER G 230 29.56 -6.57 8.35
CA SER G 230 29.94 -5.16 8.34
C SER G 230 28.73 -4.26 8.52
N GLY G 231 27.68 -4.49 7.74
CA GLY G 231 26.46 -3.71 7.81
C GLY G 231 26.27 -2.84 6.58
N ILE G 232 25.44 -1.82 6.76
CA ILE G 232 25.13 -0.85 5.71
C ILE G 232 25.35 0.55 6.28
N GLY G 233 26.04 1.38 5.52
CA GLY G 233 26.30 2.73 5.95
C GLY G 233 27.53 3.29 5.27
N PHE G 234 27.99 4.41 5.81
CA PHE G 234 29.15 5.13 5.30
C PHE G 234 30.43 4.50 5.85
N GLY G 235 31.55 5.22 5.70
CA GLY G 235 32.86 4.77 6.12
C GLY G 235 32.89 4.01 7.43
N ALA G 236 32.01 4.35 8.37
CA ALA G 236 31.97 3.65 9.64
C ALA G 236 31.96 2.13 9.43
N THR G 237 31.21 1.67 8.42
CA THR G 237 31.15 0.25 8.12
C THR G 237 32.43 -0.21 7.44
N VAL G 238 32.64 -1.52 7.48
CA VAL G 238 33.83 -2.15 6.88
C VAL G 238 33.38 -3.12 5.80
N LYS G 239 32.26 -2.81 5.14
CA LYS G 239 31.70 -3.68 4.13
C LYS G 239 32.67 -3.87 2.97
N ALA G 240 33.14 -5.11 2.80
CA ALA G 240 34.05 -5.48 1.73
C ALA G 240 34.00 -6.99 1.59
N LYS G 241 33.49 -7.49 0.46
CA LYS G 241 33.36 -8.92 0.26
C LYS G 241 34.50 -9.49 -0.60
N SER G 242 34.61 -9.01 -1.83
CA SER G 242 35.65 -9.51 -2.73
C SER G 242 37.04 -9.02 -2.29
N ASP G 243 37.09 -7.99 -1.44
CA ASP G 243 38.37 -7.46 -0.99
C ASP G 243 39.25 -8.54 -0.36
N LYS G 244 38.70 -9.30 0.60
CA LYS G 244 39.48 -10.33 1.27
C LYS G 244 38.62 -11.56 1.57
N ALA G 245 39.23 -12.73 1.44
CA ALA G 245 38.62 -14.02 1.72
C ALA G 245 39.37 -14.81 2.76
N SER G 246 40.70 -14.80 2.70
CA SER G 246 41.57 -15.48 3.66
C SER G 246 41.11 -16.91 3.93
N GLU G 247 40.99 -17.70 2.85
CA GLU G 247 40.58 -19.09 3.00
C GLU G 247 41.58 -19.88 3.84
N GLY G 248 42.87 -19.61 3.64
CA GLY G 248 43.89 -20.33 4.39
C GLY G 248 43.79 -20.09 5.89
N GLU G 249 43.50 -18.86 6.30
CA GLU G 249 43.39 -18.55 7.72
C GLU G 249 42.15 -19.20 8.33
N LEU G 250 41.11 -19.44 7.52
CA LEU G 250 39.90 -20.08 8.05
C LEU G 250 40.22 -21.45 8.63
N LEU G 251 41.01 -22.24 7.90
CA LEU G 251 41.39 -23.57 8.39
C LEU G 251 42.44 -23.49 9.48
N ALA G 252 43.27 -22.45 9.48
CA ALA G 252 44.29 -22.31 10.52
C ALA G 252 43.73 -21.81 11.84
N GLN G 253 42.52 -21.24 11.83
CA GLN G 253 41.86 -20.74 13.03
C GLN G 253 40.78 -21.70 13.52
N VAL G 254 40.70 -22.90 12.93
CA VAL G 254 39.69 -23.87 13.35
C VAL G 254 39.79 -24.10 14.85
N GLU G 255 38.63 -24.26 15.47
CA GLU G 255 38.49 -24.48 16.91
C GLU G 255 37.58 -25.68 17.14
N PRO G 256 37.65 -26.30 18.32
CA PRO G 256 36.77 -27.46 18.56
C PRO G 256 35.30 -27.16 18.33
N GLU G 257 34.83 -25.98 18.70
CA GLU G 257 33.43 -25.64 18.47
C GLU G 257 33.10 -25.65 16.99
N ASP G 258 34.01 -25.13 16.16
CA ASP G 258 33.77 -25.13 14.71
C ASP G 258 33.65 -26.55 14.18
N LEU G 259 34.51 -27.46 14.65
CA LEU G 259 34.45 -28.84 14.21
C LEU G 259 33.19 -29.52 14.71
N ILE G 260 32.76 -29.20 15.93
CA ILE G 260 31.54 -29.80 16.48
C ILE G 260 30.34 -29.42 15.62
N LYS G 261 30.26 -28.14 15.25
CA LYS G 261 29.15 -27.68 14.42
C LYS G 261 29.21 -28.34 13.04
N PHE G 262 30.43 -28.65 12.57
CA PHE G 262 30.57 -29.29 11.27
C PHE G 262 29.88 -30.65 11.24
N GLY G 263 29.87 -31.37 12.36
CA GLY G 263 29.24 -32.67 12.42
C GLY G 263 30.00 -33.67 13.27
N LEU G 264 31.24 -33.35 13.61
CA LEU G 264 32.05 -34.25 14.42
C LEU G 264 31.48 -34.37 15.82
N ILE G 265 31.50 -35.60 16.35
CA ILE G 265 30.97 -35.84 17.71
C ILE G 265 31.81 -35.06 18.72
N PRO G 266 31.20 -34.36 19.68
CA PRO G 266 32.02 -33.62 20.66
C PRO G 266 32.98 -34.51 21.41
N GLU G 267 32.58 -35.73 21.77
CA GLU G 267 33.47 -36.63 22.49
C GLU G 267 34.68 -36.99 21.65
N PHE G 268 34.47 -37.24 20.35
CA PHE G 268 35.59 -37.60 19.48
C PHE G 268 36.64 -36.49 19.46
N ILE G 269 36.20 -35.23 19.35
CA ILE G 269 37.14 -34.12 19.34
C ILE G 269 37.90 -34.05 20.67
N GLY G 270 37.23 -34.42 21.76
CA GLY G 270 37.88 -34.38 23.07
C GLY G 270 39.14 -35.23 23.10
N ARG G 271 39.07 -36.44 22.55
CA ARG G 271 40.25 -37.30 22.52
C ARG G 271 41.35 -36.70 21.68
N LEU G 272 41.00 -35.81 20.75
CA LEU G 272 41.97 -35.17 19.87
C LEU G 272 42.18 -33.71 20.28
N PRO G 273 43.07 -33.43 21.24
CA PRO G 273 43.29 -32.04 21.66
C PRO G 273 44.08 -31.25 20.62
N VAL G 274 44.95 -31.95 19.89
CA VAL G 274 45.77 -31.32 18.86
C VAL G 274 45.05 -31.46 17.53
N VAL G 275 44.93 -30.36 16.80
CA VAL G 275 44.27 -30.33 15.50
C VAL G 275 45.20 -29.59 14.53
N ALA G 276 45.92 -30.33 13.71
CA ALA G 276 46.82 -29.72 12.74
C ALA G 276 46.02 -29.03 11.65
N THR G 277 46.60 -27.95 11.09
CA THR G 277 45.97 -27.16 10.04
C THR G 277 46.96 -27.00 8.90
N LEU G 278 46.84 -27.85 7.88
CA LEU G 278 47.73 -27.77 6.73
C LEU G 278 47.34 -26.56 5.87
N ASN G 279 48.22 -26.23 4.93
CA ASN G 279 48.01 -25.10 4.03
C ASN G 279 48.18 -25.55 2.59
N GLU G 280 47.55 -24.80 1.68
CA GLU G 280 47.62 -25.11 0.27
C GLU G 280 49.04 -24.92 -0.27
N LEU G 281 49.35 -25.62 -1.34
CA LEU G 281 50.66 -25.55 -1.96
C LEU G 281 50.80 -24.27 -2.77
N SER G 282 52.05 -23.94 -3.10
CA SER G 282 52.39 -22.76 -3.88
C SER G 282 52.78 -23.16 -5.29
N GLU G 283 52.93 -22.15 -6.15
CA GLU G 283 53.31 -22.41 -7.54
C GLU G 283 54.63 -23.17 -7.62
N GLU G 284 55.66 -22.68 -6.92
CA GLU G 284 56.95 -23.35 -6.94
C GLU G 284 56.87 -24.73 -6.29
N ALA G 285 56.12 -24.84 -5.19
CA ALA G 285 55.99 -26.12 -4.51
C ALA G 285 55.39 -27.17 -5.43
N LEU G 286 54.34 -26.81 -6.18
CA LEU G 286 53.72 -27.77 -7.08
C LEU G 286 54.70 -28.21 -8.17
N ILE G 287 55.56 -27.29 -8.62
CA ILE G 287 56.54 -27.63 -9.66
C ILE G 287 57.52 -28.67 -9.16
N GLN G 288 57.88 -28.62 -7.88
CA GLN G 288 58.83 -29.59 -7.33
C GLN G 288 58.32 -31.01 -7.50
N ILE G 289 57.04 -31.24 -7.20
CA ILE G 289 56.46 -32.57 -7.32
C ILE G 289 56.49 -33.07 -8.76
N LEU G 290 56.60 -32.17 -9.73
CA LEU G 290 56.62 -32.58 -11.13
C LEU G 290 57.87 -33.38 -11.48
N LYS G 291 58.97 -33.20 -10.75
CA LYS G 291 60.22 -33.90 -11.03
C LYS G 291 60.89 -34.54 -9.82
N GLU G 292 60.70 -34.00 -8.63
CA GLU G 292 61.34 -34.54 -7.43
C GLU G 292 61.04 -36.02 -7.21
N PRO G 293 59.78 -36.46 -7.29
CA PRO G 293 59.48 -37.88 -7.07
C PRO G 293 60.23 -38.77 -8.04
N LYS G 294 60.59 -39.96 -7.55
CA LYS G 294 61.30 -40.93 -8.40
C LYS G 294 60.51 -41.21 -9.67
N ASN G 295 59.19 -41.40 -9.52
CA ASN G 295 58.30 -41.64 -10.65
C ASN G 295 57.49 -40.39 -10.98
N ALA G 296 58.12 -39.22 -10.81
CA ALA G 296 57.45 -37.95 -11.07
C ALA G 296 56.82 -37.92 -12.45
N LEU G 297 55.80 -37.08 -12.60
CA LEU G 297 55.08 -36.95 -13.86
C LEU G 297 56.03 -36.66 -15.02
N THR G 298 56.96 -35.71 -14.82
CA THR G 298 57.91 -35.38 -15.88
C THR G 298 58.72 -36.60 -16.31
N LYS G 299 59.18 -37.40 -15.34
CA LYS G 299 59.96 -38.58 -15.66
C LYS G 299 59.12 -39.60 -16.42
N GLN G 300 57.84 -39.73 -16.08
CA GLN G 300 56.98 -40.69 -16.76
C GLN G 300 56.85 -40.34 -18.24
N TYR G 301 56.62 -39.06 -18.55
CA TYR G 301 56.51 -38.67 -19.95
C TYR G 301 57.85 -38.76 -20.67
N GLN G 302 58.93 -38.37 -19.99
CA GLN G 302 60.25 -38.47 -20.61
C GLN G 302 60.56 -39.92 -20.96
N ALA G 303 60.26 -40.84 -20.05
CA ALA G 303 60.49 -42.25 -20.32
C ALA G 303 59.64 -42.71 -21.50
N LEU G 304 58.39 -42.27 -21.57
CA LEU G 304 57.52 -42.64 -22.68
C LEU G 304 58.14 -42.19 -24.00
N PHE G 305 58.53 -40.92 -24.08
CA PHE G 305 59.15 -40.41 -25.29
C PHE G 305 60.47 -41.12 -25.56
N ASN G 306 61.26 -41.34 -24.50
CA ASN G 306 62.53 -42.05 -24.67
C ASN G 306 62.29 -43.47 -25.15
N LEU G 307 61.27 -44.13 -24.61
CA LEU G 307 60.96 -45.51 -25.03
C LEU G 307 60.71 -45.55 -26.53
N GLU G 308 59.97 -44.58 -27.05
CA GLU G 308 59.70 -44.54 -28.49
C GLU G 308 60.98 -44.33 -29.28
N GLY G 309 61.90 -43.51 -28.75
CA GLY G 309 63.15 -43.23 -29.41
C GLY G 309 63.38 -41.75 -29.65
N VAL G 310 62.71 -40.91 -28.87
CA VAL G 310 62.82 -39.47 -28.99
C VAL G 310 63.06 -38.87 -27.61
N ASP G 311 63.79 -37.76 -27.57
CA ASP G 311 64.11 -37.07 -26.34
C ASP G 311 63.04 -36.04 -26.01
N LEU G 312 62.80 -35.85 -24.72
CA LEU G 312 61.80 -34.91 -24.23
C LEU G 312 62.43 -34.03 -23.16
N GLU G 313 62.10 -32.74 -23.19
CA GLU G 313 62.62 -31.76 -22.25
C GLU G 313 61.45 -30.98 -21.66
N PHE G 314 61.41 -30.88 -20.33
CA PHE G 314 60.36 -30.15 -19.62
C PHE G 314 60.95 -28.84 -19.13
N ARG G 315 60.77 -27.79 -19.93
CA ARG G 315 61.28 -26.47 -19.59
C ARG G 315 60.72 -26.01 -18.26
N ASP G 316 61.59 -25.49 -17.40
CA ASP G 316 61.16 -25.01 -16.09
C ASP G 316 60.20 -23.84 -16.22
N GLU G 317 60.43 -22.95 -17.19
CA GLU G 317 59.54 -21.80 -17.36
C GLU G 317 58.12 -22.26 -17.67
N ALA G 318 57.97 -23.30 -18.48
CA ALA G 318 56.64 -23.79 -18.82
C ALA G 318 55.93 -24.32 -17.58
N LEU G 319 56.67 -24.97 -16.67
CA LEU G 319 56.05 -25.50 -15.46
C LEU G 319 55.35 -24.41 -14.66
N ASP G 320 55.82 -23.17 -14.76
CA ASP G 320 55.18 -22.09 -14.03
C ASP G 320 53.72 -21.94 -14.43
N ALA G 321 53.45 -21.92 -15.74
CA ALA G 321 52.08 -21.80 -16.21
C ALA G 321 51.26 -23.03 -15.82
N ILE G 322 51.87 -24.22 -15.87
CA ILE G 322 51.16 -25.44 -15.50
C ILE G 322 50.62 -25.32 -14.08
N ALA G 323 51.47 -24.87 -13.15
CA ALA G 323 51.04 -24.72 -11.77
C ALA G 323 49.90 -23.73 -11.64
N LYS G 324 49.95 -22.63 -12.40
CA LYS G 324 48.90 -21.63 -12.34
C LYS G 324 47.53 -22.25 -12.61
N LYS G 325 47.43 -23.08 -13.65
CA LYS G 325 46.17 -23.72 -13.96
C LYS G 325 45.72 -24.62 -12.80
N ALA G 326 46.66 -25.40 -12.25
CA ALA G 326 46.31 -26.28 -11.14
C ALA G 326 45.92 -25.47 -9.91
N MET G 327 46.62 -24.37 -9.65
CA MET G 327 46.29 -23.55 -8.49
C MET G 327 44.86 -23.02 -8.56
N ALA G 328 44.43 -22.59 -9.75
CA ALA G 328 43.07 -22.07 -9.89
C ALA G 328 42.05 -23.20 -9.92
N ARG G 329 42.44 -24.36 -10.49
CA ARG G 329 41.53 -25.49 -10.58
C ARG G 329 41.16 -26.06 -9.22
N LYS G 330 41.97 -25.81 -8.19
CA LYS G 330 41.70 -26.29 -6.83
C LYS G 330 41.64 -27.83 -6.79
N THR G 331 42.37 -28.50 -7.67
CA THR G 331 42.37 -29.95 -7.71
C THR G 331 43.60 -30.57 -7.06
N GLY G 332 44.74 -29.91 -7.13
CA GLY G 332 45.96 -30.44 -6.52
C GLY G 332 46.83 -31.21 -7.48
N ALA G 333 47.52 -32.23 -6.97
CA ALA G 333 48.40 -33.03 -7.81
C ALA G 333 47.63 -33.77 -8.90
N ARG G 334 46.38 -34.14 -8.61
CA ARG G 334 45.59 -34.87 -9.60
C ARG G 334 45.39 -34.04 -10.87
N GLY G 335 45.12 -32.74 -10.71
CA GLY G 335 44.90 -31.88 -11.87
C GLY G 335 46.15 -31.62 -12.69
N LEU G 336 47.34 -31.85 -12.13
CA LEU G 336 48.56 -31.60 -12.87
C LEU G 336 48.63 -32.45 -14.13
N ARG G 337 48.29 -33.74 -14.02
CA ARG G 337 48.33 -34.62 -15.18
C ARG G 337 47.39 -34.15 -16.28
N SER G 338 46.21 -33.67 -15.91
CA SER G 338 45.26 -33.22 -16.91
C SER G 338 45.82 -32.07 -17.74
N ILE G 339 46.49 -31.12 -17.09
CA ILE G 339 47.06 -29.99 -17.81
C ILE G 339 48.13 -30.45 -18.79
N VAL G 340 49.00 -31.36 -18.35
CA VAL G 340 50.08 -31.84 -19.21
C VAL G 340 49.50 -32.58 -20.42
N GLU G 341 48.52 -33.46 -20.18
CA GLU G 341 47.92 -34.22 -21.27
C GLU G 341 47.30 -33.31 -22.32
N ALA G 342 46.55 -32.30 -21.89
CA ALA G 342 45.91 -31.40 -22.84
C ALA G 342 46.96 -30.62 -23.64
N ALA G 343 48.01 -30.15 -22.97
CA ALA G 343 49.05 -29.40 -23.66
C ALA G 343 49.79 -30.26 -24.67
N LEU G 344 50.05 -31.51 -24.34
CA LEU G 344 50.79 -32.42 -25.21
C LEU G 344 49.89 -33.36 -25.99
N LEU G 345 48.58 -33.08 -26.04
CA LEU G 345 47.67 -33.95 -26.78
C LEU G 345 47.96 -33.92 -28.28
N ASP G 346 48.07 -32.72 -28.85
CA ASP G 346 48.32 -32.61 -30.29
C ASP G 346 49.68 -33.16 -30.68
N THR G 347 50.73 -32.79 -29.93
CA THR G 347 52.07 -33.25 -30.26
C THR G 347 52.18 -34.76 -30.15
N MET G 348 51.60 -35.35 -29.11
CA MET G 348 51.67 -36.79 -28.93
C MET G 348 50.87 -37.54 -29.99
N TYR G 349 50.00 -36.86 -30.73
CA TYR G 349 49.20 -37.53 -31.75
C TYR G 349 49.95 -37.62 -33.08
N ASP G 350 50.72 -36.60 -33.44
CA ASP G 350 51.46 -36.58 -34.68
C ASP G 350 52.93 -36.98 -34.52
N LEU G 351 53.49 -36.80 -33.32
CA LEU G 351 54.89 -37.17 -33.09
C LEU G 351 55.22 -38.59 -33.50
N PRO G 352 54.43 -39.62 -33.15
CA PRO G 352 54.77 -40.99 -33.56
C PRO G 352 54.87 -41.14 -35.07
N SER G 353 54.19 -40.25 -35.81
CA SER G 353 54.21 -40.30 -37.27
C SER G 353 55.27 -39.38 -37.88
N MET G 354 55.81 -38.43 -37.11
CA MET G 354 56.83 -37.54 -37.64
C MET G 354 58.15 -38.30 -37.81
N GLU G 355 59.06 -37.70 -38.59
CA GLU G 355 60.35 -38.30 -38.88
C GLU G 355 61.46 -37.28 -38.74
N ASP G 356 62.67 -37.78 -38.51
CA ASP G 356 63.87 -36.96 -38.37
C ASP G 356 63.77 -35.98 -37.20
N VAL G 357 63.06 -36.37 -36.16
CA VAL G 357 62.89 -35.56 -34.95
C VAL G 357 63.61 -36.27 -33.81
N GLU G 358 64.55 -35.58 -33.17
CA GLU G 358 65.32 -36.15 -32.08
C GLU G 358 65.02 -35.56 -30.71
N LYS G 359 64.53 -34.32 -30.65
CA LYS G 359 64.23 -33.70 -29.37
C LYS G 359 63.02 -32.79 -29.52
N VAL G 360 62.34 -32.54 -28.40
CA VAL G 360 61.16 -31.69 -28.37
C VAL G 360 61.28 -30.76 -27.15
N VAL G 361 60.85 -29.52 -27.33
CA VAL G 361 60.88 -28.51 -26.28
C VAL G 361 59.53 -27.83 -26.22
N ILE G 362 58.97 -27.73 -25.02
CA ILE G 362 57.67 -27.11 -24.80
C ILE G 362 57.91 -25.73 -24.20
N ASP G 363 57.69 -24.69 -25.00
CA ASP G 363 57.87 -23.33 -24.52
C ASP G 363 56.72 -22.97 -23.57
N GLU G 364 56.97 -21.94 -22.75
CA GLU G 364 55.95 -21.52 -21.79
C GLU G 364 54.66 -21.11 -22.46
N SER G 365 54.73 -20.60 -23.70
CA SER G 365 53.53 -20.19 -24.41
C SER G 365 52.63 -21.37 -24.77
N VAL G 366 53.17 -22.59 -24.75
CA VAL G 366 52.35 -23.76 -25.08
C VAL G 366 51.22 -23.93 -24.07
N ILE G 367 51.50 -23.67 -22.80
CA ILE G 367 50.47 -23.81 -21.78
C ILE G 367 49.30 -22.90 -22.08
N ASP G 368 49.57 -21.68 -22.56
CA ASP G 368 48.50 -20.76 -22.89
C ASP G 368 47.64 -21.30 -24.03
N GLY G 369 48.23 -22.09 -24.93
CA GLY G 369 47.53 -22.67 -26.05
C GLY G 369 47.71 -21.95 -27.38
N GLN G 370 48.31 -20.76 -27.37
CA GLN G 370 48.50 -20.04 -28.63
C GLN G 370 49.62 -20.66 -29.46
N SER G 371 50.69 -21.11 -28.82
CA SER G 371 51.83 -21.70 -29.51
C SER G 371 51.77 -23.23 -29.45
N GLU G 372 52.78 -23.86 -30.04
CA GLU G 372 52.88 -25.32 -30.06
C GLU G 372 54.28 -25.74 -29.60
N PRO G 373 54.46 -26.99 -29.17
CA PRO G 373 55.80 -27.41 -28.71
C PRO G 373 56.87 -27.31 -29.79
N LEU G 374 57.94 -26.58 -29.50
CA LEU G 374 59.03 -26.43 -30.46
C LEU G 374 59.61 -27.80 -30.82
N LEU G 375 59.86 -27.99 -32.11
CA LEU G 375 60.40 -29.24 -32.64
C LEU G 375 61.86 -29.04 -33.02
N ILE G 376 62.69 -30.03 -32.67
CA ILE G 376 64.12 -30.01 -32.96
C ILE G 376 64.36 -31.02 -34.08
N TYR G 377 64.81 -30.52 -35.23
CA TYR G 377 65.09 -31.36 -36.38
C TYR G 377 66.59 -31.57 -36.53
N GLY G 378 66.95 -32.75 -37.03
CA GLY G 378 68.35 -33.10 -37.23
C GLY G 378 68.60 -34.59 -37.18
N LEU H 1 -11.14 4.82 13.67
CA LEU H 1 -11.20 3.89 12.56
C LEU H 1 -12.11 2.72 12.88
N VAL H 2 -12.38 1.88 11.89
CA VAL H 2 -13.25 0.71 12.05
C VAL H 2 -12.50 -0.35 12.85
N PRO H 3 -13.05 -0.81 13.98
CA PRO H 3 -12.35 -1.84 14.76
C PRO H 3 -12.48 -3.22 14.12
N MET H 4 -11.58 -4.10 14.52
CA MET H 4 -11.54 -5.47 14.03
C MET H 4 -12.05 -6.40 15.12
N VAL H 5 -12.80 -7.42 14.70
CA VAL H 5 -13.37 -8.40 15.62
C VAL H 5 -12.94 -9.79 15.17
N ILE H 6 -12.94 -10.73 16.11
CA ILE H 6 -12.55 -12.10 15.87
C ILE H 6 -13.78 -13.00 16.02
N GLU H 7 -14.03 -13.84 15.02
CA GLU H 7 -15.14 -14.77 15.02
C GLU H 7 -14.60 -16.17 15.28
N GLN H 8 -15.14 -16.84 16.27
CA GLN H 8 -14.71 -18.20 16.62
C GLN H 8 -15.46 -19.20 15.75
N THR H 9 -14.69 -20.09 15.13
CA THR H 9 -15.25 -21.12 14.26
C THR H 9 -14.52 -22.43 14.52
N SER H 10 -15.13 -23.53 14.08
CA SER H 10 -14.51 -24.84 14.28
C SER H 10 -13.15 -24.91 13.60
N ARG H 11 -13.05 -24.39 12.37
CA ARG H 11 -11.78 -24.42 11.66
C ARG H 11 -10.73 -23.59 12.39
N GLY H 12 -11.11 -22.41 12.88
CA GLY H 12 -10.18 -21.56 13.58
C GLY H 12 -10.72 -20.15 13.68
N GLU H 13 -9.87 -19.28 14.21
CA GLU H 13 -10.23 -17.88 14.37
C GLU H 13 -9.99 -17.10 13.09
N ARG H 14 -10.86 -16.13 12.82
CA ARG H 14 -10.76 -15.28 11.64
C ARG H 14 -11.00 -13.84 12.07
N SER H 15 -10.36 -12.92 11.37
CA SER H 15 -10.45 -11.49 11.67
C SER H 15 -11.26 -10.77 10.61
N PHE H 16 -12.27 -10.02 11.05
CA PHE H 16 -13.14 -9.25 10.17
C PHE H 16 -13.40 -7.89 10.81
N ASP H 17 -13.65 -6.90 9.96
CA ASP H 17 -13.96 -5.59 10.48
C ASP H 17 -15.37 -5.62 11.09
N ILE H 18 -15.68 -4.59 11.88
CA ILE H 18 -16.98 -4.55 12.55
C ILE H 18 -18.12 -4.65 11.53
N TYR H 19 -18.02 -3.91 10.42
CA TYR H 19 -19.09 -3.95 9.44
C TYR H 19 -19.14 -5.28 8.71
N SER H 20 -17.98 -5.85 8.37
CA SER H 20 -17.96 -7.14 7.69
C SER H 20 -18.54 -8.24 8.58
N ARG H 21 -18.24 -8.18 9.88
CA ARG H 21 -18.76 -9.19 10.79
C ARG H 21 -20.28 -9.18 10.79
N LEU H 22 -20.89 -8.00 10.84
CA LEU H 22 -22.34 -7.93 10.81
C LEU H 22 -22.90 -8.29 9.45
N LEU H 23 -22.10 -8.15 8.38
CA LEU H 23 -22.59 -8.52 7.06
C LEU H 23 -22.87 -10.01 7.01
N LYS H 24 -22.02 -10.83 7.63
CA LYS H 24 -22.25 -12.26 7.65
C LYS H 24 -23.58 -12.61 8.30
N GLU H 25 -24.08 -11.75 9.18
CA GLU H 25 -25.36 -11.97 9.85
C GLU H 25 -26.52 -11.39 9.06
N ARG H 26 -26.31 -11.04 7.80
CA ARG H 26 -27.35 -10.48 6.94
C ARG H 26 -27.82 -9.12 7.45
N VAL H 27 -26.86 -8.28 7.82
CA VAL H 27 -27.11 -6.94 8.32
C VAL H 27 -26.37 -5.95 7.42
N ILE H 28 -27.11 -4.97 6.91
CA ILE H 28 -26.55 -3.94 6.03
C ILE H 28 -26.79 -2.58 6.66
N PHE H 29 -25.77 -1.73 6.62
CA PHE H 29 -25.84 -0.39 7.18
C PHE H 29 -25.99 0.63 6.06
N LEU H 30 -26.97 1.53 6.20
CA LEU H 30 -27.23 2.60 5.25
C LEU H 30 -27.06 3.89 6.04
N THR H 31 -25.86 4.44 6.04
CA THR H 31 -25.53 5.64 6.78
C THR H 31 -25.03 6.73 5.85
N GLY H 32 -25.33 7.98 6.21
CA GLY H 32 -24.90 9.12 5.44
C GLY H 32 -25.78 9.38 4.23
N GLN H 33 -25.46 10.48 3.55
CA GLN H 33 -26.22 10.86 2.35
C GLN H 33 -26.20 9.74 1.33
N VAL H 34 -27.35 9.51 0.71
CA VAL H 34 -27.47 8.47 -0.31
C VAL H 34 -26.87 8.97 -1.61
N GLU H 35 -25.96 8.17 -2.18
CA GLU H 35 -25.30 8.51 -3.42
C GLU H 35 -25.11 7.25 -4.25
N ASP H 36 -24.64 7.43 -5.48
CA ASP H 36 -24.46 6.29 -6.37
C ASP H 36 -23.41 5.31 -5.84
N HIS H 37 -22.28 5.82 -5.33
CA HIS H 37 -21.23 4.94 -4.86
C HIS H 37 -21.68 4.12 -3.65
N MET H 38 -22.20 4.79 -2.62
CA MET H 38 -22.65 4.06 -1.45
C MET H 38 -23.85 3.17 -1.78
N ALA H 39 -24.67 3.58 -2.75
CA ALA H 39 -25.82 2.77 -3.13
C ALA H 39 -25.37 1.45 -3.73
N ASN H 40 -24.31 1.46 -4.54
CA ASN H 40 -23.84 0.21 -5.14
C ASN H 40 -23.36 -0.76 -4.07
N LEU H 41 -22.69 -0.25 -3.03
CA LEU H 41 -22.24 -1.14 -1.96
C LEU H 41 -23.43 -1.87 -1.34
N ILE H 42 -24.52 -1.13 -1.10
CA ILE H 42 -25.71 -1.75 -0.54
C ILE H 42 -26.30 -2.75 -1.52
N VAL H 43 -26.36 -2.37 -2.80
CA VAL H 43 -26.90 -3.27 -3.82
C VAL H 43 -26.05 -4.54 -3.90
N ALA H 44 -24.72 -4.38 -3.90
CA ALA H 44 -23.85 -5.55 -3.97
C ALA H 44 -24.04 -6.43 -2.75
N GLN H 45 -24.11 -5.83 -1.56
CA GLN H 45 -24.29 -6.62 -0.35
C GLN H 45 -25.62 -7.36 -0.38
N MET H 46 -26.69 -6.69 -0.80
CA MET H 46 -27.99 -7.35 -0.87
C MET H 46 -27.96 -8.52 -1.85
N LEU H 47 -27.35 -8.33 -3.01
CA LEU H 47 -27.25 -9.41 -3.98
C LEU H 47 -26.41 -10.55 -3.44
N PHE H 48 -25.31 -10.22 -2.76
CA PHE H 48 -24.44 -11.26 -2.20
C PHE H 48 -25.18 -12.07 -1.15
N LEU H 49 -25.97 -11.42 -0.29
CA LEU H 49 -26.70 -12.13 0.75
C LEU H 49 -27.77 -13.03 0.15
N GLU H 50 -28.38 -12.62 -0.97
CA GLU H 50 -29.41 -13.44 -1.58
C GLU H 50 -28.87 -14.80 -1.99
N ALA H 51 -27.67 -14.81 -2.60
CA ALA H 51 -27.08 -16.07 -3.03
C ALA H 51 -26.74 -16.97 -1.84
N GLU H 52 -26.22 -16.39 -0.75
CA GLU H 52 -25.87 -17.19 0.41
C GLU H 52 -27.09 -17.91 0.96
N ASN H 53 -28.22 -17.21 1.06
CA ASN H 53 -29.45 -17.80 1.57
C ASN H 53 -30.61 -17.01 0.98
N PRO H 54 -31.20 -17.49 -0.12
CA PRO H 54 -32.32 -16.76 -0.72
C PRO H 54 -33.60 -16.88 0.10
N GLU H 55 -33.52 -17.53 1.26
CA GLU H 55 -34.67 -17.71 2.13
C GLU H 55 -34.59 -16.89 3.42
N LYS H 56 -33.40 -16.69 3.98
CA LYS H 56 -33.28 -15.92 5.20
C LYS H 56 -33.51 -14.44 4.94
N ASP H 57 -33.98 -13.74 5.97
CA ASP H 57 -34.26 -12.32 5.84
C ASP H 57 -32.97 -11.52 5.85
N ILE H 58 -33.07 -10.28 5.37
CA ILE H 58 -31.96 -9.34 5.33
C ILE H 58 -32.36 -8.12 6.12
N TYR H 59 -31.48 -7.67 7.00
CA TYR H 59 -31.74 -6.51 7.86
C TYR H 59 -30.98 -5.31 7.31
N LEU H 60 -31.68 -4.19 7.15
CA LEU H 60 -31.10 -2.96 6.65
C LEU H 60 -31.35 -1.86 7.66
N TYR H 61 -30.28 -1.29 8.20
CA TYR H 61 -30.37 -0.21 9.18
C TYR H 61 -30.25 1.10 8.42
N ILE H 62 -31.28 1.94 8.52
CA ILE H 62 -31.34 3.21 7.81
C ILE H 62 -31.16 4.34 8.82
N ASN H 63 -30.11 5.14 8.60
CA ASN H 63 -29.82 6.32 9.43
C ASN H 63 -29.14 7.31 8.49
N SER H 64 -29.94 8.20 7.90
CA SER H 64 -29.37 9.15 6.96
C SER H 64 -30.33 10.28 6.63
N PRO H 65 -29.82 11.46 6.25
CA PRO H 65 -30.69 12.58 5.87
C PRO H 65 -31.08 12.56 4.40
N GLY H 66 -31.45 11.38 3.89
CA GLY H 66 -31.85 11.26 2.51
C GLY H 66 -30.66 11.34 1.55
N GLY H 67 -30.99 11.63 0.30
CA GLY H 67 -29.96 11.75 -0.73
C GLY H 67 -30.54 11.76 -2.12
N VAL H 68 -29.70 11.35 -3.08
CA VAL H 68 -30.14 11.31 -4.47
C VAL H 68 -31.27 10.31 -4.64
N ILE H 69 -32.23 10.66 -5.52
CA ILE H 69 -33.37 9.78 -5.74
C ILE H 69 -32.99 8.60 -6.63
N THR H 70 -32.21 8.85 -7.68
CA THR H 70 -31.81 7.75 -8.57
C THR H 70 -31.02 6.70 -7.81
N ALA H 71 -30.07 7.14 -6.97
CA ALA H 71 -29.28 6.18 -6.20
C ALA H 71 -30.17 5.38 -5.26
N GLY H 72 -31.12 6.04 -4.61
CA GLY H 72 -32.01 5.35 -3.70
C GLY H 72 -32.91 4.37 -4.42
N MET H 73 -33.36 4.72 -5.62
CA MET H 73 -34.24 3.82 -6.36
C MET H 73 -33.54 2.51 -6.69
N SER H 74 -32.22 2.55 -6.91
CA SER H 74 -31.50 1.31 -7.19
C SER H 74 -31.64 0.35 -6.03
N ILE H 75 -31.58 0.87 -4.80
CA ILE H 75 -31.72 0.02 -3.62
C ILE H 75 -33.15 -0.49 -3.52
N TYR H 76 -34.13 0.38 -3.77
CA TYR H 76 -35.53 -0.04 -3.68
C TYR H 76 -35.83 -1.16 -4.68
N ASP H 77 -35.39 -1.00 -5.93
CA ASP H 77 -35.64 -2.03 -6.93
C ASP H 77 -34.96 -3.34 -6.53
N THR H 78 -33.71 -3.25 -6.06
CA THR H 78 -33.00 -4.46 -5.63
C THR H 78 -33.71 -5.10 -4.45
N MET H 79 -34.22 -4.28 -3.53
CA MET H 79 -34.92 -4.80 -2.37
C MET H 79 -36.14 -5.60 -2.77
N GLN H 80 -36.92 -5.09 -3.74
CA GLN H 80 -38.12 -5.79 -4.19
C GLN H 80 -37.79 -6.95 -5.12
N PHE H 81 -36.71 -6.86 -5.88
CA PHE H 81 -36.36 -7.92 -6.81
C PHE H 81 -35.91 -9.19 -6.10
N ILE H 82 -35.02 -9.07 -5.11
CA ILE H 82 -34.50 -10.25 -4.42
C ILE H 82 -35.62 -10.92 -3.64
N LYS H 83 -35.68 -12.25 -3.73
CA LYS H 83 -36.70 -13.00 -3.01
C LYS H 83 -36.66 -12.79 -1.50
N PRO H 84 -35.50 -12.79 -0.85
CA PRO H 84 -35.49 -12.61 0.61
C PRO H 84 -36.17 -11.33 1.03
N ASP H 85 -36.90 -11.41 2.15
CA ASP H 85 -37.57 -10.24 2.69
C ASP H 85 -36.55 -9.37 3.39
N VAL H 86 -36.52 -8.09 3.04
CA VAL H 86 -35.57 -7.14 3.62
C VAL H 86 -36.28 -6.39 4.74
N SER H 87 -35.76 -6.54 5.96
CA SER H 87 -36.30 -5.87 7.13
C SER H 87 -35.54 -4.57 7.33
N THR H 88 -36.27 -3.46 7.42
CA THR H 88 -35.68 -2.14 7.58
C THR H 88 -35.92 -1.64 8.99
N ILE H 89 -34.84 -1.18 9.63
CA ILE H 89 -34.89 -0.64 10.99
C ILE H 89 -34.37 0.79 10.92
N CYS H 90 -35.14 1.72 11.47
CA CYS H 90 -34.76 3.13 11.48
C CYS H 90 -34.04 3.47 12.77
N MET H 91 -32.83 4.00 12.65
CA MET H 91 -32.02 4.39 13.79
C MET H 91 -31.65 5.86 13.64
N GLY H 92 -31.96 6.66 14.64
CA GLY H 92 -31.65 8.07 14.59
C GLY H 92 -32.65 8.87 13.78
N GLN H 93 -32.61 8.74 12.46
CA GLN H 93 -33.53 9.49 11.61
C GLN H 93 -33.66 8.79 10.26
N ALA H 94 -34.62 9.25 9.47
CA ALA H 94 -34.89 8.72 8.15
C ALA H 94 -35.56 9.85 7.35
N ALA H 95 -34.82 10.49 6.47
CA ALA H 95 -35.33 11.60 5.68
C ALA H 95 -36.17 11.07 4.52
N SER H 96 -36.46 11.95 3.56
CA SER H 96 -37.28 11.57 2.42
C SER H 96 -36.83 10.26 1.80
N MET H 97 -35.60 10.21 1.28
CA MET H 97 -35.12 8.97 0.69
C MET H 97 -34.99 7.87 1.74
N GLY H 98 -34.45 8.21 2.91
CA GLY H 98 -34.33 7.22 3.96
C GLY H 98 -35.68 6.69 4.39
N ALA H 99 -36.68 7.57 4.47
CA ALA H 99 -38.01 7.14 4.84
C ALA H 99 -38.63 6.27 3.74
N PHE H 100 -38.37 6.60 2.48
CA PHE H 100 -38.91 5.80 1.39
C PHE H 100 -38.36 4.38 1.45
N LEU H 101 -37.06 4.24 1.73
CA LEU H 101 -36.47 2.91 1.84
C LEU H 101 -36.96 2.23 3.12
N LEU H 102 -37.18 2.99 4.19
CA LEU H 102 -37.66 2.41 5.44
C LEU H 102 -39.03 1.77 5.24
N THR H 103 -39.93 2.46 4.55
CA THR H 103 -41.26 1.94 4.32
C THR H 103 -41.30 0.92 3.18
N ALA H 104 -40.20 0.76 2.44
CA ALA H 104 -40.15 -0.19 1.33
C ALA H 104 -39.82 -1.60 1.78
N GLY H 105 -39.63 -1.83 3.08
CA GLY H 105 -39.32 -3.14 3.57
C GLY H 105 -40.52 -4.07 3.52
N ALA H 106 -40.27 -5.33 3.83
CA ALA H 106 -41.32 -6.33 3.81
C ALA H 106 -42.39 -6.02 4.85
N LYS H 107 -43.63 -6.35 4.52
CA LYS H 107 -44.75 -6.12 5.43
C LYS H 107 -44.50 -6.83 6.76
N GLY H 108 -44.76 -6.12 7.86
CA GLY H 108 -44.58 -6.69 9.17
C GLY H 108 -43.14 -6.82 9.62
N LYS H 109 -42.19 -6.30 8.83
CA LYS H 109 -40.77 -6.39 9.18
C LYS H 109 -40.10 -5.02 9.13
N ARG H 110 -40.87 -3.96 9.28
CA ARG H 110 -40.35 -2.58 9.28
C ARG H 110 -40.45 -2.07 10.70
N PHE H 111 -39.31 -1.84 11.34
CA PHE H 111 -39.26 -1.38 12.71
C PHE H 111 -38.55 -0.05 12.81
N CYS H 112 -38.68 0.57 13.98
CA CYS H 112 -38.05 1.85 14.27
C CYS H 112 -37.82 1.95 15.77
N LEU H 113 -36.71 2.57 16.14
CA LEU H 113 -36.41 2.71 17.56
C LEU H 113 -37.38 3.68 18.22
N PRO H 114 -37.57 3.58 19.54
CA PRO H 114 -38.53 4.47 20.20
C PRO H 114 -38.24 5.95 20.00
N ASN H 115 -36.97 6.33 19.99
CA ASN H 115 -36.57 7.73 19.84
C ASN H 115 -35.92 7.89 18.46
N SER H 116 -36.76 8.12 17.46
CA SER H 116 -36.30 8.32 16.10
C SER H 116 -37.33 9.18 15.38
N ARG H 117 -36.88 9.90 14.37
CA ARG H 117 -37.74 10.79 13.60
C ARG H 117 -37.71 10.39 12.14
N VAL H 118 -38.88 10.44 11.51
CA VAL H 118 -39.03 10.10 10.10
C VAL H 118 -39.54 11.34 9.39
N MET H 119 -38.86 11.74 8.32
CA MET H 119 -39.21 12.92 7.55
C MET H 119 -39.49 12.52 6.11
N ILE H 120 -40.58 13.06 5.56
CA ILE H 120 -40.98 12.78 4.18
C ILE H 120 -41.33 14.10 3.51
N HIS H 121 -40.86 14.27 2.28
CA HIS H 121 -41.12 15.48 1.52
C HIS H 121 -41.02 15.16 0.04
N GLN H 122 -41.52 16.09 -0.78
CA GLN H 122 -41.48 15.90 -2.22
C GLN H 122 -40.05 16.02 -2.74
N PRO H 123 -39.77 15.48 -3.92
CA PRO H 123 -38.41 15.55 -4.46
C PRO H 123 -37.96 16.99 -4.66
N LEU H 124 -36.66 17.21 -4.45
CA LEU H 124 -36.03 18.51 -4.62
C LEU H 124 -35.05 18.45 -5.77
N GLY H 125 -35.15 19.39 -6.70
CA GLY H 125 -34.27 19.42 -7.84
C GLY H 125 -33.93 20.83 -8.27
N GLY H 126 -33.68 21.01 -9.57
CA GLY H 126 -33.35 22.32 -10.09
C GLY H 126 -32.51 22.26 -11.36
N TYR H 127 -32.80 23.15 -12.30
CA TYR H 127 -32.07 23.18 -13.57
C TYR H 127 -32.08 24.60 -14.10
N GLN H 128 -30.94 25.01 -14.68
CA GLN H 128 -30.81 26.34 -15.24
C GLN H 128 -30.39 26.20 -16.70
N GLY H 129 -31.05 26.93 -17.58
CA GLY H 129 -30.75 26.88 -19.00
C GLY H 129 -31.90 27.48 -19.80
N GLN H 130 -32.00 27.05 -21.05
CA GLN H 130 -33.04 27.54 -21.93
C GLN H 130 -34.42 27.13 -21.41
N ALA H 131 -35.43 27.95 -21.75
CA ALA H 131 -36.79 27.65 -21.31
C ALA H 131 -37.24 26.28 -21.79
N THR H 132 -36.81 25.88 -22.99
CA THR H 132 -37.20 24.57 -23.50
C THR H 132 -36.66 23.46 -22.61
N ASP H 133 -35.41 23.59 -22.17
CA ASP H 133 -34.83 22.57 -21.30
C ASP H 133 -35.48 22.58 -19.92
N ILE H 134 -35.91 23.75 -19.45
CA ILE H 134 -36.55 23.83 -18.15
C ILE H 134 -37.81 22.99 -18.12
N GLU H 135 -38.62 23.07 -19.19
CA GLU H 135 -39.85 22.28 -19.24
C GLU H 135 -39.54 20.79 -19.23
N ILE H 136 -38.50 20.37 -19.96
CA ILE H 136 -38.15 18.95 -20.00
C ILE H 136 -37.77 18.47 -18.61
N HIS H 137 -36.88 19.19 -17.94
CA HIS H 137 -36.48 18.79 -16.60
C HIS H 137 -37.60 19.00 -15.58
N ALA H 138 -38.39 20.06 -15.76
CA ALA H 138 -39.51 20.29 -14.85
C ALA H 138 -40.51 19.16 -14.91
N ARG H 139 -40.80 18.67 -16.11
CA ARG H 139 -41.75 17.57 -16.23
C ARG H 139 -41.16 16.28 -15.68
N GLU H 140 -39.86 16.08 -15.84
CA GLU H 140 -39.23 14.86 -15.35
C GLU H 140 -39.33 14.76 -13.84
N ILE H 141 -39.00 15.84 -13.12
CA ILE H 141 -39.08 15.81 -11.67
C ILE H 141 -40.51 15.61 -11.22
N LEU H 142 -41.47 16.18 -11.96
CA LEU H 142 -42.87 16.00 -11.60
C LEU H 142 -43.25 14.52 -11.69
N LYS H 143 -42.77 13.83 -12.71
CA LYS H 143 -43.06 12.41 -12.84
C LYS H 143 -42.47 11.63 -11.68
N VAL H 144 -41.25 12.00 -11.26
CA VAL H 144 -40.62 11.33 -10.13
C VAL H 144 -41.45 11.56 -8.87
N LYS H 145 -41.92 12.78 -8.67
CA LYS H 145 -42.74 13.08 -7.51
C LYS H 145 -44.00 12.23 -7.51
N GLY H 146 -44.66 12.14 -8.67
CA GLY H 146 -45.86 11.32 -8.76
C GLY H 146 -45.54 9.85 -8.59
N ARG H 147 -44.44 9.39 -9.19
CA ARG H 147 -44.06 7.99 -9.07
C ARG H 147 -43.72 7.63 -7.63
N MET H 148 -42.96 8.50 -6.94
CA MET H 148 -42.61 8.22 -5.56
C MET H 148 -43.84 8.23 -4.66
N ASN H 149 -44.78 9.15 -4.91
CA ASN H 149 -45.99 9.18 -4.10
C ASN H 149 -46.78 7.88 -4.24
N GLU H 150 -46.86 7.36 -5.46
CA GLU H 150 -47.59 6.12 -5.69
C GLU H 150 -46.93 4.97 -4.94
N LEU H 151 -45.60 4.87 -5.01
CA LEU H 151 -44.90 3.80 -4.31
C LEU H 151 -45.06 3.95 -2.79
N MET H 152 -44.91 5.17 -2.28
CA MET H 152 -45.07 5.37 -0.84
C MET H 152 -46.49 5.05 -0.41
N ALA H 153 -47.47 5.42 -1.23
CA ALA H 153 -48.87 5.13 -0.89
C ALA H 153 -49.11 3.63 -0.82
N LEU H 154 -48.54 2.88 -1.76
CA LEU H 154 -48.73 1.44 -1.78
C LEU H 154 -48.15 0.78 -0.54
N HIS H 155 -46.94 1.18 -0.16
CA HIS H 155 -46.31 0.58 1.02
C HIS H 155 -46.98 1.04 2.31
N THR H 156 -47.24 2.35 2.44
CA THR H 156 -47.88 2.85 3.65
C THR H 156 -49.33 2.38 3.74
N GLY H 157 -49.97 2.21 2.60
CA GLY H 157 -51.36 1.77 2.56
C GLY H 157 -52.36 2.90 2.54
N GLN H 158 -51.93 4.15 2.51
CA GLN H 158 -52.82 5.28 2.47
C GLN H 158 -53.13 5.68 1.04
N SER H 159 -54.17 6.50 0.88
CA SER H 159 -54.57 6.95 -0.44
C SER H 159 -53.49 7.84 -1.05
N LEU H 160 -53.48 7.89 -2.38
CA LEU H 160 -52.50 8.71 -3.08
C LEU H 160 -52.69 10.19 -2.74
N GLU H 161 -53.94 10.63 -2.64
CA GLU H 161 -54.21 12.02 -2.31
C GLU H 161 -53.64 12.39 -0.95
N GLN H 162 -53.79 11.49 0.03
CA GLN H 162 -53.28 11.77 1.37
C GLN H 162 -51.76 11.95 1.34
N ILE H 163 -51.06 11.09 0.61
CA ILE H 163 -49.60 11.20 0.54
C ILE H 163 -49.20 12.52 -0.10
N GLU H 164 -49.89 12.92 -1.18
CA GLU H 164 -49.55 14.17 -1.85
C GLU H 164 -49.73 15.36 -0.92
N ARG H 165 -50.86 15.42 -0.22
CA ARG H 165 -51.11 16.54 0.68
C ARG H 165 -50.13 16.54 1.85
N ASP H 166 -49.81 15.36 2.39
CA ASP H 166 -48.90 15.29 3.52
C ASP H 166 -47.46 15.53 3.10
N THR H 167 -47.07 15.05 1.92
CA THR H 167 -45.71 15.20 1.42
C THR H 167 -45.47 16.53 0.72
N GLU H 168 -46.49 17.37 0.57
CA GLU H 168 -46.31 18.65 -0.11
C GLU H 168 -45.23 19.47 0.56
N ARG H 169 -45.13 19.40 1.89
CA ARG H 169 -44.12 20.13 2.65
C ARG H 169 -43.48 19.15 3.62
N ASP H 170 -42.33 19.54 4.15
CA ASP H 170 -41.62 18.68 5.10
C ASP H 170 -42.54 18.27 6.23
N ARG H 171 -42.57 16.98 6.53
CA ARG H 171 -43.40 16.44 7.59
C ARG H 171 -42.56 15.51 8.45
N PHE H 172 -42.52 15.79 9.75
CA PHE H 172 -41.75 15.01 10.71
C PHE H 172 -42.68 14.10 11.48
N LEU H 173 -42.32 12.82 11.56
CA LEU H 173 -43.10 11.82 12.28
C LEU H 173 -42.22 11.10 13.28
N SER H 174 -42.78 10.81 14.45
CA SER H 174 -42.06 10.11 15.49
C SER H 174 -42.29 8.61 15.31
N ALA H 175 -41.68 7.81 16.19
CA ALA H 175 -41.85 6.36 16.09
C ALA H 175 -43.31 5.95 16.21
N PRO H 176 -44.05 6.34 17.25
CA PRO H 176 -45.47 5.96 17.30
C PRO H 176 -46.29 6.53 16.16
N GLU H 177 -45.96 7.74 15.71
CA GLU H 177 -46.71 8.34 14.61
C GLU H 177 -46.46 7.60 13.31
N ALA H 178 -45.23 7.13 13.10
CA ALA H 178 -44.92 6.40 11.87
C ALA H 178 -45.73 5.11 11.78
N VAL H 179 -45.97 4.47 12.92
CA VAL H 179 -46.77 3.23 12.91
C VAL H 179 -48.18 3.50 12.44
N GLU H 180 -48.81 4.55 12.97
CA GLU H 180 -50.17 4.89 12.56
C GLU H 180 -50.21 5.28 11.09
N TYR H 181 -49.24 6.06 10.63
CA TYR H 181 -49.23 6.49 9.24
C TYR H 181 -49.05 5.31 8.30
N GLY H 182 -48.26 4.32 8.71
CA GLY H 182 -48.01 3.14 7.91
C GLY H 182 -46.58 3.00 7.43
N LEU H 183 -45.70 3.95 7.75
CA LEU H 183 -44.31 3.84 7.30
C LEU H 183 -43.62 2.63 7.92
N VAL H 184 -43.91 2.36 9.20
CA VAL H 184 -43.32 1.22 9.89
C VAL H 184 -44.43 0.32 10.41
N ASP H 185 -44.07 -0.84 10.96
CA ASP H 185 -45.05 -1.79 11.46
C ASP H 185 -45.01 -1.97 12.98
N SER H 186 -43.86 -1.76 13.61
CA SER H 186 -43.75 -1.94 15.06
C SER H 186 -42.58 -1.11 15.55
N ILE H 187 -42.44 -1.07 16.88
CA ILE H 187 -41.38 -0.33 17.55
C ILE H 187 -40.62 -1.30 18.44
N LEU H 188 -39.29 -1.29 18.35
CA LEU H 188 -38.45 -2.16 19.15
C LEU H 188 -37.90 -1.36 20.33
N THR H 189 -38.43 -1.62 21.52
CA THR H 189 -38.02 -0.91 22.73
C THR H 189 -36.99 -1.70 23.53
N HIS H 190 -37.26 -2.97 23.81
CA HIS H 190 -36.33 -3.80 24.56
C HIS H 190 -36.34 -5.20 23.97
N ARG H 191 -35.24 -5.93 24.20
CA ARG H 191 -35.10 -7.31 23.67
C ARG H 191 -35.83 -8.27 24.62
N ASN H 192 -36.81 -9.03 24.10
CA ASN H 192 -37.59 -9.98 24.88
C ASN H 192 -36.91 -11.34 24.91
N LEU I 1 -2.44 6.82 12.92
CA LEU I 1 -1.35 6.11 13.59
C LEU I 1 -1.81 5.60 14.94
N VAL I 2 -2.07 4.29 15.02
CA VAL I 2 -2.52 3.68 16.26
C VAL I 2 -1.56 2.53 16.60
N PRO I 3 -1.20 2.33 17.86
CA PRO I 3 -0.28 1.24 18.20
C PRO I 3 -0.95 -0.11 18.10
N MET I 4 -0.11 -1.14 17.96
CA MET I 4 -0.54 -2.52 17.84
C MET I 4 -0.15 -3.27 19.11
N VAL I 5 -0.98 -4.24 19.48
CA VAL I 5 -0.74 -5.06 20.66
C VAL I 5 -0.89 -6.52 20.28
N ILE I 6 -0.29 -7.40 21.09
CA ILE I 6 -0.32 -8.83 20.87
C ILE I 6 -1.07 -9.49 22.02
N GLU I 7 -1.93 -10.44 21.68
CA GLU I 7 -2.72 -11.18 22.65
C GLU I 7 -2.23 -12.62 22.65
N GLN I 8 -1.85 -13.11 23.83
CA GLN I 8 -1.34 -14.47 23.97
C GLN I 8 -2.48 -15.41 24.33
N THR I 9 -2.58 -16.52 23.60
CA THR I 9 -3.62 -17.51 23.84
C THR I 9 -3.13 -18.85 23.34
N SER I 10 -3.88 -19.90 23.71
CA SER I 10 -3.50 -21.25 23.28
C SER I 10 -3.41 -21.37 21.77
N ARG I 11 -4.28 -20.65 21.05
CA ARG I 11 -4.24 -20.69 19.59
C ARG I 11 -2.91 -20.21 19.06
N GLY I 12 -2.39 -19.12 19.61
CA GLY I 12 -1.13 -18.56 19.19
C GLY I 12 -1.16 -17.05 19.32
N GLU I 13 -0.10 -16.43 18.83
CA GLU I 13 0.00 -14.97 18.89
C GLU I 13 -1.04 -14.34 17.98
N ARG I 14 -1.68 -13.29 18.48
CA ARG I 14 -2.72 -12.59 17.74
C ARG I 14 -2.46 -11.09 17.81
N SER I 15 -2.48 -10.43 16.66
CA SER I 15 -2.24 -8.99 16.58
C SER I 15 -3.57 -8.25 16.68
N PHE I 16 -3.55 -7.13 17.42
CA PHE I 16 -4.74 -6.32 17.62
C PHE I 16 -4.36 -4.84 17.69
N ASP I 17 -5.37 -4.00 17.49
CA ASP I 17 -5.21 -2.56 17.60
C ASP I 17 -5.52 -2.15 19.04
N ILE I 18 -5.12 -0.94 19.40
CA ILE I 18 -5.36 -0.49 20.76
C ILE I 18 -6.87 -0.46 21.04
N TYR I 19 -7.65 0.04 20.09
CA TYR I 19 -9.09 0.09 20.29
C TYR I 19 -9.72 -1.28 20.10
N SER I 20 -9.24 -2.06 19.13
CA SER I 20 -9.78 -3.40 18.91
C SER I 20 -9.51 -4.29 20.11
N ARG I 21 -8.31 -4.17 20.70
CA ARG I 21 -7.98 -4.99 21.87
C ARG I 21 -8.92 -4.69 23.02
N LEU I 22 -9.20 -3.40 23.28
CA LEU I 22 -10.10 -3.04 24.36
C LEU I 22 -11.54 -3.43 24.04
N LEU I 23 -11.87 -3.63 22.77
CA LEU I 23 -13.23 -4.05 22.43
C LEU I 23 -13.52 -5.43 22.99
N LYS I 24 -12.52 -6.32 22.98
CA LYS I 24 -12.72 -7.65 23.54
C LYS I 24 -13.11 -7.58 25.01
N GLU I 25 -12.65 -6.55 25.72
CA GLU I 25 -12.97 -6.36 27.11
C GLU I 25 -14.30 -5.63 27.31
N ARG I 26 -15.09 -5.51 26.25
CA ARG I 26 -16.39 -4.83 26.31
C ARG I 26 -16.21 -3.36 26.70
N VAL I 27 -15.30 -2.68 25.99
CA VAL I 27 -15.01 -1.28 26.21
C VAL I 27 -15.16 -0.55 24.89
N ILE I 28 -15.99 0.50 24.89
CA ILE I 28 -16.24 1.31 23.70
C ILE I 28 -15.88 2.75 24.03
N PHE I 29 -15.23 3.42 23.08
CA PHE I 29 -14.82 4.82 23.24
C PHE I 29 -15.68 5.70 22.37
N LEU I 30 -16.22 6.76 22.96
CA LEU I 30 -17.05 7.75 22.27
C LEU I 30 -16.27 9.06 22.33
N THR I 31 -15.67 9.44 21.21
CA THR I 31 -14.86 10.65 21.16
C THR I 31 -15.21 11.49 19.92
N GLY I 32 -15.01 12.79 20.05
CA GLY I 32 -15.28 13.71 18.97
C GLY I 32 -16.74 14.07 18.85
N GLN I 33 -17.04 14.91 17.85
CA GLN I 33 -18.40 15.33 17.62
C GLN I 33 -19.27 14.13 17.27
N VAL I 34 -20.46 14.06 17.86
CA VAL I 34 -21.36 12.95 17.57
C VAL I 34 -21.94 13.13 16.17
N GLU I 35 -21.82 12.09 15.35
CA GLU I 35 -22.32 12.11 13.99
C GLU I 35 -22.87 10.74 13.64
N ASP I 36 -23.51 10.65 12.47
CA ASP I 36 -24.11 9.39 12.05
C ASP I 36 -23.06 8.30 11.84
N HIS I 37 -21.95 8.64 11.20
CA HIS I 37 -20.93 7.62 10.93
C HIS I 37 -20.34 7.06 12.22
N MET I 38 -19.88 7.93 13.12
CA MET I 38 -19.31 7.45 14.37
C MET I 38 -20.39 6.80 15.22
N ALA I 39 -21.62 7.32 15.17
CA ALA I 39 -22.71 6.72 15.95
C ALA I 39 -22.99 5.30 15.48
N ASN I 40 -23.02 5.08 14.16
CA ASN I 40 -23.27 3.74 13.65
C ASN I 40 -22.18 2.79 14.08
N LEU I 41 -20.93 3.28 14.14
CA LEU I 41 -19.83 2.43 14.56
C LEU I 41 -20.03 1.97 16.00
N ILE I 42 -20.51 2.87 16.86
CA ILE I 42 -20.76 2.50 18.25
C ILE I 42 -21.94 1.53 18.33
N VAL I 43 -22.98 1.76 17.51
CA VAL I 43 -24.13 0.87 17.51
C VAL I 43 -23.71 -0.54 17.11
N ALA I 44 -22.88 -0.65 16.08
CA ALA I 44 -22.42 -1.96 15.65
C ALA I 44 -21.62 -2.65 16.76
N GLN I 45 -20.76 -1.89 17.45
CA GLN I 45 -19.97 -2.47 18.53
C GLN I 45 -20.88 -2.96 19.65
N MET I 46 -21.89 -2.17 20.02
CA MET I 46 -22.79 -2.59 21.09
C MET I 46 -23.53 -3.86 20.72
N LEU I 47 -24.03 -3.94 19.48
CA LEU I 47 -24.73 -5.15 19.05
C LEU I 47 -23.79 -6.34 19.03
N PHE I 48 -22.56 -6.14 18.56
CA PHE I 48 -21.59 -7.22 18.53
C PHE I 48 -21.30 -7.74 19.94
N LEU I 49 -21.07 -6.83 20.89
CA LEU I 49 -20.79 -7.26 22.25
C LEU I 49 -21.96 -7.98 22.87
N GLU I 50 -23.19 -7.61 22.52
CA GLU I 50 -24.36 -8.27 23.08
C GLU I 50 -24.38 -9.74 22.67
N ALA I 51 -24.06 -10.03 21.40
CA ALA I 51 -24.06 -11.42 20.93
C ALA I 51 -23.03 -12.27 21.66
N GLU I 52 -21.82 -11.74 21.86
CA GLU I 52 -20.79 -12.51 22.53
C GLU I 52 -21.21 -12.87 23.96
N ASN I 53 -21.70 -11.90 24.71
CA ASN I 53 -22.14 -12.13 26.08
C ASN I 53 -23.28 -11.15 26.39
N PRO I 54 -24.53 -11.58 26.27
CA PRO I 54 -25.64 -10.67 26.57
C PRO I 54 -25.83 -10.43 28.06
N GLU I 55 -24.91 -10.93 28.88
CA GLU I 55 -24.98 -10.76 30.34
C GLU I 55 -23.92 -9.82 30.88
N LYS I 56 -22.70 -9.86 30.35
CA LYS I 56 -21.65 -8.98 30.82
C LYS I 56 -21.96 -7.54 30.45
N ASP I 57 -21.50 -6.62 31.30
CA ASP I 57 -21.74 -5.19 31.10
C ASP I 57 -20.73 -4.60 30.14
N ILE I 58 -21.16 -3.56 29.43
CA ILE I 58 -20.33 -2.84 28.49
C ILE I 58 -19.93 -1.52 29.10
N TYR I 59 -18.69 -1.10 28.87
CA TYR I 59 -18.17 0.15 29.40
C TYR I 59 -17.96 1.12 28.25
N LEU I 60 -18.78 2.17 28.22
CA LEU I 60 -18.75 3.18 27.16
C LEU I 60 -18.17 4.47 27.73
N TYR I 61 -16.88 4.68 27.51
CA TYR I 61 -16.25 5.90 27.96
C TYR I 61 -16.72 7.05 27.06
N ILE I 62 -17.20 8.13 27.68
CA ILE I 62 -17.74 9.27 26.96
C ILE I 62 -16.81 10.46 27.15
N ASN I 63 -16.33 11.03 26.04
CA ASN I 63 -15.50 12.23 26.04
C ASN I 63 -15.82 12.92 24.71
N SER I 64 -16.79 13.81 24.71
CA SER I 64 -17.17 14.45 23.47
C SER I 64 -17.85 15.78 23.76
N PRO I 65 -17.74 16.75 22.87
CA PRO I 65 -18.41 18.04 23.12
C PRO I 65 -19.83 18.06 22.60
N GLY I 66 -20.41 16.90 22.31
CA GLY I 66 -21.76 16.82 21.81
C GLY I 66 -21.79 16.64 20.30
N GLY I 67 -22.99 16.73 19.74
CA GLY I 67 -23.15 16.58 18.30
C GLY I 67 -24.59 16.55 17.83
N VAL I 68 -24.83 15.82 16.74
CA VAL I 68 -26.18 15.74 16.18
C VAL I 68 -27.08 14.97 17.13
N ILE I 69 -28.33 15.45 17.26
CA ILE I 69 -29.28 14.80 18.15
C ILE I 69 -29.72 13.45 17.59
N THR I 70 -30.01 13.38 16.29
CA THR I 70 -30.45 12.12 15.71
C THR I 70 -29.37 11.05 15.86
N ALA I 71 -28.11 11.40 15.62
CA ALA I 71 -27.03 10.43 15.76
C ALA I 71 -26.92 9.95 17.20
N GLY I 72 -27.07 10.86 18.16
CA GLY I 72 -27.00 10.47 19.55
C GLY I 72 -28.15 9.57 19.97
N MET I 73 -29.36 9.84 19.47
CA MET I 73 -30.51 9.02 19.84
C MET I 73 -30.37 7.58 19.38
N SER I 74 -29.66 7.34 18.28
CA SER I 74 -29.44 5.96 17.84
C SER I 74 -28.66 5.19 18.89
N ILE I 75 -27.66 5.83 19.49
CA ILE I 75 -26.88 5.17 20.54
C ILE I 75 -27.73 4.96 21.78
N TYR I 76 -28.52 5.97 22.15
CA TYR I 76 -29.36 5.84 23.33
C TYR I 76 -30.35 4.70 23.19
N ASP I 77 -31.00 4.61 22.03
CA ASP I 77 -31.97 3.53 21.82
C ASP I 77 -31.27 2.17 21.84
N THR I 78 -30.09 2.08 21.24
CA THR I 78 -29.38 0.81 21.22
C THR I 78 -29.01 0.36 22.63
N MET I 79 -28.53 1.30 23.46
CA MET I 79 -28.16 0.95 24.82
C MET I 79 -29.36 0.43 25.61
N GLN I 80 -30.50 1.08 25.47
CA GLN I 80 -31.69 0.65 26.19
C GLN I 80 -32.26 -0.64 25.63
N PHE I 81 -32.10 -0.87 24.32
CA PHE I 81 -32.65 -2.07 23.70
C PHE I 81 -31.85 -3.32 24.08
N ILE I 82 -30.52 -3.25 24.01
CA ILE I 82 -29.70 -4.42 24.30
C ILE I 82 -29.87 -4.83 25.76
N LYS I 83 -29.97 -6.15 25.98
CA LYS I 83 -30.13 -6.67 27.33
C LYS I 83 -28.98 -6.28 28.26
N PRO I 84 -27.73 -6.32 27.84
CA PRO I 84 -26.64 -5.94 28.76
C PRO I 84 -26.76 -4.51 29.24
N ASP I 85 -26.26 -4.28 30.46
CA ASP I 85 -26.27 -2.96 31.08
C ASP I 85 -25.03 -2.22 30.62
N VAL I 86 -25.21 -1.07 30.01
CA VAL I 86 -24.10 -0.27 29.51
C VAL I 86 -23.66 0.69 30.60
N SER I 87 -22.39 0.61 30.98
CA SER I 87 -21.81 1.46 32.00
C SER I 87 -21.12 2.62 31.30
N THR I 88 -21.50 3.84 31.66
CA THR I 88 -20.95 5.04 31.07
C THR I 88 -19.98 5.72 32.04
N ILE I 89 -18.80 6.03 31.55
CA ILE I 89 -17.77 6.71 32.33
C ILE I 89 -17.45 8.02 31.62
N CYS I 90 -17.53 9.13 32.34
CA CYS I 90 -17.27 10.45 31.79
C CYS I 90 -15.83 10.84 32.11
N MET I 91 -15.04 11.09 31.08
CA MET I 91 -13.66 11.50 31.21
C MET I 91 -13.43 12.70 30.33
N GLY I 92 -12.89 13.76 30.90
CA GLY I 92 -12.64 14.98 30.14
C GLY I 92 -13.84 15.90 30.12
N GLN I 93 -14.87 15.56 29.36
CA GLN I 93 -16.06 16.39 29.29
C GLN I 93 -17.23 15.58 28.75
N ALA I 94 -18.42 16.16 28.87
CA ALA I 94 -19.65 15.55 28.39
C ALA I 94 -20.64 16.67 28.15
N ALA I 95 -20.83 17.05 26.88
CA ALA I 95 -21.73 18.13 26.53
C ALA I 95 -23.17 17.63 26.53
N SER I 96 -24.08 18.42 25.96
CA SER I 96 -25.49 18.05 25.92
C SER I 96 -25.68 16.63 25.44
N MET I 97 -25.29 16.36 24.19
CA MET I 97 -25.45 15.01 23.66
C MET I 97 -24.61 14.02 24.44
N GLY I 98 -23.38 14.40 24.78
CA GLY I 98 -22.53 13.51 25.56
C GLY I 98 -23.08 13.28 26.95
N ALA I 99 -23.64 14.32 27.57
CA ALA I 99 -24.21 14.17 28.90
C ALA I 99 -25.46 13.31 28.87
N PHE I 100 -26.26 13.44 27.82
CA PHE I 100 -27.46 12.62 27.70
C PHE I 100 -27.12 11.15 27.65
N LEU I 101 -26.08 10.80 26.89
CA LEU I 101 -25.65 9.40 26.83
C LEU I 101 -25.02 8.97 28.15
N LEU I 102 -24.34 9.88 28.84
CA LEU I 102 -23.73 9.55 30.12
C LEU I 102 -24.78 9.16 31.14
N THR I 103 -25.88 9.92 31.21
CA THR I 103 -26.94 9.63 32.15
C THR I 103 -27.85 8.51 31.66
N ALA I 104 -27.69 8.04 30.43
CA ALA I 104 -28.51 6.97 29.90
C ALA I 104 -28.02 5.58 30.31
N GLY I 105 -26.91 5.50 31.04
CA GLY I 105 -26.39 4.22 31.47
C GLY I 105 -27.27 3.59 32.55
N ALA I 106 -26.99 2.33 32.83
CA ALA I 106 -27.75 1.61 33.83
C ALA I 106 -27.55 2.22 35.21
N LYS I 107 -28.59 2.14 36.04
CA LYS I 107 -28.52 2.69 37.38
C LYS I 107 -27.37 2.05 38.15
N GLY I 108 -26.63 2.88 38.89
CA GLY I 108 -25.51 2.40 39.66
C GLY I 108 -24.27 2.10 38.86
N LYS I 109 -24.29 2.38 37.55
CA LYS I 109 -23.14 2.12 36.69
C LYS I 109 -22.75 3.34 35.87
N ARG I 110 -23.26 4.52 36.22
CA ARG I 110 -22.93 5.76 35.53
C ARG I 110 -21.83 6.42 36.36
N PHE I 111 -20.59 6.30 35.91
CA PHE I 111 -19.45 6.84 36.63
C PHE I 111 -18.94 8.12 36.00
N CYS I 112 -18.15 8.86 36.78
CA CYS I 112 -17.56 10.11 36.35
C CYS I 112 -16.22 10.27 37.06
N LEU I 113 -15.21 10.71 36.31
CA LEU I 113 -13.89 10.89 36.90
C LEU I 113 -13.87 12.13 37.78
N PRO I 114 -12.92 12.21 38.72
CA PRO I 114 -12.89 13.36 39.63
C PRO I 114 -12.83 14.71 38.93
N ASN I 115 -12.07 14.82 37.85
CA ASN I 115 -11.92 16.08 37.12
C ASN I 115 -12.57 15.93 35.76
N SER I 116 -13.84 16.30 35.68
CA SER I 116 -14.58 16.23 34.42
C SER I 116 -15.73 17.22 34.50
N ARG I 117 -16.06 17.81 33.36
CA ARG I 117 -17.12 18.82 33.27
C ARG I 117 -18.28 18.25 32.48
N VAL I 118 -19.48 18.50 32.96
CA VAL I 118 -20.71 18.05 32.31
C VAL I 118 -21.54 19.29 31.97
N MET I 119 -21.91 19.42 30.70
CA MET I 119 -22.67 20.56 30.22
C MET I 119 -24.01 20.05 29.68
N ILE I 120 -25.10 20.63 30.14
CA ILE I 120 -26.44 20.26 29.72
C ILE I 120 -27.13 21.52 29.22
N HIS I 121 -27.51 21.52 27.93
CA HIS I 121 -28.18 22.65 27.31
C HIS I 121 -29.26 22.13 26.37
N GLN I 122 -30.20 23.00 26.04
CA GLN I 122 -31.29 22.63 25.15
C GLN I 122 -30.76 22.43 23.73
N PRO I 123 -31.50 21.70 22.89
CA PRO I 123 -31.05 21.45 21.52
C PRO I 123 -30.85 22.74 20.73
N LEU I 124 -29.89 22.70 19.82
CA LEU I 124 -29.57 23.82 18.94
C LEU I 124 -29.95 23.45 17.52
N GLY I 125 -30.62 24.37 16.82
CA GLY I 125 -31.04 24.12 15.45
C GLY I 125 -31.06 25.37 14.60
N GLY I 126 -31.74 25.30 13.47
CA GLY I 126 -31.83 26.44 12.58
C GLY I 126 -32.37 26.06 11.21
N TYR I 127 -33.13 26.97 10.60
CA TYR I 127 -33.69 26.71 9.28
C TYR I 127 -33.90 28.02 8.55
N GLN I 128 -33.75 27.97 7.24
CA GLN I 128 -33.92 29.14 6.37
C GLN I 128 -34.93 28.77 5.30
N GLY I 129 -35.94 29.62 5.14
CA GLY I 129 -36.96 29.35 4.14
C GLY I 129 -38.22 30.15 4.41
N GLN I 130 -39.32 29.67 3.83
CA GLN I 130 -40.60 30.31 4.00
C GLN I 130 -41.08 30.20 5.45
N ALA I 131 -42.04 31.05 5.79
CA ALA I 131 -42.59 31.03 7.14
C ALA I 131 -43.23 29.69 7.46
N THR I 132 -43.92 29.10 6.49
CA THR I 132 -44.55 27.81 6.72
C THR I 132 -43.51 26.74 7.06
N ASP I 133 -42.40 26.73 6.33
CA ASP I 133 -41.35 25.75 6.61
C ASP I 133 -40.71 26.00 7.96
N ILE I 134 -40.53 27.28 8.32
CA ILE I 134 -39.92 27.61 9.61
C ILE I 134 -40.78 27.07 10.76
N GLU I 135 -42.09 27.25 10.66
CA GLU I 135 -42.98 26.78 11.72
C GLU I 135 -42.87 25.26 11.88
N ILE I 136 -42.78 24.53 10.77
CA ILE I 136 -42.67 23.08 10.84
C ILE I 136 -41.37 22.69 11.55
N HIS I 137 -40.25 23.28 11.12
CA HIS I 137 -38.98 22.97 11.76
C HIS I 137 -38.91 23.53 13.17
N ALA I 138 -39.45 24.73 13.38
CA ALA I 138 -39.44 25.31 14.72
C ALA I 138 -40.24 24.45 15.68
N ARG I 139 -41.38 23.92 15.22
CA ARG I 139 -42.19 23.06 16.05
C ARG I 139 -41.54 21.69 16.25
N GLU I 140 -40.83 21.20 15.23
CA GLU I 140 -40.18 19.89 15.35
C GLU I 140 -39.07 19.92 16.40
N ILE I 141 -38.25 20.97 16.39
CA ILE I 141 -37.17 21.05 17.38
C ILE I 141 -37.73 21.17 18.77
N LEU I 142 -38.87 21.85 18.92
CA LEU I 142 -39.49 21.97 20.24
C LEU I 142 -39.87 20.60 20.77
N LYS I 143 -40.40 19.73 19.90
CA LYS I 143 -40.75 18.39 20.34
C LYS I 143 -39.51 17.64 20.80
N VAL I 144 -38.40 17.80 20.07
CA VAL I 144 -37.16 17.15 20.46
C VAL I 144 -36.71 17.66 21.81
N LYS I 145 -36.80 18.97 22.03
CA LYS I 145 -36.42 19.54 23.31
C LYS I 145 -37.28 18.96 24.43
N GLY I 146 -38.60 18.89 24.20
CA GLY I 146 -39.48 18.33 25.20
C GLY I 146 -39.21 16.86 25.44
N ARG I 147 -39.04 16.09 24.35
CA ARG I 147 -38.75 14.67 24.48
C ARG I 147 -37.40 14.46 25.17
N MET I 148 -36.40 15.27 24.81
CA MET I 148 -35.09 15.14 25.43
C MET I 148 -35.16 15.42 26.93
N ASN I 149 -35.91 16.46 27.31
CA ASN I 149 -36.03 16.79 28.74
C ASN I 149 -36.69 15.67 29.50
N GLU I 150 -37.74 15.06 28.93
CA GLU I 150 -38.42 13.96 29.60
C GLU I 150 -37.48 12.79 29.84
N LEU I 151 -36.68 12.43 28.84
CA LEU I 151 -35.75 11.33 29.01
C LEU I 151 -34.70 11.64 30.06
N MET I 152 -34.16 12.87 30.04
CA MET I 152 -33.17 13.24 31.05
C MET I 152 -33.77 13.25 32.44
N ALA I 153 -35.02 13.72 32.57
CA ALA I 153 -35.67 13.73 33.87
C ALA I 153 -35.84 12.33 34.41
N LEU I 154 -36.20 11.38 33.54
CA LEU I 154 -36.39 10.01 33.98
C LEU I 154 -35.09 9.39 34.48
N HIS I 155 -34.00 9.61 33.73
CA HIS I 155 -32.71 9.03 34.13
C HIS I 155 -32.11 9.76 35.32
N THR I 156 -32.16 11.10 35.32
CA THR I 156 -31.59 11.85 36.44
C THR I 156 -32.47 11.80 37.68
N GLY I 157 -33.76 11.56 37.51
CA GLY I 157 -34.68 11.52 38.63
C GLY I 157 -35.26 12.87 38.99
N GLN I 158 -34.76 13.95 38.39
CA GLN I 158 -35.28 15.27 38.67
C GLN I 158 -36.64 15.46 38.02
N SER I 159 -37.38 16.45 38.50
CA SER I 159 -38.69 16.74 37.94
C SER I 159 -38.54 17.30 36.53
N LEU I 160 -39.58 17.12 35.72
CA LEU I 160 -39.53 17.62 34.35
C LEU I 160 -39.35 19.14 34.33
N GLU I 161 -40.03 19.84 35.23
CA GLU I 161 -39.90 21.30 35.28
C GLU I 161 -38.47 21.69 35.65
N GLN I 162 -37.86 20.99 36.60
CA GLN I 162 -36.50 21.31 37.01
C GLN I 162 -35.53 21.15 35.85
N ILE I 163 -35.67 20.08 35.07
CA ILE I 163 -34.77 19.87 33.93
C ILE I 163 -34.94 20.98 32.91
N GLU I 164 -36.19 21.36 32.64
CA GLU I 164 -36.44 22.41 31.65
C GLU I 164 -35.78 23.72 32.07
N ARG I 165 -35.92 24.10 33.34
CA ARG I 165 -35.32 25.34 33.80
C ARG I 165 -33.80 25.28 33.77
N ASP I 166 -33.22 24.15 34.20
CA ASP I 166 -31.77 24.02 34.21
C ASP I 166 -31.19 23.96 32.81
N THR I 167 -31.89 23.29 31.89
CA THR I 167 -31.42 23.16 30.52
C THR I 167 -31.77 24.36 29.64
N GLU I 168 -32.53 25.33 30.15
CA GLU I 168 -32.88 26.48 29.33
C GLU I 168 -31.64 27.19 28.82
N ARG I 169 -30.56 27.19 29.61
CA ARG I 169 -29.30 27.80 29.23
C ARG I 169 -28.19 26.85 29.61
N ASP I 170 -27.01 27.06 29.03
CA ASP I 170 -25.87 26.20 29.31
C ASP I 170 -25.64 26.12 30.82
N ARG I 171 -25.46 24.91 31.33
CA ARG I 171 -25.22 24.70 32.75
C ARG I 171 -24.10 23.69 32.90
N PHE I 172 -22.99 24.12 33.47
CA PHE I 172 -21.84 23.26 33.68
C PHE I 172 -21.89 22.64 35.07
N LEU I 173 -21.51 21.36 35.15
CA LEU I 173 -21.50 20.63 36.39
C LEU I 173 -20.18 19.87 36.53
N SER I 174 -19.74 19.70 37.76
CA SER I 174 -18.52 18.99 38.07
C SER I 174 -18.86 17.56 38.46
N ALA I 175 -17.84 16.75 38.68
CA ALA I 175 -18.07 15.36 39.05
C ALA I 175 -18.91 15.26 40.32
N PRO I 176 -18.63 16.00 41.40
CA PRO I 176 -19.50 15.87 42.59
C PRO I 176 -20.89 16.43 42.35
N GLU I 177 -21.01 17.56 41.66
CA GLU I 177 -22.33 18.14 41.41
C GLU I 177 -23.19 17.22 40.57
N ALA I 178 -22.59 16.56 39.58
CA ALA I 178 -23.36 15.65 38.74
C ALA I 178 -24.00 14.53 39.56
N VAL I 179 -23.35 14.11 40.64
CA VAL I 179 -23.90 13.04 41.46
C VAL I 179 -25.19 13.49 42.13
N GLU I 180 -25.18 14.69 42.73
CA GLU I 180 -26.39 15.20 43.38
C GLU I 180 -27.49 15.45 42.36
N TYR I 181 -27.14 15.98 41.19
CA TYR I 181 -28.15 16.26 40.17
C TYR I 181 -28.81 14.97 39.69
N GLY I 182 -28.05 13.88 39.63
CA GLY I 182 -28.57 12.59 39.19
C GLY I 182 -27.98 12.09 37.88
N LEU I 183 -27.14 12.88 37.20
CA LEU I 183 -26.57 12.41 35.95
C LEU I 183 -25.73 11.16 36.16
N VAL I 184 -25.00 11.11 37.27
CA VAL I 184 -24.17 9.97 37.63
C VAL I 184 -24.50 9.63 39.08
N ASP I 185 -23.94 8.50 39.55
CA ASP I 185 -24.20 8.05 40.91
C ASP I 185 -22.93 7.74 41.69
N SER I 186 -21.74 7.93 41.11
CA SER I 186 -20.50 7.65 41.82
C SER I 186 -19.35 8.29 41.05
N ILE I 187 -18.22 8.42 41.74
CA ILE I 187 -17.01 9.00 41.18
C ILE I 187 -15.89 7.97 41.32
N LEU I 188 -15.17 7.73 40.22
CA LEU I 188 -14.08 6.77 40.21
C LEU I 188 -12.78 7.52 40.52
N THR I 189 -12.43 7.59 41.81
CA THR I 189 -11.21 8.27 42.21
C THR I 189 -9.99 7.37 41.97
N HIS I 190 -9.99 6.20 42.58
CA HIS I 190 -8.91 5.23 42.43
C HIS I 190 -9.51 3.84 42.30
N ARG I 191 -8.82 2.98 41.56
CA ARG I 191 -9.31 1.59 41.34
C ARG I 191 -9.26 0.84 42.67
N ASN I 192 -10.32 0.13 43.02
CA ASN I 192 -10.43 -0.63 44.26
C ASN I 192 -10.56 -2.12 43.97
N LEU J 1 6.48 8.54 8.15
CA LEU J 1 6.61 7.09 8.11
C LEU J 1 7.31 6.58 9.38
N VAL J 2 6.77 5.51 9.95
CA VAL J 2 7.28 4.91 11.17
C VAL J 2 8.06 3.66 10.78
N PRO J 3 9.34 3.55 11.13
CA PRO J 3 10.10 2.34 10.77
C PRO J 3 9.61 1.11 11.54
N MET J 4 9.79 -0.04 10.91
CA MET J 4 9.39 -1.31 11.52
C MET J 4 10.60 -1.97 12.18
N VAL J 5 10.33 -2.69 13.27
CA VAL J 5 11.37 -3.38 14.02
C VAL J 5 10.95 -4.82 14.21
N ILE J 6 11.95 -5.69 14.42
CA ILE J 6 11.74 -7.11 14.62
C ILE J 6 12.20 -7.48 16.02
N GLU J 7 11.36 -8.20 16.74
CA GLU J 7 11.66 -8.66 18.09
C GLU J 7 11.94 -10.16 18.02
N GLN J 8 13.19 -10.54 18.25
CA GLN J 8 13.58 -11.94 18.21
C GLN J 8 13.24 -12.60 19.54
N THR J 9 12.47 -13.67 19.48
CA THR J 9 12.06 -14.41 20.67
C THR J 9 12.22 -15.89 20.41
N SER J 10 12.43 -16.65 21.48
CA SER J 10 12.59 -18.10 21.34
C SER J 10 11.37 -18.71 20.66
N ARG J 11 10.18 -18.19 20.97
CA ARG J 11 8.97 -18.72 20.35
C ARG J 11 9.00 -18.53 18.85
N GLY J 12 9.44 -17.36 18.39
CA GLY J 12 9.49 -17.09 16.96
C GLY J 12 9.77 -15.63 16.71
N GLU J 13 9.74 -15.29 15.43
CA GLU J 13 9.98 -13.92 14.98
C GLU J 13 8.68 -13.12 14.99
N ARG J 14 8.80 -11.82 15.18
CA ARG J 14 7.65 -10.94 15.22
C ARG J 14 8.06 -9.54 14.79
N SER J 15 7.13 -8.84 14.16
CA SER J 15 7.35 -7.48 13.67
C SER J 15 6.49 -6.50 14.45
N PHE J 16 7.04 -5.31 14.70
CA PHE J 16 6.33 -4.28 15.43
C PHE J 16 6.72 -2.91 14.89
N ASP J 17 5.87 -1.93 15.15
CA ASP J 17 6.15 -0.57 14.76
C ASP J 17 7.09 0.05 15.78
N ILE J 18 7.67 1.19 15.44
CA ILE J 18 8.60 1.83 16.37
C ILE J 18 7.87 2.17 17.67
N TYR J 19 6.67 2.73 17.56
CA TYR J 19 5.90 3.06 18.76
C TYR J 19 5.26 1.83 19.38
N SER J 20 4.80 0.89 18.55
CA SER J 20 4.20 -0.32 19.10
C SER J 20 5.22 -1.14 19.86
N ARG J 21 6.46 -1.20 19.38
CA ARG J 21 7.49 -1.95 20.08
C ARG J 21 7.73 -1.37 21.47
N LEU J 22 7.79 -0.04 21.58
CA LEU J 22 7.99 0.58 22.88
C LEU J 22 6.76 0.44 23.77
N LEU J 23 5.58 0.29 23.18
CA LEU J 23 4.38 0.13 23.99
C LEU J 23 4.45 -1.16 24.81
N LYS J 24 5.00 -2.22 24.23
CA LYS J 24 5.15 -3.47 24.97
C LYS J 24 6.01 -3.29 26.22
N GLU J 25 6.87 -2.28 26.22
CA GLU J 25 7.73 -1.99 27.35
C GLU J 25 7.11 -0.99 28.31
N ARG J 26 5.80 -0.77 28.21
CA ARG J 26 5.08 0.16 29.07
C ARG J 26 5.59 1.60 28.89
N VAL J 27 5.68 2.02 27.63
CA VAL J 27 6.13 3.35 27.27
C VAL J 27 5.08 3.99 26.37
N ILE J 28 4.64 5.19 26.72
CA ILE J 28 3.63 5.92 25.97
C ILE J 28 4.22 7.26 25.56
N PHE J 29 3.97 7.67 24.33
CA PHE J 29 4.46 8.93 23.79
C PHE J 29 3.31 9.93 23.69
N LEU J 30 3.53 11.11 24.23
CA LEU J 30 2.55 12.20 24.18
C LEU J 30 3.21 13.32 23.38
N THR J 31 2.86 13.41 22.10
CA THR J 31 3.45 14.41 21.21
C THR J 31 2.36 15.18 20.48
N GLY J 32 2.68 16.43 20.16
CA GLY J 32 1.77 17.30 19.44
C GLY J 32 0.72 17.93 20.32
N GLN J 33 -0.16 18.69 19.66
CA GLN J 33 -1.24 19.38 20.35
C GLN J 33 -2.12 18.38 21.09
N VAL J 34 -2.51 18.73 22.30
CA VAL J 34 -3.38 17.86 23.09
C VAL J 34 -4.82 18.02 22.62
N GLU J 35 -5.46 16.91 22.29
CA GLU J 35 -6.83 16.91 21.81
C GLU J 35 -7.51 15.64 22.26
N ASP J 36 -8.82 15.57 22.04
CA ASP J 36 -9.60 14.41 22.46
C ASP J 36 -9.16 13.14 21.75
N HIS J 37 -8.92 13.21 20.44
CA HIS J 37 -8.54 12.02 19.70
C HIS J 37 -7.20 11.47 20.18
N MET J 38 -6.18 12.32 20.25
CA MET J 38 -4.87 11.85 20.72
C MET J 38 -4.94 11.47 22.19
N ALA J 39 -5.74 12.19 22.98
CA ALA J 39 -5.87 11.88 24.40
C ALA J 39 -6.47 10.49 24.60
N ASN J 40 -7.50 10.15 23.82
CA ASN J 40 -8.11 8.84 23.95
C ASN J 40 -7.10 7.74 23.63
N LEU J 41 -6.26 7.96 22.63
CA LEU J 41 -5.25 6.97 22.29
C LEU J 41 -4.34 6.72 23.48
N ILE J 42 -3.98 7.77 24.21
CA ILE J 42 -3.13 7.62 25.38
C ILE J 42 -3.90 6.93 26.50
N VAL J 43 -5.18 7.30 26.67
CA VAL J 43 -5.99 6.67 27.72
C VAL J 43 -6.15 5.18 27.42
N ALA J 44 -6.40 4.83 26.16
CA ALA J 44 -6.54 3.42 25.81
C ALA J 44 -5.27 2.65 26.11
N GLN J 45 -4.10 3.25 25.81
CA GLN J 45 -2.84 2.58 26.09
C GLN J 45 -2.67 2.36 27.58
N MET J 46 -3.03 3.34 28.40
CA MET J 46 -2.91 3.18 29.84
C MET J 46 -3.79 2.06 30.35
N LEU J 47 -5.04 2.00 29.84
CA LEU J 47 -5.94 0.94 30.27
C LEU J 47 -5.41 -0.43 29.84
N PHE J 48 -4.88 -0.51 28.62
CA PHE J 48 -4.34 -1.79 28.14
C PHE J 48 -3.16 -2.22 28.98
N LEU J 49 -2.25 -1.30 29.30
CA LEU J 49 -1.09 -1.66 30.12
C LEU J 49 -1.51 -2.11 31.50
N GLU J 50 -2.53 -1.45 32.08
CA GLU J 50 -2.98 -1.84 33.42
C GLU J 50 -3.51 -3.27 33.40
N ALA J 51 -4.27 -3.64 32.37
CA ALA J 51 -4.82 -4.99 32.30
C ALA J 51 -3.70 -6.02 32.15
N GLU J 52 -2.70 -5.74 31.33
CA GLU J 52 -1.60 -6.69 31.14
C GLU J 52 -0.86 -6.94 32.45
N ASN J 53 -0.48 -5.88 33.15
CA ASN J 53 0.24 -6.01 34.42
C ASN J 53 -0.04 -4.76 35.25
N PRO J 54 -0.89 -4.86 36.27
CA PRO J 54 -1.18 -3.69 37.10
C PRO J 54 -0.15 -3.40 38.18
N GLU J 55 0.94 -4.17 38.24
CA GLU J 55 1.97 -3.98 39.25
C GLU J 55 3.26 -3.40 38.68
N LYS J 56 3.27 -2.98 37.41
CA LYS J 56 4.44 -2.43 36.77
C LYS J 56 4.19 -0.96 36.42
N ASP J 57 5.22 -0.14 36.61
CA ASP J 57 5.10 1.28 36.32
C ASP J 57 4.94 1.52 34.82
N ILE J 58 4.32 2.64 34.48
CA ILE J 58 4.09 3.05 33.11
C ILE J 58 4.87 4.34 32.87
N TYR J 59 5.65 4.37 31.80
CA TYR J 59 6.45 5.55 31.46
C TYR J 59 5.75 6.33 30.37
N LEU J 60 5.58 7.63 30.60
CA LEU J 60 4.93 8.53 29.65
C LEU J 60 5.87 9.66 29.30
N TYR J 61 6.20 9.79 28.02
CA TYR J 61 7.09 10.84 27.54
C TYR J 61 6.21 12.00 27.06
N ILE J 62 6.42 13.16 27.64
CA ILE J 62 5.62 14.35 27.33
C ILE J 62 6.48 15.33 26.54
N ASN J 63 6.01 15.68 25.33
CA ASN J 63 6.65 16.66 24.47
C ASN J 63 5.53 17.28 23.63
N SER J 64 4.96 18.37 24.13
CA SER J 64 3.86 19.01 23.43
C SER J 64 3.75 20.46 23.89
N PRO J 65 3.13 21.31 23.08
CA PRO J 65 2.96 22.71 23.49
C PRO J 65 1.66 22.94 24.23
N GLY J 66 1.02 21.86 24.69
CA GLY J 66 -0.24 21.97 25.38
C GLY J 66 -1.41 21.73 24.46
N GLY J 67 -2.59 22.12 24.94
CA GLY J 67 -3.80 21.94 24.13
C GLY J 67 -5.06 22.10 24.96
N VAL J 68 -6.11 21.40 24.51
CA VAL J 68 -7.39 21.46 25.19
C VAL J 68 -7.23 21.02 26.64
N ILE J 69 -8.02 21.65 27.53
CA ILE J 69 -7.95 21.31 28.94
C ILE J 69 -8.74 20.04 29.22
N THR J 70 -9.94 19.91 28.64
CA THR J 70 -10.74 18.72 28.88
C THR J 70 -9.99 17.47 28.44
N ALA J 71 -9.34 17.52 27.28
CA ALA J 71 -8.58 16.37 26.82
C ALA J 71 -7.44 16.05 27.78
N GLY J 72 -6.76 17.08 28.29
CA GLY J 72 -5.67 16.85 29.22
C GLY J 72 -6.15 16.24 30.52
N MET J 73 -7.25 16.75 31.07
CA MET J 73 -7.77 16.21 32.32
C MET J 73 -8.18 14.75 32.15
N SER J 74 -8.61 14.37 30.94
CA SER J 74 -8.98 12.99 30.71
C SER J 74 -7.80 12.06 30.94
N ILE J 75 -6.58 12.56 30.72
CA ILE J 75 -5.38 11.76 30.94
C ILE J 75 -4.97 11.83 32.41
N TYR J 76 -5.10 13.01 33.01
CA TYR J 76 -4.72 13.16 34.43
C TYR J 76 -5.54 12.22 35.31
N ASP J 77 -6.85 12.17 35.08
CA ASP J 77 -7.70 11.28 35.88
C ASP J 77 -7.34 9.83 35.66
N THR J 78 -7.01 9.46 34.42
CA THR J 78 -6.64 8.08 34.14
C THR J 78 -5.38 7.68 34.90
N MET J 79 -4.41 8.58 35.00
CA MET J 79 -3.18 8.29 35.72
C MET J 79 -3.47 7.97 37.18
N GLN J 80 -4.31 8.77 37.81
CA GLN J 80 -4.62 8.55 39.22
C GLN J 80 -5.57 7.37 39.41
N PHE J 81 -6.47 7.15 38.44
CA PHE J 81 -7.41 6.05 38.57
C PHE J 81 -6.73 4.70 38.55
N ILE J 82 -5.80 4.48 37.63
CA ILE J 82 -5.10 3.20 37.54
C ILE J 82 -4.07 3.13 38.65
N LYS J 83 -4.02 1.98 39.33
CA LYS J 83 -3.09 1.79 40.44
C LYS J 83 -1.62 1.82 40.01
N PRO J 84 -1.25 1.35 38.81
CA PRO J 84 0.17 1.40 38.42
C PRO J 84 0.68 2.84 38.43
N ASP J 85 1.92 3.01 38.88
CA ASP J 85 2.51 4.33 38.90
C ASP J 85 2.87 4.76 37.48
N VAL J 86 2.46 5.96 37.11
CA VAL J 86 2.72 6.50 35.78
C VAL J 86 3.89 7.47 35.87
N SER J 87 5.06 7.03 35.40
CA SER J 87 6.24 7.87 35.42
C SER J 87 6.20 8.82 34.22
N THR J 88 6.48 10.10 34.47
CA THR J 88 6.46 11.12 33.44
C THR J 88 7.87 11.64 33.19
N ILE J 89 8.23 11.72 31.92
CA ILE J 89 9.54 12.22 31.49
C ILE J 89 9.30 13.33 30.48
N CYS J 90 9.93 14.48 30.71
CA CYS J 90 9.78 15.63 29.84
C CYS J 90 10.91 15.66 28.82
N MET J 91 10.57 15.69 27.54
CA MET J 91 11.54 15.74 26.46
C MET J 91 11.22 16.93 25.57
N GLY J 92 12.20 17.80 25.38
CA GLY J 92 12.00 18.96 24.54
C GLY J 92 11.31 20.10 25.27
N GLN J 93 10.00 19.98 25.49
CA GLN J 93 9.26 21.03 26.18
C GLN J 93 8.02 20.42 26.83
N ALA J 94 7.43 21.20 27.74
CA ALA J 94 6.22 20.81 28.46
C ALA J 94 5.47 22.10 28.76
N ALA J 95 4.44 22.38 27.98
CA ALA J 95 3.66 23.60 28.14
C ALA J 95 2.67 23.44 29.30
N SER J 96 1.70 24.36 29.37
CA SER J 96 0.72 24.33 30.44
C SER J 96 0.11 22.93 30.61
N MET J 97 -0.58 22.44 29.59
CA MET J 97 -1.17 21.12 29.69
C MET J 97 -0.11 20.06 29.85
N GLY J 98 0.97 20.15 29.08
CA GLY J 98 2.04 19.18 29.20
C GLY J 98 2.69 19.22 30.56
N ALA J 99 2.92 20.43 31.08
CA ALA J 99 3.52 20.57 32.40
C ALA J 99 2.60 20.01 33.48
N PHE J 100 1.29 20.23 33.33
CA PHE J 100 0.34 19.71 34.30
C PHE J 100 0.41 18.19 34.34
N LEU J 101 0.49 17.55 33.18
CA LEU J 101 0.60 16.09 33.14
C LEU J 101 1.98 15.64 33.61
N LEU J 102 3.01 16.44 33.33
CA LEU J 102 4.36 16.08 33.75
C LEU J 102 4.43 16.00 35.28
N THR J 103 3.85 16.98 35.97
CA THR J 103 3.85 16.99 37.41
C THR J 103 2.80 16.07 38.01
N ALA J 104 1.92 15.50 37.19
CA ALA J 104 0.89 14.60 37.68
C ALA J 104 1.38 13.17 37.88
N GLY J 105 2.62 12.87 37.49
CA GLY J 105 3.15 11.53 37.67
C GLY J 105 3.36 11.19 39.13
N ALA J 106 3.59 9.90 39.37
CA ALA J 106 3.82 9.45 40.73
C ALA J 106 5.05 10.12 41.33
N LYS J 107 4.95 10.45 42.62
CA LYS J 107 6.06 11.10 43.29
C LYS J 107 7.31 10.24 43.20
N GLY J 108 8.44 10.88 42.91
CA GLY J 108 9.71 10.19 42.77
C GLY J 108 9.94 9.62 41.39
N LYS J 109 8.95 9.69 40.49
CA LYS J 109 9.08 9.17 39.14
C LYS J 109 8.92 10.25 38.08
N ARG J 110 8.96 11.51 38.47
CA ARG J 110 8.86 12.63 37.53
C ARG J 110 10.28 13.05 37.16
N PHE J 111 10.63 12.89 35.89
CA PHE J 111 11.97 13.22 35.41
C PHE J 111 11.89 14.23 34.27
N CYS J 112 13.02 14.86 34.02
CA CYS J 112 13.13 15.87 32.97
C CYS J 112 14.56 15.88 32.45
N LEU J 113 14.71 16.03 31.14
CA LEU J 113 16.03 16.05 30.54
C LEU J 113 16.74 17.37 30.87
N PRO J 114 18.08 17.37 30.83
CA PRO J 114 18.80 18.61 31.18
C PRO J 114 18.39 19.81 30.35
N ASN J 115 18.16 19.64 29.05
CA ASN J 115 17.78 20.73 28.17
C ASN J 115 16.32 20.57 27.80
N SER J 116 15.45 21.10 28.67
CA SER J 116 14.02 21.04 28.45
C SER J 116 13.37 22.29 29.02
N ARG J 117 12.33 22.77 28.35
CA ARG J 117 11.60 23.96 28.76
C ARG J 117 10.25 23.56 29.31
N VAL J 118 9.87 24.18 30.42
CA VAL J 118 8.59 23.94 31.08
C VAL J 118 7.90 25.27 31.24
N MET J 119 6.67 25.37 30.75
CA MET J 119 5.89 26.59 30.82
C MET J 119 4.56 26.29 31.49
N ILE J 120 4.17 27.14 32.44
CA ILE J 120 2.91 27.00 33.16
C ILE J 120 2.18 28.33 33.08
N HIS J 121 0.89 28.26 32.74
CA HIS J 121 0.08 29.47 32.64
C HIS J 121 -1.37 29.11 32.92
N GLN J 122 -2.16 30.13 33.22
CA GLN J 122 -3.57 29.92 33.52
C GLN J 122 -4.31 29.47 32.27
N PRO J 123 -5.46 28.82 32.44
CA PRO J 123 -6.22 28.35 31.27
C PRO J 123 -6.61 29.48 30.34
N LEU J 124 -6.66 29.15 29.05
CA LEU J 124 -7.04 30.09 27.99
C LEU J 124 -8.35 29.64 27.39
N GLY J 125 -9.26 30.59 27.20
CA GLY J 125 -10.57 30.28 26.64
C GLY J 125 -11.22 31.47 25.99
N GLY J 126 -12.47 31.32 25.59
CA GLY J 126 -13.21 32.40 24.96
C GLY J 126 -14.62 32.02 24.59
N TYR J 127 -15.54 32.99 24.65
CA TYR J 127 -16.93 32.73 24.30
C TYR J 127 -17.57 34.03 23.84
N GLN J 128 -18.46 33.91 22.86
CA GLN J 128 -19.16 35.05 22.29
C GLN J 128 -20.65 34.77 22.31
N GLY J 129 -21.43 35.77 22.72
CA GLY J 129 -22.88 35.60 22.77
C GLY J 129 -23.50 36.62 23.71
N GLN J 130 -24.65 36.24 24.26
CA GLN J 130 -25.36 37.10 25.19
C GLN J 130 -24.56 37.26 26.48
N ALA J 131 -24.85 38.37 27.19
CA ALA J 131 -24.16 38.63 28.44
C ALA J 131 -24.40 37.52 29.44
N THR J 132 -25.62 36.99 29.50
CA THR J 132 -25.91 35.91 30.43
C THR J 132 -25.04 34.70 30.16
N ASP J 133 -24.88 34.34 28.88
CA ASP J 133 -24.04 33.20 28.54
C ASP J 133 -22.57 33.47 28.88
N ILE J 134 -22.13 34.71 28.75
CA ILE J 134 -20.74 35.04 29.07
C ILE J 134 -20.46 34.75 30.54
N GLU J 135 -21.39 35.12 31.41
CA GLU J 135 -21.20 34.87 32.84
C GLU J 135 -21.09 33.37 33.12
N ILE J 136 -21.90 32.56 32.45
CA ILE J 136 -21.86 31.12 32.68
C ILE J 136 -20.49 30.56 32.29
N HIS J 137 -20.03 30.90 31.09
CA HIS J 137 -18.73 30.41 30.63
C HIS J 137 -17.60 31.09 31.40
N ALA J 138 -17.75 32.37 31.73
CA ALA J 138 -16.72 33.07 32.48
C ALA J 138 -16.53 32.45 33.85
N ARG J 139 -17.63 32.07 34.51
CA ARG J 139 -17.51 31.45 35.83
C ARG J 139 -16.94 30.04 35.71
N GLU J 140 -17.26 29.33 34.65
CA GLU J 140 -16.76 27.97 34.48
C GLU J 140 -15.25 27.97 34.25
N ILE J 141 -14.77 28.85 33.37
CA ILE J 141 -13.33 28.91 33.11
C ILE J 141 -12.59 29.28 34.38
N LEU J 142 -13.17 30.18 35.19
CA LEU J 142 -12.53 30.55 36.44
C LEU J 142 -12.45 29.35 37.38
N LYS J 143 -13.50 28.55 37.46
CA LYS J 143 -13.46 27.37 38.30
C LYS J 143 -12.40 26.39 37.82
N VAL J 144 -12.26 26.23 36.50
CA VAL J 144 -11.24 25.35 35.98
C VAL J 144 -9.86 25.86 36.37
N LYS J 145 -9.66 27.18 36.28
CA LYS J 145 -8.38 27.76 36.67
C LYS J 145 -8.08 27.46 38.13
N GLY J 146 -9.07 27.62 39.00
CA GLY J 146 -8.87 27.32 40.41
C GLY J 146 -8.63 25.85 40.65
N ARG J 147 -9.38 24.99 39.96
CA ARG J 147 -9.20 23.55 40.13
C ARG J 147 -7.81 23.12 39.69
N MET J 148 -7.35 23.62 38.54
CA MET J 148 -6.01 23.25 38.07
C MET J 148 -4.94 23.75 39.01
N ASN J 149 -5.12 24.97 39.55
CA ASN J 149 -4.13 25.50 40.48
C ASN J 149 -4.03 24.63 41.72
N GLU J 150 -5.18 24.16 42.23
CA GLU J 150 -5.16 23.30 43.41
C GLU J 150 -4.39 22.02 43.13
N LEU J 151 -4.62 21.41 41.96
CA LEU J 151 -3.91 20.18 41.63
C LEU J 151 -2.42 20.45 41.46
N MET J 152 -2.07 21.57 40.83
CA MET J 152 -0.65 21.90 40.67
C MET J 152 0.03 22.04 42.01
N ALA J 153 -0.62 22.71 42.96
CA ALA J 153 -0.04 22.89 44.28
C ALA J 153 0.15 21.56 44.99
N LEU J 154 -0.82 20.66 44.88
CA LEU J 154 -0.71 19.36 45.54
C LEU J 154 0.47 18.56 45.02
N HIS J 155 0.63 18.50 43.71
CA HIS J 155 1.74 17.73 43.14
C HIS J 155 3.08 18.41 43.36
N THR J 156 3.15 19.72 43.10
CA THR J 156 4.39 20.45 43.27
C THR J 156 4.74 20.74 44.73
N GLY J 157 3.74 20.77 45.61
CA GLY J 157 3.97 21.06 47.00
C GLY J 157 3.99 22.52 47.34
N GLN J 158 3.82 23.41 46.36
CA GLN J 158 3.82 24.84 46.60
C GLN J 158 2.46 25.27 47.16
N SER J 159 2.44 26.47 47.73
CA SER J 159 1.21 27.00 48.30
C SER J 159 0.27 27.45 47.18
N LEU J 160 -1.02 27.55 47.54
CA LEU J 160 -2.01 27.98 46.55
C LEU J 160 -1.71 29.39 46.04
N GLU J 161 -1.38 30.31 46.95
CA GLU J 161 -1.09 31.67 46.53
C GLU J 161 0.11 31.72 45.61
N GLN J 162 1.15 30.94 45.92
CA GLN J 162 2.34 30.93 45.07
C GLN J 162 2.02 30.45 43.67
N ILE J 163 1.24 29.38 43.55
CA ILE J 163 0.90 28.86 42.24
C ILE J 163 0.09 29.89 41.45
N GLU J 164 -0.87 30.55 42.10
CA GLU J 164 -1.67 31.55 41.41
C GLU J 164 -0.80 32.70 40.92
N ARG J 165 0.09 33.20 41.77
CA ARG J 165 0.95 34.31 41.37
C ARG J 165 1.87 33.91 40.22
N ASP J 166 2.45 32.71 40.28
CA ASP J 166 3.36 32.29 39.22
C ASP J 166 2.62 31.90 37.95
N THR J 167 1.38 31.43 38.07
CA THR J 167 0.59 31.01 36.92
C THR J 167 -0.20 32.15 36.29
N GLU J 168 -0.21 33.34 36.89
CA GLU J 168 -0.97 34.44 36.30
C GLU J 168 -0.53 34.71 34.86
N ARG J 169 0.76 34.62 34.60
CA ARG J 169 1.33 34.83 33.28
C ARG J 169 2.28 33.69 32.96
N ASP J 170 2.59 33.55 31.67
CA ASP J 170 3.50 32.49 31.24
C ASP J 170 4.79 32.54 32.04
N ARG J 171 5.22 31.39 32.54
CA ARG J 171 6.44 31.27 33.34
C ARG J 171 7.25 30.11 32.81
N PHE J 172 8.38 30.42 32.18
CA PHE J 172 9.26 29.41 31.63
C PHE J 172 10.24 28.96 32.71
N LEU J 173 10.32 27.64 32.91
CA LEU J 173 11.20 27.06 33.90
C LEU J 173 12.09 26.02 33.24
N SER J 174 13.39 26.11 33.50
CA SER J 174 14.34 25.16 32.96
C SER J 174 14.30 23.87 33.77
N ALA J 175 15.00 22.86 33.29
CA ALA J 175 15.01 21.58 34.02
C ALA J 175 15.49 21.76 35.45
N PRO J 176 16.62 22.43 35.72
CA PRO J 176 17.02 22.60 37.13
C PRO J 176 16.00 23.36 37.94
N GLU J 177 15.36 24.38 37.35
CA GLU J 177 14.37 25.15 38.08
C GLU J 177 13.14 24.32 38.38
N ALA J 178 12.74 23.45 37.46
CA ALA J 178 11.56 22.61 37.69
C ALA J 178 11.75 21.74 38.92
N VAL J 179 12.99 21.35 39.23
CA VAL J 179 13.24 20.51 40.40
C VAL J 179 12.92 21.29 41.67
N GLU J 180 13.43 22.52 41.78
CA GLU J 180 13.16 23.32 42.98
C GLU J 180 11.69 23.66 43.09
N TYR J 181 11.06 23.99 41.96
CA TYR J 181 9.64 24.33 41.98
C TYR J 181 8.76 23.14 42.31
N GLY J 182 9.29 21.92 42.20
CA GLY J 182 8.55 20.72 42.50
C GLY J 182 7.85 20.08 41.32
N LEU J 183 7.93 20.69 40.13
CA LEU J 183 7.28 20.11 38.96
C LEU J 183 7.86 18.74 38.62
N VAL J 184 9.13 18.50 38.93
CA VAL J 184 9.80 17.24 38.67
C VAL J 184 10.63 16.87 39.90
N ASP J 185 11.03 15.61 39.96
CA ASP J 185 11.80 15.09 41.09
C ASP J 185 13.30 15.08 40.84
N SER J 186 13.74 14.69 39.64
CA SER J 186 15.16 14.65 39.33
C SER J 186 15.35 14.89 37.85
N ILE J 187 16.61 15.00 37.45
CA ILE J 187 17.01 15.24 36.07
C ILE J 187 17.86 14.08 35.60
N LEU J 188 17.52 13.52 34.44
CA LEU J 188 18.25 12.39 33.87
C LEU J 188 19.19 12.93 32.79
N THR J 189 20.48 13.00 33.11
CA THR J 189 21.47 13.50 32.18
C THR J 189 22.29 12.39 31.52
N HIS J 190 22.50 11.28 32.20
CA HIS J 190 23.27 10.16 31.66
C HIS J 190 22.76 8.88 32.28
N ARG J 191 23.01 7.77 31.58
CA ARG J 191 22.58 6.43 32.06
C ARG J 191 23.73 5.83 32.88
N ASN J 192 23.47 5.40 34.11
CA ASN J 192 24.47 4.81 34.99
C ASN J 192 24.34 3.30 34.99
N LEU K 1 7.26 5.79 -3.88
CA LEU K 1 7.02 5.10 -2.61
C LEU K 1 8.34 4.63 -2.01
N VAL K 2 8.25 3.84 -0.94
CA VAL K 2 9.42 3.32 -0.23
C VAL K 2 9.69 1.91 -0.74
N PRO K 3 10.82 1.66 -1.39
CA PRO K 3 11.10 0.30 -1.88
C PRO K 3 11.27 -0.69 -0.74
N MET K 4 10.95 -1.95 -1.03
CA MET K 4 11.06 -3.04 -0.08
C MET K 4 12.26 -3.90 -0.47
N VAL K 5 13.00 -4.37 0.54
CA VAL K 5 14.19 -5.20 0.31
C VAL K 5 14.06 -6.48 1.12
N ILE K 6 14.78 -7.50 0.68
CA ILE K 6 14.78 -8.82 1.32
C ILE K 6 16.10 -9.00 2.05
N GLU K 7 16.04 -9.50 3.27
CA GLU K 7 17.22 -9.75 4.09
C GLU K 7 17.35 -11.25 4.34
N GLN K 8 18.55 -11.77 4.10
CA GLN K 8 18.82 -13.18 4.31
C GLN K 8 19.38 -13.40 5.70
N THR K 9 18.77 -14.33 6.44
CA THR K 9 19.20 -14.64 7.80
C THR K 9 19.02 -16.13 8.04
N SER K 10 19.42 -16.58 9.23
CA SER K 10 19.30 -17.99 9.58
C SER K 10 17.85 -18.44 9.56
N ARG K 11 16.95 -17.62 10.10
CA ARG K 11 15.53 -17.99 10.12
C ARG K 11 14.99 -18.17 8.71
N GLY K 12 15.36 -17.28 7.81
CA GLY K 12 14.89 -17.36 6.43
C GLY K 12 14.95 -16.00 5.77
N GLU K 13 14.07 -15.80 4.79
CA GLU K 13 13.99 -14.55 4.06
C GLU K 13 12.90 -13.67 4.67
N ARG K 14 13.27 -12.43 4.98
CA ARG K 14 12.37 -11.46 5.58
C ARG K 14 12.35 -10.19 4.75
N SER K 15 11.16 -9.61 4.59
CA SER K 15 10.99 -8.40 3.80
C SER K 15 11.07 -7.17 4.70
N PHE K 16 11.88 -6.19 4.29
CA PHE K 16 12.09 -4.96 5.02
C PHE K 16 12.00 -3.78 4.09
N ASP K 17 11.58 -2.64 4.62
CA ASP K 17 11.58 -1.43 3.81
C ASP K 17 12.98 -0.84 3.83
N ILE K 18 13.25 0.09 2.92
CA ILE K 18 14.59 0.66 2.84
C ILE K 18 15.00 1.29 4.16
N TYR K 19 14.11 2.05 4.78
CA TYR K 19 14.46 2.70 6.04
C TYR K 19 14.55 1.70 7.19
N SER K 20 13.60 0.78 7.28
CA SER K 20 13.63 -0.21 8.35
C SER K 20 14.85 -1.12 8.20
N ARG K 21 15.23 -1.42 6.97
CA ARG K 21 16.41 -2.27 6.74
C ARG K 21 17.65 -1.62 7.34
N LEU K 22 17.84 -0.33 7.08
CA LEU K 22 19.01 0.38 7.62
C LEU K 22 18.91 0.60 9.12
N LEU K 23 17.71 0.56 9.69
CA LEU K 23 17.58 0.73 11.14
C LEU K 23 18.22 -0.43 11.89
N LYS K 24 18.24 -1.61 11.29
CA LYS K 24 18.86 -2.76 11.95
C LYS K 24 20.35 -2.52 12.17
N GLU K 25 21.01 -1.85 11.23
CA GLU K 25 22.43 -1.56 11.33
C GLU K 25 22.71 -0.31 12.16
N ARG K 26 21.76 0.12 12.97
CA ARG K 26 21.93 1.29 13.84
C ARG K 26 22.14 2.56 13.02
N VAL K 27 21.33 2.74 11.98
CA VAL K 27 21.39 3.92 11.12
C VAL K 27 20.04 4.62 11.21
N ILE K 28 20.06 5.88 11.61
CA ILE K 28 18.87 6.70 11.76
C ILE K 28 18.97 7.88 10.79
N PHE K 29 17.86 8.17 10.12
CA PHE K 29 17.80 9.26 9.16
C PHE K 29 17.04 10.43 9.76
N LEU K 30 17.65 11.62 9.69
CA LEU K 30 17.06 12.86 10.19
C LEU K 30 16.93 13.76 8.97
N THR K 31 15.79 13.66 8.28
CA THR K 31 15.53 14.42 7.08
C THR K 31 14.33 15.35 7.28
N GLY K 32 14.38 16.48 6.59
CA GLY K 32 13.31 17.45 6.65
C GLY K 32 13.36 18.33 7.89
N GLN K 33 12.35 19.19 8.00
CA GLN K 33 12.26 20.10 9.13
C GLN K 33 12.17 19.32 10.43
N VAL K 34 12.82 19.86 11.47
CA VAL K 34 12.80 19.24 12.79
C VAL K 34 11.52 19.68 13.49
N GLU K 35 10.71 18.71 13.92
CA GLU K 35 9.45 18.97 14.60
C GLU K 35 9.28 17.95 15.72
N ASP K 36 8.23 18.14 16.52
CA ASP K 36 7.98 17.25 17.64
C ASP K 36 7.69 15.83 17.17
N HIS K 37 6.88 15.68 16.13
CA HIS K 37 6.52 14.34 15.65
C HIS K 37 7.74 13.58 15.15
N MET K 38 8.51 14.18 14.23
CA MET K 38 9.69 13.50 13.73
C MET K 38 10.75 13.36 14.81
N ALA K 39 10.83 14.33 15.73
CA ALA K 39 11.80 14.25 16.80
C ALA K 39 11.54 13.04 17.68
N ASN K 40 10.28 12.81 18.05
CA ASN K 40 9.96 11.66 18.87
C ASN K 40 10.27 10.37 18.14
N LEU K 41 10.09 10.35 16.82
CA LEU K 41 10.39 9.16 16.06
C LEU K 41 11.88 8.81 16.18
N ILE K 42 12.74 9.82 16.09
CA ILE K 42 14.18 9.58 16.23
C ILE K 42 14.51 9.16 17.64
N VAL K 43 13.85 9.77 18.63
CA VAL K 43 14.10 9.41 20.02
C VAL K 43 13.74 7.94 20.26
N ALA K 44 12.60 7.50 19.72
CA ALA K 44 12.20 6.11 19.88
C ALA K 44 13.22 5.18 19.26
N GLN K 45 13.73 5.51 18.07
CA GLN K 45 14.72 4.67 17.43
C GLN K 45 16.00 4.60 18.24
N MET K 46 16.46 5.73 18.77
CA MET K 46 17.68 5.73 19.57
C MET K 46 17.52 4.85 20.81
N LEU K 47 16.40 4.97 21.50
CA LEU K 47 16.18 4.14 22.68
C LEU K 47 16.10 2.66 22.30
N PHE K 48 15.44 2.36 21.18
CA PHE K 48 15.33 0.97 20.74
C PHE K 48 16.71 0.38 20.44
N LEU K 49 17.57 1.15 19.77
CA LEU K 49 18.90 0.65 19.45
C LEU K 49 19.73 0.45 20.72
N GLU K 50 19.55 1.33 21.71
CA GLU K 50 20.31 1.18 22.95
C GLU K 50 20.01 -0.14 23.64
N ALA K 51 18.73 -0.51 23.71
CA ALA K 51 18.36 -1.77 24.34
C ALA K 51 18.88 -2.96 23.55
N GLU K 52 18.80 -2.91 22.23
CA GLU K 52 19.27 -4.03 21.41
C GLU K 52 20.75 -4.29 21.65
N ASN K 53 21.56 -3.24 21.66
CA ASN K 53 22.99 -3.37 21.90
C ASN K 53 23.53 -2.05 22.44
N PRO K 54 23.67 -1.91 23.76
CA PRO K 54 24.18 -0.67 24.34
C PRO K 54 25.68 -0.45 24.17
N GLU K 55 26.37 -1.31 23.42
CA GLU K 55 27.81 -1.17 23.23
C GLU K 55 28.20 -0.82 21.79
N LYS K 56 27.24 -0.82 20.87
CA LYS K 56 27.52 -0.49 19.47
C LYS K 56 27.10 0.94 19.19
N ASP K 57 27.95 1.67 18.47
CA ASP K 57 27.67 3.05 18.14
C ASP K 57 26.47 3.15 17.21
N ILE K 58 25.80 4.30 17.25
CA ILE K 58 24.62 4.58 16.45
C ILE K 58 25.00 5.65 15.44
N TYR K 59 24.57 5.46 14.19
CA TYR K 59 24.84 6.41 13.11
C TYR K 59 23.59 7.22 12.83
N LEU K 60 23.75 8.54 12.76
CA LEU K 60 22.64 9.45 12.51
C LEU K 60 22.99 10.32 11.31
N TYR K 61 22.25 10.16 10.23
CA TYR K 61 22.44 10.94 9.01
C TYR K 61 21.57 12.19 9.11
N ILE K 62 22.21 13.35 9.11
CA ILE K 62 21.51 14.62 9.26
C ILE K 62 21.50 15.34 7.91
N ASN K 63 20.29 15.58 7.38
CA ASN K 63 20.08 16.33 6.14
C ASN K 63 18.78 17.10 6.38
N SER K 64 18.89 18.30 6.92
CA SER K 64 17.69 19.07 7.23
C SER K 64 17.99 20.56 7.20
N PRO K 65 16.98 21.39 6.98
CA PRO K 65 17.19 22.84 6.99
C PRO K 65 16.91 23.52 8.32
N GLY K 66 16.75 22.77 9.41
CA GLY K 66 16.46 23.33 10.71
C GLY K 66 15.06 22.95 11.18
N GLY K 67 14.65 23.58 12.27
CA GLY K 67 13.33 23.31 12.81
C GLY K 67 13.19 23.88 14.22
N VAL K 68 12.16 23.39 14.92
CA VAL K 68 11.89 23.84 16.28
C VAL K 68 13.07 23.50 17.18
N ILE K 69 13.41 24.44 18.06
CA ILE K 69 14.53 24.20 18.98
C ILE K 69 14.16 23.16 20.02
N THR K 70 12.94 23.22 20.56
CA THR K 70 12.53 22.24 21.56
C THR K 70 12.56 20.83 21.00
N ALA K 71 12.06 20.66 19.77
CA ALA K 71 12.06 19.33 19.17
C ALA K 71 13.48 18.81 18.98
N GLY K 72 14.39 19.69 18.55
CA GLY K 72 15.77 19.26 18.37
C GLY K 72 16.45 18.95 19.69
N MET K 73 16.10 19.70 20.74
CA MET K 73 16.72 19.45 22.04
C MET K 73 16.36 18.06 22.57
N SER K 74 15.18 17.55 22.22
CA SER K 74 14.82 16.21 22.67
C SER K 74 15.79 15.18 22.12
N ILE K 75 16.20 15.35 20.86
CA ILE K 75 17.15 14.43 20.25
C ILE K 75 18.52 14.60 20.89
N TYR K 76 18.93 15.85 21.13
CA TYR K 76 20.24 16.10 21.74
C TYR K 76 20.34 15.46 23.11
N ASP K 77 19.32 15.63 23.95
CA ASP K 77 19.34 15.04 25.27
C ASP K 77 19.39 13.52 25.19
N THR K 78 18.64 12.93 24.26
CA THR K 78 18.65 11.48 24.11
C THR K 78 20.02 10.99 23.68
N MET K 79 20.66 11.69 22.76
CA MET K 79 21.99 11.28 22.29
C MET K 79 23.00 11.27 23.43
N GLN K 80 22.97 12.30 24.28
CA GLN K 80 23.91 12.37 25.38
C GLN K 80 23.53 11.43 26.53
N PHE K 81 22.24 11.13 26.69
CA PHE K 81 21.82 10.26 27.78
C PHE K 81 22.19 8.80 27.51
N ILE K 82 21.92 8.31 26.30
CA ILE K 82 22.19 6.91 25.99
C ILE K 82 23.70 6.67 26.01
N LYS K 83 24.09 5.56 26.63
CA LYS K 83 25.51 5.21 26.70
C LYS K 83 26.15 5.04 25.33
N PRO K 84 25.52 4.39 24.35
CA PRO K 84 26.16 4.23 23.04
C PRO K 84 26.50 5.57 22.41
N ASP K 85 27.65 5.62 21.76
CA ASP K 85 28.09 6.83 21.08
C ASP K 85 27.28 7.01 19.80
N VAL K 86 26.88 8.24 19.53
CA VAL K 86 26.09 8.57 18.35
C VAL K 86 27.00 9.26 17.33
N SER K 87 27.13 8.65 16.16
CA SER K 87 27.95 9.19 15.09
C SER K 87 27.04 9.97 14.15
N THR K 88 27.37 11.24 13.94
CA THR K 88 26.58 12.12 13.09
C THR K 88 27.29 12.33 11.77
N ILE K 89 26.54 12.19 10.67
CA ILE K 89 27.05 12.38 9.33
C ILE K 89 26.16 13.39 8.64
N CYS K 90 26.76 14.41 8.04
CA CYS K 90 26.03 15.48 7.36
C CYS K 90 25.98 15.17 5.87
N MET K 91 24.76 15.06 5.34
CA MET K 91 24.53 14.79 3.93
C MET K 91 23.71 15.93 3.35
N GLY K 92 24.21 16.56 2.30
CA GLY K 92 23.51 17.65 1.68
C GLY K 92 23.69 18.97 2.42
N GLN K 93 23.05 19.10 3.57
CA GLN K 93 23.17 20.34 4.34
C GLN K 93 22.83 20.07 5.80
N ALA K 94 23.16 21.05 6.65
CA ALA K 94 22.89 20.98 8.08
C ALA K 94 22.72 22.42 8.55
N ALA K 95 21.48 22.83 8.81
CA ALA K 95 21.19 24.19 9.24
C ALA K 95 21.48 24.34 10.73
N SER K 96 20.99 25.43 11.31
CA SER K 96 21.22 25.71 12.73
C SER K 96 20.90 24.49 13.59
N MET K 97 19.64 24.05 13.58
CA MET K 97 19.27 22.90 14.39
C MET K 97 20.01 21.65 13.92
N GLY K 98 20.09 21.45 12.61
CA GLY K 98 20.81 20.30 12.09
C GLY K 98 22.28 20.35 12.44
N ALA K 99 22.88 21.54 12.34
CA ALA K 99 24.30 21.69 12.66
C ALA K 99 24.53 21.44 14.14
N PHE K 100 23.62 21.91 14.99
CA PHE K 100 23.76 21.68 16.43
C PHE K 100 23.78 20.19 16.73
N LEU K 101 22.88 19.42 16.12
CA LEU K 101 22.87 17.98 16.34
C LEU K 101 24.08 17.33 15.67
N LEU K 102 24.54 17.89 14.56
CA LEU K 102 25.71 17.33 13.88
C LEU K 102 26.94 17.41 14.78
N THR K 103 27.14 18.55 15.44
CA THR K 103 28.28 18.71 16.33
C THR K 103 28.05 18.08 17.69
N ALA K 104 26.84 17.57 17.96
CA ALA K 104 26.53 16.95 19.24
C ALA K 104 26.93 15.48 19.30
N GLY K 105 27.46 14.92 18.22
CA GLY K 105 27.86 13.54 18.22
C GLY K 105 29.10 13.31 19.05
N ALA K 106 29.41 12.04 19.27
CA ALA K 106 30.59 11.69 20.04
C ALA K 106 31.84 12.26 19.41
N LYS K 107 32.69 12.87 20.22
CA LYS K 107 33.92 13.46 19.72
C LYS K 107 34.73 12.40 18.98
N GLY K 108 35.10 12.71 17.74
CA GLY K 108 35.86 11.80 16.91
C GLY K 108 35.01 10.96 15.98
N LYS K 109 33.69 10.96 16.15
CA LYS K 109 32.78 10.18 15.32
C LYS K 109 31.84 11.07 14.52
N ARG K 110 32.19 12.34 14.32
CA ARG K 110 31.39 13.27 13.54
C ARG K 110 32.03 13.40 12.17
N PHE K 111 31.24 13.15 11.13
CA PHE K 111 31.74 13.20 9.77
C PHE K 111 30.85 14.09 8.91
N CYS K 112 31.39 14.48 7.77
CA CYS K 112 30.69 15.36 6.83
C CYS K 112 31.15 15.03 5.42
N LEU K 113 30.21 15.04 4.48
CA LEU K 113 30.55 14.76 3.10
C LEU K 113 31.33 15.93 2.50
N PRO K 114 32.11 15.68 1.45
CA PRO K 114 32.93 16.77 0.88
C PRO K 114 32.13 17.96 0.38
N ASN K 115 30.94 17.75 -0.19
CA ASN K 115 30.14 18.83 -0.73
C ASN K 115 29.01 19.26 0.19
N SER K 116 29.01 18.81 1.44
CA SER K 116 27.96 19.21 2.37
C SER K 116 28.19 20.64 2.84
N ARG K 117 27.09 21.32 3.15
CA ARG K 117 27.10 22.70 3.61
C ARG K 117 26.50 22.77 5.00
N VAL K 118 27.20 23.46 5.90
CA VAL K 118 26.76 23.61 7.29
C VAL K 118 26.56 25.09 7.56
N MET K 119 25.41 25.44 8.13
CA MET K 119 25.08 26.82 8.46
C MET K 119 24.61 26.89 9.90
N ILE K 120 25.09 27.88 10.63
CA ILE K 120 24.76 28.08 12.04
C ILE K 120 24.29 29.51 12.24
N HIS K 121 23.17 29.68 12.96
CA HIS K 121 22.62 31.00 13.23
C HIS K 121 21.97 30.98 14.60
N GLN K 122 21.72 32.17 15.12
CA GLN K 122 21.09 32.30 16.43
C GLN K 122 19.63 31.89 16.36
N PRO K 123 19.02 31.56 17.50
CA PRO K 123 17.61 31.15 17.49
C PRO K 123 16.69 32.23 16.94
N LEU K 124 15.63 31.79 16.26
CA LEU K 124 14.63 32.67 15.69
C LEU K 124 13.29 32.39 16.35
N GLY K 125 12.56 33.44 16.66
CA GLY K 125 11.27 33.30 17.29
C GLY K 125 10.42 34.53 17.08
N GLY K 126 9.46 34.70 17.97
CA GLY K 126 8.57 35.85 17.90
C GLY K 126 7.36 35.69 18.79
N TYR K 127 6.76 36.82 19.18
CA TYR K 127 5.59 36.80 20.05
C TYR K 127 4.82 38.08 19.85
N GLN K 128 3.49 37.97 19.91
CA GLN K 128 2.59 39.10 19.75
C GLN K 128 1.69 39.16 20.98
N GLY K 129 1.65 40.31 21.64
CA GLY K 129 0.82 40.48 22.81
C GLY K 129 1.15 41.73 23.59
N GLN K 130 0.96 41.69 24.91
CA GLN K 130 1.23 42.84 25.75
C GLN K 130 2.73 43.04 25.92
N ALA K 131 3.09 44.10 26.63
CA ALA K 131 4.50 44.37 26.88
C ALA K 131 5.05 43.53 28.01
N THR K 132 4.19 43.13 28.96
CA THR K 132 4.65 42.30 30.07
C THR K 132 4.91 40.87 29.64
N ASP K 133 3.99 40.28 28.85
CA ASP K 133 4.18 38.90 28.42
C ASP K 133 5.25 38.80 27.35
N ILE K 134 5.34 39.79 26.45
CA ILE K 134 6.38 39.74 25.41
C ILE K 134 7.76 39.76 26.06
N GLU K 135 7.90 40.50 27.17
CA GLU K 135 9.18 40.54 27.85
C GLU K 135 9.55 39.14 28.36
N ILE K 136 8.55 38.37 28.80
CA ILE K 136 8.82 37.01 29.27
C ILE K 136 9.36 36.17 28.13
N HIS K 137 8.66 36.19 26.99
CA HIS K 137 9.12 35.42 25.84
C HIS K 137 10.43 35.98 25.29
N ALA K 138 10.54 37.31 25.24
CA ALA K 138 11.78 37.92 24.75
C ALA K 138 12.95 37.57 25.65
N ARG K 139 12.70 37.36 26.94
CA ARG K 139 13.75 36.98 27.86
C ARG K 139 14.05 35.49 27.79
N GLU K 140 13.07 34.68 27.39
CA GLU K 140 13.29 33.25 27.29
C GLU K 140 14.12 32.90 26.05
N ILE K 141 13.86 33.59 24.93
CA ILE K 141 14.63 33.31 23.72
C ILE K 141 16.10 33.58 23.95
N LEU K 142 16.41 34.63 24.72
CA LEU K 142 17.81 34.93 25.01
C LEU K 142 18.44 33.80 25.82
N LYS K 143 17.71 33.26 26.79
CA LYS K 143 18.23 32.14 27.56
C LYS K 143 18.52 30.95 26.67
N VAL K 144 17.62 30.66 25.73
CA VAL K 144 17.85 29.56 24.80
C VAL K 144 19.08 29.85 23.95
N LYS K 145 19.20 31.09 23.49
CA LYS K 145 20.37 31.46 22.69
C LYS K 145 21.65 31.28 23.49
N GLY K 146 21.65 31.74 24.75
CA GLY K 146 22.83 31.57 25.57
C GLY K 146 23.15 30.11 25.83
N ARG K 147 22.12 29.33 26.19
CA ARG K 147 22.32 27.91 26.43
C ARG K 147 22.76 27.22 25.16
N MET K 148 22.18 27.59 24.02
CA MET K 148 22.56 26.98 22.75
C MET K 148 24.02 27.28 22.43
N ASN K 149 24.46 28.52 22.66
CA ASN K 149 25.85 28.87 22.39
C ASN K 149 26.80 28.12 23.31
N GLU K 150 26.43 27.97 24.58
CA GLU K 150 27.29 27.24 25.51
C GLU K 150 27.51 25.81 25.04
N LEU K 151 26.42 25.14 24.63
CA LEU K 151 26.56 23.77 24.15
C LEU K 151 27.37 23.73 22.86
N MET K 152 27.14 24.69 21.97
CA MET K 152 27.90 24.72 20.71
C MET K 152 29.39 24.89 20.99
N ALA K 153 29.73 25.78 21.93
CA ALA K 153 31.13 25.99 22.26
C ALA K 153 31.75 24.75 22.88
N LEU K 154 31.02 24.07 23.75
CA LEU K 154 31.55 22.88 24.40
C LEU K 154 31.87 21.78 23.39
N HIS K 155 30.96 21.52 22.46
CA HIS K 155 31.19 20.48 21.48
C HIS K 155 32.22 20.91 20.44
N THR K 156 32.11 22.13 19.94
CA THR K 156 33.06 22.60 18.95
C THR K 156 34.43 22.83 19.56
N GLY K 157 34.49 23.27 20.80
CA GLY K 157 35.73 23.52 21.49
C GLY K 157 36.17 24.97 21.46
N GLN K 158 35.53 25.81 20.64
CA GLN K 158 35.90 27.22 20.58
C GLN K 158 35.33 27.96 21.78
N SER K 159 35.87 29.15 22.01
CA SER K 159 35.43 29.97 23.13
C SER K 159 33.99 30.40 22.95
N LEU K 160 33.31 30.66 24.07
CA LEU K 160 31.92 31.08 24.01
C LEU K 160 31.78 32.41 23.27
N GLU K 161 32.72 33.33 23.51
CA GLU K 161 32.65 34.63 22.84
C GLU K 161 32.72 34.47 21.33
N GLN K 162 33.60 33.59 20.84
CA GLN K 162 33.73 33.39 19.41
C GLN K 162 32.44 32.84 18.82
N ILE K 163 31.79 31.91 19.51
CA ILE K 163 30.54 31.34 19.01
C ILE K 163 29.47 32.42 18.87
N GLU K 164 29.38 33.30 19.87
CA GLU K 164 28.38 34.36 19.82
C GLU K 164 28.60 35.27 18.61
N ARG K 165 29.85 35.65 18.36
CA ARG K 165 30.14 36.52 17.22
C ARG K 165 29.76 35.85 15.91
N ASP K 166 30.10 34.57 15.75
CA ASP K 166 29.80 33.86 14.53
C ASP K 166 28.33 33.50 14.40
N THR K 167 27.63 33.36 15.53
CA THR K 167 26.22 32.99 15.52
C THR K 167 25.29 34.19 15.44
N GLU K 168 25.80 35.42 15.52
CA GLU K 168 24.93 36.59 15.45
C GLU K 168 24.16 36.62 14.14
N ARG K 169 24.82 36.29 13.04
CA ARG K 169 24.20 36.26 11.72
C ARG K 169 24.50 34.91 11.07
N ASP K 170 23.70 34.57 10.07
CA ASP K 170 23.87 33.30 9.37
C ASP K 170 25.31 33.18 8.87
N ARG K 171 25.91 32.01 9.09
CA ARG K 171 27.28 31.76 8.67
C ARG K 171 27.33 30.37 8.05
N PHE K 172 27.72 30.30 6.79
CA PHE K 172 27.82 29.04 6.06
C PHE K 172 29.24 28.53 6.11
N LEU K 173 29.40 27.25 6.46
CA LEU K 173 30.70 26.62 6.52
C LEU K 173 30.71 25.39 5.61
N SER K 174 31.76 25.26 4.82
CA SER K 174 31.90 24.13 3.93
C SER K 174 32.42 22.93 4.72
N ALA K 175 32.49 21.77 4.07
CA ALA K 175 32.99 20.59 4.77
C ALA K 175 34.37 20.81 5.34
N PRO K 176 35.35 21.35 4.60
CA PRO K 176 36.67 21.58 5.23
C PRO K 176 36.62 22.64 6.31
N GLU K 177 35.88 23.72 6.09
CA GLU K 177 35.79 24.78 7.09
C GLU K 177 35.18 24.27 8.38
N ALA K 178 34.19 23.38 8.28
CA ALA K 178 33.58 22.83 9.49
C ALA K 178 34.59 22.08 10.34
N VAL K 179 35.59 21.47 9.72
CA VAL K 179 36.60 20.73 10.47
C VAL K 179 37.42 21.69 11.33
N GLU K 180 37.87 22.80 10.74
CA GLU K 180 38.65 23.76 11.50
C GLU K 180 37.81 24.39 12.61
N TYR K 181 36.56 24.71 12.30
CA TYR K 181 35.68 25.30 13.30
C TYR K 181 35.35 24.35 14.44
N GLY K 182 35.57 23.05 14.24
CA GLY K 182 35.28 22.06 15.25
C GLY K 182 33.94 21.39 15.15
N LEU K 183 33.10 21.79 14.18
CA LEU K 183 31.79 21.18 14.03
C LEU K 183 31.87 19.73 13.57
N VAL K 184 32.93 19.36 12.86
CA VAL K 184 33.12 18.01 12.36
C VAL K 184 34.54 17.57 12.67
N ASP K 185 34.74 16.25 12.73
CA ASP K 185 36.04 15.69 13.04
C ASP K 185 36.84 15.35 11.77
N SER K 186 36.18 14.81 10.76
CA SER K 186 36.85 14.45 9.51
C SER K 186 35.85 14.50 8.37
N ILE K 187 36.34 14.27 7.16
CA ILE K 187 35.54 14.29 5.95
C ILE K 187 35.66 12.93 5.28
N LEU K 188 34.52 12.37 4.87
CA LEU K 188 34.48 11.07 4.22
C LEU K 188 34.35 11.29 2.71
N THR K 189 35.38 10.90 1.96
CA THR K 189 35.39 11.05 0.51
C THR K 189 35.31 9.74 -0.25
N HIS K 190 35.88 8.66 0.29
CA HIS K 190 35.84 7.37 -0.38
C HIS K 190 35.91 6.28 0.69
N ARG K 191 35.43 5.09 0.31
CA ARG K 191 35.43 3.93 1.23
C ARG K 191 36.78 3.22 1.11
N ASN K 192 37.45 2.98 2.24
CA ASN K 192 38.74 2.31 2.27
C ASN K 192 38.70 1.12 3.22
N LEU L 1 -1.63 3.02 -9.74
CA LEU L 1 -0.79 2.46 -8.68
C LEU L 1 0.39 1.70 -9.28
N VAL L 2 1.24 1.18 -8.41
CA VAL L 2 2.44 0.44 -8.83
C VAL L 2 2.06 -1.03 -8.93
N PRO L 3 2.30 -1.68 -10.07
CA PRO L 3 1.95 -3.11 -10.20
C PRO L 3 2.88 -3.98 -9.37
N MET L 4 2.39 -5.17 -9.05
CA MET L 4 3.13 -6.15 -8.27
C MET L 4 3.52 -7.31 -9.16
N VAL L 5 4.79 -7.68 -9.13
CA VAL L 5 5.31 -8.78 -9.92
C VAL L 5 5.78 -9.88 -8.98
N ILE L 6 5.91 -11.09 -9.53
CA ILE L 6 6.35 -12.25 -8.77
C ILE L 6 7.64 -12.77 -9.38
N GLU L 7 8.60 -13.12 -8.51
CA GLU L 7 9.89 -13.64 -8.92
C GLU L 7 9.98 -15.09 -8.49
N GLN L 8 10.25 -15.98 -9.45
CA GLN L 8 10.36 -17.42 -9.17
C GLN L 8 11.76 -17.73 -8.64
N THR L 9 12.06 -17.18 -7.47
CA THR L 9 13.35 -17.40 -6.84
C THR L 9 13.44 -18.82 -6.29
N SER L 10 14.67 -19.23 -5.98
CA SER L 10 14.90 -20.56 -5.44
C SER L 10 14.35 -20.66 -4.02
N ARG L 11 13.71 -21.78 -3.71
CA ARG L 11 13.14 -22.12 -2.42
C ARG L 11 11.78 -21.46 -2.18
N GLY L 12 11.30 -20.60 -3.07
CA GLY L 12 10.02 -19.97 -2.84
C GLY L 12 9.66 -19.02 -3.95
N GLU L 13 8.47 -18.43 -3.82
CA GLU L 13 7.93 -17.48 -4.78
C GLU L 13 7.50 -16.24 -4.02
N ARG L 14 8.11 -15.10 -4.32
CA ARG L 14 7.83 -13.84 -3.65
C ARG L 14 7.24 -12.83 -4.63
N SER L 15 6.37 -11.98 -4.11
CA SER L 15 5.71 -10.92 -4.87
C SER L 15 6.25 -9.58 -4.41
N PHE L 16 6.81 -8.81 -5.34
CA PHE L 16 7.37 -7.50 -5.06
C PHE L 16 6.83 -6.50 -6.06
N ASP L 17 6.86 -5.23 -5.67
CA ASP L 17 6.40 -4.18 -6.56
C ASP L 17 7.43 -4.00 -7.69
N ILE L 18 7.00 -3.31 -8.75
CA ILE L 18 7.88 -3.14 -9.90
C ILE L 18 9.17 -2.43 -9.50
N TYR L 19 9.07 -1.37 -8.70
CA TYR L 19 10.28 -0.65 -8.29
C TYR L 19 11.16 -1.51 -7.40
N SER L 20 10.56 -2.25 -6.46
CA SER L 20 11.36 -3.10 -5.58
C SER L 20 12.04 -4.20 -6.37
N ARG L 21 11.35 -4.75 -7.36
CA ARG L 21 11.93 -5.82 -8.17
C ARG L 21 13.18 -5.33 -8.88
N LEU L 22 13.14 -4.12 -9.45
CA LEU L 22 14.32 -3.60 -10.13
C LEU L 22 15.41 -3.24 -9.14
N LEU L 23 15.05 -2.83 -7.92
CA LEU L 23 16.07 -2.50 -6.94
C LEU L 23 16.93 -3.72 -6.63
N LYS L 24 16.30 -4.90 -6.58
CA LYS L 24 17.05 -6.12 -6.31
C LYS L 24 18.12 -6.36 -7.38
N GLU L 25 17.96 -5.75 -8.55
CA GLU L 25 18.91 -5.89 -9.65
C GLU L 25 19.87 -4.70 -9.73
N ARG L 26 19.98 -3.93 -8.65
CA ARG L 26 20.88 -2.79 -8.59
C ARG L 26 20.47 -1.67 -9.54
N VAL L 27 19.17 -1.38 -9.59
CA VAL L 27 18.61 -0.34 -10.43
C VAL L 27 17.86 0.64 -9.55
N ILE L 28 18.20 1.91 -9.65
CA ILE L 28 17.58 2.97 -8.85
C ILE L 28 16.98 3.99 -9.81
N PHE L 29 15.78 4.45 -9.48
CA PHE L 29 15.04 5.43 -10.29
C PHE L 29 15.10 6.79 -9.59
N LEU L 30 15.42 7.82 -10.38
CA LEU L 30 15.50 9.20 -9.89
C LEU L 30 14.51 9.99 -10.75
N THR L 31 13.28 10.09 -10.28
CA THR L 31 12.20 10.77 -10.99
C THR L 31 11.66 11.93 -10.18
N GLY L 32 11.20 12.96 -10.88
CA GLY L 32 10.62 14.12 -10.23
C GLY L 32 11.65 15.08 -9.69
N GLN L 33 11.15 16.10 -8.99
CA GLN L 33 12.00 17.12 -8.41
C GLN L 33 12.92 16.50 -7.37
N VAL L 34 14.12 17.05 -7.26
CA VAL L 34 15.12 16.58 -6.30
C VAL L 34 14.87 17.31 -4.99
N GLU L 35 14.57 16.55 -3.94
CA GLU L 35 14.30 17.11 -2.61
C GLU L 35 14.99 16.24 -1.57
N ASP L 36 14.96 16.69 -0.32
CA ASP L 36 15.62 15.96 0.75
C ASP L 36 15.00 14.58 0.96
N HIS L 37 13.67 14.49 0.95
CA HIS L 37 13.02 13.21 1.19
C HIS L 37 13.36 12.19 0.10
N MET L 38 13.20 12.56 -1.17
CA MET L 38 13.53 11.63 -2.24
C MET L 38 15.03 11.40 -2.32
N ALA L 39 15.83 12.43 -2.03
CA ALA L 39 17.28 12.27 -2.06
C ALA L 39 17.75 11.26 -1.04
N ASN L 40 17.22 11.34 0.19
CA ASN L 40 17.60 10.38 1.21
C ASN L 40 17.18 8.97 0.82
N LEU L 41 16.02 8.85 0.16
CA LEU L 41 15.56 7.53 -0.27
C LEU L 41 16.56 6.92 -1.26
N ILE L 42 17.08 7.74 -2.17
CA ILE L 42 18.06 7.24 -3.14
C ILE L 42 19.36 6.90 -2.43
N VAL L 43 19.78 7.73 -1.48
CA VAL L 43 21.02 7.46 -0.75
C VAL L 43 20.92 6.14 -0.01
N ALA L 44 19.77 5.89 0.63
CA ALA L 44 19.59 4.63 1.34
C ALA L 44 19.69 3.44 0.40
N GLN L 45 19.07 3.54 -0.78
CA GLN L 45 19.13 2.45 -1.74
C GLN L 45 20.57 2.20 -2.20
N MET L 46 21.32 3.27 -2.47
CA MET L 46 22.70 3.10 -2.90
C MET L 46 23.54 2.44 -1.82
N LEU L 47 23.37 2.86 -0.56
CA LEU L 47 24.13 2.25 0.52
C LEU L 47 23.75 0.78 0.67
N PHE L 48 22.47 0.46 0.53
CA PHE L 48 22.03 -0.92 0.66
C PHE L 48 22.64 -1.79 -0.43
N LEU L 49 22.62 -1.31 -1.68
CA LEU L 49 23.18 -2.10 -2.77
C LEU L 49 24.66 -2.36 -2.57
N GLU L 50 25.37 -1.45 -1.91
CA GLU L 50 26.79 -1.64 -1.67
C GLU L 50 27.02 -2.85 -0.76
N ALA L 51 26.14 -3.05 0.22
CA ALA L 51 26.31 -4.17 1.14
C ALA L 51 26.14 -5.51 0.45
N GLU L 52 25.13 -5.65 -0.41
CA GLU L 52 24.91 -6.93 -1.08
C GLU L 52 26.11 -7.31 -1.94
N ASN L 53 26.65 -6.38 -2.69
CA ASN L 53 27.79 -6.64 -3.56
C ASN L 53 28.53 -5.33 -3.78
N PRO L 54 29.62 -5.10 -3.05
CA PRO L 54 30.38 -3.85 -3.23
C PRO L 54 31.21 -3.79 -4.51
N GLU L 55 31.03 -4.76 -5.40
CA GLU L 55 31.77 -4.80 -6.67
C GLU L 55 30.88 -4.64 -7.89
N LYS L 56 29.66 -5.15 -7.86
CA LYS L 56 28.78 -5.03 -9.02
C LYS L 56 28.39 -3.58 -9.26
N ASP L 57 28.27 -3.23 -10.54
CA ASP L 57 27.91 -1.88 -10.94
C ASP L 57 26.48 -1.56 -10.51
N ILE L 58 26.24 -0.28 -10.26
CA ILE L 58 24.93 0.22 -9.87
C ILE L 58 24.42 1.15 -10.96
N TYR L 59 23.13 1.04 -11.25
CA TYR L 59 22.50 1.85 -12.29
C TYR L 59 21.54 2.85 -11.64
N LEU L 60 21.55 4.07 -12.16
CA LEU L 60 20.70 5.14 -11.64
C LEU L 60 20.07 5.86 -12.83
N TYR L 61 18.77 5.69 -13.00
CA TYR L 61 18.07 6.35 -14.08
C TYR L 61 17.73 7.78 -13.68
N ILE L 62 17.96 8.72 -14.59
CA ILE L 62 17.74 10.13 -14.33
C ILE L 62 16.66 10.63 -15.28
N ASN L 63 15.54 11.09 -14.72
CA ASN L 63 14.43 11.65 -15.48
C ASN L 63 13.81 12.80 -14.69
N SER L 64 14.62 13.52 -13.92
CA SER L 64 14.19 14.61 -13.07
C SER L 64 14.40 15.97 -13.74
N PRO L 65 13.52 16.95 -13.47
CA PRO L 65 13.70 18.28 -14.05
C PRO L 65 14.55 19.18 -13.15
N GLY L 66 15.29 18.58 -12.22
CA GLY L 66 16.13 19.32 -11.31
C GLY L 66 15.50 19.45 -9.94
N GLY L 67 16.19 20.19 -9.07
CA GLY L 67 15.69 20.39 -7.72
C GLY L 67 16.71 21.08 -6.84
N VAL L 68 16.52 20.91 -5.53
CA VAL L 68 17.42 21.51 -4.56
C VAL L 68 18.83 20.99 -4.74
N ILE L 69 19.81 21.88 -4.68
CA ILE L 69 21.20 21.49 -4.84
C ILE L 69 21.69 20.69 -3.64
N THR L 70 21.33 21.12 -2.43
CA THR L 70 21.77 20.39 -1.24
C THR L 70 21.28 18.95 -1.27
N ALA L 71 20.02 18.74 -1.63
CA ALA L 71 19.49 17.39 -1.71
C ALA L 71 20.23 16.59 -2.78
N GLY L 72 20.48 17.21 -3.94
CA GLY L 72 21.18 16.52 -5.00
C GLY L 72 22.63 16.24 -4.65
N MET L 73 23.29 17.18 -3.97
CA MET L 73 24.68 16.99 -3.59
C MET L 73 24.85 15.77 -2.70
N SER L 74 23.85 15.45 -1.88
CA SER L 74 23.96 14.27 -1.02
C SER L 74 24.09 13.01 -1.88
N ILE L 75 23.35 12.95 -2.98
CA ILE L 75 23.45 11.80 -3.87
C ILE L 75 24.81 11.77 -4.54
N TYR L 76 25.30 12.92 -5.01
CA TYR L 76 26.60 12.97 -5.68
C TYR L 76 27.70 12.48 -4.74
N ASP L 77 27.68 12.92 -3.49
CA ASP L 77 28.70 12.48 -2.55
C ASP L 77 28.63 10.97 -2.34
N THR L 78 27.41 10.43 -2.24
CA THR L 78 27.26 8.99 -2.07
C THR L 78 27.76 8.24 -3.29
N MET L 79 27.50 8.77 -4.49
CA MET L 79 27.96 8.12 -5.71
C MET L 79 29.48 8.03 -5.74
N GLN L 80 30.16 9.10 -5.37
CA GLN L 80 31.62 9.11 -5.37
C GLN L 80 32.22 8.45 -4.14
N PHE L 81 31.41 8.16 -3.12
CA PHE L 81 31.95 7.55 -1.92
C PHE L 81 31.93 6.02 -1.99
N ILE L 82 30.77 5.44 -2.31
CA ILE L 82 30.66 3.99 -2.36
C ILE L 82 31.60 3.43 -3.42
N LYS L 83 32.26 2.31 -3.08
CA LYS L 83 33.17 1.68 -4.03
C LYS L 83 32.51 1.29 -5.33
N PRO L 84 31.30 0.71 -5.33
CA PRO L 84 30.69 0.33 -6.61
C PRO L 84 30.52 1.51 -7.53
N ASP L 85 30.76 1.27 -8.82
CA ASP L 85 30.58 2.32 -9.81
C ASP L 85 29.09 2.56 -10.02
N VAL L 86 28.75 3.81 -10.31
CA VAL L 86 27.36 4.20 -10.54
C VAL L 86 27.21 4.57 -12.00
N SER L 87 26.38 3.81 -12.71
CA SER L 87 26.11 4.06 -14.12
C SER L 87 24.84 4.89 -14.21
N THR L 88 24.94 6.06 -14.84
CA THR L 88 23.81 6.96 -14.98
C THR L 88 23.27 6.91 -16.41
N ILE L 89 21.96 6.72 -16.52
CA ILE L 89 21.27 6.66 -17.79
C ILE L 89 20.23 7.77 -17.80
N CYS L 90 20.28 8.63 -18.81
CA CYS L 90 19.34 9.73 -18.94
C CYS L 90 18.15 9.30 -19.78
N MET L 91 16.95 9.42 -19.22
CA MET L 91 15.72 9.05 -19.91
C MET L 91 14.78 10.25 -19.83
N GLY L 92 14.46 10.83 -20.99
CA GLY L 92 13.56 11.96 -21.02
C GLY L 92 14.25 13.29 -20.85
N GLN L 93 14.23 13.82 -19.62
CA GLN L 93 14.82 15.11 -19.31
C GLN L 93 15.87 14.99 -18.22
N ALA L 94 16.80 15.94 -18.21
CA ALA L 94 17.87 16.01 -17.22
C ALA L 94 18.26 17.47 -17.06
N ALA L 95 17.74 18.12 -16.02
CA ALA L 95 18.01 19.53 -15.79
C ALA L 95 19.38 19.71 -15.13
N SER L 96 19.64 20.92 -14.61
CA SER L 96 20.92 21.21 -14.00
C SER L 96 21.30 20.15 -12.97
N MET L 97 20.50 19.99 -11.92
CA MET L 97 20.83 18.98 -10.92
C MET L 97 20.78 17.58 -11.53
N GLY L 98 19.76 17.31 -12.35
CA GLY L 98 19.69 16.01 -12.99
C GLY L 98 20.87 15.76 -13.89
N ALA L 99 21.29 16.79 -14.64
CA ALA L 99 22.45 16.65 -15.51
C ALA L 99 23.72 16.52 -14.69
N PHE L 100 23.80 17.23 -13.57
CA PHE L 100 24.98 17.13 -12.71
C PHE L 100 25.16 15.70 -12.23
N LEU L 101 24.08 15.06 -11.79
CA LEU L 101 24.17 13.68 -11.35
C LEU L 101 24.44 12.75 -12.52
N LEU L 102 23.99 13.13 -13.71
CA LEU L 102 24.24 12.29 -14.89
C LEU L 102 25.74 12.21 -15.18
N THR L 103 26.44 13.34 -15.07
CA THR L 103 27.89 13.36 -15.30
C THR L 103 28.68 12.80 -14.13
N ALA L 104 28.06 12.60 -12.97
CA ALA L 104 28.75 12.07 -11.81
C ALA L 104 28.99 10.56 -11.90
N GLY L 105 28.46 9.90 -12.92
CA GLY L 105 28.66 8.48 -13.05
C GLY L 105 30.10 8.13 -13.39
N ALA L 106 30.41 6.84 -13.25
CA ALA L 106 31.75 6.37 -13.52
C ALA L 106 32.10 6.57 -15.00
N LYS L 107 33.38 6.85 -15.25
CA LYS L 107 33.84 7.06 -16.61
C LYS L 107 33.51 5.86 -17.48
N GLY L 108 32.97 6.13 -18.67
CA GLY L 108 32.61 5.08 -19.59
C GLY L 108 31.32 4.37 -19.27
N LYS L 109 30.63 4.77 -18.20
CA LYS L 109 29.37 4.15 -17.80
C LYS L 109 28.22 5.14 -17.76
N ARG L 110 28.36 6.29 -18.40
CA ARG L 110 27.30 7.30 -18.46
C ARG L 110 26.65 7.20 -19.83
N PHE L 111 25.39 6.80 -19.86
CA PHE L 111 24.65 6.62 -21.09
C PHE L 111 23.47 7.56 -21.16
N CYS L 112 22.90 7.67 -22.36
CA CYS L 112 21.76 8.54 -22.61
C CYS L 112 20.96 7.98 -23.77
N LEU L 113 19.64 8.08 -23.66
CA LEU L 113 18.78 7.60 -24.73
C LEU L 113 18.85 8.53 -25.94
N PRO L 114 18.53 8.03 -27.13
CA PRO L 114 18.62 8.89 -28.32
C PRO L 114 17.80 10.17 -28.21
N ASN L 115 16.51 10.05 -27.89
CA ASN L 115 15.63 11.22 -27.77
C ASN L 115 15.56 11.65 -26.31
N SER L 116 16.64 12.27 -25.85
CA SER L 116 16.75 12.76 -24.49
C SER L 116 17.28 14.18 -24.52
N ARG L 117 16.83 14.99 -23.57
CA ARG L 117 17.22 16.38 -23.47
C ARG L 117 17.96 16.63 -22.16
N VAL L 118 19.09 17.33 -22.26
CA VAL L 118 19.91 17.68 -21.11
C VAL L 118 20.05 19.19 -21.07
N MET L 119 19.71 19.79 -19.94
CA MET L 119 19.79 21.23 -19.77
C MET L 119 20.63 21.54 -18.54
N ILE L 120 21.67 22.34 -18.72
CA ILE L 120 22.57 22.73 -17.65
C ILE L 120 22.52 24.24 -17.49
N HIS L 121 22.34 24.70 -16.25
CA HIS L 121 22.26 26.12 -15.96
C HIS L 121 22.89 26.39 -14.60
N GLN L 122 23.19 27.66 -14.35
CA GLN L 122 23.79 28.05 -13.09
C GLN L 122 22.78 27.93 -11.95
N PRO L 123 23.25 27.87 -10.70
CA PRO L 123 22.32 27.72 -9.58
C PRO L 123 21.30 28.84 -9.51
N LEU L 124 20.10 28.48 -9.06
CA LEU L 124 18.99 29.41 -8.90
C LEU L 124 18.70 29.56 -7.42
N GLY L 125 18.64 30.80 -6.95
CA GLY L 125 18.37 31.05 -5.55
C GLY L 125 17.71 32.39 -5.31
N GLY L 126 17.57 32.77 -4.04
CA GLY L 126 16.96 34.03 -3.68
C GLY L 126 16.84 34.23 -2.19
N TYR L 127 16.97 35.47 -1.74
CA TYR L 127 16.87 35.77 -0.32
C TYR L 127 16.41 37.20 -0.16
N GLN L 128 15.62 37.43 0.90
CA GLN L 128 15.10 38.76 1.21
C GLN L 128 15.37 39.08 2.67
N GLY L 129 15.89 40.27 2.92
CA GLY L 129 16.21 40.69 4.27
C GLY L 129 17.14 41.88 4.25
N GLN L 130 17.88 42.03 5.35
CA GLN L 130 18.81 43.14 5.47
C GLN L 130 19.96 42.98 4.47
N ALA L 131 20.56 44.12 4.12
CA ALA L 131 21.68 44.09 3.18
C ALA L 131 22.79 43.17 3.66
N THR L 132 23.04 43.15 4.97
CA THR L 132 24.08 42.28 5.50
C THR L 132 23.74 40.82 5.24
N ASP L 133 22.48 40.44 5.44
CA ASP L 133 22.08 39.06 5.20
C ASP L 133 22.13 38.73 3.71
N ILE L 134 21.81 39.71 2.85
CA ILE L 134 21.85 39.48 1.41
C ILE L 134 23.26 39.11 0.97
N GLU L 135 24.26 39.83 1.49
CA GLU L 135 25.64 39.55 1.11
C GLU L 135 26.05 38.14 1.55
N ILE L 136 25.63 37.73 2.75
CA ILE L 136 25.98 36.40 3.22
C ILE L 136 25.44 35.34 2.27
N HIS L 137 24.15 35.44 1.93
CA HIS L 137 23.56 34.48 1.02
C HIS L 137 24.07 34.66 -0.41
N ALA L 138 24.34 35.91 -0.81
CA ALA L 138 24.85 36.15 -2.15
C ALA L 138 26.21 35.48 -2.32
N ARG L 139 27.07 35.57 -1.29
CA ARG L 139 28.38 34.93 -1.37
C ARG L 139 28.26 33.42 -1.41
N GLU L 140 27.35 32.87 -0.61
CA GLU L 140 27.20 31.41 -0.57
C GLU L 140 26.73 30.86 -1.90
N ILE L 141 25.71 31.47 -2.50
CA ILE L 141 25.22 30.98 -3.78
C ILE L 141 26.32 31.05 -4.83
N LEU L 142 27.13 32.12 -4.80
CA LEU L 142 28.23 32.22 -5.75
C LEU L 142 29.24 31.11 -5.53
N LYS L 143 29.56 30.81 -4.27
CA LYS L 143 30.50 29.72 -3.99
C LYS L 143 29.95 28.40 -4.47
N VAL L 144 28.64 28.17 -4.27
CA VAL L 144 28.04 26.93 -4.74
C VAL L 144 28.13 26.85 -6.26
N LYS L 145 27.91 27.97 -6.94
CA LYS L 145 28.02 27.98 -8.40
C LYS L 145 29.42 27.61 -8.84
N GLY L 146 30.44 28.18 -8.20
CA GLY L 146 31.80 27.84 -8.56
C GLY L 146 32.13 26.40 -8.25
N ARG L 147 31.63 25.89 -7.12
CA ARG L 147 31.90 24.51 -6.75
C ARG L 147 31.29 23.56 -7.77
N MET L 148 30.06 23.82 -8.19
CA MET L 148 29.42 22.96 -9.18
C MET L 148 30.15 23.03 -10.52
N ASN L 149 30.60 24.22 -10.91
CA ASN L 149 31.32 24.36 -12.17
C ASN L 149 32.61 23.54 -12.15
N GLU L 150 33.32 23.55 -11.03
CA GLU L 150 34.54 22.76 -10.92
C GLU L 150 34.24 21.27 -11.07
N LEU L 151 33.17 20.81 -10.43
CA LEU L 151 32.80 19.40 -10.54
C LEU L 151 32.38 19.06 -11.96
N MET L 152 31.63 19.95 -12.62
CA MET L 152 31.22 19.70 -13.99
C MET L 152 32.43 19.58 -14.91
N ALA L 153 33.41 20.45 -14.74
CA ALA L 153 34.62 20.39 -15.56
C ALA L 153 35.39 19.11 -15.30
N LEU L 154 35.45 18.68 -14.04
CA LEU L 154 36.21 17.48 -13.71
C LEU L 154 35.60 16.24 -14.37
N HIS L 155 34.27 16.15 -14.38
CA HIS L 155 33.61 14.98 -14.95
C HIS L 155 33.47 15.10 -16.48
N THR L 156 33.01 16.25 -16.96
CA THR L 156 32.83 16.41 -18.40
C THR L 156 34.16 16.53 -19.13
N GLY L 157 35.18 17.10 -18.49
CA GLY L 157 36.47 17.28 -19.10
C GLY L 157 36.67 18.64 -19.73
N GLN L 158 35.61 19.43 -19.85
CA GLN L 158 35.73 20.77 -20.42
C GLN L 158 36.47 21.68 -19.46
N SER L 159 37.08 22.73 -20.02
CA SER L 159 37.80 23.68 -19.19
C SER L 159 36.84 24.40 -18.27
N LEU L 160 37.37 24.87 -17.14
CA LEU L 160 36.51 25.58 -16.18
C LEU L 160 35.89 26.82 -16.82
N GLU L 161 36.66 27.56 -17.62
CA GLU L 161 36.12 28.74 -18.27
C GLU L 161 34.98 28.38 -19.20
N GLN L 162 35.12 27.28 -19.95
CA GLN L 162 34.07 26.88 -20.88
C GLN L 162 32.78 26.54 -20.12
N ILE L 163 32.90 25.81 -19.01
CA ILE L 163 31.71 25.46 -18.23
C ILE L 163 31.03 26.70 -17.70
N GLU L 164 31.82 27.63 -17.14
CA GLU L 164 31.24 28.86 -16.61
C GLU L 164 30.55 29.66 -17.71
N ARG L 165 31.20 29.78 -18.87
CA ARG L 165 30.63 30.54 -19.97
C ARG L 165 29.36 29.88 -20.51
N ASP L 166 29.37 28.56 -20.64
CA ASP L 166 28.21 27.86 -21.17
C ASP L 166 27.09 27.71 -20.14
N THR L 167 27.39 27.86 -18.86
CA THR L 167 26.40 27.71 -17.80
C THR L 167 25.73 29.03 -17.41
N GLU L 168 26.15 30.16 -17.98
CA GLU L 168 25.54 31.43 -17.62
C GLU L 168 24.03 31.40 -17.83
N ARG L 169 23.57 30.77 -18.91
CA ARG L 169 22.16 30.65 -19.21
C ARG L 169 21.85 29.20 -19.54
N ASP L 170 20.56 28.89 -19.64
CA ASP L 170 20.15 27.53 -19.94
C ASP L 170 20.79 27.07 -21.23
N ARG L 171 21.34 25.85 -21.21
CA ARG L 171 22.02 25.27 -22.35
C ARG L 171 21.42 23.90 -22.61
N PHE L 172 20.61 23.78 -23.66
CA PHE L 172 19.98 22.52 -24.02
C PHE L 172 20.91 21.73 -24.92
N LEU L 173 21.17 20.48 -24.55
CA LEU L 173 22.03 19.60 -25.32
C LEU L 173 21.31 18.30 -25.58
N SER L 174 21.28 17.88 -26.84
CA SER L 174 20.64 16.63 -27.21
C SER L 174 21.55 15.46 -26.83
N ALA L 175 21.09 14.25 -27.09
CA ALA L 175 21.91 13.08 -26.76
C ALA L 175 23.24 13.10 -27.50
N PRO L 176 23.29 13.23 -28.82
CA PRO L 176 24.61 13.28 -29.49
C PRO L 176 25.45 14.47 -29.05
N GLU L 177 24.82 15.61 -28.77
CA GLU L 177 25.58 16.78 -28.34
C GLU L 177 26.16 16.57 -26.95
N ALA L 178 25.45 15.84 -26.09
CA ALA L 178 25.97 15.58 -24.74
C ALA L 178 27.25 14.78 -24.79
N VAL L 179 27.34 13.82 -25.72
CA VAL L 179 28.55 13.01 -25.84
C VAL L 179 29.74 13.89 -26.20
N GLU L 180 29.56 14.78 -27.18
CA GLU L 180 30.66 15.66 -27.56
C GLU L 180 31.05 16.58 -26.42
N TYR L 181 30.06 17.13 -25.71
CA TYR L 181 30.36 18.02 -24.60
C TYR L 181 31.02 17.27 -23.45
N GLY L 182 30.82 15.95 -23.37
CA GLY L 182 31.40 15.13 -22.32
C GLY L 182 30.45 14.80 -21.19
N LEU L 183 29.19 15.23 -21.27
CA LEU L 183 28.24 14.93 -20.21
C LEU L 183 28.03 13.44 -20.07
N VAL L 184 27.91 12.73 -21.20
CA VAL L 184 27.71 11.29 -21.21
C VAL L 184 28.80 10.66 -22.07
N ASP L 185 28.90 9.34 -22.00
CA ASP L 185 29.91 8.60 -22.73
C ASP L 185 29.40 8.01 -24.03
N SER L 186 28.22 7.39 -24.02
CA SER L 186 27.67 6.78 -25.22
C SER L 186 26.16 6.91 -25.21
N ILE L 187 25.53 6.49 -26.30
CA ILE L 187 24.10 6.53 -26.49
C ILE L 187 23.61 5.11 -26.72
N LEU L 188 22.55 4.71 -26.02
CA LEU L 188 21.98 3.37 -26.13
C LEU L 188 20.78 3.44 -27.07
N THR L 189 20.94 2.89 -28.27
CA THR L 189 19.88 2.86 -29.27
C THR L 189 19.14 1.52 -29.25
N HIS L 190 19.86 0.42 -29.43
CA HIS L 190 19.29 -0.91 -29.42
C HIS L 190 20.27 -1.86 -28.78
N ARG L 191 19.75 -3.00 -28.30
CA ARG L 191 20.58 -4.02 -27.61
C ARG L 191 21.52 -4.66 -28.64
N ASN L 192 22.80 -4.84 -28.30
CA ASN L 192 23.81 -5.41 -29.18
C ASN L 192 24.75 -6.32 -28.40
N LEU M 1 -11.80 1.77 -6.58
CA LEU M 1 -11.09 0.62 -6.04
C LEU M 1 -10.65 -0.30 -7.17
N VAL M 2 -9.52 -0.96 -6.98
CA VAL M 2 -8.95 -1.88 -7.97
C VAL M 2 -9.35 -3.29 -7.59
N PRO M 3 -10.14 -4.00 -8.39
CA PRO M 3 -10.54 -5.37 -8.02
C PRO M 3 -9.35 -6.32 -8.00
N MET M 4 -9.51 -7.37 -7.18
CA MET M 4 -8.52 -8.42 -7.03
C MET M 4 -9.02 -9.68 -7.70
N VAL M 5 -8.11 -10.42 -8.34
CA VAL M 5 -8.45 -11.65 -9.03
C VAL M 5 -7.52 -12.76 -8.55
N ILE M 6 -7.99 -13.99 -8.70
CA ILE M 6 -7.25 -15.18 -8.29
C ILE M 6 -6.80 -15.91 -9.55
N GLU M 7 -5.52 -16.25 -9.60
CA GLU M 7 -4.93 -16.97 -10.73
C GLU M 7 -4.65 -18.40 -10.31
N GLN M 8 -5.12 -19.35 -11.12
CA GLN M 8 -4.90 -20.76 -10.82
C GLN M 8 -3.54 -21.19 -11.35
N THR M 9 -2.74 -21.82 -10.48
CA THR M 9 -1.42 -22.29 -10.84
C THR M 9 -1.18 -23.64 -10.20
N SER M 10 -0.18 -24.35 -10.71
CA SER M 10 0.13 -25.67 -10.18
C SER M 10 0.50 -25.60 -8.70
N ARG M 11 1.33 -24.62 -8.33
CA ARG M 11 1.72 -24.49 -6.93
C ARG M 11 0.50 -24.19 -6.05
N GLY M 12 -0.38 -23.34 -6.52
CA GLY M 12 -1.56 -22.99 -5.74
C GLY M 12 -2.27 -21.80 -6.35
N GLU M 13 -3.10 -21.16 -5.53
CA GLU M 13 -3.85 -19.98 -5.94
C GLU M 13 -3.15 -18.73 -5.43
N ARG M 14 -2.89 -17.80 -6.34
CA ARG M 14 -2.21 -16.55 -6.01
C ARG M 14 -3.14 -15.38 -6.34
N SER M 15 -3.27 -14.45 -5.39
CA SER M 15 -4.12 -13.28 -5.58
C SER M 15 -3.32 -12.18 -6.28
N PHE M 16 -3.85 -11.68 -7.38
CA PHE M 16 -3.21 -10.64 -8.17
C PHE M 16 -4.16 -9.50 -8.42
N ASP M 17 -3.60 -8.30 -8.56
CA ASP M 17 -4.40 -7.13 -8.88
C ASP M 17 -4.84 -7.21 -10.33
N ILE M 18 -5.94 -6.50 -10.65
CA ILE M 18 -6.44 -6.54 -12.01
C ILE M 18 -5.36 -6.07 -12.98
N TYR M 19 -4.66 -4.98 -12.65
CA TYR M 19 -3.60 -4.50 -13.52
C TYR M 19 -2.36 -5.39 -13.40
N SER M 20 -2.04 -5.85 -12.20
CA SER M 20 -0.89 -6.73 -12.02
C SER M 20 -1.09 -8.04 -12.76
N ARG M 21 -2.32 -8.58 -12.72
CA ARG M 21 -2.58 -9.83 -13.41
C ARG M 21 -2.35 -9.69 -14.91
N LEU M 22 -2.81 -8.58 -15.49
CA LEU M 22 -2.60 -8.38 -16.92
C LEU M 22 -1.12 -8.16 -17.25
N LEU M 23 -0.34 -7.66 -16.29
CA LEU M 23 1.09 -7.48 -16.55
C LEU M 23 1.75 -8.82 -16.81
N LYS M 24 1.26 -9.89 -16.17
CA LYS M 24 1.81 -11.21 -16.42
C LYS M 24 1.65 -11.62 -17.87
N GLU M 25 0.61 -11.11 -18.53
CA GLU M 25 0.34 -11.39 -19.93
C GLU M 25 1.04 -10.42 -20.87
N ARG M 26 1.98 -9.63 -20.35
CA ARG M 26 2.73 -8.67 -21.15
C ARG M 26 1.82 -7.56 -21.69
N VAL M 27 0.91 -7.09 -20.84
CA VAL M 27 -0.02 -6.02 -21.18
C VAL M 27 0.24 -4.84 -20.26
N ILE M 28 0.50 -3.68 -20.84
CA ILE M 28 0.79 -2.46 -20.10
C ILE M 28 -0.29 -1.43 -20.45
N PHE M 29 -0.75 -0.70 -19.44
CA PHE M 29 -1.78 0.32 -19.62
C PHE M 29 -1.16 1.70 -19.54
N LEU M 30 -1.51 2.56 -20.49
CA LEU M 30 -1.04 3.94 -20.57
C LEU M 30 -2.29 4.81 -20.61
N THR M 31 -2.77 5.21 -19.44
CA THR M 31 -3.97 6.02 -19.31
C THR M 31 -3.68 7.29 -18.53
N GLY M 32 -4.44 8.34 -18.82
CA GLY M 32 -4.28 9.60 -18.13
C GLY M 32 -3.17 10.45 -18.71
N GLN M 33 -3.03 11.65 -18.14
CA GLN M 33 -2.01 12.59 -18.59
C GLN M 33 -0.62 11.96 -18.45
N VAL M 34 0.20 12.12 -19.48
CA VAL M 34 1.55 11.57 -19.46
C VAL M 34 2.45 12.46 -18.62
N GLU M 35 3.11 11.86 -17.63
CA GLU M 35 4.02 12.58 -16.75
C GLU M 35 5.24 11.72 -16.46
N ASP M 36 6.22 12.32 -15.79
CA ASP M 36 7.45 11.61 -15.48
C ASP M 36 7.21 10.42 -14.56
N HIS M 37 6.33 10.57 -13.57
CA HIS M 37 6.08 9.48 -12.63
C HIS M 37 5.50 8.26 -13.32
N MET M 38 4.42 8.44 -14.08
CA MET M 38 3.84 7.29 -14.76
C MET M 38 4.74 6.80 -15.89
N ALA M 39 5.48 7.71 -16.53
CA ALA M 39 6.37 7.30 -17.61
C ALA M 39 7.42 6.32 -17.09
N ASN M 40 8.02 6.62 -15.94
CA ASN M 40 9.02 5.72 -15.38
C ASN M 40 8.38 4.39 -15.00
N LEU M 41 7.13 4.43 -14.54
CA LEU M 41 6.45 3.19 -14.19
C LEU M 41 6.28 2.31 -15.42
N ILE M 42 5.92 2.91 -16.55
CA ILE M 42 5.77 2.14 -17.78
C ILE M 42 7.13 1.64 -18.25
N VAL M 43 8.16 2.47 -18.11
CA VAL M 43 9.51 2.06 -18.52
C VAL M 43 9.94 0.85 -17.70
N ALA M 44 9.68 0.87 -16.39
CA ALA M 44 10.05 -0.26 -15.54
C ALA M 44 9.31 -1.52 -15.98
N GLN M 45 8.03 -1.41 -16.31
CA GLN M 45 7.28 -2.57 -16.75
C GLN M 45 7.84 -3.14 -18.05
N MET M 46 8.17 -2.27 -19.00
CA MET M 46 8.72 -2.75 -20.27
C MET M 46 10.05 -3.47 -20.04
N LEU M 47 10.92 -2.90 -19.20
CA LEU M 47 12.19 -3.55 -18.93
C LEU M 47 11.99 -4.88 -18.23
N PHE M 48 11.05 -4.94 -17.28
CA PHE M 48 10.79 -6.18 -16.57
C PHE M 48 10.30 -7.26 -17.51
N LEU M 49 9.39 -6.91 -18.42
CA LEU M 49 8.86 -7.90 -19.35
C LEU M 49 9.92 -8.39 -20.33
N GLU M 50 10.86 -7.52 -20.72
CA GLU M 50 11.90 -7.94 -21.64
C GLU M 50 12.75 -9.05 -21.04
N ALA M 51 13.14 -8.92 -19.78
CA ALA M 51 13.96 -9.95 -19.15
C ALA M 51 13.20 -11.26 -19.01
N GLU M 52 11.91 -11.20 -18.67
CA GLU M 52 11.12 -12.43 -18.52
C GLU M 52 11.12 -13.22 -19.82
N ASN M 53 10.93 -12.55 -20.95
CA ASN M 53 10.92 -13.22 -22.25
C ASN M 53 11.24 -12.19 -23.33
N PRO M 54 12.52 -12.05 -23.70
CA PRO M 54 12.86 -11.05 -24.73
C PRO M 54 12.38 -11.41 -26.13
N GLU M 55 11.66 -12.50 -26.31
CA GLU M 55 11.16 -12.90 -27.62
C GLU M 55 9.66 -12.70 -27.80
N LYS M 56 8.91 -12.52 -26.72
CA LYS M 56 7.48 -12.32 -26.79
C LYS M 56 7.16 -10.84 -26.88
N ASP M 57 6.24 -10.49 -27.77
CA ASP M 57 5.85 -9.10 -27.95
C ASP M 57 5.11 -8.58 -26.71
N ILE M 58 5.19 -7.27 -26.51
CA ILE M 58 4.56 -6.59 -25.39
C ILE M 58 3.42 -5.73 -25.94
N TYR M 59 2.28 -5.77 -25.25
CA TYR M 59 1.11 -5.01 -25.65
C TYR M 59 0.96 -3.78 -24.75
N LEU M 60 0.77 -2.62 -25.38
CA LEU M 60 0.61 -1.36 -24.68
C LEU M 60 -0.71 -0.73 -25.09
N TYR M 61 -1.57 -0.44 -24.13
CA TYR M 61 -2.86 0.17 -24.39
C TYR M 61 -2.75 1.67 -24.14
N ILE M 62 -3.11 2.47 -25.14
CA ILE M 62 -3.02 3.91 -25.08
C ILE M 62 -4.42 4.49 -25.02
N ASN M 63 -4.69 5.23 -23.94
CA ASN M 63 -5.97 5.90 -23.73
C ASN M 63 -5.74 7.25 -23.04
N SER M 64 -4.55 7.84 -23.21
CA SER M 64 -4.15 9.09 -22.59
C SER M 64 -4.45 10.29 -23.49
N PRO M 65 -4.75 11.45 -22.89
CA PRO M 65 -5.00 12.65 -23.71
C PRO M 65 -3.73 13.41 -24.01
N GLY M 66 -2.57 12.76 -23.84
CA GLY M 66 -1.29 13.39 -24.09
C GLY M 66 -0.66 13.88 -22.79
N GLY M 67 0.52 14.49 -22.94
CA GLY M 67 1.22 15.02 -21.79
C GLY M 67 2.58 15.60 -22.10
N VAL M 68 3.51 15.46 -21.15
CA VAL M 68 4.85 16.01 -21.32
C VAL M 68 5.60 15.23 -22.39
N ILE M 69 6.30 15.94 -23.25
CA ILE M 69 7.06 15.29 -24.33
C ILE M 69 8.25 14.53 -23.76
N THR M 70 8.96 15.12 -22.80
CA THR M 70 10.11 14.45 -22.22
C THR M 70 9.70 13.13 -21.57
N ALA M 71 8.59 13.13 -20.84
CA ALA M 71 8.11 11.90 -20.22
C ALA M 71 7.75 10.87 -21.28
N GLY M 72 7.06 11.31 -22.35
CA GLY M 72 6.70 10.39 -23.41
C GLY M 72 7.90 9.87 -24.18
N MET M 73 8.89 10.73 -24.40
CA MET M 73 10.08 10.30 -25.13
C MET M 73 10.80 9.18 -24.41
N SER M 74 10.73 9.15 -23.08
CA SER M 74 11.38 8.05 -22.36
C SER M 74 10.72 6.73 -22.73
N ILE M 75 9.40 6.72 -22.86
CA ILE M 75 8.70 5.51 -23.25
C ILE M 75 9.04 5.13 -24.69
N TYR M 76 9.07 6.13 -25.59
CA TYR M 76 9.40 5.85 -26.98
C TYR M 76 10.78 5.23 -27.11
N ASP M 77 11.77 5.80 -26.43
CA ASP M 77 13.12 5.26 -26.50
C ASP M 77 13.18 3.86 -25.91
N THR M 78 12.46 3.63 -24.81
CA THR M 78 12.45 2.31 -24.19
C THR M 78 11.87 1.26 -25.13
N MET M 79 10.76 1.60 -25.80
CA MET M 79 10.15 0.64 -26.72
C MET M 79 11.09 0.29 -27.86
N GLN M 80 11.77 1.29 -28.42
CA GLN M 80 12.70 1.04 -29.52
C GLN M 80 13.95 0.32 -29.06
N PHE M 81 14.38 0.56 -27.82
CA PHE M 81 15.60 -0.08 -27.32
C PHE M 81 15.40 -1.57 -27.06
N ILE M 82 14.31 -1.93 -26.38
CA ILE M 82 14.07 -3.33 -26.04
C ILE M 82 13.83 -4.14 -27.30
N LYS M 83 14.47 -5.30 -27.39
CA LYS M 83 14.32 -6.16 -28.56
C LYS M 83 12.89 -6.60 -28.79
N PRO M 84 12.10 -6.97 -27.78
CA PRO M 84 10.72 -7.40 -28.05
C PRO M 84 9.93 -6.33 -28.77
N ASP M 85 9.06 -6.77 -29.68
CA ASP M 85 8.21 -5.85 -30.42
C ASP M 85 7.08 -5.40 -29.53
N VAL M 86 6.87 -4.09 -29.44
CA VAL M 86 5.83 -3.52 -28.62
C VAL M 86 4.62 -3.22 -29.48
N SER M 87 3.50 -3.85 -29.18
CA SER M 87 2.26 -3.66 -29.91
C SER M 87 1.43 -2.62 -29.17
N THR M 88 0.96 -1.62 -29.91
CA THR M 88 0.18 -0.53 -29.34
C THR M 88 -1.25 -0.59 -29.83
N ILE M 89 -2.20 -0.50 -28.90
CA ILE M 89 -3.63 -0.52 -29.20
C ILE M 89 -4.22 0.78 -28.68
N CYS M 90 -4.97 1.46 -29.53
CA CYS M 90 -5.59 2.73 -29.17
C CYS M 90 -7.01 2.48 -28.68
N MET M 91 -7.29 2.88 -27.46
CA MET M 91 -8.61 2.72 -26.85
C MET M 91 -9.11 4.09 -26.41
N GLY M 92 -10.28 4.48 -26.91
CA GLY M 92 -10.85 5.76 -26.55
C GLY M 92 -10.29 6.92 -27.36
N GLN M 93 -9.06 7.34 -27.06
CA GLN M 93 -8.45 8.45 -27.77
C GLN M 93 -6.94 8.34 -27.66
N ALA M 94 -6.25 9.12 -28.50
CA ALA M 94 -4.80 9.17 -28.52
C ALA M 94 -4.39 10.56 -28.98
N ALA M 95 -3.95 11.40 -28.04
CA ALA M 95 -3.56 12.76 -28.36
C ALA M 95 -2.16 12.77 -28.96
N SER M 96 -1.53 13.95 -28.99
CA SER M 96 -0.19 14.08 -29.56
C SER M 96 0.75 13.02 -29.02
N MET M 97 0.99 13.02 -27.72
CA MET M 97 1.88 12.01 -27.14
C MET M 97 1.27 10.62 -27.29
N GLY M 98 -0.04 10.50 -27.05
CA GLY M 98 -0.68 9.21 -27.21
C GLY M 98 -0.58 8.71 -28.64
N ALA M 99 -0.77 9.61 -29.61
CA ALA M 99 -0.67 9.22 -31.01
C ALA M 99 0.78 8.93 -31.38
N PHE M 100 1.71 9.73 -30.88
CA PHE M 100 3.13 9.49 -31.17
C PHE M 100 3.56 8.12 -30.66
N LEU M 101 3.15 7.77 -29.45
CA LEU M 101 3.49 6.45 -28.91
C LEU M 101 2.71 5.36 -29.62
N LEU M 102 1.48 5.66 -30.05
CA LEU M 102 0.68 4.67 -30.75
C LEU M 102 1.35 4.27 -32.06
N THR M 103 1.84 5.24 -32.81
CA THR M 103 2.51 4.95 -34.08
C THR M 103 3.95 4.49 -33.89
N ALA M 104 4.49 4.58 -32.67
CA ALA M 104 5.85 4.15 -32.40
C ALA M 104 5.98 2.65 -32.22
N GLY M 105 4.87 1.92 -32.17
CA GLY M 105 4.93 0.48 -32.00
C GLY M 105 5.50 -0.20 -33.22
N ALA M 106 5.84 -1.48 -33.03
CA ALA M 106 6.42 -2.26 -34.12
C ALA M 106 5.48 -2.27 -35.32
N LYS M 107 6.06 -2.04 -36.50
CA LYS M 107 5.25 -2.02 -37.71
C LYS M 107 4.49 -3.33 -37.88
N GLY M 108 3.22 -3.23 -38.26
CA GLY M 108 2.39 -4.39 -38.42
C GLY M 108 1.71 -4.86 -37.15
N LYS M 109 2.01 -4.24 -36.02
CA LYS M 109 1.42 -4.61 -34.73
C LYS M 109 0.76 -3.42 -34.06
N ARG M 110 0.37 -2.41 -34.85
CA ARG M 110 -0.30 -1.22 -34.35
C ARG M 110 -1.78 -1.35 -34.68
N PHE M 111 -2.62 -1.29 -33.66
CA PHE M 111 -4.05 -1.46 -33.84
C PHE M 111 -4.80 -0.30 -33.20
N CYS M 112 -6.02 -0.09 -33.69
CA CYS M 112 -6.89 0.97 -33.22
C CYS M 112 -8.32 0.45 -33.22
N LEU M 113 -9.06 0.71 -32.16
CA LEU M 113 -10.43 0.26 -32.08
C LEU M 113 -11.29 1.04 -33.07
N PRO M 114 -12.42 0.46 -33.50
CA PRO M 114 -13.24 1.15 -34.51
C PRO M 114 -13.68 2.56 -34.12
N ASN M 115 -14.03 2.78 -32.86
CA ASN M 115 -14.50 4.08 -32.41
C ASN M 115 -13.43 4.93 -31.76
N SER M 116 -12.18 4.48 -31.75
CA SER M 116 -11.11 5.27 -31.14
C SER M 116 -10.78 6.48 -32.00
N ARG M 117 -10.33 7.55 -31.35
CA ARG M 117 -9.97 8.78 -32.01
C ARG M 117 -8.48 9.05 -31.85
N VAL M 118 -7.89 9.66 -32.86
CA VAL M 118 -6.46 9.98 -32.85
C VAL M 118 -6.31 11.44 -33.24
N MET M 119 -5.54 12.20 -32.46
CA MET M 119 -5.29 13.61 -32.72
C MET M 119 -3.80 13.86 -32.64
N ILE M 120 -3.29 14.63 -33.60
CA ILE M 120 -1.87 14.96 -33.67
C ILE M 120 -1.73 16.47 -33.81
N HIS M 121 -0.78 17.04 -33.05
CA HIS M 121 -0.55 18.47 -33.10
C HIS M 121 0.91 18.74 -32.75
N GLN M 122 1.36 19.95 -33.06
CA GLN M 122 2.74 20.33 -32.79
C GLN M 122 2.94 20.55 -31.29
N PRO M 123 4.19 20.53 -30.83
CA PRO M 123 4.46 20.70 -29.40
C PRO M 123 3.92 22.01 -28.84
N LEU M 124 3.50 21.95 -27.58
CA LEU M 124 2.98 23.10 -26.86
C LEU M 124 3.97 23.47 -25.75
N GLY M 125 4.28 24.75 -25.64
CA GLY M 125 5.20 25.21 -24.63
C GLY M 125 5.04 26.68 -24.35
N GLY M 126 6.03 27.22 -23.64
CA GLY M 126 6.03 28.63 -23.29
C GLY M 126 7.10 28.93 -22.27
N TYR M 127 7.47 30.20 -22.20
CA TYR M 127 8.49 30.64 -21.27
C TYR M 127 8.35 32.14 -21.02
N GLN M 128 8.73 32.55 -19.81
CA GLN M 128 8.68 33.94 -19.40
C GLN M 128 10.05 34.33 -18.88
N GLY M 129 10.57 35.46 -19.36
CA GLY M 129 11.88 35.92 -18.93
C GLY M 129 12.46 36.90 -19.94
N GLN M 130 13.78 37.04 -19.87
CA GLN M 130 14.49 37.93 -20.75
C GLN M 130 14.41 37.43 -22.20
N ALA M 131 14.69 38.34 -23.13
CA ALA M 131 14.65 37.98 -24.54
C ALA M 131 15.65 36.88 -24.85
N THR M 132 16.84 36.95 -24.26
CA THR M 132 17.85 35.91 -24.51
C THR M 132 17.32 34.55 -24.10
N ASP M 133 16.69 34.45 -22.94
CA ASP M 133 16.15 33.17 -22.49
C ASP M 133 15.02 32.71 -23.40
N ILE M 134 14.20 33.65 -23.89
CA ILE M 134 13.10 33.30 -24.78
C ILE M 134 13.65 32.63 -26.04
N GLU M 135 14.69 33.21 -26.62
CA GLU M 135 15.28 32.63 -27.83
C GLU M 135 15.82 31.23 -27.55
N ILE M 136 16.46 31.04 -26.40
CA ILE M 136 17.01 29.73 -26.07
C ILE M 136 15.90 28.70 -25.96
N HIS M 137 14.82 29.05 -25.26
CA HIS M 137 13.70 28.12 -25.13
C HIS M 137 12.92 28.02 -26.44
N ALA M 138 12.84 29.12 -27.19
CA ALA M 138 12.14 29.08 -28.47
C ALA M 138 12.83 28.14 -29.44
N ARG M 139 14.17 28.15 -29.45
CA ARG M 139 14.90 27.27 -30.35
C ARG M 139 14.81 25.82 -29.90
N GLU M 140 14.76 25.58 -28.59
CA GLU M 140 14.68 24.21 -28.09
C GLU M 140 13.36 23.56 -28.48
N ILE M 141 12.24 24.25 -28.28
CA ILE M 141 10.95 23.68 -28.64
C ILE M 141 10.87 23.46 -30.15
N LEU M 142 11.47 24.36 -30.93
CA LEU M 142 11.46 24.18 -32.38
C LEU M 142 12.19 22.90 -32.76
N LYS M 143 13.32 22.62 -32.12
CA LYS M 143 14.05 21.39 -32.41
C LYS M 143 13.20 20.17 -32.05
N VAL M 144 12.49 20.25 -30.93
CA VAL M 144 11.63 19.14 -30.53
C VAL M 144 10.54 18.92 -31.56
N LYS M 145 9.94 20.02 -32.04
CA LYS M 145 8.90 19.90 -33.06
C LYS M 145 9.45 19.23 -34.31
N GLY M 146 10.63 19.64 -34.75
CA GLY M 146 11.23 19.02 -35.92
C GLY M 146 11.60 17.58 -35.67
N ARG M 147 12.16 17.30 -34.49
CA ARG M 147 12.53 15.93 -34.16
C ARG M 147 11.30 15.03 -34.11
N MET M 148 10.22 15.51 -33.49
CA MET M 148 9.00 14.71 -33.42
C MET M 148 8.40 14.49 -34.80
N ASN M 149 8.43 15.51 -35.66
CA ASN M 149 7.90 15.35 -37.00
C ASN M 149 8.68 14.29 -37.77
N GLU M 150 10.01 14.31 -37.65
CA GLU M 150 10.82 13.31 -38.34
C GLU M 150 10.50 11.90 -37.85
N LEU M 151 10.38 11.73 -36.53
CA LEU M 151 10.06 10.41 -36.00
C LEU M 151 8.69 9.95 -36.45
N MET M 152 7.70 10.84 -36.42
CA MET M 152 6.35 10.48 -36.86
C MET M 152 6.35 10.13 -38.34
N ALA M 153 7.11 10.88 -39.14
CA ALA M 153 7.16 10.60 -40.58
C ALA M 153 7.76 9.23 -40.84
N LEU M 154 8.78 8.85 -40.08
CA LEU M 154 9.41 7.55 -40.27
C LEU M 154 8.44 6.42 -39.97
N HIS M 155 7.71 6.52 -38.86
CA HIS M 155 6.77 5.47 -38.50
C HIS M 155 5.55 5.47 -39.41
N THR M 156 4.98 6.66 -39.67
CA THR M 156 3.81 6.74 -40.53
C THR M 156 4.17 6.44 -41.98
N GLY M 157 5.41 6.76 -42.39
CA GLY M 157 5.85 6.52 -43.74
C GLY M 157 5.56 7.65 -44.70
N GLN M 158 5.00 8.76 -44.22
CA GLN M 158 4.69 9.89 -45.08
C GLN M 158 5.88 10.85 -45.14
N SER M 159 5.83 11.75 -46.12
CA SER M 159 6.90 12.72 -46.29
C SER M 159 6.98 13.66 -45.08
N LEU M 160 8.19 14.15 -44.81
CA LEU M 160 8.38 15.05 -43.68
C LEU M 160 7.55 16.32 -43.85
N GLU M 161 7.53 16.89 -45.06
CA GLU M 161 6.76 18.10 -45.28
C GLU M 161 5.28 17.86 -45.06
N GLN M 162 4.77 16.69 -45.47
CA GLN M 162 3.36 16.39 -45.27
C GLN M 162 3.01 16.35 -43.78
N ILE M 163 3.87 15.74 -42.97
CA ILE M 163 3.60 15.69 -41.53
C ILE M 163 3.61 17.09 -40.94
N GLU M 164 4.55 17.93 -41.37
CA GLU M 164 4.61 19.28 -40.85
C GLU M 164 3.34 20.05 -41.16
N ARG M 165 2.83 19.95 -42.39
CA ARG M 165 1.61 20.66 -42.75
C ARG M 165 0.42 20.17 -41.94
N ASP M 166 0.30 18.85 -41.74
CA ASP M 166 -0.83 18.31 -41.00
C ASP M 166 -0.70 18.54 -39.49
N THR M 167 0.51 18.76 -38.98
CA THR M 167 0.71 18.98 -37.56
C THR M 167 0.67 20.45 -37.16
N GLU M 168 0.45 21.36 -38.10
CA GLU M 168 0.39 22.78 -37.73
C GLU M 168 -0.73 23.04 -36.74
N ARG M 169 -1.87 22.39 -36.95
CA ARG M 169 -3.03 22.53 -36.06
C ARG M 169 -3.56 21.15 -35.74
N ASP M 170 -4.38 21.08 -34.69
CA ASP M 170 -4.94 19.80 -34.28
C ASP M 170 -5.64 19.14 -35.46
N ARG M 171 -5.37 17.85 -35.65
CA ARG M 171 -5.96 17.09 -36.74
C ARG M 171 -6.50 15.78 -36.16
N PHE M 172 -7.81 15.68 -36.05
CA PHE M 172 -8.44 14.48 -35.52
C PHE M 172 -8.56 13.44 -36.62
N LEU M 173 -8.18 12.20 -36.30
CA LEU M 173 -8.22 11.10 -37.24
C LEU M 173 -8.99 9.94 -36.61
N SER M 174 -9.94 9.39 -37.36
CA SER M 174 -10.71 8.25 -36.88
C SER M 174 -9.90 6.99 -37.12
N ALA M 175 -10.44 5.85 -36.68
CA ALA M 175 -9.72 4.59 -36.89
C ALA M 175 -9.47 4.31 -38.35
N PRO M 176 -10.47 4.39 -39.25
CA PRO M 176 -10.17 4.14 -40.67
C PRO M 176 -9.17 5.14 -41.24
N GLU M 177 -9.24 6.40 -40.81
CA GLU M 177 -8.32 7.41 -41.32
C GLU M 177 -6.90 7.18 -40.82
N ALA M 178 -6.76 6.67 -39.59
CA ALA M 178 -5.43 6.41 -39.07
C ALA M 178 -4.70 5.35 -39.89
N VAL M 179 -5.43 4.32 -40.34
CA VAL M 179 -4.82 3.28 -41.16
C VAL M 179 -4.30 3.87 -42.46
N GLU M 180 -5.13 4.69 -43.12
CA GLU M 180 -4.71 5.30 -44.37
C GLU M 180 -3.54 6.24 -44.15
N TYR M 181 -3.58 7.01 -43.06
CA TYR M 181 -2.50 7.95 -42.77
C TYR M 181 -1.22 7.23 -42.36
N GLY M 182 -1.31 5.99 -41.90
CA GLY M 182 -0.16 5.23 -41.48
C GLY M 182 0.09 5.21 -39.99
N LEU M 183 -0.75 5.87 -39.19
CA LEU M 183 -0.56 5.87 -37.75
C LEU M 183 -0.72 4.48 -37.17
N VAL M 184 -1.68 3.70 -37.69
CA VAL M 184 -1.92 2.34 -37.23
C VAL M 184 -1.95 1.43 -38.44
N ASP M 185 -1.86 0.12 -38.17
CA ASP M 185 -1.83 -0.88 -39.23
C ASP M 185 -3.21 -1.40 -39.59
N SER M 186 -4.00 -1.79 -38.60
CA SER M 186 -5.33 -2.33 -38.86
C SER M 186 -6.26 -1.92 -37.72
N ILE M 187 -7.51 -2.35 -37.83
CA ILE M 187 -8.56 -2.05 -36.85
C ILE M 187 -9.07 -3.37 -36.28
N LEU M 188 -9.16 -3.44 -34.96
CA LEU M 188 -9.64 -4.64 -34.26
C LEU M 188 -11.11 -4.43 -33.92
N THR M 189 -11.98 -4.91 -34.80
CA THR M 189 -13.42 -4.78 -34.59
C THR M 189 -14.01 -5.97 -33.84
N HIS M 190 -13.52 -7.18 -34.08
CA HIS M 190 -14.01 -8.37 -33.41
C HIS M 190 -12.85 -9.31 -33.18
N ARG M 191 -13.04 -10.25 -32.24
CA ARG M 191 -12.01 -11.24 -31.89
C ARG M 191 -11.60 -12.03 -33.14
N ASN M 192 -12.52 -12.23 -34.09
CA ASN M 192 -12.23 -13.01 -35.29
C ASN M 192 -13.08 -12.54 -36.47
N LEU N 1 -16.31 2.44 3.13
CA LEU N 1 -15.41 1.29 3.16
C LEU N 1 -16.09 0.07 2.56
N VAL N 2 -15.38 -0.61 1.66
CA VAL N 2 -15.91 -1.81 1.01
C VAL N 2 -15.83 -2.98 1.98
N PRO N 3 -16.93 -3.66 2.28
CA PRO N 3 -16.87 -4.79 3.21
C PRO N 3 -16.30 -6.04 2.55
N MET N 4 -15.65 -6.87 3.36
CA MET N 4 -15.07 -8.11 2.90
C MET N 4 -16.06 -9.24 3.08
N VAL N 5 -15.93 -10.25 2.22
CA VAL N 5 -16.81 -11.42 2.25
C VAL N 5 -15.95 -12.68 2.21
N ILE N 6 -16.55 -13.78 2.66
CA ILE N 6 -15.89 -15.08 2.71
C ILE N 6 -16.52 -15.99 1.67
N GLU N 7 -15.69 -16.65 0.88
CA GLU N 7 -16.14 -17.57 -0.15
C GLU N 7 -15.67 -18.97 0.25
N GLN N 8 -16.63 -19.86 0.49
CA GLN N 8 -16.33 -21.23 0.89
C GLN N 8 -16.17 -22.09 -0.36
N THR N 9 -15.01 -22.71 -0.51
CA THR N 9 -14.73 -23.57 -1.65
C THR N 9 -14.02 -24.83 -1.17
N SER N 10 -14.09 -25.88 -1.98
CA SER N 10 -13.45 -27.13 -1.63
C SER N 10 -11.96 -26.94 -1.42
N ARG N 11 -11.32 -26.11 -2.25
CA ARG N 11 -9.89 -25.87 -2.11
C ARG N 11 -9.57 -25.16 -0.80
N GLY N 12 -10.51 -24.37 -0.29
CA GLY N 12 -10.29 -23.66 0.96
C GLY N 12 -11.18 -22.44 1.04
N GLU N 13 -10.96 -21.68 2.11
CA GLU N 13 -11.70 -20.45 2.37
C GLU N 13 -10.82 -19.25 2.02
N ARG N 14 -11.36 -18.34 1.24
CA ARG N 14 -10.65 -17.14 0.81
C ARG N 14 -11.54 -15.91 1.05
N SER N 15 -10.90 -14.81 1.40
CA SER N 15 -11.59 -13.56 1.67
C SER N 15 -11.37 -12.59 0.51
N PHE N 16 -12.46 -12.01 0.02
CA PHE N 16 -12.41 -11.05 -1.07
C PHE N 16 -13.35 -9.89 -0.75
N ASP N 17 -13.06 -8.73 -1.33
CA ASP N 17 -13.94 -7.60 -1.11
C ASP N 17 -15.27 -7.87 -1.82
N ILE N 18 -16.27 -7.06 -1.48
CA ILE N 18 -17.60 -7.26 -2.07
C ILE N 18 -17.54 -7.18 -3.59
N TYR N 19 -16.79 -6.21 -4.12
CA TYR N 19 -16.72 -6.06 -5.57
C TYR N 19 -15.94 -7.20 -6.21
N SER N 20 -14.83 -7.62 -5.61
CA SER N 20 -14.07 -8.72 -6.18
C SER N 20 -14.87 -10.01 -6.17
N ARG N 21 -15.67 -10.23 -5.12
CA ARG N 21 -16.47 -11.43 -5.06
C ARG N 21 -17.45 -11.51 -6.22
N LEU N 22 -18.09 -10.39 -6.55
CA LEU N 22 -19.02 -10.39 -7.67
C LEU N 22 -18.29 -10.49 -9.00
N LEU N 23 -17.03 -10.06 -9.05
CA LEU N 23 -16.28 -10.16 -10.30
C LEU N 23 -16.08 -11.61 -10.70
N LYS N 24 -15.87 -12.50 -9.72
CA LYS N 24 -15.70 -13.91 -10.03
C LYS N 24 -16.91 -14.46 -10.76
N GLU N 25 -18.09 -13.87 -10.55
CA GLU N 25 -19.31 -14.30 -11.21
C GLU N 25 -19.57 -13.53 -12.50
N ARG N 26 -18.56 -12.87 -13.04
CA ARG N 26 -18.68 -12.12 -14.28
C ARG N 26 -19.67 -10.96 -14.13
N VAL N 27 -19.45 -10.16 -13.10
CA VAL N 27 -20.28 -8.99 -12.80
C VAL N 27 -19.36 -7.79 -12.68
N ILE N 28 -19.65 -6.76 -13.46
CA ILE N 28 -18.86 -5.53 -13.47
C ILE N 28 -19.78 -4.37 -13.12
N PHE N 29 -19.31 -3.50 -12.24
CA PHE N 29 -20.06 -2.32 -11.80
C PHE N 29 -19.52 -1.09 -12.50
N LEU N 30 -20.42 -0.31 -13.08
CA LEU N 30 -20.09 0.93 -13.77
C LEU N 30 -20.88 2.03 -13.07
N THR N 31 -20.25 2.73 -12.14
CA THR N 31 -20.91 3.79 -11.40
C THR N 31 -20.04 5.03 -11.35
N GLY N 32 -20.70 6.18 -11.21
CA GLY N 32 -20.00 7.44 -11.15
C GLY N 32 -19.67 7.99 -12.52
N GLN N 33 -19.07 9.18 -12.51
CA GLN N 33 -18.70 9.84 -13.76
C GLN N 33 -17.81 8.92 -14.59
N VAL N 34 -18.08 8.85 -15.89
CA VAL N 34 -17.30 8.01 -16.79
C VAL N 34 -16.02 8.78 -17.15
N GLU N 35 -14.88 8.18 -16.82
CA GLU N 35 -13.59 8.78 -17.09
C GLU N 35 -12.65 7.70 -17.62
N ASP N 36 -11.45 8.12 -18.02
CA ASP N 36 -10.48 7.19 -18.58
C ASP N 36 -10.03 6.16 -17.54
N HIS N 37 -9.78 6.60 -16.30
CA HIS N 37 -9.30 5.67 -15.28
C HIS N 37 -10.35 4.61 -14.96
N MET N 38 -11.58 5.03 -14.63
CA MET N 38 -12.60 4.04 -14.33
C MET N 38 -12.95 3.22 -15.56
N ALA N 39 -13.03 3.85 -16.73
CA ALA N 39 -13.32 3.11 -17.95
C ALA N 39 -12.22 2.12 -18.26
N ASN N 40 -10.96 2.54 -18.12
CA ASN N 40 -9.86 1.63 -18.37
C ASN N 40 -9.92 0.44 -17.42
N LEU N 41 -10.33 0.68 -16.17
CA LEU N 41 -10.44 -0.41 -15.21
C LEU N 41 -11.50 -1.40 -15.66
N ILE N 42 -12.62 -0.90 -16.20
CA ILE N 42 -13.68 -1.79 -16.67
C ILE N 42 -13.19 -2.61 -17.86
N VAL N 43 -12.37 -2.01 -18.72
CA VAL N 43 -11.86 -2.74 -19.88
C VAL N 43 -11.01 -3.92 -19.42
N ALA N 44 -10.18 -3.71 -18.40
CA ALA N 44 -9.35 -4.81 -17.90
C ALA N 44 -10.21 -5.96 -17.39
N GLN N 45 -11.29 -5.63 -16.68
CA GLN N 45 -12.16 -6.69 -16.15
C GLN N 45 -12.79 -7.48 -17.29
N MET N 46 -13.26 -6.80 -18.34
CA MET N 46 -13.87 -7.50 -19.46
C MET N 46 -12.87 -8.44 -20.13
N LEU N 47 -11.65 -7.95 -20.36
CA LEU N 47 -10.64 -8.80 -20.98
C LEU N 47 -10.30 -9.98 -20.08
N PHE N 48 -10.20 -9.74 -18.78
CA PHE N 48 -9.90 -10.83 -17.85
C PHE N 48 -11.01 -11.87 -17.84
N LEU N 49 -12.27 -11.43 -17.84
CA LEU N 49 -13.38 -12.38 -17.83
C LEU N 49 -13.43 -13.18 -19.13
N GLU N 50 -13.13 -12.54 -20.25
CA GLU N 50 -13.15 -13.26 -21.53
C GLU N 50 -12.15 -14.41 -21.52
N ALA N 51 -10.95 -14.17 -21.00
CA ALA N 51 -9.94 -15.22 -20.96
C ALA N 51 -10.38 -16.39 -20.07
N GLU N 52 -10.99 -16.09 -18.93
CA GLU N 52 -11.44 -17.15 -18.03
C GLU N 52 -12.37 -18.11 -18.76
N ASN N 53 -13.50 -17.60 -19.26
CA ASN N 53 -14.48 -18.41 -19.98
C ASN N 53 -15.22 -17.51 -20.95
N PRO N 54 -14.85 -17.52 -22.23
CA PRO N 54 -15.54 -16.66 -23.20
C PRO N 54 -16.86 -17.25 -23.68
N GLU N 55 -17.59 -17.90 -22.78
CA GLU N 55 -18.87 -18.49 -23.10
C GLU N 55 -19.99 -18.00 -22.20
N LYS N 56 -19.69 -17.73 -20.93
CA LYS N 56 -20.70 -17.23 -20.01
C LYS N 56 -20.89 -15.73 -20.23
N ASP N 57 -22.14 -15.28 -20.17
CA ASP N 57 -22.44 -13.88 -20.36
C ASP N 57 -21.83 -13.04 -19.25
N ILE N 58 -21.44 -11.82 -19.60
CA ILE N 58 -20.86 -10.87 -18.66
C ILE N 58 -21.92 -9.84 -18.33
N TYR N 59 -22.18 -9.63 -17.04
CA TYR N 59 -23.18 -8.68 -16.60
C TYR N 59 -22.52 -7.37 -16.21
N LEU N 60 -23.06 -6.27 -16.74
CA LEU N 60 -22.54 -4.93 -16.47
C LEU N 60 -23.66 -4.09 -15.90
N TYR N 61 -23.47 -3.57 -14.69
CA TYR N 61 -24.45 -2.73 -14.02
C TYR N 61 -24.06 -1.28 -14.27
N ILE N 62 -24.99 -0.51 -14.85
CA ILE N 62 -24.76 0.88 -15.20
C ILE N 62 -25.61 1.76 -14.31
N ASN N 63 -24.96 2.64 -13.55
CA ASN N 63 -25.62 3.62 -12.70
C ASN N 63 -24.67 4.82 -12.63
N SER N 64 -24.86 5.75 -13.55
CA SER N 64 -23.97 6.91 -13.61
C SER N 64 -24.65 8.01 -14.40
N PRO N 65 -24.22 9.26 -14.23
CA PRO N 65 -24.78 10.37 -14.99
C PRO N 65 -24.07 10.67 -16.30
N GLY N 66 -23.21 9.77 -16.78
CA GLY N 66 -22.49 9.99 -18.03
C GLY N 66 -21.05 10.39 -17.78
N GLY N 67 -20.43 10.87 -18.85
CA GLY N 67 -19.04 11.31 -18.76
C GLY N 67 -18.46 11.54 -20.14
N VAL N 68 -17.13 11.57 -20.20
CA VAL N 68 -16.44 11.81 -21.46
C VAL N 68 -16.81 10.70 -22.45
N ILE N 69 -16.97 11.08 -23.72
CA ILE N 69 -17.33 10.11 -24.74
C ILE N 69 -16.17 9.17 -25.03
N THR N 70 -14.95 9.70 -25.13
CA THR N 70 -13.79 8.85 -25.43
C THR N 70 -13.71 7.66 -24.48
N ALA N 71 -13.87 7.92 -23.18
CA ALA N 71 -13.81 6.81 -22.22
C ALA N 71 -14.94 5.82 -22.47
N GLY N 72 -16.13 6.32 -22.79
CA GLY N 72 -17.25 5.43 -23.05
C GLY N 72 -17.03 4.57 -24.28
N MET N 73 -16.50 5.16 -25.35
CA MET N 73 -16.26 4.39 -26.57
C MET N 73 -15.28 3.26 -26.30
N SER N 74 -14.35 3.45 -25.37
CA SER N 74 -13.41 2.40 -25.03
C SER N 74 -14.14 1.17 -24.50
N ILE N 75 -15.15 1.40 -23.65
CA ILE N 75 -15.93 0.30 -23.10
C ILE N 75 -16.81 -0.31 -24.19
N TYR N 76 -17.42 0.52 -25.01
CA TYR N 76 -18.30 0.02 -26.07
C TYR N 76 -17.52 -0.86 -27.04
N ASP N 77 -16.34 -0.42 -27.45
CA ASP N 77 -15.54 -1.23 -28.38
C ASP N 77 -15.14 -2.55 -27.75
N THR N 78 -14.77 -2.53 -26.47
CA THR N 78 -14.38 -3.77 -25.79
C THR N 78 -15.56 -4.73 -25.72
N MET N 79 -16.76 -4.22 -25.41
CA MET N 79 -17.92 -5.08 -25.32
C MET N 79 -18.21 -5.75 -26.66
N GLN N 80 -18.12 -4.99 -27.76
CA GLN N 80 -18.40 -5.56 -29.06
C GLN N 80 -17.26 -6.45 -29.56
N PHE N 81 -16.02 -6.16 -29.14
CA PHE N 81 -14.88 -6.96 -29.59
C PHE N 81 -14.88 -8.35 -28.97
N ILE N 82 -15.07 -8.44 -27.65
CA ILE N 82 -15.03 -9.73 -26.98
C ILE N 82 -16.21 -10.59 -27.44
N LYS N 83 -15.93 -11.86 -27.73
CA LYS N 83 -16.98 -12.77 -28.17
C LYS N 83 -18.09 -12.96 -27.15
N PRO N 84 -17.82 -13.18 -25.87
CA PRO N 84 -18.92 -13.37 -24.92
C PRO N 84 -19.85 -12.18 -24.88
N ASP N 85 -21.15 -12.47 -24.76
CA ASP N 85 -22.14 -11.41 -24.69
C ASP N 85 -22.03 -10.65 -23.37
N VAL N 86 -22.20 -9.34 -23.44
CA VAL N 86 -22.12 -8.47 -22.29
C VAL N 86 -23.53 -8.00 -21.96
N SER N 87 -24.14 -8.61 -20.94
CA SER N 87 -25.48 -8.23 -20.54
C SER N 87 -25.41 -6.92 -19.75
N THR N 88 -26.26 -5.97 -20.12
CA THR N 88 -26.29 -4.66 -19.47
C THR N 88 -27.58 -4.52 -18.67
N ILE N 89 -27.44 -4.19 -17.40
CA ILE N 89 -28.56 -3.99 -16.48
C ILE N 89 -28.48 -2.57 -15.97
N CYS N 90 -29.56 -1.82 -16.12
CA CYS N 90 -29.61 -0.43 -15.68
C CYS N 90 -30.33 -0.33 -14.34
N MET N 91 -29.64 0.25 -13.35
CA MET N 91 -30.19 0.45 -12.02
C MET N 91 -29.95 1.90 -11.64
N GLY N 92 -31.00 2.59 -11.21
CA GLY N 92 -30.88 3.98 -10.85
C GLY N 92 -31.11 4.89 -12.04
N GLN N 93 -30.02 5.29 -12.71
CA GLN N 93 -30.10 6.16 -13.87
C GLN N 93 -29.07 5.75 -14.91
N ALA N 94 -29.26 6.25 -16.12
CA ALA N 94 -28.37 5.97 -17.25
C ALA N 94 -28.41 7.18 -18.17
N ALA N 95 -27.38 8.02 -18.09
CA ALA N 95 -27.32 9.23 -18.91
C ALA N 95 -26.87 8.87 -20.33
N SER N 96 -26.47 9.88 -21.10
CA SER N 96 -26.04 9.66 -22.48
C SER N 96 -25.05 8.50 -22.57
N MET N 97 -23.90 8.62 -21.92
CA MET N 97 -22.93 7.55 -21.95
C MET N 97 -23.48 6.28 -21.30
N GLY N 98 -24.15 6.44 -20.15
CA GLY N 98 -24.73 5.28 -19.51
C GLY N 98 -25.78 4.62 -20.37
N ALA N 99 -26.65 5.43 -20.99
CA ALA N 99 -27.66 4.89 -21.88
C ALA N 99 -27.03 4.28 -23.13
N PHE N 100 -26.00 4.93 -23.66
CA PHE N 100 -25.33 4.40 -24.84
C PHE N 100 -24.72 3.04 -24.54
N LEU N 101 -24.08 2.89 -23.39
CA LEU N 101 -23.51 1.60 -23.02
C LEU N 101 -24.61 0.61 -22.65
N LEU N 102 -25.71 1.11 -22.07
CA LEU N 102 -26.81 0.22 -21.72
C LEU N 102 -27.42 -0.43 -22.96
N THR N 103 -27.64 0.36 -24.00
CA THR N 103 -28.20 -0.16 -25.24
C THR N 103 -27.17 -0.90 -26.08
N ALA N 104 -25.89 -0.85 -25.71
CA ALA N 104 -24.84 -1.52 -26.44
C ALA N 104 -24.69 -2.99 -26.06
N GLY N 105 -25.49 -3.48 -25.11
CA GLY N 105 -25.39 -4.87 -24.72
C GLY N 105 -25.92 -5.80 -25.80
N ALA N 106 -25.72 -7.10 -25.56
CA ALA N 106 -26.17 -8.10 -26.51
C ALA N 106 -27.69 -8.01 -26.69
N LYS N 107 -28.13 -8.19 -27.93
CA LYS N 107 -29.55 -8.13 -28.22
C LYS N 107 -30.31 -9.16 -27.38
N GLY N 108 -31.41 -8.72 -26.78
CA GLY N 108 -32.21 -9.60 -25.94
C GLY N 108 -31.65 -9.82 -24.55
N LYS N 109 -30.56 -9.16 -24.19
CA LYS N 109 -29.96 -9.31 -22.87
C LYS N 109 -29.78 -7.97 -22.16
N ARG N 110 -30.49 -6.94 -22.60
CA ARG N 110 -30.43 -5.62 -22.00
C ARG N 110 -31.64 -5.48 -21.07
N PHE N 111 -31.38 -5.27 -19.79
CA PHE N 111 -32.44 -5.16 -18.79
C PHE N 111 -32.33 -3.85 -18.04
N CYS N 112 -33.41 -3.51 -17.35
CA CYS N 112 -33.48 -2.30 -16.55
C CYS N 112 -34.51 -2.51 -15.45
N LEU N 113 -34.21 -1.99 -14.26
CA LEU N 113 -35.13 -2.12 -13.15
C LEU N 113 -36.37 -1.27 -13.41
N PRO N 114 -37.50 -1.62 -12.80
CA PRO N 114 -38.73 -0.84 -13.06
C PRO N 114 -38.60 0.64 -12.74
N ASN N 115 -37.90 0.99 -11.66
CA ASN N 115 -37.72 2.39 -11.27
C ASN N 115 -36.33 2.84 -11.70
N SER N 116 -36.20 3.15 -12.98
CA SER N 116 -34.94 3.61 -13.55
C SER N 116 -35.23 4.79 -14.46
N ARG N 117 -34.27 5.71 -14.54
CA ARG N 117 -34.39 6.92 -15.35
C ARG N 117 -33.31 6.90 -16.42
N VAL N 118 -33.71 6.61 -17.66
CA VAL N 118 -32.77 6.60 -18.78
C VAL N 118 -32.82 7.95 -19.47
N MET N 119 -31.65 8.54 -19.70
CA MET N 119 -31.55 9.84 -20.34
C MET N 119 -30.57 9.76 -21.51
N ILE N 120 -30.95 10.39 -22.61
CA ILE N 120 -30.13 10.42 -23.82
C ILE N 120 -30.07 11.84 -24.33
N HIS N 121 -28.87 12.30 -24.67
CA HIS N 121 -28.68 13.65 -25.18
C HIS N 121 -27.47 13.67 -26.10
N GLN N 122 -27.39 14.72 -26.91
CA GLN N 122 -26.28 14.85 -27.85
C GLN N 122 -24.99 15.19 -27.10
N PRO N 123 -23.83 14.92 -27.72
CA PRO N 123 -22.57 15.20 -27.04
C PRO N 123 -22.41 16.67 -26.68
N LEU N 124 -21.72 16.90 -25.56
CA LEU N 124 -21.43 18.24 -25.06
C LEU N 124 -19.93 18.47 -25.12
N GLY N 125 -19.53 19.66 -25.55
CA GLY N 125 -18.13 20.01 -25.66
C GLY N 125 -17.93 21.51 -25.61
N GLY N 126 -16.85 21.96 -26.23
CA GLY N 126 -16.53 23.37 -26.27
C GLY N 126 -15.04 23.63 -26.35
N TYR N 127 -14.65 24.59 -27.20
CA TYR N 127 -13.25 24.95 -27.37
C TYR N 127 -13.12 26.45 -27.43
N GLN N 128 -11.95 26.94 -27.03
CA GLN N 128 -11.63 28.37 -27.02
C GLN N 128 -10.31 28.58 -27.72
N GLY N 129 -10.28 29.54 -28.64
CA GLY N 129 -9.06 29.84 -29.37
C GLY N 129 -9.38 30.52 -30.69
N GLN N 130 -8.44 30.43 -31.61
CA GLN N 130 -8.60 31.04 -32.91
C GLN N 130 -9.75 30.40 -33.68
N ALA N 131 -10.37 31.18 -34.56
CA ALA N 131 -11.49 30.68 -35.35
C ALA N 131 -11.11 29.42 -36.11
N THR N 132 -9.87 29.35 -36.62
CA THR N 132 -9.44 28.17 -37.35
C THR N 132 -9.50 26.93 -36.45
N ASP N 133 -9.04 27.06 -35.20
CA ASP N 133 -9.09 25.94 -34.29
C ASP N 133 -10.53 25.60 -33.90
N ILE N 134 -11.39 26.62 -33.80
CA ILE N 134 -12.79 26.38 -33.47
C ILE N 134 -13.44 25.52 -34.54
N GLU N 135 -13.16 25.82 -35.81
CA GLU N 135 -13.74 25.05 -36.90
C GLU N 135 -13.30 23.59 -36.84
N ILE N 136 -12.03 23.35 -36.51
CA ILE N 136 -11.53 21.98 -36.43
C ILE N 136 -12.28 21.21 -35.35
N HIS N 137 -12.42 21.81 -34.17
CA HIS N 137 -13.12 21.14 -33.09
C HIS N 137 -14.61 21.04 -33.35
N ALA N 138 -15.19 22.04 -34.02
CA ALA N 138 -16.61 21.98 -34.32
C ALA N 138 -16.92 20.81 -35.22
N ARG N 139 -16.07 20.56 -36.22
CA ARG N 139 -16.29 19.42 -37.11
C ARG N 139 -16.08 18.10 -36.38
N GLU N 140 -15.12 18.05 -35.46
CA GLU N 140 -14.84 16.82 -34.73
C GLU N 140 -16.02 16.42 -33.85
N ILE N 141 -16.54 17.36 -33.06
CA ILE N 141 -17.67 17.03 -32.19
C ILE N 141 -18.89 16.66 -33.02
N LEU N 142 -19.08 17.33 -34.16
CA LEU N 142 -20.21 17.00 -35.02
C LEU N 142 -20.10 15.57 -35.52
N LYS N 143 -18.89 15.15 -35.90
CA LYS N 143 -18.70 13.78 -36.36
C LYS N 143 -19.01 12.79 -35.24
N VAL N 144 -18.59 13.11 -34.02
CA VAL N 144 -18.87 12.23 -32.89
C VAL N 144 -20.38 12.14 -32.66
N LYS N 145 -21.08 13.26 -32.79
CA LYS N 145 -22.53 13.26 -32.63
C LYS N 145 -23.18 12.35 -33.66
N GLY N 146 -22.76 12.47 -34.91
CA GLY N 146 -23.33 11.62 -35.94
C GLY N 146 -22.95 10.16 -35.75
N ARG N 147 -21.70 9.91 -35.35
CA ARG N 147 -21.26 8.54 -35.14
C ARG N 147 -22.05 7.88 -34.01
N MET N 148 -22.24 8.60 -32.90
CA MET N 148 -23.00 8.03 -31.78
C MET N 148 -24.45 7.82 -32.16
N ASN N 149 -25.04 8.73 -32.92
CA ASN N 149 -26.43 8.57 -33.33
C ASN N 149 -26.60 7.33 -34.18
N GLU N 150 -25.66 7.06 -35.09
CA GLU N 150 -25.75 5.87 -35.93
C GLU N 150 -25.66 4.60 -35.07
N LEU N 151 -24.73 4.57 -34.12
CA LEU N 151 -24.60 3.40 -33.26
C LEU N 151 -25.85 3.19 -32.43
N MET N 152 -26.39 4.27 -31.85
CA MET N 152 -27.60 4.15 -31.04
C MET N 152 -28.76 3.68 -31.90
N ALA N 153 -28.86 4.17 -33.13
CA ALA N 153 -29.93 3.74 -34.03
C ALA N 153 -29.82 2.25 -34.34
N LEU N 154 -28.58 1.76 -34.48
CA LEU N 154 -28.38 0.35 -34.80
C LEU N 154 -28.88 -0.55 -33.66
N HIS N 155 -28.49 -0.24 -32.43
CA HIS N 155 -28.92 -1.07 -31.31
C HIS N 155 -30.40 -0.89 -31.00
N THR N 156 -30.87 0.35 -30.98
CA THR N 156 -32.28 0.60 -30.70
C THR N 156 -33.16 0.09 -31.83
N GLY N 157 -32.69 0.20 -33.06
CA GLY N 157 -33.44 -0.23 -34.22
C GLY N 157 -34.24 0.86 -34.89
N GLN N 158 -34.36 2.03 -34.25
CA GLN N 158 -35.10 3.12 -34.83
C GLN N 158 -34.28 3.80 -35.92
N SER N 159 -34.97 4.52 -36.80
CA SER N 159 -34.31 5.21 -37.89
C SER N 159 -33.38 6.28 -37.35
N LEU N 160 -32.32 6.55 -38.12
CA LEU N 160 -31.34 7.57 -37.70
C LEU N 160 -32.02 8.93 -37.53
N GLU N 161 -32.98 9.24 -38.41
CA GLU N 161 -33.67 10.52 -38.30
C GLU N 161 -34.38 10.66 -36.97
N GLN N 162 -35.06 9.59 -36.52
CA GLN N 162 -35.76 9.65 -35.23
C GLN N 162 -34.78 9.85 -34.09
N ILE N 163 -33.63 9.18 -34.14
CA ILE N 163 -32.64 9.34 -33.08
C ILE N 163 -32.15 10.77 -33.01
N GLU N 164 -31.88 11.37 -34.17
CA GLU N 164 -31.40 12.75 -34.21
C GLU N 164 -32.41 13.70 -33.56
N ARG N 165 -33.68 13.57 -33.94
CA ARG N 165 -34.71 14.44 -33.38
C ARG N 165 -34.86 14.24 -31.88
N ASP N 166 -34.82 12.98 -31.44
CA ASP N 166 -34.98 12.69 -30.01
C ASP N 166 -33.73 13.06 -29.22
N THR N 167 -32.57 13.03 -29.84
CA THR N 167 -31.32 13.35 -29.16
C THR N 167 -30.97 14.83 -29.19
N GLU N 168 -31.69 15.65 -29.96
CA GLU N 168 -31.38 17.08 -30.01
C GLU N 168 -31.48 17.71 -28.63
N ARG N 169 -32.52 17.38 -27.88
CA ARG N 169 -32.73 17.89 -26.54
C ARG N 169 -32.71 16.72 -25.57
N ASP N 170 -32.46 17.02 -24.30
CA ASP N 170 -32.44 15.97 -23.29
C ASP N 170 -33.77 15.24 -23.28
N ARG N 171 -33.71 13.92 -23.25
CA ARG N 171 -34.91 13.09 -23.25
C ARG N 171 -34.82 12.07 -22.13
N PHE N 172 -35.85 12.03 -21.29
CA PHE N 172 -35.92 11.09 -20.17
C PHE N 172 -36.92 9.99 -20.51
N LEU N 173 -36.48 8.75 -20.37
CA LEU N 173 -37.32 7.60 -20.67
C LEU N 173 -37.38 6.69 -19.46
N SER N 174 -38.58 6.30 -19.07
CA SER N 174 -38.77 5.40 -17.95
C SER N 174 -38.45 3.98 -18.40
N ALA N 175 -38.48 3.03 -17.46
CA ALA N 175 -38.22 1.64 -17.84
C ALA N 175 -39.17 1.16 -18.92
N PRO N 176 -40.50 1.30 -18.78
CA PRO N 176 -41.38 0.86 -19.87
C PRO N 176 -41.13 1.60 -21.18
N GLU N 177 -40.81 2.89 -21.10
CA GLU N 177 -40.56 3.66 -22.32
C GLU N 177 -39.29 3.22 -23.01
N ALA N 178 -38.28 2.80 -22.25
CA ALA N 178 -37.04 2.35 -22.85
C ALA N 178 -37.23 1.04 -23.61
N VAL N 179 -38.13 0.18 -23.14
CA VAL N 179 -38.37 -1.09 -23.81
C VAL N 179 -38.95 -0.86 -25.19
N GLU N 180 -39.99 -0.03 -25.28
CA GLU N 180 -40.60 0.25 -26.58
C GLU N 180 -39.68 1.06 -27.48
N TYR N 181 -38.84 1.92 -26.89
CA TYR N 181 -37.92 2.72 -27.69
C TYR N 181 -36.78 1.89 -28.25
N GLY N 182 -36.48 0.73 -27.66
CA GLY N 182 -35.41 -0.13 -28.12
C GLY N 182 -34.14 -0.05 -27.30
N LEU N 183 -34.05 0.86 -26.33
CA LEU N 183 -32.84 0.97 -25.53
C LEU N 183 -32.60 -0.30 -24.72
N VAL N 184 -33.66 -0.88 -24.17
CA VAL N 184 -33.57 -2.10 -23.38
C VAL N 184 -34.50 -3.15 -23.98
N ASP N 185 -34.35 -4.38 -23.51
CA ASP N 185 -35.15 -5.51 -24.00
C ASP N 185 -36.31 -5.85 -23.08
N SER N 186 -36.08 -5.89 -21.77
CA SER N 186 -37.14 -6.23 -20.82
C SER N 186 -36.87 -5.52 -19.51
N ILE N 187 -37.79 -5.70 -18.56
CA ILE N 187 -37.72 -5.09 -17.24
C ILE N 187 -37.72 -6.22 -16.21
N LEU N 188 -36.80 -6.14 -15.25
CA LEU N 188 -36.68 -7.12 -14.19
C LEU N 188 -37.36 -6.58 -12.94
N THR N 189 -38.54 -7.12 -12.62
CA THR N 189 -39.30 -6.70 -11.45
C THR N 189 -39.02 -7.58 -10.24
N HIS N 190 -39.26 -8.89 -10.37
CA HIS N 190 -39.03 -9.83 -9.30
C HIS N 190 -38.35 -11.07 -9.86
N ARG N 191 -37.53 -11.70 -9.00
CA ARG N 191 -36.80 -12.93 -9.39
C ARG N 191 -37.81 -14.03 -9.73
N ASN N 192 -37.63 -14.71 -10.87
CA ASN N 192 -38.51 -15.80 -11.28
C ASN N 192 -39.96 -15.33 -11.38
N LEU O 1 -13.51 57.36 -17.92
CA LEU O 1 -13.62 58.81 -17.92
C LEU O 1 -14.61 59.28 -18.97
N VAL O 2 -15.39 60.30 -18.63
CA VAL O 2 -16.40 60.86 -19.54
C VAL O 2 -15.96 62.24 -19.97
N PRO O 3 -15.63 62.45 -21.25
CA PRO O 3 -15.22 63.80 -21.69
C PRO O 3 -16.33 64.81 -21.53
N MET O 4 -15.93 66.06 -21.29
CA MET O 4 -16.84 67.17 -21.11
C MET O 4 -16.88 68.01 -22.38
N VAL O 5 -18.09 68.39 -22.81
CA VAL O 5 -18.28 69.19 -24.01
C VAL O 5 -18.86 70.53 -23.60
N ILE O 6 -18.82 71.48 -24.53
CA ILE O 6 -19.33 72.83 -24.34
C ILE O 6 -20.36 73.12 -25.40
N GLU O 7 -21.49 73.68 -24.98
CA GLU O 7 -22.59 74.06 -25.87
C GLU O 7 -22.62 75.57 -25.98
N GLN O 8 -22.48 76.10 -27.19
CA GLN O 8 -22.49 77.53 -27.43
C GLN O 8 -23.91 77.96 -27.76
N THR O 9 -24.60 78.52 -26.77
CA THR O 9 -25.97 79.00 -26.91
C THR O 9 -26.00 80.51 -26.75
N SER O 10 -27.11 81.11 -27.19
CA SER O 10 -27.24 82.56 -27.06
C SER O 10 -27.16 83.00 -25.61
N ARG O 11 -27.71 82.20 -24.70
CA ARG O 11 -27.66 82.56 -23.28
C ARG O 11 -26.23 82.56 -22.77
N GLY O 12 -25.43 81.59 -23.18
CA GLY O 12 -24.05 81.51 -22.75
C GLY O 12 -23.54 80.09 -22.85
N GLU O 13 -22.27 79.94 -22.49
CA GLU O 13 -21.63 78.63 -22.51
C GLU O 13 -22.24 77.73 -21.44
N ARG O 14 -22.23 76.43 -21.71
CA ARG O 14 -22.78 75.45 -20.78
C ARG O 14 -21.92 74.19 -20.82
N SER O 15 -21.48 73.74 -19.65
CA SER O 15 -20.65 72.54 -19.57
C SER O 15 -21.56 71.32 -19.58
N PHE O 16 -21.30 70.39 -20.48
CA PHE O 16 -22.12 69.19 -20.62
C PHE O 16 -21.23 67.96 -20.78
N ASP O 17 -21.79 66.82 -20.42
CA ASP O 17 -21.10 65.54 -20.58
C ASP O 17 -21.39 65.00 -21.96
N ILE O 18 -20.52 64.12 -22.44
CA ILE O 18 -20.72 63.56 -23.78
C ILE O 18 -22.07 62.87 -23.85
N TYR O 19 -22.44 62.11 -22.82
CA TYR O 19 -23.73 61.44 -22.82
C TYR O 19 -24.85 62.43 -22.57
N SER O 20 -24.65 63.36 -21.62
CA SER O 20 -25.68 64.35 -21.33
C SER O 20 -25.94 65.25 -22.54
N ARG O 21 -24.88 65.64 -23.24
CA ARG O 21 -25.05 66.49 -24.42
C ARG O 21 -25.92 65.80 -25.46
N LEU O 22 -25.67 64.52 -25.72
CA LEU O 22 -26.49 63.80 -26.70
C LEU O 22 -27.92 63.64 -26.20
N LEU O 23 -28.09 63.47 -24.88
CA LEU O 23 -29.44 63.35 -24.35
C LEU O 23 -30.26 64.58 -24.69
N LYS O 24 -29.63 65.75 -24.66
CA LYS O 24 -30.33 66.99 -25.01
C LYS O 24 -30.82 66.96 -26.45
N GLU O 25 -30.22 66.11 -27.29
CA GLU O 25 -30.61 65.97 -28.68
C GLU O 25 -31.55 64.79 -28.90
N ARG O 26 -32.14 64.28 -27.83
CA ARG O 26 -33.07 63.15 -27.89
C ARG O 26 -32.35 61.88 -28.34
N VAL O 27 -31.25 61.56 -27.68
CA VAL O 27 -30.44 60.38 -27.96
C VAL O 27 -30.19 59.65 -26.65
N ILE O 28 -30.50 58.36 -26.62
CA ILE O 28 -30.33 57.53 -25.44
C ILE O 28 -29.43 56.35 -25.80
N PHE O 29 -28.54 56.01 -24.88
CA PHE O 29 -27.60 54.91 -25.07
C PHE O 29 -28.00 53.74 -24.18
N LEU O 30 -28.04 52.54 -24.77
CA LEU O 30 -28.37 51.30 -24.07
C LEU O 30 -27.17 50.40 -24.25
N THR O 31 -26.21 50.51 -23.33
CA THR O 31 -24.99 49.71 -23.39
C THR O 31 -24.86 48.83 -22.16
N GLY O 32 -24.21 47.68 -22.35
CA GLY O 32 -24.00 46.73 -21.28
C GLY O 32 -25.20 45.83 -21.08
N GLN O 33 -25.06 44.94 -20.10
CA GLN O 33 -26.15 44.02 -19.79
C GLN O 33 -27.37 44.80 -19.33
N VAL O 34 -28.55 44.30 -19.71
CA VAL O 34 -29.81 44.93 -19.36
C VAL O 34 -30.16 44.51 -17.92
N GLU O 35 -29.99 45.43 -16.98
CA GLU O 35 -30.28 45.20 -15.57
C GLU O 35 -31.37 46.17 -15.14
N ASP O 36 -31.74 46.11 -13.86
CA ASP O 36 -32.80 46.97 -13.34
C ASP O 36 -32.35 48.42 -13.25
N HIS O 37 -31.14 48.66 -12.73
CA HIS O 37 -30.68 50.04 -12.57
C HIS O 37 -30.51 50.74 -13.92
N MET O 38 -29.78 50.13 -14.85
CA MET O 38 -29.59 50.76 -16.15
C MET O 38 -30.92 50.90 -16.87
N ALA O 39 -31.77 49.87 -16.81
CA ALA O 39 -33.08 49.97 -17.47
C ALA O 39 -33.91 51.07 -16.85
N ASN O 40 -33.90 51.17 -15.51
CA ASN O 40 -34.66 52.22 -14.85
C ASN O 40 -34.15 53.60 -15.28
N LEU O 41 -32.83 53.72 -15.45
CA LEU O 41 -32.26 54.99 -15.88
C LEU O 41 -32.78 55.38 -17.26
N ILE O 42 -32.85 54.41 -18.18
CA ILE O 42 -33.33 54.68 -19.52
C ILE O 42 -34.79 55.11 -19.48
N VAL O 43 -35.59 54.49 -18.61
CA VAL O 43 -37.00 54.85 -18.50
C VAL O 43 -37.14 56.31 -18.12
N ALA O 44 -36.32 56.78 -17.18
CA ALA O 44 -36.38 58.17 -16.76
C ALA O 44 -36.06 59.10 -17.94
N GLN O 45 -35.05 58.75 -18.74
CA GLN O 45 -34.70 59.59 -19.88
C GLN O 45 -35.85 59.67 -20.87
N MET O 46 -36.50 58.54 -21.16
CA MET O 46 -37.62 58.55 -22.10
C MET O 46 -38.75 59.45 -21.59
N LEU O 47 -39.08 59.36 -20.31
CA LEU O 47 -40.13 60.21 -19.77
C LEU O 47 -39.75 61.67 -19.84
N PHE O 48 -38.49 62.00 -19.51
CA PHE O 48 -38.05 63.38 -19.56
C PHE O 48 -38.11 63.92 -20.98
N LEU O 49 -37.66 63.14 -21.97
CA LEU O 49 -37.69 63.60 -23.35
C LEU O 49 -39.12 63.82 -23.82
N GLU O 50 -40.04 62.93 -23.42
CA GLU O 50 -41.43 63.08 -23.83
C GLU O 50 -42.01 64.40 -23.33
N ALA O 51 -41.73 64.75 -22.07
CA ALA O 51 -42.25 65.99 -21.51
C ALA O 51 -41.69 67.21 -22.25
N GLU O 52 -40.39 67.18 -22.57
CA GLU O 52 -39.79 68.30 -23.27
C GLU O 52 -40.44 68.52 -24.63
N ASN O 53 -40.67 67.45 -25.38
CA ASN O 53 -41.28 67.54 -26.69
C ASN O 53 -41.92 66.22 -27.06
N PRO O 54 -43.22 66.02 -26.80
CA PRO O 54 -43.87 64.75 -27.13
C PRO O 54 -44.10 64.51 -28.61
N GLU O 55 -43.56 65.37 -29.49
CA GLU O 55 -43.74 65.20 -30.93
C GLU O 55 -42.46 64.86 -31.68
N LYS O 56 -41.29 65.05 -31.07
CA LYS O 56 -40.03 64.74 -31.72
C LYS O 56 -39.63 63.30 -31.43
N ASP O 57 -39.10 62.63 -32.45
CA ASP O 57 -38.69 61.24 -32.32
C ASP O 57 -37.52 61.11 -31.35
N ILE O 58 -37.44 59.95 -30.70
CA ILE O 58 -36.38 59.65 -29.75
C ILE O 58 -35.50 58.56 -30.35
N TYR O 59 -34.19 58.74 -30.26
CA TYR O 59 -33.23 57.79 -30.80
C TYR O 59 -32.64 56.98 -29.65
N LEU O 60 -32.60 55.66 -29.81
CA LEU O 60 -32.09 54.75 -28.81
C LEU O 60 -31.05 53.83 -29.45
N TYR O 61 -29.78 54.10 -29.18
CA TYR O 61 -28.72 53.26 -29.72
C TYR O 61 -28.60 52.01 -28.86
N ILE O 62 -28.63 50.85 -29.49
CA ILE O 62 -28.59 49.57 -28.78
C ILE O 62 -27.28 48.87 -29.09
N ASN O 63 -26.50 48.59 -28.04
CA ASN O 63 -25.23 47.84 -28.14
C ASN O 63 -25.10 47.13 -26.79
N SER O 64 -25.61 45.90 -26.73
CA SER O 64 -25.59 45.19 -25.47
C SER O 64 -25.66 43.69 -25.74
N PRO O 65 -25.09 42.87 -24.86
CA PRO O 65 -25.18 41.42 -25.06
C PRO O 65 -26.42 40.83 -24.44
N GLY O 66 -27.40 41.67 -24.10
CA GLY O 66 -28.62 41.23 -23.47
C GLY O 66 -28.53 41.24 -21.95
N GLY O 67 -29.64 40.91 -21.31
CA GLY O 67 -29.68 40.88 -19.86
C GLY O 67 -30.99 40.38 -19.29
N VAL O 68 -31.38 40.93 -18.14
CA VAL O 68 -32.62 40.51 -17.51
C VAL O 68 -33.80 40.83 -18.42
N ILE O 69 -34.83 39.98 -18.35
CA ILE O 69 -36.01 40.17 -19.20
C ILE O 69 -36.94 41.19 -18.58
N THR O 70 -37.21 41.07 -17.28
CA THR O 70 -38.11 42.02 -16.62
C THR O 70 -37.63 43.45 -16.83
N ALA O 71 -36.32 43.67 -16.76
CA ALA O 71 -35.78 45.01 -16.98
C ALA O 71 -36.07 45.47 -18.40
N GLY O 72 -35.93 44.58 -19.39
CA GLY O 72 -36.20 44.96 -20.76
C GLY O 72 -37.67 45.27 -20.99
N MET O 73 -38.56 44.55 -20.31
CA MET O 73 -39.99 44.80 -20.50
C MET O 73 -40.34 46.23 -20.11
N SER O 74 -39.74 46.74 -19.02
CA SER O 74 -40.02 48.10 -18.61
C SER O 74 -39.67 49.07 -19.71
N ILE O 75 -38.50 48.88 -20.35
CA ILE O 75 -38.11 49.74 -21.45
C ILE O 75 -39.07 49.58 -22.62
N TYR O 76 -39.41 48.34 -22.95
CA TYR O 76 -40.32 48.08 -24.05
C TYR O 76 -41.68 48.71 -23.80
N ASP O 77 -42.21 48.54 -22.58
CA ASP O 77 -43.51 49.12 -22.24
C ASP O 77 -43.46 50.63 -22.30
N THR O 78 -42.39 51.24 -21.78
CA THR O 78 -42.27 52.69 -21.81
C THR O 78 -42.23 53.21 -23.25
N MET O 79 -41.51 52.50 -24.13
CA MET O 79 -41.43 52.92 -25.52
C MET O 79 -42.81 52.91 -26.17
N GLN O 80 -43.60 51.88 -25.90
CA GLN O 80 -44.93 51.77 -26.49
C GLN O 80 -45.94 52.69 -25.81
N PHE O 81 -45.59 53.27 -24.66
CA PHE O 81 -46.50 54.16 -23.95
C PHE O 81 -46.31 55.62 -24.33
N ILE O 82 -45.07 56.08 -24.47
CA ILE O 82 -44.82 57.48 -24.82
C ILE O 82 -45.20 57.73 -26.28
N LYS O 83 -45.83 58.88 -26.51
CA LYS O 83 -46.25 59.24 -27.87
C LYS O 83 -45.08 59.33 -28.85
N PRO O 84 -43.94 59.93 -28.50
CA PRO O 84 -42.84 60.02 -29.47
C PRO O 84 -42.41 58.65 -29.97
N ASP O 85 -42.07 58.60 -31.25
CA ASP O 85 -41.61 57.37 -31.88
C ASP O 85 -40.16 57.13 -31.49
N VAL O 86 -39.89 55.97 -30.89
CA VAL O 86 -38.54 55.62 -30.44
C VAL O 86 -37.83 54.92 -31.60
N SER O 87 -36.88 55.61 -32.21
CA SER O 87 -36.11 55.05 -33.31
C SER O 87 -34.93 54.28 -32.73
N THR O 88 -34.90 52.97 -32.96
CA THR O 88 -33.85 52.11 -32.43
C THR O 88 -32.78 51.89 -33.48
N ILE O 89 -31.52 52.08 -33.08
CA ILE O 89 -30.37 51.89 -33.95
C ILE O 89 -29.46 50.87 -33.28
N CYS O 90 -29.08 49.84 -34.02
CA CYS O 90 -28.23 48.77 -33.52
C CYS O 90 -26.78 49.06 -33.89
N MET O 91 -25.92 49.11 -32.88
CA MET O 91 -24.49 49.35 -33.06
C MET O 91 -23.72 48.21 -32.41
N GLY O 92 -22.84 47.58 -33.18
CA GLY O 92 -22.05 46.50 -32.67
C GLY O 92 -22.78 45.17 -32.68
N GLN O 93 -23.71 45.00 -31.75
CA GLN O 93 -24.48 43.75 -31.67
C GLN O 93 -25.77 44.00 -30.92
N ALA O 94 -26.67 43.03 -31.03
CA ALA O 94 -27.98 43.07 -30.37
C ALA O 94 -28.34 41.65 -29.98
N ALA O 95 -28.37 41.37 -28.68
CA ALA O 95 -28.69 40.04 -28.17
C ALA O 95 -30.20 39.86 -28.13
N SER O 96 -30.65 38.81 -27.43
CA SER O 96 -32.08 38.53 -27.34
C SER O 96 -32.84 39.75 -26.83
N MET O 97 -32.42 40.30 -25.69
CA MET O 97 -33.10 41.48 -25.17
C MET O 97 -32.81 42.69 -26.05
N GLY O 98 -31.56 42.84 -26.49
CA GLY O 98 -31.24 43.96 -27.37
C GLY O 98 -32.02 43.87 -28.67
N ALA O 99 -32.11 42.67 -29.24
CA ALA O 99 -32.88 42.49 -30.48
C ALA O 99 -34.36 42.76 -30.24
N PHE O 100 -34.88 42.30 -29.09
CA PHE O 100 -36.29 42.52 -28.79
C PHE O 100 -36.59 44.02 -28.72
N LEU O 101 -35.73 44.79 -28.06
CA LEU O 101 -35.95 46.23 -27.98
C LEU O 101 -35.69 46.88 -29.33
N LEU O 102 -34.74 46.34 -30.10
CA LEU O 102 -34.46 46.90 -31.42
C LEU O 102 -35.67 46.79 -32.33
N THR O 103 -36.30 45.62 -32.38
CA THR O 103 -37.48 45.45 -33.21
C THR O 103 -38.70 46.14 -32.64
N ALA O 104 -38.67 46.51 -31.37
CA ALA O 104 -39.80 47.18 -30.74
C ALA O 104 -39.92 48.65 -31.12
N GLY O 105 -38.94 49.19 -31.84
CA GLY O 105 -38.98 50.58 -32.23
C GLY O 105 -40.13 50.85 -33.19
N ALA O 106 -40.36 52.14 -33.44
CA ALA O 106 -41.43 52.56 -34.32
C ALA O 106 -41.22 51.97 -35.71
N LYS O 107 -42.31 51.51 -36.33
CA LYS O 107 -42.23 50.92 -37.65
C LYS O 107 -41.64 51.91 -38.64
N GLY O 108 -40.70 51.44 -39.44
CA GLY O 108 -40.04 52.28 -40.42
C GLY O 108 -38.92 53.13 -39.89
N LYS O 109 -38.64 53.07 -38.58
CA LYS O 109 -37.57 53.87 -37.96
C LYS O 109 -36.58 52.98 -37.23
N ARG O 110 -36.49 51.71 -37.57
CA ARG O 110 -35.56 50.77 -36.96
C ARG O 110 -34.41 50.59 -37.93
N PHE O 111 -33.21 51.00 -37.50
CA PHE O 111 -32.03 50.93 -38.33
C PHE O 111 -30.96 50.06 -37.68
N CYS O 112 -30.04 49.57 -38.51
CA CYS O 112 -28.93 48.74 -38.06
C CYS O 112 -27.74 49.03 -38.95
N LEU O 113 -26.56 49.11 -38.34
CA LEU O 113 -25.36 49.38 -39.10
C LEU O 113 -25.01 48.18 -39.98
N PRO O 114 -24.29 48.39 -41.08
CA PRO O 114 -23.99 47.27 -41.98
C PRO O 114 -23.23 46.12 -41.33
N ASN O 115 -22.31 46.41 -40.42
CA ASN O 115 -21.52 45.36 -39.78
C ASN O 115 -22.08 44.91 -38.43
N SER O 116 -23.25 45.41 -38.03
CA SER O 116 -23.82 45.01 -36.76
C SER O 116 -24.37 43.58 -36.86
N ARG O 117 -24.36 42.90 -35.71
CA ARG O 117 -24.87 41.51 -35.64
C ARG O 117 -26.12 41.52 -34.76
N VAL O 118 -27.03 40.58 -34.96
CA VAL O 118 -28.24 40.43 -34.16
C VAL O 118 -28.40 38.95 -33.80
N MET O 119 -28.68 38.68 -32.54
CA MET O 119 -28.86 37.34 -32.03
C MET O 119 -30.19 37.25 -31.29
N ILE O 120 -30.98 36.23 -31.60
CA ILE O 120 -32.28 36.01 -30.98
C ILE O 120 -32.33 34.59 -30.45
N HIS O 121 -32.83 34.43 -29.22
CA HIS O 121 -32.92 33.12 -28.60
C HIS O 121 -34.03 33.16 -27.57
N GLN O 122 -34.45 31.96 -27.14
CA GLN O 122 -35.51 31.85 -26.16
C GLN O 122 -35.02 32.29 -24.77
N PRO O 123 -35.95 32.62 -23.87
CA PRO O 123 -35.53 33.07 -22.53
C PRO O 123 -34.71 32.03 -21.79
N LEU O 124 -33.79 32.53 -20.97
CA LEU O 124 -32.92 31.70 -20.14
C LEU O 124 -33.29 31.88 -18.69
N GLY O 125 -33.24 30.80 -17.92
CA GLY O 125 -33.57 30.89 -16.52
C GLY O 125 -33.32 29.57 -15.82
N GLY O 126 -33.76 29.51 -14.56
CA GLY O 126 -33.59 28.32 -13.76
C GLY O 126 -34.05 28.51 -12.34
N TYR O 127 -34.26 27.41 -11.63
CA TYR O 127 -34.70 27.46 -10.25
C TYR O 127 -34.30 26.18 -9.54
N GLN O 128 -34.07 26.28 -8.25
CA GLN O 128 -33.69 25.15 -7.41
C GLN O 128 -34.61 25.11 -6.20
N GLY O 129 -35.20 23.95 -5.95
CA GLY O 129 -36.10 23.82 -4.81
C GLY O 129 -36.98 22.58 -4.97
N GLN O 130 -38.13 22.63 -4.30
CA GLN O 130 -39.07 21.52 -4.35
C GLN O 130 -39.66 21.39 -5.75
N ALA O 131 -40.21 20.20 -6.03
CA ALA O 131 -40.82 19.95 -7.32
C ALA O 131 -41.98 20.91 -7.58
N THR O 132 -42.78 21.17 -6.55
CA THR O 132 -43.91 22.09 -6.72
C THR O 132 -43.43 23.47 -7.13
N ASP O 133 -42.37 23.96 -6.49
CA ASP O 133 -41.83 25.28 -6.83
C ASP O 133 -41.27 25.28 -8.24
N ILE O 134 -40.59 24.20 -8.64
CA ILE O 134 -40.03 24.12 -9.98
C ILE O 134 -41.11 24.22 -11.03
N GLU O 135 -42.25 23.55 -10.80
CA GLU O 135 -43.35 23.62 -11.76
C GLU O 135 -43.87 25.05 -11.89
N ILE O 136 -43.98 25.77 -10.77
CA ILE O 136 -44.47 27.14 -10.82
C ILE O 136 -43.54 28.01 -11.64
N HIS O 137 -42.24 27.93 -11.36
CA HIS O 137 -41.27 28.73 -12.10
C HIS O 137 -41.15 28.26 -13.54
N ALA O 138 -41.28 26.95 -13.77
CA ALA O 138 -41.22 26.45 -15.14
C ALA O 138 -42.35 27.02 -15.98
N ARG O 139 -43.56 27.08 -15.41
CA ARG O 139 -44.68 27.65 -16.13
C ARG O 139 -44.50 29.14 -16.36
N GLU O 140 -43.93 29.84 -15.37
CA GLU O 140 -43.74 31.29 -15.51
C GLU O 140 -42.80 31.61 -16.67
N ILE O 141 -41.66 30.92 -16.74
CA ILE O 141 -40.71 31.19 -17.82
C ILE O 141 -41.33 30.82 -19.16
N LEU O 142 -42.11 29.75 -19.20
CA LEU O 142 -42.75 29.35 -20.45
C LEU O 142 -43.71 30.43 -20.93
N LYS O 143 -44.47 31.03 -20.00
CA LYS O 143 -45.37 32.11 -20.39
C LYS O 143 -44.59 33.29 -20.93
N VAL O 144 -43.45 33.62 -20.30
CA VAL O 144 -42.62 34.70 -20.78
C VAL O 144 -42.12 34.39 -22.18
N LYS O 145 -41.73 33.13 -22.42
CA LYS O 145 -41.26 32.73 -23.74
C LYS O 145 -42.36 32.93 -24.77
N GLY O 146 -43.58 32.51 -24.44
CA GLY O 146 -44.68 32.69 -25.37
C GLY O 146 -45.00 34.15 -25.59
N ARG O 147 -45.02 34.94 -24.52
CA ARG O 147 -45.30 36.36 -24.64
C ARG O 147 -44.25 37.05 -25.49
N MET O 148 -42.97 36.71 -25.28
CA MET O 148 -41.90 37.31 -26.07
C MET O 148 -42.04 36.97 -27.54
N ASN O 149 -42.38 35.71 -27.84
CA ASN O 149 -42.53 35.30 -29.23
C ASN O 149 -43.68 36.06 -29.90
N GLU O 150 -44.79 36.24 -29.19
CA GLU O 150 -45.91 36.97 -29.77
C GLU O 150 -45.52 38.41 -30.11
N LEU O 151 -44.80 39.06 -29.20
CA LEU O 151 -44.37 40.44 -29.47
C LEU O 151 -43.39 40.49 -30.64
N MET O 152 -42.46 39.53 -30.71
CA MET O 152 -41.51 39.51 -31.81
C MET O 152 -42.23 39.37 -33.14
N ALA O 153 -43.22 38.47 -33.20
CA ALA O 153 -43.97 38.29 -34.43
C ALA O 153 -44.75 39.54 -34.80
N LEU O 154 -45.31 40.22 -33.80
CA LEU O 154 -46.08 41.43 -34.06
C LEU O 154 -45.21 42.51 -34.70
N HIS O 155 -44.01 42.72 -34.16
CA HIS O 155 -43.12 43.75 -34.70
C HIS O 155 -42.41 43.28 -35.96
N THR O 156 -41.92 42.04 -35.97
CA THR O 156 -41.22 41.53 -37.13
C THR O 156 -42.15 41.18 -38.29
N GLY O 157 -43.43 40.92 -38.01
CA GLY O 157 -44.37 40.57 -39.04
C GLY O 157 -44.36 39.10 -39.41
N GLN O 158 -43.47 38.31 -38.83
CA GLN O 158 -43.41 36.89 -39.12
C GLN O 158 -44.51 36.15 -38.37
N SER O 159 -44.75 34.91 -38.77
CA SER O 159 -45.75 34.09 -38.12
C SER O 159 -45.24 33.64 -36.76
N LEU O 160 -46.17 33.45 -35.83
CA LEU O 160 -45.76 33.01 -34.49
C LEU O 160 -45.04 31.66 -34.56
N GLU O 161 -45.47 30.78 -35.45
CA GLU O 161 -44.82 29.48 -35.58
C GLU O 161 -43.38 29.64 -36.06
N GLN O 162 -43.15 30.53 -37.03
CA GLN O 162 -41.80 30.74 -37.53
C GLN O 162 -40.88 31.28 -36.44
N ILE O 163 -41.37 32.19 -35.63
CA ILE O 163 -40.55 32.76 -34.56
C ILE O 163 -40.15 31.67 -33.56
N GLU O 164 -41.10 30.80 -33.20
CA GLU O 164 -40.80 29.74 -32.25
C GLU O 164 -39.69 28.83 -32.78
N ARG O 165 -39.78 28.43 -34.04
CA ARG O 165 -38.76 27.56 -34.61
C ARG O 165 -37.40 28.24 -34.64
N ASP O 166 -37.37 29.53 -35.00
CA ASP O 166 -36.10 30.25 -35.08
C ASP O 166 -35.54 30.58 -33.70
N THR O 167 -36.39 30.72 -32.69
CA THR O 167 -35.95 31.06 -31.35
C THR O 167 -35.61 29.84 -30.50
N GLU O 168 -35.82 28.62 -31.00
CA GLU O 168 -35.49 27.45 -30.20
C GLU O 168 -34.02 27.42 -29.84
N ARG O 169 -33.17 27.94 -30.74
CA ARG O 169 -31.70 27.97 -30.49
C ARG O 169 -31.19 29.33 -30.96
N ASP O 170 -30.03 29.77 -30.46
CA ASP O 170 -29.44 31.03 -30.85
C ASP O 170 -29.37 31.15 -32.36
N ARG O 171 -29.84 32.28 -32.88
CA ARG O 171 -29.84 32.55 -34.31
C ARG O 171 -29.16 33.88 -34.54
N PHE O 172 -28.11 33.89 -35.36
CA PHE O 172 -27.36 35.09 -35.66
C PHE O 172 -27.79 35.63 -37.02
N LEU O 173 -28.11 36.92 -37.08
CA LEU O 173 -28.53 37.57 -38.31
C LEU O 173 -27.73 38.83 -38.50
N SER O 174 -27.25 39.05 -39.72
CA SER O 174 -26.50 40.24 -40.05
C SER O 174 -27.48 41.36 -40.42
N ALA O 175 -26.95 42.52 -40.77
CA ALA O 175 -27.84 43.62 -41.14
C ALA O 175 -28.72 43.27 -42.31
N PRO O 176 -28.22 42.76 -43.44
CA PRO O 176 -29.13 42.39 -44.54
C PRO O 176 -30.14 41.33 -44.14
N GLU O 177 -29.72 40.36 -43.32
CA GLU O 177 -30.64 39.31 -42.90
C GLU O 177 -31.74 39.86 -42.01
N ALA O 178 -31.40 40.80 -41.13
CA ALA O 178 -32.41 41.39 -40.25
C ALA O 178 -33.47 42.12 -41.06
N VAL O 179 -33.07 42.82 -42.11
CA VAL O 179 -34.03 43.54 -42.94
C VAL O 179 -35.02 42.56 -43.58
N GLU O 180 -34.49 41.48 -44.16
CA GLU O 180 -35.36 40.49 -44.79
C GLU O 180 -36.22 39.78 -43.76
N TYR O 181 -35.73 39.62 -42.54
CA TYR O 181 -36.47 38.95 -41.48
C TYR O 181 -37.49 39.86 -40.81
N GLY O 182 -37.52 41.13 -41.16
CA GLY O 182 -38.44 42.08 -40.57
C GLY O 182 -38.03 42.61 -39.22
N LEU O 183 -36.84 42.24 -38.73
CA LEU O 183 -36.40 42.71 -37.43
C LEU O 183 -36.08 44.21 -37.47
N VAL O 184 -35.59 44.70 -38.60
CA VAL O 184 -35.25 46.10 -38.78
C VAL O 184 -35.95 46.59 -40.05
N ASP O 185 -35.73 47.87 -40.37
CA ASP O 185 -36.32 48.49 -41.55
C ASP O 185 -35.31 48.77 -42.65
N SER O 186 -34.18 49.39 -42.34
CA SER O 186 -33.18 49.69 -43.34
C SER O 186 -31.80 49.65 -42.69
N ILE O 187 -30.78 50.04 -43.44
CA ILE O 187 -29.40 50.06 -42.98
C ILE O 187 -28.83 51.45 -43.21
N LEU O 188 -27.92 51.85 -42.34
CA LEU O 188 -27.28 53.17 -42.40
C LEU O 188 -25.82 52.96 -42.80
N THR O 189 -25.53 53.08 -44.10
CA THR O 189 -24.17 52.92 -44.59
C THR O 189 -23.40 54.23 -44.54
N HIS O 190 -23.93 55.26 -45.19
CA HIS O 190 -23.31 56.57 -45.22
C HIS O 190 -24.37 57.63 -45.02
N ARG O 191 -23.94 58.81 -44.57
CA ARG O 191 -24.86 59.95 -44.33
C ARG O 191 -25.17 60.61 -45.67
N ASN O 192 -26.46 60.81 -45.98
CA ASN O 192 -26.91 61.42 -47.22
C ASN O 192 -27.19 62.91 -47.01
N LEU P 1 -23.39 55.81 -14.57
CA LEU P 1 -23.39 57.25 -14.83
C LEU P 1 -24.83 57.78 -14.87
N VAL P 2 -25.03 58.97 -14.31
CA VAL P 2 -26.33 59.61 -14.25
C VAL P 2 -26.31 60.82 -15.18
N PRO P 3 -27.10 60.83 -16.26
CA PRO P 3 -27.09 62.00 -17.15
C PRO P 3 -27.60 63.25 -16.45
N MET P 4 -27.12 64.40 -16.92
CA MET P 4 -27.49 65.69 -16.39
C MET P 4 -28.45 66.38 -17.35
N VAL P 5 -29.53 66.94 -16.81
CA VAL P 5 -30.54 67.63 -17.60
C VAL P 5 -30.54 69.10 -17.20
N ILE P 6 -31.20 69.91 -18.03
CA ILE P 6 -31.31 71.35 -17.82
C ILE P 6 -32.78 71.73 -17.81
N GLU P 7 -33.16 72.56 -16.84
CA GLU P 7 -34.53 73.05 -16.69
C GLU P 7 -34.55 74.51 -17.07
N GLN P 8 -35.35 74.87 -18.07
CA GLN P 8 -35.46 76.24 -18.55
C GLN P 8 -36.61 76.92 -17.81
N THR P 9 -36.28 77.73 -16.81
CA THR P 9 -37.24 78.45 -16.01
C THR P 9 -37.07 79.95 -16.23
N SER P 10 -38.07 80.71 -15.80
CA SER P 10 -38.00 82.16 -15.93
C SER P 10 -36.81 82.72 -15.17
N ARG P 11 -36.52 82.16 -13.99
CA ARG P 11 -35.38 82.65 -13.22
C ARG P 11 -34.08 82.42 -13.94
N GLY P 12 -33.92 81.26 -14.57
CA GLY P 12 -32.72 80.95 -15.31
C GLY P 12 -32.52 79.45 -15.41
N GLU P 13 -31.44 79.08 -16.11
CA GLU P 13 -31.11 77.69 -16.28
C GLU P 13 -30.73 77.06 -14.94
N ARG P 14 -30.96 75.76 -14.82
CA ARG P 14 -30.65 75.04 -13.60
C ARG P 14 -30.21 73.63 -13.95
N SER P 15 -29.04 73.21 -13.48
CA SER P 15 -28.52 71.88 -13.75
C SER P 15 -29.20 70.89 -12.80
N PHE P 16 -29.72 69.80 -13.37
CA PHE P 16 -30.41 68.78 -12.58
C PHE P 16 -30.03 67.40 -13.07
N ASP P 17 -30.18 66.42 -12.18
CA ASP P 17 -29.92 65.03 -12.50
C ASP P 17 -31.20 64.42 -13.05
N ILE P 18 -31.06 63.33 -13.81
CA ILE P 18 -32.23 62.70 -14.39
C ILE P 18 -33.20 62.29 -13.29
N TYR P 19 -32.68 61.73 -12.19
CA TYR P 19 -33.55 61.34 -11.09
C TYR P 19 -34.02 62.56 -10.31
N SER P 20 -33.11 63.51 -10.08
CA SER P 20 -33.48 64.72 -9.35
C SER P 20 -34.53 65.52 -10.12
N ARG P 21 -34.38 65.60 -11.44
CA ARG P 21 -35.35 66.33 -12.25
C ARG P 21 -36.74 65.73 -12.12
N LEU P 22 -36.84 64.40 -12.19
CA LEU P 22 -38.13 63.75 -12.05
C LEU P 22 -38.68 63.93 -10.65
N LEU P 23 -37.81 63.98 -9.64
CA LEU P 23 -38.28 64.19 -8.28
C LEU P 23 -39.01 65.51 -8.17
N LYS P 24 -38.52 66.54 -8.87
CA LYS P 24 -39.17 67.84 -8.86
C LYS P 24 -40.59 67.75 -9.42
N GLU P 25 -40.89 66.71 -10.19
CA GLU P 25 -42.20 66.48 -10.77
C GLU P 25 -43.03 65.50 -9.94
N ARG P 26 -42.62 65.23 -8.70
CA ARG P 26 -43.32 64.31 -7.82
C ARG P 26 -43.28 62.88 -8.35
N VAL P 27 -42.07 62.43 -8.68
CA VAL P 27 -41.83 61.08 -9.20
C VAL P 27 -40.71 60.46 -8.38
N ILE P 28 -40.96 59.27 -7.83
CA ILE P 28 -39.99 58.56 -7.01
C ILE P 28 -39.75 57.19 -7.64
N PHE P 29 -38.50 56.77 -7.66
CA PHE P 29 -38.10 55.49 -8.22
C PHE P 29 -37.74 54.52 -7.11
N LEU P 30 -38.26 53.30 -7.19
CA LEU P 30 -38.01 52.24 -6.22
C LEU P 30 -37.39 51.10 -7.02
N THR P 31 -36.07 51.10 -7.14
CA THR P 31 -35.35 50.11 -7.91
C THR P 31 -34.40 49.33 -7.02
N GLY P 32 -34.17 48.07 -7.39
CA GLY P 32 -33.27 47.21 -6.64
C GLY P 32 -33.94 46.59 -5.42
N GLN P 33 -33.15 45.81 -4.70
CA GLN P 33 -33.66 45.17 -3.50
C GLN P 33 -34.05 46.21 -2.46
N VAL P 34 -35.11 45.92 -1.72
CA VAL P 34 -35.62 46.83 -0.70
C VAL P 34 -34.76 46.64 0.56
N GLU P 35 -33.89 47.60 0.83
CA GLU P 35 -33.01 47.60 1.99
C GLU P 35 -33.34 48.81 2.86
N ASP P 36 -32.58 48.97 3.95
CA ASP P 36 -32.83 50.08 4.86
C ASP P 36 -32.40 51.41 4.26
N HIS P 37 -31.22 51.45 3.63
CA HIS P 37 -30.73 52.71 3.08
C HIS P 37 -31.63 53.21 1.95
N MET P 38 -31.90 52.36 0.95
CA MET P 38 -32.75 52.80 -0.16
C MET P 38 -34.15 53.13 0.35
N ALA P 39 -34.70 52.31 1.23
CA ALA P 39 -36.02 52.58 1.77
C ALA P 39 -36.04 53.89 2.54
N ASN P 40 -35.01 54.13 3.36
CA ASN P 40 -34.95 55.38 4.10
C ASN P 40 -34.87 56.56 3.15
N LEU P 41 -34.16 56.40 2.04
CA LEU P 41 -34.05 57.47 1.05
C LEU P 41 -35.42 57.80 0.47
N ILE P 42 -36.22 56.77 0.17
CA ILE P 42 -37.55 57.00 -0.38
C ILE P 42 -38.43 57.73 0.63
N VAL P 43 -38.29 57.38 1.91
CA VAL P 43 -39.10 58.03 2.93
C VAL P 43 -38.83 59.53 2.95
N ALA P 44 -37.56 59.92 2.84
CA ALA P 44 -37.22 61.34 2.84
C ALA P 44 -37.86 62.05 1.64
N GLN P 45 -37.83 61.41 0.47
CA GLN P 45 -38.43 62.03 -0.71
C GLN P 45 -39.92 62.25 -0.52
N MET P 46 -40.63 61.26 0.04
CA MET P 46 -42.06 61.40 0.27
C MET P 46 -42.35 62.57 1.21
N LEU P 47 -41.60 62.68 2.30
CA LEU P 47 -41.81 63.77 3.23
C LEU P 47 -41.54 65.11 2.56
N PHE P 48 -40.47 65.20 1.79
CA PHE P 48 -40.15 66.45 1.11
C PHE P 48 -41.24 66.84 0.12
N LEU P 49 -41.76 65.87 -0.64
CA LEU P 49 -42.82 66.18 -1.60
C LEU P 49 -44.08 66.62 -0.89
N GLU P 50 -44.41 65.99 0.25
CA GLU P 50 -45.61 66.38 0.98
C GLU P 50 -45.54 67.83 1.43
N ALA P 51 -44.38 68.26 1.94
CA ALA P 51 -44.23 69.63 2.39
C ALA P 51 -44.37 70.61 1.23
N GLU P 52 -43.78 70.28 0.08
CA GLU P 52 -43.87 71.17 -1.07
C GLU P 52 -45.32 71.36 -1.51
N ASN P 53 -46.08 70.28 -1.57
CA ASN P 53 -47.48 70.37 -1.98
C ASN P 53 -48.24 69.16 -1.44
N PRO P 54 -48.88 69.28 -0.27
CA PRO P 54 -49.62 68.14 0.29
C PRO P 54 -50.91 67.79 -0.44
N GLU P 55 -51.19 68.43 -1.58
CA GLU P 55 -52.41 68.16 -2.33
C GLU P 55 -52.17 67.48 -3.67
N LYS P 56 -50.94 67.50 -4.19
CA LYS P 56 -50.65 66.87 -5.47
C LYS P 56 -50.25 65.41 -5.26
N ASP P 57 -50.73 64.55 -6.15
CA ASP P 57 -50.44 63.13 -6.06
C ASP P 57 -48.95 62.86 -6.27
N ILE P 58 -48.46 61.80 -5.63
CA ILE P 58 -47.06 61.38 -5.73
C ILE P 58 -47.02 60.09 -6.52
N TYR P 59 -46.12 60.03 -7.50
CA TYR P 59 -45.95 58.85 -8.35
C TYR P 59 -44.74 58.06 -7.89
N LEU P 60 -44.93 56.76 -7.72
CA LEU P 60 -43.86 55.86 -7.27
C LEU P 60 -43.74 54.71 -8.25
N TYR P 61 -42.66 54.68 -9.01
CA TYR P 61 -42.42 53.60 -9.95
C TYR P 61 -41.75 52.46 -9.21
N ILE P 62 -42.32 51.26 -9.33
CA ILE P 62 -41.83 50.08 -8.63
C ILE P 62 -41.25 49.11 -9.66
N ASN P 63 -39.95 48.80 -9.51
CA ASN P 63 -39.25 47.81 -10.34
C ASN P 63 -38.17 47.24 -9.43
N SER P 64 -38.51 46.16 -8.74
CA SER P 64 -37.56 45.59 -7.79
C SER P 64 -37.88 44.11 -7.59
N PRO P 65 -36.89 43.29 -7.26
CA PRO P 65 -37.17 41.87 -7.01
C PRO P 65 -37.52 41.60 -5.57
N GLY P 66 -37.83 42.65 -4.80
CA GLY P 66 -38.16 42.51 -3.40
C GLY P 66 -36.95 42.69 -2.50
N GLY P 67 -37.20 42.65 -1.20
CA GLY P 67 -36.13 42.80 -0.24
C GLY P 67 -36.56 42.64 1.21
N VAL P 68 -35.91 43.39 2.10
CA VAL P 68 -36.24 43.29 3.52
C VAL P 68 -37.67 43.75 3.75
N ILE P 69 -38.32 43.13 4.73
CA ILE P 69 -39.71 43.48 5.04
C ILE P 69 -39.77 44.74 5.89
N THR P 70 -38.96 44.82 6.95
CA THR P 70 -38.97 45.99 7.80
C THR P 70 -38.75 47.26 7.00
N ALA P 71 -37.84 47.20 6.02
CA ALA P 71 -37.60 48.37 5.18
C ALA P 71 -38.86 48.74 4.40
N GLY P 72 -39.55 47.73 3.87
CA GLY P 72 -40.76 48.02 3.12
C GLY P 72 -41.87 48.59 3.98
N MET P 73 -41.98 48.13 5.23
CA MET P 73 -43.02 48.64 6.11
C MET P 73 -42.87 50.14 6.31
N SER P 74 -41.64 50.63 6.44
CA SER P 74 -41.44 52.06 6.60
C SER P 74 -42.01 52.82 5.41
N ILE P 75 -41.76 52.32 4.20
CA ILE P 75 -42.31 52.96 3.01
C ILE P 75 -43.83 52.85 3.01
N TYR P 76 -44.36 51.68 3.34
CA TYR P 76 -45.80 51.49 3.38
C TYR P 76 -46.45 52.41 4.41
N ASP P 77 -45.86 52.48 5.60
CA ASP P 77 -46.42 53.35 6.64
C ASP P 77 -46.35 54.81 6.22
N THR P 78 -45.24 55.23 5.62
CA THR P 78 -45.10 56.61 5.19
C THR P 78 -46.15 56.96 4.13
N MET P 79 -46.41 56.04 3.20
CA MET P 79 -47.41 56.30 2.17
C MET P 79 -48.78 56.50 2.77
N GLN P 80 -49.14 55.68 3.77
CA GLN P 80 -50.44 55.80 4.40
C GLN P 80 -50.52 56.97 5.37
N PHE P 81 -49.38 57.58 5.71
CA PHE P 81 -49.37 58.71 6.63
C PHE P 81 -49.48 60.05 5.93
N ILE P 82 -48.77 60.23 4.81
CA ILE P 82 -48.82 61.50 4.09
C ILE P 82 -50.16 61.66 3.40
N LYS P 83 -50.70 62.88 3.45
CA LYS P 83 -51.98 63.17 2.82
C LYS P 83 -51.97 62.92 1.32
N PRO P 84 -50.95 63.30 0.56
CA PRO P 84 -50.97 63.06 -0.88
C PRO P 84 -51.16 61.59 -1.22
N ASP P 85 -51.93 61.34 -2.27
CA ASP P 85 -52.16 59.97 -2.75
C ASP P 85 -50.93 59.50 -3.51
N VAL P 86 -50.36 58.39 -3.06
CA VAL P 86 -49.17 57.82 -3.70
C VAL P 86 -49.63 56.88 -4.81
N SER P 87 -49.46 57.31 -6.06
CA SER P 87 -49.83 56.49 -7.20
C SER P 87 -48.67 55.56 -7.53
N THR P 88 -48.91 54.26 -7.41
CA THR P 88 -47.88 53.27 -7.66
C THR P 88 -47.99 52.72 -9.07
N ILE P 89 -46.87 52.66 -9.78
CA ILE P 89 -46.80 52.15 -11.14
C ILE P 89 -45.75 51.04 -11.16
N CYS P 90 -46.13 49.88 -11.69
CA CYS P 90 -45.25 48.73 -11.76
C CYS P 90 -44.58 48.67 -13.13
N MET P 91 -43.26 48.66 -13.14
CA MET P 91 -42.47 48.59 -14.36
C MET P 91 -41.53 47.39 -14.27
N GLY P 92 -41.59 46.52 -15.27
CA GLY P 92 -40.74 45.36 -15.29
C GLY P 92 -41.27 44.22 -14.45
N GLN P 93 -41.16 44.33 -13.12
CA GLN P 93 -41.65 43.29 -12.24
C GLN P 93 -41.89 43.87 -10.85
N ALA P 94 -42.62 43.10 -10.05
CA ALA P 94 -42.94 43.48 -8.67
C ALA P 94 -42.95 42.21 -7.83
N ALA P 95 -41.99 42.09 -6.93
CA ALA P 95 -41.88 40.92 -6.08
C ALA P 95 -42.80 41.05 -4.87
N SER P 96 -42.60 40.21 -3.86
CA SER P 96 -43.46 40.24 -2.68
C SER P 96 -43.51 41.64 -2.08
N MET P 97 -42.34 42.23 -1.80
CA MET P 97 -42.33 43.57 -1.24
C MET P 97 -42.77 44.60 -2.28
N GLY P 98 -42.30 44.45 -3.51
CA GLY P 98 -42.71 45.37 -4.56
C GLY P 98 -44.21 45.31 -4.79
N ALA P 99 -44.76 44.08 -4.82
CA ALA P 99 -46.20 43.92 -5.00
C ALA P 99 -46.95 44.50 -3.81
N PHE P 100 -46.43 44.29 -2.60
CA PHE P 100 -47.09 44.81 -1.41
C PHE P 100 -47.16 46.33 -1.46
N LEU P 101 -46.07 46.98 -1.85
CA LEU P 101 -46.09 48.43 -1.98
C LEU P 101 -46.93 48.87 -3.17
N LEU P 102 -46.93 48.08 -4.24
CA LEU P 102 -47.72 48.42 -5.42
C LEU P 102 -49.21 48.46 -5.07
N THR P 103 -49.69 47.44 -4.36
CA THR P 103 -51.10 47.41 -3.98
C THR P 103 -51.41 48.39 -2.86
N ALA P 104 -50.39 48.88 -2.16
CA ALA P 104 -50.61 49.83 -1.07
C ALA P 104 -50.90 51.25 -1.56
N GLY P 105 -50.80 51.49 -2.86
CA GLY P 105 -51.06 52.81 -3.38
C GLY P 105 -52.51 53.20 -3.21
N ALA P 106 -52.79 54.48 -3.48
CA ALA P 106 -54.14 55.00 -3.35
C ALA P 106 -55.09 54.25 -4.26
N LYS P 107 -56.28 53.95 -3.74
CA LYS P 107 -57.28 53.23 -4.52
C LYS P 107 -57.58 53.99 -5.80
N GLY P 108 -57.63 53.27 -6.92
CA GLY P 108 -57.90 53.86 -8.21
C GLY P 108 -56.72 54.52 -8.87
N LYS P 109 -55.54 54.50 -8.23
CA LYS P 109 -54.34 55.11 -8.78
C LYS P 109 -53.18 54.12 -8.83
N ARG P 110 -53.47 52.83 -8.87
CA ARG P 110 -52.46 51.78 -8.95
C ARG P 110 -52.46 51.25 -10.37
N PHE P 111 -51.36 51.49 -11.10
CA PHE P 111 -51.25 51.07 -12.48
C PHE P 111 -50.10 50.09 -12.65
N CYS P 112 -50.16 49.34 -13.75
CA CYS P 112 -49.15 48.37 -14.11
C CYS P 112 -49.04 48.31 -15.62
N LEU P 113 -47.81 48.22 -16.11
CA LEU P 113 -47.61 48.17 -17.55
C LEU P 113 -48.12 46.84 -18.10
N PRO P 114 -48.48 46.79 -19.39
CA PRO P 114 -49.03 45.54 -19.94
C PRO P 114 -48.12 44.34 -19.81
N ASN P 115 -46.81 44.50 -19.98
CA ASN P 115 -45.88 43.38 -19.90
C ASN P 115 -45.25 43.22 -18.52
N SER P 116 -45.66 44.02 -17.54
CA SER P 116 -45.10 43.89 -16.20
C SER P 116 -45.59 42.62 -15.53
N ARG P 117 -44.73 42.05 -14.69
CA ARG P 117 -45.06 40.81 -13.95
C ARG P 117 -45.19 41.17 -12.47
N VAL P 118 -45.93 40.37 -11.71
CA VAL P 118 -46.10 40.55 -10.27
C VAL P 118 -46.00 39.19 -9.60
N MET P 119 -45.24 39.12 -8.51
CA MET P 119 -45.04 37.90 -7.76
C MET P 119 -45.36 38.16 -6.29
N ILE P 120 -46.13 37.28 -5.67
CA ILE P 120 -46.52 37.41 -4.28
C ILE P 120 -46.22 36.09 -3.58
N HIS P 121 -45.58 36.16 -2.41
CA HIS P 121 -45.25 34.97 -1.66
C HIS P 121 -45.16 35.33 -0.18
N GLN P 122 -45.19 34.31 0.66
CA GLN P 122 -45.13 34.52 2.10
C GLN P 122 -43.73 34.99 2.51
N PRO P 123 -43.61 35.58 3.70
CA PRO P 123 -42.30 36.06 4.15
C PRO P 123 -41.26 34.95 4.23
N LEU P 124 -40.01 35.34 3.99
CA LEU P 124 -38.87 34.44 4.05
C LEU P 124 -37.98 34.84 5.23
N GLY P 125 -37.40 33.85 5.87
CA GLY P 125 -36.54 34.14 7.01
C GLY P 125 -35.87 32.90 7.53
N GLY P 126 -35.33 33.02 8.73
CA GLY P 126 -34.65 31.92 9.38
C GLY P 126 -33.81 32.39 10.53
N TYR P 127 -33.47 31.46 11.41
CA TYR P 127 -32.66 31.76 12.58
C TYR P 127 -31.94 30.50 13.03
N GLN P 128 -30.76 30.69 13.63
CA GLN P 128 -29.95 29.60 14.14
C GLN P 128 -29.63 29.86 15.60
N GLY P 129 -29.84 28.86 16.44
CA GLY P 129 -29.56 29.02 17.86
C GLY P 129 -30.31 27.99 18.68
N GLN P 130 -30.53 28.33 19.94
CA GLN P 130 -31.24 27.45 20.85
C GLN P 130 -32.70 27.29 20.42
N ALA P 131 -33.32 26.22 20.91
CA ALA P 131 -34.71 25.97 20.57
C ALA P 131 -35.61 27.10 21.07
N THR P 132 -35.33 27.62 22.27
CA THR P 132 -36.14 28.71 22.79
C THR P 132 -36.07 29.93 21.88
N ASP P 133 -34.87 30.26 21.40
CA ASP P 133 -34.75 31.40 20.50
C ASP P 133 -35.46 31.14 19.17
N ILE P 134 -35.38 29.91 18.66
CA ILE P 134 -36.04 29.59 17.40
C ILE P 134 -37.54 29.80 17.51
N GLU P 135 -38.13 29.38 18.63
CA GLU P 135 -39.57 29.57 18.82
C GLU P 135 -39.93 31.05 18.81
N ILE P 136 -39.12 31.88 19.45
CA ILE P 136 -39.39 33.32 19.48
C ILE P 136 -39.36 33.89 18.08
N HIS P 137 -38.31 33.58 17.32
CA HIS P 137 -38.21 34.09 15.96
C HIS P 137 -39.27 33.48 15.05
N ALA P 138 -39.59 32.20 15.26
CA ALA P 138 -40.61 31.56 14.44
C ALA P 138 -41.96 32.26 14.63
N ARG P 139 -42.30 32.59 15.88
CA ARG P 139 -43.55 33.29 16.14
C ARG P 139 -43.55 34.69 15.52
N GLU P 140 -42.40 35.38 15.59
CA GLU P 140 -42.32 36.73 15.04
C GLU P 140 -42.59 36.74 13.54
N ILE P 141 -41.94 35.85 12.79
CA ILE P 141 -42.14 35.81 11.35
C ILE P 141 -43.58 35.42 11.04
N LEU P 142 -44.17 34.52 11.84
CA LEU P 142 -45.55 34.14 11.61
C LEU P 142 -46.47 35.34 11.79
N LYS P 143 -46.21 36.17 12.79
CA LYS P 143 -47.02 37.37 12.98
C LYS P 143 -46.88 38.29 11.78
N VAL P 144 -45.65 38.45 11.28
CA VAL P 144 -45.43 39.29 10.11
C VAL P 144 -46.21 38.74 8.92
N LYS P 145 -46.20 37.41 8.76
CA LYS P 145 -46.95 36.79 7.66
C LYS P 145 -48.44 37.10 7.79
N GLY P 146 -48.98 36.98 9.00
CA GLY P 146 -50.39 37.29 9.19
C GLY P 146 -50.68 38.76 8.95
N ARG P 147 -49.83 39.64 9.47
CA ARG P 147 -50.03 41.07 9.27
C ARG P 147 -49.97 41.43 7.78
N MET P 148 -49.01 40.84 7.06
CA MET P 148 -48.89 41.13 5.64
C MET P 148 -50.13 40.65 4.88
N ASN P 149 -50.65 39.48 5.24
CA ASN P 149 -51.85 38.97 4.57
C ASN P 149 -53.04 39.88 4.80
N GLU P 150 -53.21 40.37 6.05
CA GLU P 150 -54.33 41.24 6.34
C GLU P 150 -54.26 42.51 5.51
N LEU P 151 -53.08 43.12 5.40
CA LEU P 151 -52.94 44.33 4.61
C LEU P 151 -53.20 44.06 3.14
N MET P 152 -52.70 42.93 2.63
CA MET P 152 -52.94 42.60 1.23
C MET P 152 -54.43 42.46 0.95
N ALA P 153 -55.16 41.80 1.85
CA ALA P 153 -56.60 41.63 1.67
C ALA P 153 -57.30 42.98 1.72
N LEU P 154 -56.85 43.87 2.61
CA LEU P 154 -57.49 45.18 2.74
C LEU P 154 -57.36 45.98 1.45
N HIS P 155 -56.18 45.98 0.84
CA HIS P 155 -55.97 46.75 -0.38
C HIS P 155 -56.49 46.01 -1.61
N THR P 156 -56.24 44.70 -1.68
CA THR P 156 -56.69 43.92 -2.83
C THR P 156 -58.19 43.65 -2.80
N GLY P 157 -58.82 43.70 -1.63
CA GLY P 157 -60.23 43.43 -1.53
C GLY P 157 -60.58 41.96 -1.43
N GLN P 158 -59.59 41.07 -1.54
CA GLN P 158 -59.84 39.65 -1.47
C GLN P 158 -60.00 39.23 0.00
N SER P 159 -60.56 38.03 0.18
CA SER P 159 -60.75 37.49 1.53
C SER P 159 -59.41 37.07 2.10
N LEU P 160 -59.28 37.22 3.43
CA LEU P 160 -58.03 36.84 4.08
C LEU P 160 -57.68 35.39 3.79
N GLU P 161 -58.68 34.51 3.76
CA GLU P 161 -58.43 33.10 3.47
C GLU P 161 -57.86 32.92 2.08
N GLN P 162 -58.41 33.64 1.10
CA GLN P 162 -57.91 33.51 -0.28
C GLN P 162 -56.46 33.98 -0.39
N ILE P 163 -56.12 35.08 0.29
CA ILE P 163 -54.74 35.58 0.24
C ILE P 163 -53.78 34.56 0.81
N GLU P 164 -54.15 33.94 1.93
CA GLU P 164 -53.27 32.95 2.55
C GLU P 164 -53.01 31.78 1.60
N ARG P 165 -54.06 31.28 0.94
CA ARG P 165 -53.88 30.16 0.03
C ARG P 165 -52.99 30.54 -1.16
N ASP P 166 -53.18 31.75 -1.70
CA ASP P 166 -52.39 32.18 -2.85
C ASP P 166 -50.95 32.53 -2.47
N THR P 167 -50.73 32.94 -1.23
CA THR P 167 -49.39 33.32 -0.77
C THR P 167 -48.59 32.15 -0.22
N GLU P 168 -49.17 30.95 -0.11
CA GLU P 168 -48.41 29.82 0.42
C GLU P 168 -47.20 29.53 -0.45
N ARG P 169 -47.32 29.74 -1.76
CA ARG P 169 -46.20 29.50 -2.71
C ARG P 169 -46.13 30.67 -3.70
N ASP P 170 -44.96 30.93 -4.27
CA ASP P 170 -44.79 31.99 -5.25
C ASP P 170 -45.88 31.94 -6.30
N ARG P 171 -46.57 33.05 -6.49
CA ARG P 171 -47.64 33.17 -7.46
C ARG P 171 -47.33 34.32 -8.40
N PHE P 172 -47.27 34.03 -9.70
CA PHE P 172 -46.97 35.03 -10.72
C PHE P 172 -48.26 35.50 -11.37
N LEU P 173 -48.43 36.80 -11.46
CA LEU P 173 -49.62 37.40 -12.06
C LEU P 173 -49.19 38.45 -13.07
N SER P 174 -49.80 38.43 -14.24
CA SER P 174 -49.51 39.41 -15.27
C SER P 174 -50.36 40.65 -15.04
N ALA P 175 -50.23 41.63 -15.92
CA ALA P 175 -51.04 42.85 -15.75
C ALA P 175 -52.52 42.56 -15.76
N PRO P 176 -53.08 41.84 -16.74
CA PRO P 176 -54.53 41.55 -16.69
C PRO P 176 -54.93 40.77 -15.45
N GLU P 177 -54.10 39.82 -15.01
CA GLU P 177 -54.43 39.03 -13.83
C GLU P 177 -54.42 39.89 -12.58
N ALA P 178 -53.48 40.83 -12.48
CA ALA P 178 -53.43 41.70 -11.30
C ALA P 178 -54.69 42.55 -11.19
N VAL P 179 -55.19 43.03 -12.32
CA VAL P 179 -56.42 43.84 -12.30
C VAL P 179 -57.58 43.02 -11.77
N GLU P 180 -57.74 41.80 -12.28
CA GLU P 180 -58.83 40.95 -11.82
C GLU P 180 -58.65 40.54 -10.37
N TYR P 181 -57.40 40.40 -9.92
CA TYR P 181 -57.11 40.01 -8.55
C TYR P 181 -57.20 41.17 -7.57
N GLY P 182 -57.43 42.39 -8.05
CA GLY P 182 -57.52 43.55 -7.20
C GLY P 182 -56.19 44.12 -6.76
N LEU P 183 -55.08 43.56 -7.24
CA LEU P 183 -53.77 44.07 -6.85
C LEU P 183 -53.51 45.45 -7.44
N VAL P 184 -54.04 45.72 -8.63
CA VAL P 184 -53.89 47.00 -9.31
C VAL P 184 -55.27 47.49 -9.72
N ASP P 185 -55.31 48.65 -10.38
CA ASP P 185 -56.55 49.26 -10.83
C ASP P 185 -56.74 49.20 -12.33
N SER P 186 -55.74 49.63 -13.11
CA SER P 186 -55.85 49.61 -14.56
C SER P 186 -54.46 49.36 -15.15
N ILE P 187 -54.39 49.42 -16.49
CA ILE P 187 -53.15 49.20 -17.22
C ILE P 187 -52.90 50.41 -18.11
N LEU P 188 -51.62 50.76 -18.27
CA LEU P 188 -51.19 51.89 -19.08
C LEU P 188 -50.56 51.34 -20.35
N THR P 189 -51.34 51.30 -21.43
CA THR P 189 -50.85 50.81 -22.71
C THR P 189 -50.27 51.94 -23.55
N HIS P 190 -51.05 52.97 -23.81
CA HIS P 190 -50.63 54.13 -24.59
C HIS P 190 -51.12 55.40 -23.91
N ARG P 191 -50.42 56.50 -24.19
CA ARG P 191 -50.78 57.82 -23.60
C ARG P 191 -51.96 58.40 -24.38
N ASN P 192 -53.03 58.79 -23.69
CA ASN P 192 -54.22 59.36 -24.30
C ASN P 192 -54.17 60.88 -24.27
N LEU Q 1 -27.32 56.61 -4.86
CA LEU Q 1 -27.44 57.99 -5.33
C LEU Q 1 -28.36 58.78 -4.42
N VAL Q 2 -28.00 60.03 -4.17
CA VAL Q 2 -28.76 60.94 -3.30
C VAL Q 2 -29.38 62.01 -4.17
N PRO Q 3 -30.71 62.08 -4.29
CA PRO Q 3 -31.32 63.13 -5.12
C PRO Q 3 -31.05 64.51 -4.56
N MET Q 4 -31.03 65.49 -5.46
CA MET Q 4 -30.78 66.88 -5.13
C MET Q 4 -32.11 67.65 -5.18
N VAL Q 5 -32.37 68.44 -4.13
CA VAL Q 5 -33.59 69.22 -4.05
C VAL Q 5 -33.23 70.71 -4.14
N ILE Q 6 -34.25 71.54 -4.32
CA ILE Q 6 -34.08 72.98 -4.43
C ILE Q 6 -34.98 73.65 -3.41
N GLU Q 7 -34.44 74.65 -2.72
CA GLU Q 7 -35.18 75.41 -1.72
C GLU Q 7 -35.40 76.82 -2.26
N GLN Q 8 -36.66 77.23 -2.35
CA GLN Q 8 -37.03 78.55 -2.86
C GLN Q 8 -37.14 79.51 -1.69
N THR Q 9 -36.11 80.32 -1.49
CA THR Q 9 -36.07 81.31 -0.42
C THR Q 9 -36.03 82.71 -1.01
N SER Q 10 -36.37 83.69 -0.18
CA SER Q 10 -36.35 85.07 -0.63
C SER Q 10 -34.97 85.47 -1.13
N ARG Q 11 -33.91 84.95 -0.51
CA ARG Q 11 -32.56 85.27 -0.95
C ARG Q 11 -32.29 84.70 -2.34
N GLY Q 12 -32.77 83.50 -2.61
CA GLY Q 12 -32.57 82.88 -3.90
C GLY Q 12 -32.60 81.37 -3.79
N GLU Q 13 -32.45 80.72 -4.94
CA GLU Q 13 -32.45 79.27 -4.98
C GLU Q 13 -31.21 78.73 -4.29
N ARG Q 14 -31.33 77.51 -3.77
CA ARG Q 14 -30.23 76.87 -3.06
C ARG Q 14 -30.28 75.37 -3.31
N SER Q 15 -29.18 74.80 -3.80
CA SER Q 15 -29.12 73.36 -4.07
C SER Q 15 -28.88 72.62 -2.76
N PHE Q 16 -29.72 71.63 -2.48
CA PHE Q 16 -29.61 70.86 -1.25
C PHE Q 16 -29.81 69.38 -1.53
N ASP Q 17 -29.27 68.56 -0.64
CA ASP Q 17 -29.42 67.12 -0.73
C ASP Q 17 -30.69 66.71 0.00
N ILE Q 18 -31.21 65.54 -0.34
CA ILE Q 18 -32.44 65.09 0.30
C ILE Q 18 -32.24 65.00 1.81
N TYR Q 19 -31.09 64.47 2.24
CA TYR Q 19 -30.83 64.38 3.68
C TYR Q 19 -30.47 65.75 4.25
N SER Q 20 -29.67 66.53 3.53
CA SER Q 20 -29.30 67.85 4.01
C SER Q 20 -30.53 68.75 4.13
N ARG Q 21 -31.43 68.68 3.16
CA ARG Q 21 -32.63 69.50 3.20
C ARG Q 21 -33.45 69.20 4.45
N LEU Q 22 -33.63 67.92 4.76
CA LEU Q 22 -34.38 67.55 5.95
C LEU Q 22 -33.65 67.99 7.21
N LEU Q 23 -32.32 67.95 7.19
CA LEU Q 23 -31.55 68.38 8.35
C LEU Q 23 -31.86 69.84 8.67
N LYS Q 24 -32.05 70.66 7.63
CA LYS Q 24 -32.39 72.06 7.85
C LYS Q 24 -33.71 72.20 8.57
N GLU Q 25 -34.56 71.17 8.53
CA GLU Q 25 -35.86 71.17 9.20
C GLU Q 25 -35.80 70.46 10.54
N ARG Q 26 -34.60 70.25 11.09
CA ARG Q 26 -34.40 69.58 12.38
C ARG Q 26 -34.85 68.12 12.31
N VAL Q 27 -34.37 67.40 11.30
CA VAL Q 27 -34.68 66.00 11.10
C VAL Q 27 -33.37 65.25 10.91
N ILE Q 28 -33.16 64.21 11.70
CA ILE Q 28 -31.95 63.40 11.66
C ILE Q 28 -32.35 61.96 11.37
N PHE Q 29 -31.56 61.29 10.54
CA PHE Q 29 -31.79 59.91 10.15
C PHE Q 29 -30.75 59.01 10.81
N LEU Q 30 -31.21 57.91 11.39
CA LEU Q 30 -30.36 56.92 12.05
C LEU Q 30 -30.65 55.60 11.35
N THR Q 31 -29.92 55.33 10.27
CA THR Q 31 -30.11 54.12 9.48
C THR Q 31 -28.85 53.26 9.50
N GLY Q 32 -29.05 51.95 9.41
CA GLY Q 32 -27.94 51.01 9.41
C GLY Q 32 -27.46 50.66 10.80
N GLN Q 33 -26.44 49.81 10.84
CA GLN Q 33 -25.87 49.42 12.12
C GLN Q 33 -25.28 50.63 12.83
N VAL Q 34 -25.40 50.64 14.16
CA VAL Q 34 -24.90 51.74 14.97
C VAL Q 34 -23.40 51.50 15.18
N GLU Q 35 -22.58 52.28 14.48
CA GLU Q 35 -21.12 52.22 14.57
C GLU Q 35 -20.60 53.56 15.10
N ASP Q 36 -19.28 53.67 15.19
CA ASP Q 36 -18.68 54.90 15.71
C ASP Q 36 -18.79 56.04 14.71
N HIS Q 37 -18.52 55.79 13.43
CA HIS Q 37 -18.56 56.85 12.45
C HIS Q 37 -19.98 57.41 12.28
N MET Q 38 -20.96 56.53 12.03
CA MET Q 38 -22.32 57.01 11.87
C MET Q 38 -22.82 57.67 13.15
N ALA Q 39 -22.54 57.06 14.30
CA ALA Q 39 -22.97 57.65 15.56
C ALA Q 39 -22.32 59.01 15.78
N ASN Q 40 -21.03 59.12 15.48
CA ASN Q 40 -20.35 60.41 15.63
C ASN Q 40 -20.96 61.44 14.70
N LEU Q 41 -21.38 61.03 13.51
CA LEU Q 41 -22.00 61.96 12.58
C LEU Q 41 -23.31 62.50 13.15
N ILE Q 42 -24.09 61.63 13.78
CA ILE Q 42 -25.36 62.06 14.38
C ILE Q 42 -25.11 63.05 15.50
N VAL Q 43 -24.07 62.81 16.30
CA VAL Q 43 -23.77 63.71 17.41
C VAL Q 43 -23.52 65.12 16.89
N ALA Q 44 -22.77 65.24 15.80
CA ALA Q 44 -22.49 66.55 15.23
C ALA Q 44 -23.78 67.24 14.80
N GLN Q 45 -24.69 66.50 14.18
CA GLN Q 45 -25.95 67.10 13.73
C GLN Q 45 -26.74 67.63 14.92
N MET Q 46 -26.80 66.86 16.02
CA MET Q 46 -27.53 67.31 17.19
C MET Q 46 -26.94 68.60 17.75
N LEU Q 47 -25.61 68.67 17.84
CA LEU Q 47 -24.98 69.88 18.35
C LEU Q 47 -25.25 71.06 17.43
N PHE Q 48 -25.18 70.85 16.12
CA PHE Q 48 -25.43 71.93 15.18
C PHE Q 48 -26.87 72.44 15.30
N LEU Q 49 -27.82 71.52 15.40
CA LEU Q 49 -29.22 71.92 15.52
C LEU Q 49 -29.46 72.69 16.82
N GLU Q 50 -28.82 72.27 17.91
CA GLU Q 50 -29.00 72.96 19.18
C GLU Q 50 -28.54 74.41 19.08
N ALA Q 51 -27.39 74.64 18.46
CA ALA Q 51 -26.88 76.01 18.32
C ALA Q 51 -27.83 76.86 17.49
N GLU Q 52 -28.35 76.30 16.39
CA GLU Q 52 -29.25 77.07 15.54
C GLU Q 52 -30.50 77.49 16.30
N ASN Q 53 -31.08 76.59 17.07
CA ASN Q 53 -32.28 76.89 17.83
C ASN Q 53 -32.41 75.93 19.00
N PRO Q 54 -31.92 76.28 20.19
CA PRO Q 54 -32.02 75.37 21.34
C PRO Q 54 -33.42 75.22 21.92
N GLU Q 55 -34.44 75.78 21.27
CA GLU Q 55 -35.80 75.67 21.76
C GLU Q 55 -36.71 74.81 20.89
N LYS Q 56 -36.36 74.57 19.63
CA LYS Q 56 -37.18 73.76 18.75
C LYS Q 56 -36.82 72.29 18.90
N ASP Q 57 -37.84 71.43 18.89
CA ASP Q 57 -37.63 70.00 19.04
C ASP Q 57 -36.86 69.44 17.85
N ILE Q 58 -36.16 68.34 18.10
CA ILE Q 58 -35.37 67.64 17.09
C ILE Q 58 -36.01 66.29 16.82
N TYR Q 59 -36.16 65.95 15.56
CA TYR Q 59 -36.75 64.69 15.14
C TYR Q 59 -35.66 63.73 14.71
N LEU Q 60 -35.71 62.51 15.23
CA LEU Q 60 -34.72 61.48 14.94
C LEU Q 60 -35.43 60.21 14.49
N TYR Q 61 -35.43 59.96 13.19
CA TYR Q 61 -36.06 58.75 12.66
C TYR Q 61 -35.11 57.58 12.88
N ILE Q 62 -35.61 56.51 13.48
CA ILE Q 62 -34.80 55.34 13.80
C ILE Q 62 -35.27 54.17 12.95
N ASN Q 63 -34.34 53.62 12.16
CA ASN Q 63 -34.57 52.43 11.34
C ASN Q 63 -33.21 51.74 11.24
N SER Q 64 -32.96 50.83 12.16
CA SER Q 64 -31.65 50.18 12.19
C SER Q 64 -31.77 48.83 12.87
N PRO Q 65 -30.91 47.87 12.53
CA PRO Q 65 -30.97 46.57 13.20
C PRO Q 65 -30.09 46.52 14.44
N GLY Q 66 -29.69 47.69 14.95
CA GLY Q 66 -28.83 47.76 16.10
C GLY Q 66 -27.35 47.77 15.73
N GLY Q 67 -26.52 47.89 16.76
CA GLY Q 67 -25.08 47.90 16.53
C GLY Q 67 -24.26 47.99 17.80
N VAL Q 68 -23.11 48.66 17.71
CA VAL Q 68 -22.23 48.79 18.86
C VAL Q 68 -22.95 49.53 19.97
N ILE Q 69 -22.63 49.19 21.22
CA ILE Q 69 -23.25 49.83 22.36
C ILE Q 69 -22.59 51.15 22.68
N THR Q 70 -21.26 51.19 22.71
CA THR Q 70 -20.55 52.43 23.01
C THR Q 70 -20.98 53.54 22.06
N ALA Q 71 -21.15 53.21 20.79
CA ALA Q 71 -21.58 54.22 19.83
C ALA Q 71 -22.97 54.74 20.19
N GLY Q 72 -23.87 53.86 20.60
CA GLY Q 72 -25.21 54.28 20.97
C GLY Q 72 -25.22 55.16 22.21
N MET Q 73 -24.36 54.86 23.18
CA MET Q 73 -24.32 55.66 24.40
C MET Q 73 -23.99 57.11 24.08
N SER Q 74 -23.09 57.34 23.12
CA SER Q 74 -22.76 58.72 22.76
C SER Q 74 -23.99 59.45 22.26
N ILE Q 75 -24.80 58.79 21.42
CA ILE Q 75 -26.03 59.41 20.94
C ILE Q 75 -27.00 59.63 22.09
N TYR Q 76 -27.16 58.61 22.95
CA TYR Q 76 -28.07 58.73 24.08
C TYR Q 76 -27.63 59.86 25.01
N ASP Q 77 -26.34 59.93 25.32
CA ASP Q 77 -25.85 60.98 26.19
C ASP Q 77 -26.06 62.36 25.57
N THR Q 78 -25.79 62.49 24.27
CA THR Q 78 -25.97 63.78 23.61
C THR Q 78 -27.43 64.20 23.65
N MET Q 79 -28.35 63.25 23.43
CA MET Q 79 -29.77 63.58 23.46
C MET Q 79 -30.18 64.12 24.83
N GLN Q 80 -29.69 63.49 25.90
CA GLN Q 80 -30.03 63.92 27.24
C GLN Q 80 -29.28 65.18 27.67
N PHE Q 81 -28.25 65.58 26.91
CA PHE Q 81 -27.49 66.77 27.25
C PHE Q 81 -28.03 68.03 26.59
N ILE Q 82 -28.41 67.95 25.31
CA ILE Q 82 -28.92 69.12 24.61
C ILE Q 82 -30.31 69.49 25.13
N LYS Q 83 -30.55 70.78 25.29
CA LYS Q 83 -31.84 71.26 25.77
C LYS Q 83 -32.99 70.86 24.87
N PRO Q 84 -32.90 70.96 23.54
CA PRO Q 84 -34.04 70.59 22.70
C PRO Q 84 -34.48 69.16 22.94
N ASP Q 85 -35.80 68.96 22.90
CA ASP Q 85 -36.37 67.64 23.08
C ASP Q 85 -36.20 66.85 21.79
N VAL Q 86 -35.59 65.68 21.88
CA VAL Q 86 -35.33 64.83 20.73
C VAL Q 86 -36.52 63.88 20.58
N SER Q 87 -37.35 64.13 19.57
CA SER Q 87 -38.51 63.28 19.29
C SER Q 87 -38.05 62.12 18.42
N THR Q 88 -38.15 60.91 18.96
CA THR Q 88 -37.73 59.72 18.26
C THR Q 88 -38.92 59.05 17.58
N ILE Q 89 -38.76 58.73 16.30
CA ILE Q 89 -39.79 58.06 15.50
C ILE Q 89 -39.19 56.77 14.96
N CYS Q 90 -39.93 55.67 15.14
CA CYS Q 90 -39.48 54.35 14.69
C CYS Q 90 -40.10 54.04 13.34
N MET Q 91 -39.25 53.75 12.35
CA MET Q 91 -39.67 53.40 11.01
C MET Q 91 -39.07 52.06 10.64
N GLY Q 92 -39.93 51.11 10.27
CA GLY Q 92 -39.46 49.80 9.90
C GLY Q 92 -39.21 48.89 11.08
N GLN Q 93 -38.11 49.12 11.79
CA GLN Q 93 -37.78 48.30 12.95
C GLN Q 93 -36.84 49.06 13.87
N ALA Q 94 -36.74 48.57 15.11
CA ALA Q 94 -35.88 49.14 16.13
C ALA Q 94 -35.29 47.99 16.94
N ALA Q 95 -33.99 47.75 16.79
CA ALA Q 95 -33.33 46.68 17.50
C ALA Q 95 -32.99 47.11 18.93
N SER Q 96 -32.14 46.35 19.60
CA SER Q 96 -31.76 46.67 20.98
C SER Q 96 -31.26 48.11 21.09
N MET Q 97 -30.25 48.46 20.27
CA MET Q 97 -29.75 49.82 20.32
C MET Q 97 -30.77 50.80 19.76
N GLY Q 98 -31.43 50.43 18.65
CA GLY Q 98 -32.45 51.29 18.10
C GLY Q 98 -33.58 51.52 19.07
N ALA Q 99 -34.02 50.45 19.75
CA ALA Q 99 -35.08 50.56 20.73
C ALA Q 99 -34.63 51.38 21.93
N PHE Q 100 -33.37 51.20 22.35
CA PHE Q 100 -32.86 51.97 23.48
C PHE Q 100 -32.88 53.46 23.17
N LEU Q 101 -32.44 53.84 21.97
CA LEU Q 101 -32.48 55.25 21.59
C LEU Q 101 -33.91 55.71 21.36
N LEU Q 102 -34.76 54.83 20.84
CA LEU Q 102 -36.15 55.19 20.61
C LEU Q 102 -36.84 55.57 21.91
N THR Q 103 -36.65 54.76 22.95
CA THR Q 103 -37.26 55.05 24.24
C THR Q 103 -36.55 56.18 24.97
N ALA Q 104 -35.35 56.54 24.54
CA ALA Q 104 -34.60 57.61 25.19
C ALA Q 104 -35.10 59.00 24.80
N GLY Q 105 -36.02 59.11 23.85
CA GLY Q 105 -36.53 60.39 23.43
C GLY Q 105 -37.31 61.08 24.54
N ALA Q 106 -37.62 62.34 24.30
CA ALA Q 106 -38.37 63.13 25.27
C ALA Q 106 -39.71 62.49 25.56
N LYS Q 107 -40.10 62.49 26.83
CA LYS Q 107 -41.36 61.90 27.24
C LYS Q 107 -42.51 62.55 26.48
N GLY Q 108 -43.42 61.74 25.96
CA GLY Q 108 -44.56 62.23 25.22
C GLY Q 108 -44.28 62.57 23.78
N LYS Q 109 -43.04 62.40 23.32
CA LYS Q 109 -42.68 62.70 21.94
C LYS Q 109 -42.03 61.50 21.25
N ARG Q 110 -42.30 60.29 21.73
CA ARG Q 110 -41.76 59.07 21.15
C ARG Q 110 -42.88 58.41 20.37
N PHE Q 111 -42.72 58.33 19.05
CA PHE Q 111 -43.74 57.77 18.17
C PHE Q 111 -43.18 56.56 17.42
N CYS Q 112 -44.11 55.73 16.94
CA CYS Q 112 -43.78 54.54 16.19
C CYS Q 112 -44.88 54.30 15.17
N LEU Q 113 -44.49 53.94 13.95
CA LEU Q 113 -45.46 53.70 12.91
C LEU Q 113 -46.27 52.45 13.23
N PRO Q 114 -47.49 52.33 12.71
CA PRO Q 114 -48.32 51.16 13.03
C PRO Q 114 -47.70 49.82 12.70
N ASN Q 115 -46.99 49.71 11.58
CA ASN Q 115 -46.38 48.45 11.18
C ASN Q 115 -44.93 48.31 11.62
N SER Q 116 -44.40 49.26 12.38
CA SER Q 116 -43.02 49.15 12.84
C SER Q 116 -42.89 48.07 13.90
N ARG Q 117 -41.72 47.44 13.92
CA ARG Q 117 -41.43 46.38 14.91
C ARG Q 117 -40.36 46.91 15.87
N VAL Q 118 -40.31 46.37 17.08
CA VAL Q 118 -39.32 46.73 18.09
C VAL Q 118 -38.81 45.46 18.73
N MET Q 119 -37.48 45.35 18.85
CA MET Q 119 -36.83 44.19 19.45
C MET Q 119 -35.89 44.68 20.54
N ILE Q 120 -35.96 44.04 21.71
CA ILE Q 120 -35.12 44.38 22.85
C ILE Q 120 -34.46 43.11 23.35
N HIS Q 121 -33.16 43.17 23.61
CA HIS Q 121 -32.41 42.03 24.10
C HIS Q 121 -31.21 42.52 24.88
N GLN Q 122 -30.63 41.61 25.66
CA GLN Q 122 -29.47 41.94 26.47
C GLN Q 122 -28.23 42.15 25.60
N PRO Q 123 -27.21 42.81 26.14
CA PRO Q 123 -26.00 43.07 25.35
C PRO Q 123 -25.33 41.79 24.86
N LEU Q 124 -24.69 41.89 23.70
CA LEU Q 124 -23.96 40.79 23.08
C LEU Q 124 -22.48 41.12 23.09
N GLY Q 125 -21.66 40.10 23.30
CA GLY Q 125 -20.23 40.32 23.34
C GLY Q 125 -19.47 39.02 23.51
N GLY Q 126 -18.17 39.15 23.70
CA GLY Q 126 -17.31 38.01 23.89
C GLY Q 126 -15.84 38.39 23.91
N TYR Q 127 -15.00 37.51 24.42
CA TYR Q 127 -13.57 37.78 24.50
C TYR Q 127 -12.81 36.47 24.51
N GLN Q 128 -11.60 36.51 23.96
CA GLN Q 128 -10.71 35.35 23.89
C GLN Q 128 -9.39 35.72 24.53
N GLY Q 129 -8.94 34.91 25.49
CA GLY Q 129 -7.69 35.18 26.15
C GLY Q 129 -7.59 34.38 27.44
N GLN Q 130 -6.73 34.87 28.33
CA GLN Q 130 -6.52 34.21 29.61
C GLN Q 130 -7.77 34.33 30.48
N ALA Q 131 -7.86 33.45 31.48
CA ALA Q 131 -9.00 33.46 32.38
C ALA Q 131 -9.13 34.79 33.10
N THR Q 132 -7.99 35.37 33.50
CA THR Q 132 -8.03 36.66 34.19
C THR Q 132 -8.66 37.72 33.31
N ASP Q 133 -8.27 37.77 32.04
CA ASP Q 133 -8.84 38.76 31.13
C ASP Q 133 -10.32 38.49 30.88
N ILE Q 134 -10.70 37.22 30.77
CA ILE Q 134 -12.10 36.88 30.53
C ILE Q 134 -12.96 37.40 31.67
N GLU Q 135 -12.51 37.25 32.91
CA GLU Q 135 -13.27 37.74 34.04
C GLU Q 135 -13.47 39.25 33.96
N ILE Q 136 -12.41 39.98 33.60
CA ILE Q 136 -12.52 41.44 33.50
C ILE Q 136 -13.54 41.82 32.45
N HIS Q 137 -13.45 41.21 31.27
CA HIS Q 137 -14.41 41.53 30.21
C HIS Q 137 -15.80 41.05 30.57
N ALA Q 138 -15.91 39.90 31.23
CA ALA Q 138 -17.22 39.41 31.63
C ALA Q 138 -17.90 40.38 32.58
N ARG Q 139 -17.14 40.91 33.54
CA ARG Q 139 -17.71 41.88 34.48
C ARG Q 139 -18.10 43.17 33.77
N GLU Q 140 -17.29 43.61 32.81
CA GLU Q 140 -17.59 44.85 32.10
C GLU Q 140 -18.90 44.76 31.34
N ILE Q 141 -19.11 43.67 30.59
CA ILE Q 141 -20.35 43.54 29.83
C ILE Q 141 -21.53 43.41 30.78
N LEU Q 142 -21.34 42.75 31.92
CA LEU Q 142 -22.42 42.63 32.89
C LEU Q 142 -22.83 44.00 33.42
N LYS Q 143 -21.85 44.87 33.69
CA LYS Q 143 -22.17 46.21 34.16
C LYS Q 143 -22.94 46.97 33.09
N VAL Q 144 -22.54 46.83 31.83
CA VAL Q 144 -23.25 47.49 30.74
C VAL Q 144 -24.69 46.99 30.68
N LYS Q 145 -24.87 45.67 30.83
CA LYS Q 145 -26.22 45.11 30.83
C LYS Q 145 -27.05 45.71 31.95
N GLY Q 146 -26.48 45.81 33.14
CA GLY Q 146 -27.22 46.39 34.26
C GLY Q 146 -27.52 47.86 34.01
N ARG Q 147 -26.54 48.61 33.51
CA ARG Q 147 -26.76 50.03 33.23
C ARG Q 147 -27.83 50.21 32.17
N MET Q 148 -27.80 49.38 31.11
CA MET Q 148 -28.81 49.49 30.06
C MET Q 148 -30.20 49.20 30.61
N ASN Q 149 -30.33 48.18 31.47
CA ASN Q 149 -31.63 47.85 32.03
C ASN Q 149 -32.17 49.00 32.88
N GLU Q 150 -31.31 49.63 33.69
CA GLU Q 150 -31.75 50.73 34.52
C GLU Q 150 -32.28 51.87 33.67
N LEU Q 151 -31.56 52.23 32.60
CA LEU Q 151 -32.03 53.31 31.73
C LEU Q 151 -33.33 52.93 31.05
N MET Q 152 -33.46 51.69 30.59
CA MET Q 152 -34.70 51.26 29.95
C MET Q 152 -35.88 51.38 30.91
N ALA Q 153 -35.68 50.96 32.16
CA ALA Q 153 -36.76 51.05 33.14
C ALA Q 153 -37.11 52.51 33.41
N LEU Q 154 -36.11 53.38 33.47
CA LEU Q 154 -36.36 54.80 33.73
C LEU Q 154 -37.24 55.41 32.64
N HIS Q 155 -36.88 55.19 31.38
CA HIS Q 155 -37.64 55.76 30.28
C HIS Q 155 -38.95 55.02 30.06
N THR Q 156 -38.93 53.69 30.12
CA THR Q 156 -40.14 52.90 29.91
C THR Q 156 -41.08 52.95 31.09
N GLY Q 157 -40.57 53.21 32.30
CA GLY Q 157 -41.38 53.24 33.49
C GLY Q 157 -41.62 51.90 34.13
N GLN Q 158 -41.16 50.82 33.51
CA GLN Q 158 -41.33 49.49 34.07
C GLN Q 158 -40.34 49.26 35.20
N SER Q 159 -40.59 48.23 35.99
CA SER Q 159 -39.71 47.89 37.09
C SER Q 159 -38.43 47.27 36.55
N LEU Q 160 -37.33 47.49 37.28
CA LEU Q 160 -36.05 46.94 36.84
C LEU Q 160 -36.13 45.42 36.71
N GLU Q 161 -36.84 44.77 37.64
CA GLU Q 161 -36.97 43.32 37.57
C GLU Q 161 -37.68 42.89 36.29
N GLN Q 162 -38.75 43.60 35.92
CA GLN Q 162 -39.49 43.24 34.72
C GLN Q 162 -38.62 43.39 33.47
N ILE Q 163 -37.82 44.46 33.41
CA ILE Q 163 -36.96 44.67 32.25
C ILE Q 163 -35.95 43.53 32.12
N GLU Q 164 -35.35 43.11 33.24
CA GLU Q 164 -34.38 42.03 33.19
C GLU Q 164 -35.00 40.75 32.65
N ARG Q 165 -36.20 40.40 33.14
CA ARG Q 165 -36.85 39.19 32.66
C ARG Q 165 -37.18 39.26 31.18
N ASP Q 166 -37.65 40.43 30.71
CA ASP Q 166 -38.00 40.58 29.31
C ASP Q 166 -36.78 40.68 28.41
N THR Q 167 -35.66 41.17 28.93
CA THR Q 167 -34.45 41.32 28.13
C THR Q 167 -33.56 40.09 28.13
N GLU Q 168 -33.91 39.04 28.88
CA GLU Q 168 -33.07 37.84 28.88
C GLU Q 168 -32.96 37.24 27.49
N ARG Q 169 -34.06 37.29 26.73
CA ARG Q 169 -34.07 36.74 25.35
C ARG Q 169 -34.73 37.78 24.42
N ASP Q 170 -34.41 37.76 23.14
CA ASP Q 170 -35.00 38.67 22.16
C ASP Q 170 -36.51 38.71 22.33
N ARG Q 171 -37.04 39.93 22.47
CA ARG Q 171 -38.47 40.15 22.62
C ARG Q 171 -38.94 41.11 21.55
N PHE Q 172 -39.90 40.66 20.74
CA PHE Q 172 -40.45 41.47 19.65
C PHE Q 172 -41.75 42.11 20.11
N LEU Q 173 -41.86 43.41 19.89
CA LEU Q 173 -43.05 44.17 20.27
C LEU Q 173 -43.49 45.01 19.09
N SER Q 174 -44.79 44.97 18.80
CA SER Q 174 -45.35 45.77 17.71
C SER Q 174 -45.66 47.16 18.23
N ALA Q 175 -46.19 48.01 17.35
CA ALA Q 175 -46.51 49.38 17.78
C ALA Q 175 -47.49 49.39 18.94
N PRO Q 176 -48.63 48.69 18.89
CA PRO Q 176 -49.53 48.71 20.05
C PRO Q 176 -48.89 48.16 21.31
N GLU Q 177 -48.06 47.12 21.18
CA GLU Q 177 -47.40 46.54 22.34
C GLU Q 177 -46.39 47.50 22.95
N ALA Q 178 -45.66 48.24 22.10
CA ALA Q 178 -44.68 49.20 22.62
C ALA Q 178 -45.36 50.27 23.45
N VAL Q 179 -46.53 50.74 23.00
CA VAL Q 179 -47.25 51.78 23.74
C VAL Q 179 -47.62 51.26 25.12
N GLU Q 180 -48.18 50.05 25.18
CA GLU Q 180 -48.56 49.49 26.47
C GLU Q 180 -47.35 49.19 27.34
N TYR Q 181 -46.22 48.86 26.71
CA TYR Q 181 -44.99 48.55 27.44
C TYR Q 181 -44.25 49.80 27.88
N GLY Q 182 -44.71 50.99 27.48
CA GLY Q 182 -44.06 52.23 27.83
C GLY Q 182 -42.85 52.58 26.99
N LEU Q 183 -42.51 51.75 26.00
CA LEU Q 183 -41.35 52.04 25.17
C LEU Q 183 -41.58 53.28 24.31
N VAL Q 184 -42.82 53.50 23.85
CA VAL Q 184 -43.17 54.64 23.04
C VAL Q 184 -44.36 55.34 23.71
N ASP Q 185 -44.83 56.41 23.07
CA ASP Q 185 -45.93 57.20 23.59
C ASP Q 185 -47.21 57.04 22.78
N SER Q 186 -47.15 57.19 21.46
CA SER Q 186 -48.34 57.06 20.62
C SER Q 186 -47.92 56.48 19.28
N ILE Q 187 -48.87 56.42 18.35
CA ILE Q 187 -48.66 55.89 17.01
C ILE Q 187 -49.10 56.92 16.00
N LEU Q 188 -48.43 56.95 14.86
CA LEU Q 188 -48.72 57.88 13.77
C LEU Q 188 -49.31 57.09 12.62
N THR Q 189 -50.65 57.08 12.53
CA THR Q 189 -51.34 56.36 11.47
C THR Q 189 -51.55 57.27 10.25
N HIS Q 190 -52.19 58.42 10.46
CA HIS Q 190 -52.45 59.37 9.40
C HIS Q 190 -52.18 60.78 9.92
N ARG Q 191 -51.91 61.69 8.97
CA ARG Q 191 -51.63 63.10 9.32
C ARG Q 191 -52.96 63.83 9.57
N ASN Q 192 -53.12 64.45 10.74
CA ASN Q 192 -54.33 65.17 11.11
C ASN Q 192 -54.22 66.64 10.72
N LEU R 1 -22.24 59.12 4.00
CA LEU R 1 -22.62 60.43 3.51
C LEU R 1 -22.46 61.48 4.60
N VAL R 2 -22.01 62.66 4.21
CA VAL R 2 -21.79 63.78 5.13
C VAL R 2 -22.79 64.87 4.81
N PRO R 3 -23.73 65.18 5.71
CA PRO R 3 -24.70 66.25 5.40
C PRO R 3 -24.04 67.60 5.26
N MET R 4 -24.67 68.46 4.46
CA MET R 4 -24.20 69.81 4.20
C MET R 4 -25.04 70.79 4.99
N VAL R 5 -24.37 71.76 5.63
CA VAL R 5 -25.03 72.78 6.43
C VAL R 5 -24.78 74.14 5.79
N ILE R 6 -25.57 75.12 6.21
CA ILE R 6 -25.47 76.49 5.71
C ILE R 6 -25.24 77.43 6.89
N GLU R 7 -24.29 78.33 6.73
CA GLU R 7 -23.96 79.32 7.75
C GLU R 7 -24.44 80.68 7.26
N GLN R 8 -25.31 81.31 8.04
CA GLN R 8 -25.87 82.61 7.69
C GLN R 8 -25.01 83.70 8.32
N THR R 9 -24.15 84.31 7.51
CA THR R 9 -23.26 85.36 7.95
C THR R 9 -23.62 86.67 7.24
N SER R 10 -23.13 87.78 7.80
CA SER R 10 -23.40 89.08 7.19
C SER R 10 -22.88 89.13 5.76
N ARG R 11 -21.74 88.50 5.50
CA ARG R 11 -21.20 88.50 4.14
C ARG R 11 -22.13 87.77 3.19
N GLY R 12 -22.69 86.65 3.62
CA GLY R 12 -23.58 85.88 2.79
C GLY R 12 -23.60 84.42 3.22
N GLU R 13 -24.40 83.64 2.50
CA GLU R 13 -24.50 82.22 2.78
C GLU R 13 -23.20 81.52 2.42
N ARG R 14 -22.94 80.41 3.12
CA ARG R 14 -21.73 79.64 2.90
C ARG R 14 -22.03 78.17 3.12
N SER R 15 -21.76 77.33 2.12
CA SER R 15 -22.00 75.90 2.23
C SER R 15 -20.87 75.27 3.03
N PHE R 16 -21.24 74.49 4.05
CA PHE R 16 -20.27 73.85 4.92
C PHE R 16 -20.68 72.41 5.21
N ASP R 17 -19.70 71.59 5.55
CA ASP R 17 -19.93 70.21 5.91
C ASP R 17 -20.19 70.14 7.41
N ILE R 18 -20.86 69.07 7.84
CA ILE R 18 -21.16 68.94 9.26
C ILE R 18 -19.89 68.96 10.08
N TYR R 19 -18.85 68.26 9.61
CA TYR R 19 -17.57 68.27 10.34
C TYR R 19 -16.84 69.59 10.14
N SER R 20 -16.84 70.12 8.91
CA SER R 20 -16.17 71.37 8.65
C SER R 20 -16.83 72.52 9.42
N ARG R 21 -18.15 72.52 9.50
CA ARG R 21 -18.85 73.56 10.24
C ARG R 21 -18.43 73.57 11.70
N LEU R 22 -18.36 72.40 12.32
CA LEU R 22 -17.95 72.34 13.71
C LEU R 22 -16.48 72.74 13.87
N LEU R 23 -15.66 72.40 12.89
CA LEU R 23 -14.25 72.79 12.96
C LEU R 23 -14.12 74.30 13.08
N LYS R 24 -14.99 75.03 12.38
CA LYS R 24 -14.97 76.49 12.46
C LYS R 24 -15.27 76.97 13.88
N GLU R 25 -15.90 76.13 14.70
CA GLU R 25 -16.22 76.45 16.08
C GLU R 25 -15.19 75.88 17.05
N ARG R 26 -14.02 75.49 16.53
CA ARG R 26 -12.94 74.94 17.36
C ARG R 26 -13.35 73.60 17.98
N VAL R 27 -13.86 72.70 17.14
CA VAL R 27 -14.28 71.38 17.54
C VAL R 27 -13.62 70.36 16.62
N ILE R 28 -12.92 69.39 17.20
CA ILE R 28 -12.23 68.35 16.46
C ILE R 28 -12.77 67.00 16.88
N PHE R 29 -12.94 66.11 15.91
CA PHE R 29 -13.46 64.77 16.15
C PHE R 29 -12.34 63.76 16.00
N LEU R 30 -12.25 62.84 16.96
CA LEU R 30 -11.25 61.76 16.95
C LEU R 30 -12.04 60.46 17.02
N THR R 31 -12.40 59.95 15.85
CA THR R 31 -13.19 58.72 15.75
C THR R 31 -12.41 57.65 15.00
N GLY R 32 -12.67 56.39 15.37
CA GLY R 32 -12.01 55.27 14.74
C GLY R 32 -10.64 54.99 15.33
N GLN R 33 -10.00 53.97 14.80
CA GLN R 33 -8.67 53.60 15.27
C GLN R 33 -7.70 54.74 15.04
N VAL R 34 -6.75 54.92 15.97
CA VAL R 34 -5.75 55.97 15.87
C VAL R 34 -4.65 55.47 14.95
N GLU R 35 -4.64 55.96 13.71
CA GLU R 35 -3.65 55.62 12.71
C GLU R 35 -2.83 56.86 12.36
N ASP R 36 -1.92 56.71 11.41
CA ASP R 36 -1.07 57.83 11.02
C ASP R 36 -1.84 58.89 10.23
N HIS R 37 -2.68 58.45 9.27
CA HIS R 37 -3.41 59.40 8.45
C HIS R 37 -4.41 60.20 9.28
N MET R 38 -5.26 59.53 10.05
CA MET R 38 -6.24 60.24 10.86
C MET R 38 -5.54 61.13 11.89
N ALA R 39 -4.48 60.60 12.54
CA ALA R 39 -3.76 61.39 13.52
C ALA R 39 -3.13 62.60 12.87
N ASN R 40 -2.52 62.43 11.70
CA ASN R 40 -1.91 63.56 11.01
C ASN R 40 -2.96 64.59 10.65
N LEU R 41 -4.16 64.15 10.29
CA LEU R 41 -5.23 65.08 9.97
C LEU R 41 -5.60 65.92 11.18
N ILE R 42 -5.67 65.30 12.37
CA ILE R 42 -6.00 66.03 13.57
C ILE R 42 -4.92 67.05 13.90
N VAL R 43 -3.66 66.69 13.68
CA VAL R 43 -2.56 67.61 13.96
C VAL R 43 -2.73 68.88 13.13
N ALA R 44 -3.09 68.73 11.85
CA ALA R 44 -3.27 69.90 11.00
C ALA R 44 -4.38 70.78 11.52
N GLN R 45 -5.49 70.19 11.97
CA GLN R 45 -6.60 70.98 12.50
C GLN R 45 -6.17 71.77 13.72
N MET R 46 -5.41 71.15 14.62
CA MET R 46 -4.96 71.85 15.82
C MET R 46 -4.10 73.05 15.45
N LEU R 47 -3.16 72.86 14.51
CA LEU R 47 -2.30 73.97 14.11
C LEU R 47 -3.12 75.09 13.47
N PHE R 48 -4.08 74.73 12.62
CA PHE R 48 -4.91 75.75 11.97
C PHE R 48 -5.72 76.53 13.00
N LEU R 49 -6.31 75.84 13.98
CA LEU R 49 -7.09 76.52 14.99
C LEU R 49 -6.22 77.45 15.84
N GLU R 50 -5.00 77.02 16.16
CA GLU R 50 -4.11 77.86 16.95
C GLU R 50 -3.81 79.17 16.23
N ALA R 51 -3.53 79.09 14.92
CA ALA R 51 -3.23 80.30 14.16
C ALA R 51 -4.43 81.24 14.12
N GLU R 52 -5.64 80.69 13.94
CA GLU R 52 -6.83 81.53 13.90
C GLU R 52 -7.03 82.27 15.21
N ASN R 53 -6.85 81.59 16.33
CA ASN R 53 -7.03 82.21 17.64
C ASN R 53 -6.26 81.42 18.68
N PRO R 54 -5.02 81.80 19.01
CA PRO R 54 -4.25 81.06 20.01
C PRO R 54 -4.71 81.25 21.45
N GLU R 55 -5.84 81.92 21.67
CA GLU R 55 -6.35 82.15 23.01
C GLU R 55 -7.64 81.41 23.32
N LYS R 56 -8.37 80.94 22.32
CA LYS R 56 -9.61 80.23 22.53
C LYS R 56 -9.35 78.73 22.69
N ASP R 57 -10.07 78.12 23.63
CA ASP R 57 -9.90 76.70 23.89
C ASP R 57 -10.34 75.87 22.69
N ILE R 58 -9.73 74.70 22.56
CA ILE R 58 -10.03 73.76 21.49
C ILE R 58 -10.71 72.54 22.09
N TYR R 59 -11.80 72.11 21.48
CA TYR R 59 -12.56 70.96 21.94
C TYR R 59 -12.23 69.75 21.06
N LEU R 60 -11.92 68.62 21.70
CA LEU R 60 -11.56 67.39 21.00
C LEU R 60 -12.44 66.26 21.53
N TYR R 61 -13.43 65.86 20.74
CA TYR R 61 -14.30 64.76 21.13
C TYR R 61 -13.57 63.46 20.83
N ILE R 62 -13.51 62.57 21.81
CA ILE R 62 -12.80 61.30 21.69
C ILE R 62 -13.81 60.16 21.75
N ASN R 63 -13.84 59.35 20.68
CA ASN R 63 -14.68 58.15 20.60
C ASN R 63 -13.92 57.21 19.68
N SER R 64 -13.09 56.35 20.27
CA SER R 64 -12.27 55.47 19.47
C SER R 64 -11.88 54.25 20.29
N PRO R 65 -11.65 53.11 19.66
CA PRO R 65 -11.23 51.92 20.41
C PRO R 65 -9.73 51.84 20.55
N GLY R 66 -9.02 52.94 20.29
CA GLY R 66 -7.58 52.97 20.38
C GLY R 66 -6.92 52.62 19.05
N GLY R 67 -5.59 52.70 19.05
CA GLY R 67 -4.84 52.39 17.84
C GLY R 67 -3.34 52.44 18.01
N VAL R 68 -2.64 52.85 16.95
CA VAL R 68 -1.19 52.92 17.00
C VAL R 68 -0.77 53.92 18.08
N ILE R 69 0.38 53.65 18.71
CA ILE R 69 0.88 54.52 19.76
C ILE R 69 1.62 55.72 19.17
N THR R 70 2.50 55.48 18.19
CA THR R 70 3.24 56.57 17.59
C THR R 70 2.30 57.64 17.05
N ALA R 71 1.19 57.23 16.44
CA ALA R 71 0.23 58.20 15.93
C ALA R 71 -0.36 59.02 17.07
N GLY R 72 -0.66 58.37 18.19
CA GLY R 72 -1.22 59.09 19.32
C GLY R 72 -0.24 60.08 19.93
N MET R 73 1.05 59.73 19.96
CA MET R 73 2.04 60.63 20.53
C MET R 73 2.06 61.96 19.78
N SER R 74 1.95 61.91 18.44
CA SER R 74 1.93 63.15 17.67
C SER R 74 0.79 64.04 18.13
N ILE R 75 -0.39 63.46 18.34
CA ILE R 75 -1.53 64.24 18.81
C ILE R 75 -1.25 64.77 20.21
N TYR R 76 -0.73 63.90 21.09
CA TYR R 76 -0.45 64.31 22.46
C TYR R 76 0.59 65.42 22.48
N ASP R 77 1.67 65.27 21.71
CA ASP R 77 2.71 66.30 21.68
C ASP R 77 2.17 67.61 21.12
N THR R 78 1.35 67.53 20.07
CA THR R 78 0.78 68.75 19.49
C THR R 78 -0.10 69.47 20.50
N MET R 79 -0.89 68.71 21.27
CA MET R 79 -1.76 69.33 22.27
C MET R 79 -0.95 70.08 23.32
N GLN R 80 0.15 69.47 23.75
CA GLN R 80 1.00 70.11 24.77
C GLN R 80 1.85 71.23 24.19
N PHE R 81 1.94 71.34 22.87
CA PHE R 81 2.75 72.39 22.24
C PHE R 81 1.95 73.65 21.95
N ILE R 82 0.72 73.51 21.46
CA ILE R 82 -0.09 74.68 21.14
C ILE R 82 -0.55 75.36 22.41
N LYS R 83 -0.51 76.70 22.42
CA LYS R 83 -0.94 77.47 23.58
C LYS R 83 -2.39 77.21 23.96
N PRO R 84 -3.34 77.14 23.03
CA PRO R 84 -4.73 76.92 23.42
C PRO R 84 -4.90 75.63 24.22
N ASP R 85 -5.78 75.70 25.21
CA ASP R 85 -6.08 74.55 26.05
C ASP R 85 -7.00 73.61 25.28
N VAL R 86 -6.57 72.37 25.10
CA VAL R 86 -7.35 71.37 24.38
C VAL R 86 -8.27 70.69 25.36
N SER R 87 -9.57 70.98 25.27
CA SER R 87 -10.58 70.37 26.13
C SER R 87 -11.00 69.05 25.50
N THR R 88 -10.74 67.95 26.21
CA THR R 88 -11.08 66.62 25.71
C THR R 88 -12.39 66.16 26.31
N ILE R 89 -13.27 65.64 25.45
CA ILE R 89 -14.57 65.12 25.85
C ILE R 89 -14.67 63.69 25.34
N CYS R 90 -15.03 62.77 26.24
CA CYS R 90 -15.15 61.36 25.91
C CYS R 90 -16.60 61.02 25.59
N MET R 91 -16.83 60.51 24.39
CA MET R 91 -18.16 60.11 23.93
C MET R 91 -18.12 58.64 23.56
N GLY R 92 -19.02 57.86 24.16
CA GLY R 92 -19.08 56.44 23.87
C GLY R 92 -18.04 55.64 24.64
N GLN R 93 -16.78 55.71 24.23
CA GLN R 93 -15.73 54.97 24.90
C GLN R 93 -14.38 55.61 24.62
N ALA R 94 -13.39 55.21 25.42
CA ALA R 94 -12.03 55.69 25.29
C ALA R 94 -11.09 54.54 25.63
N ALA R 95 -10.35 54.05 24.65
CA ALA R 95 -9.43 52.94 24.84
C ALA R 95 -8.11 53.45 25.40
N SER R 96 -7.07 52.61 25.35
CA SER R 96 -5.77 53.00 25.89
C SER R 96 -5.29 54.30 25.25
N MET R 97 -5.27 54.37 23.92
CA MET R 97 -4.85 55.60 23.27
C MET R 97 -5.89 56.69 23.46
N GLY R 98 -7.18 56.34 23.33
CA GLY R 98 -8.22 57.32 23.55
C GLY R 98 -8.19 57.87 24.96
N ALA R 99 -8.00 56.99 25.94
CA ALA R 99 -7.92 57.43 27.33
C ALA R 99 -6.66 58.26 27.56
N PHE R 100 -5.54 57.87 26.94
CA PHE R 100 -4.31 58.62 27.10
C PHE R 100 -4.49 60.05 26.60
N LEU R 101 -5.11 60.21 25.44
CA LEU R 101 -5.36 61.55 24.92
C LEU R 101 -6.43 62.27 25.73
N LEU R 102 -7.41 61.52 26.23
CA LEU R 102 -8.47 62.13 27.03
C LEU R 102 -7.88 62.77 28.29
N THR R 103 -7.01 62.05 28.99
CA THR R 103 -6.41 62.59 30.20
C THR R 103 -5.34 63.64 29.88
N ALA R 104 -4.87 63.69 28.64
CA ALA R 104 -3.85 64.65 28.26
C ALA R 104 -4.41 66.05 28.08
N GLY R 105 -5.73 66.23 28.14
CA GLY R 105 -6.31 67.54 27.98
C GLY R 105 -5.93 68.47 29.12
N ALA R 106 -6.24 69.75 28.91
CA ALA R 106 -5.93 70.76 29.91
C ALA R 106 -6.59 70.43 31.23
N LYS R 107 -5.85 70.64 32.32
CA LYS R 107 -6.39 70.36 33.65
C LYS R 107 -7.65 71.17 33.89
N GLY R 108 -8.69 70.49 34.40
CA GLY R 108 -9.95 71.14 34.68
C GLY R 108 -10.86 71.28 33.48
N LYS R 109 -10.43 70.83 32.30
CA LYS R 109 -11.23 70.92 31.08
C LYS R 109 -11.43 69.57 30.42
N ARG R 110 -11.27 68.49 31.19
CA ARG R 110 -11.44 67.13 30.70
C ARG R 110 -12.81 66.64 31.18
N PHE R 111 -13.69 66.34 30.24
CA PHE R 111 -15.04 65.91 30.56
C PHE R 111 -15.33 64.54 29.94
N CYS R 112 -16.34 63.88 30.51
CA CYS R 112 -16.77 62.57 30.05
C CYS R 112 -18.27 62.46 30.25
N LEU R 113 -18.96 61.88 29.28
CA LEU R 113 -20.40 61.74 29.39
C LEU R 113 -20.73 60.71 30.47
N PRO R 114 -21.94 60.80 31.06
CA PRO R 114 -22.28 59.86 32.14
C PRO R 114 -22.21 58.39 31.75
N ASN R 115 -22.60 58.03 30.54
CA ASN R 115 -22.58 56.64 30.10
C ASN R 115 -21.33 56.26 29.35
N SER R 116 -20.34 57.15 29.24
CA SER R 116 -19.12 56.82 28.54
C SER R 116 -18.27 55.85 29.36
N ARG R 117 -17.53 55.01 28.63
CA ARG R 117 -16.65 54.02 29.29
C ARG R 117 -15.20 54.41 28.98
N VAL R 118 -14.26 54.01 29.81
CA VAL R 118 -12.84 54.26 29.61
C VAL R 118 -12.08 52.98 29.93
N MET R 119 -11.13 52.63 29.06
CA MET R 119 -10.31 51.44 29.22
C MET R 119 -8.85 51.84 29.11
N ILE R 120 -8.02 51.33 30.03
CA ILE R 120 -6.59 51.61 30.05
C ILE R 120 -5.86 50.29 30.15
N HIS R 121 -4.81 50.13 29.34
CA HIS R 121 -4.02 48.91 29.34
C HIS R 121 -2.62 49.22 28.83
N GLN R 122 -1.71 48.29 29.09
CA GLN R 122 -0.32 48.48 28.67
C GLN R 122 -0.20 48.33 27.15
N PRO R 123 0.89 48.83 26.58
CA PRO R 123 1.06 48.75 25.13
C PRO R 123 1.07 47.32 24.62
N LEU R 124 0.58 47.16 23.39
CA LEU R 124 0.53 45.88 22.70
C LEU R 124 1.49 45.90 21.53
N GLY R 125 2.16 44.78 21.30
CA GLY R 125 3.11 44.71 20.20
C GLY R 125 3.62 43.31 20.01
N GLY R 126 4.60 43.20 19.12
CA GLY R 126 5.21 41.92 18.82
C GLY R 126 6.20 42.02 17.68
N TYR R 127 7.09 41.04 17.59
CA TYR R 127 8.10 41.03 16.54
C TYR R 127 8.54 39.60 16.28
N GLN R 128 8.89 39.33 15.02
CA GLN R 128 9.34 38.01 14.60
C GLN R 128 10.70 38.16 13.92
N GLY R 129 11.67 37.36 14.34
CA GLY R 129 13.00 37.42 13.76
C GLY R 129 14.01 36.77 14.67
N GLN R 130 15.26 37.18 14.52
CA GLN R 130 16.33 36.64 15.32
C GLN R 130 16.20 37.08 16.77
N ALA R 131 16.90 36.36 17.66
CA ALA R 131 16.84 36.69 19.08
C ALA R 131 17.38 38.10 19.34
N THR R 132 18.45 38.48 18.64
CA THR R 132 19.01 39.81 18.83
C THR R 132 17.99 40.89 18.48
N ASP R 133 17.28 40.71 17.36
CA ASP R 133 16.26 41.68 16.97
C ASP R 133 15.11 41.70 17.97
N ILE R 134 14.73 40.55 18.50
CA ILE R 134 13.64 40.48 19.46
C ILE R 134 13.99 41.29 20.71
N GLU R 135 15.22 41.18 21.19
CA GLU R 135 15.62 41.92 22.37
C GLU R 135 15.53 43.42 22.14
N ILE R 136 15.95 43.89 20.97
CA ILE R 136 15.89 45.32 20.68
C ILE R 136 14.45 45.79 20.69
N HIS R 137 13.56 45.08 20.00
CA HIS R 137 12.16 45.48 19.96
C HIS R 137 11.51 45.32 21.33
N ALA R 138 11.87 44.28 22.07
CA ALA R 138 11.30 44.09 23.40
C ALA R 138 11.66 45.27 24.31
N ARG R 139 12.90 45.73 24.24
CA ARG R 139 13.31 46.87 25.05
C ARG R 139 12.57 48.14 24.62
N GLU R 140 12.40 48.33 23.31
CA GLU R 140 11.71 49.52 22.82
C GLU R 140 10.29 49.62 23.35
N ILE R 141 9.52 48.52 23.24
CA ILE R 141 8.15 48.55 23.72
C ILE R 141 8.12 48.76 25.23
N LEU R 142 9.09 48.19 25.95
CA LEU R 142 9.14 48.38 27.39
C LEU R 142 9.36 49.85 27.73
N LYS R 143 10.23 50.53 26.98
CA LYS R 143 10.46 51.95 27.21
C LYS R 143 9.18 52.74 26.93
N VAL R 144 8.46 52.38 25.87
CA VAL R 144 7.22 53.06 25.57
C VAL R 144 6.22 52.85 26.70
N LYS R 145 6.15 51.64 27.24
CA LYS R 145 5.26 51.37 28.35
C LYS R 145 5.62 52.24 29.54
N GLY R 146 6.91 52.34 29.86
CA GLY R 146 7.33 53.17 30.96
C GLY R 146 7.02 54.64 30.72
N ARG R 147 7.29 55.12 29.51
CA ARG R 147 7.00 56.51 29.18
C ARG R 147 5.50 56.78 29.27
N MET R 148 4.69 55.86 28.76
CA MET R 148 3.24 56.04 28.82
C MET R 148 2.75 56.09 30.26
N ASN R 149 3.29 55.21 31.11
CA ASN R 149 2.87 55.20 32.51
C ASN R 149 3.23 56.52 33.19
N GLU R 150 4.43 57.05 32.92
CA GLU R 150 4.83 58.32 33.54
C GLU R 150 3.88 59.44 33.14
N LEU R 151 3.53 59.52 31.86
CA LEU R 151 2.62 60.57 31.41
C LEU R 151 1.24 60.40 32.03
N MET R 152 0.75 59.17 32.11
CA MET R 152 -0.55 58.94 32.72
C MET R 152 -0.56 59.40 34.17
N ALA R 153 0.50 59.09 34.91
CA ALA R 153 0.58 59.52 36.30
C ALA R 153 0.63 61.04 36.41
N LEU R 154 1.35 61.69 35.51
CA LEU R 154 1.46 63.14 35.54
C LEU R 154 0.10 63.81 35.38
N HIS R 155 -0.66 63.39 34.37
CA HIS R 155 -1.98 63.98 34.14
C HIS R 155 -3.00 63.50 35.15
N THR R 156 -3.02 62.19 35.44
CA THR R 156 -3.99 61.65 36.39
C THR R 156 -3.66 62.00 37.83
N GLY R 157 -2.40 62.29 38.14
CA GLY R 157 -2.01 62.61 39.49
C GLY R 157 -1.75 61.41 40.36
N GLN R 158 -1.97 60.20 39.85
CA GLN R 158 -1.72 58.99 40.62
C GLN R 158 -0.23 58.68 40.66
N SER R 159 0.15 57.80 41.57
CA SER R 159 1.54 57.40 41.70
C SER R 159 1.92 56.49 40.54
N LEU R 160 3.19 56.57 40.13
CA LEU R 160 3.66 55.73 39.03
C LEU R 160 3.44 54.26 39.35
N GLU R 161 3.67 53.86 40.60
CA GLU R 161 3.47 52.47 40.97
C GLU R 161 2.02 52.05 40.80
N GLN R 162 1.08 52.90 41.19
CA GLN R 162 -0.32 52.56 41.06
C GLN R 162 -0.72 52.42 39.59
N ILE R 163 -0.22 53.30 38.73
CA ILE R 163 -0.54 53.21 37.30
C ILE R 163 -0.05 51.89 36.72
N GLU R 164 1.16 51.48 37.09
CA GLU R 164 1.70 50.23 36.57
C GLU R 164 0.83 49.04 36.96
N ARG R 165 0.41 49.00 38.23
CA ARG R 165 -0.43 47.89 38.68
C ARG R 165 -1.78 47.88 37.95
N ASP R 166 -2.37 49.05 37.75
CA ASP R 166 -3.67 49.11 37.09
C ASP R 166 -3.57 48.88 35.59
N THR R 167 -2.44 49.18 34.97
CA THR R 167 -2.26 49.02 33.53
C THR R 167 -1.75 47.63 33.15
N GLU R 168 -1.44 46.77 34.12
CA GLU R 168 -0.96 45.43 33.77
C GLU R 168 -1.98 44.68 32.94
N ARG R 169 -3.26 44.85 33.28
CA ARG R 169 -4.37 44.18 32.55
C ARG R 169 -5.44 45.23 32.24
N ASP R 170 -6.25 45.00 31.20
CA ASP R 170 -7.31 45.93 30.82
C ASP R 170 -8.14 46.30 32.03
N ARG R 171 -8.36 47.59 32.21
CA ARG R 171 -9.13 48.11 33.32
C ARG R 171 -10.21 49.02 32.77
N PHE R 172 -11.46 48.72 33.10
CA PHE R 172 -12.60 49.50 32.63
C PHE R 172 -13.06 50.44 33.73
N LEU R 173 -13.24 51.72 33.39
CA LEU R 173 -13.68 52.72 34.35
C LEU R 173 -14.83 53.50 33.75
N SER R 174 -15.88 53.71 34.53
CA SER R 174 -17.03 54.46 34.09
C SER R 174 -16.76 55.95 34.34
N ALA R 175 -17.72 56.79 34.00
CA ALA R 175 -17.54 58.22 34.23
C ALA R 175 -17.28 58.54 35.69
N PRO R 176 -18.08 58.07 36.65
CA PRO R 176 -17.77 58.38 38.05
C PRO R 176 -16.42 57.85 38.49
N GLU R 177 -16.03 56.67 38.01
CA GLU R 177 -14.75 56.09 38.39
C GLU R 177 -13.59 56.89 37.80
N ALA R 178 -13.75 57.39 36.57
CA ALA R 178 -12.68 58.17 35.96
C ALA R 178 -12.42 59.45 36.75
N VAL R 179 -13.49 60.09 37.23
CA VAL R 179 -13.33 61.32 38.01
C VAL R 179 -12.53 61.05 39.27
N GLU R 180 -12.88 59.98 40.00
CA GLU R 180 -12.16 59.65 41.22
C GLU R 180 -10.74 59.20 40.92
N TYR R 181 -10.52 58.59 39.77
CA TYR R 181 -9.19 58.13 39.38
C TYR R 181 -8.31 59.25 38.83
N GLY R 182 -8.86 60.44 38.65
CA GLY R 182 -8.11 61.57 38.12
C GLY R 182 -7.97 61.58 36.62
N LEU R 183 -8.55 60.61 35.92
CA LEU R 183 -8.45 60.56 34.47
C LEU R 183 -9.18 61.73 33.82
N VAL R 184 -10.31 62.14 34.41
CA VAL R 184 -11.11 63.25 33.91
C VAL R 184 -11.32 64.24 35.05
N ASP R 185 -12.06 65.31 34.77
CA ASP R 185 -12.33 66.36 35.74
C ASP R 185 -13.78 66.36 36.22
N SER R 186 -14.74 66.35 35.31
CA SER R 186 -16.15 66.36 35.69
C SER R 186 -16.95 65.56 34.67
N ILE R 187 -18.27 65.62 34.80
CA ILE R 187 -19.19 64.91 33.91
C ILE R 187 -20.21 65.91 33.37
N LEU R 188 -20.62 65.70 32.13
CA LEU R 188 -21.59 66.56 31.47
C LEU R 188 -22.90 65.80 31.34
N THR R 189 -23.81 66.02 32.29
CA THR R 189 -25.10 65.36 32.28
C THR R 189 -26.13 66.15 31.46
N HIS R 190 -26.34 67.41 31.83
CA HIS R 190 -27.27 68.28 31.13
C HIS R 190 -26.64 69.66 30.95
N ARG R 191 -27.13 70.39 29.95
CA ARG R 191 -26.60 71.74 29.65
C ARG R 191 -27.23 72.73 30.64
N ASN R 192 -26.41 73.54 31.31
CA ASN R 192 -26.85 74.53 32.29
C ASN R 192 -26.99 75.90 31.64
N LEU S 1 -12.12 61.51 5.40
CA LEU S 1 -12.69 62.81 5.07
C LEU S 1 -11.70 63.92 5.43
N VAL S 2 -11.61 64.93 4.56
CA VAL S 2 -10.71 66.06 4.74
C VAL S 2 -11.55 67.29 5.04
N PRO S 3 -11.45 67.87 6.24
CA PRO S 3 -12.26 69.06 6.54
C PRO S 3 -11.88 70.24 5.65
N MET S 4 -12.84 71.12 5.43
CA MET S 4 -12.67 72.31 4.61
C MET S 4 -12.57 73.53 5.51
N VAL S 5 -11.59 74.39 5.23
CA VAL S 5 -11.36 75.60 6.00
C VAL S 5 -11.63 76.81 5.12
N ILE S 6 -11.72 77.98 5.75
CA ILE S 6 -11.99 79.23 5.06
C ILE S 6 -10.89 80.22 5.43
N GLU S 7 -10.38 80.94 4.42
CA GLU S 7 -9.35 81.94 4.60
C GLU S 7 -9.96 83.32 4.36
N GLN S 8 -9.88 84.18 5.37
CA GLN S 8 -10.43 85.53 5.29
C GLN S 8 -9.35 86.48 4.79
N THR S 9 -9.38 86.78 3.51
CA THR S 9 -8.43 87.69 2.88
C THR S 9 -9.15 88.96 2.43
N SER S 10 -8.35 89.99 2.16
CA SER S 10 -8.93 91.25 1.71
C SER S 10 -9.71 91.06 0.41
N ARG S 11 -9.22 90.20 -0.48
CA ARG S 11 -9.91 89.97 -1.74
C ARG S 11 -11.27 89.32 -1.50
N GLY S 12 -11.34 88.37 -0.58
CA GLY S 12 -12.58 87.70 -0.27
C GLY S 12 -12.32 86.34 0.33
N GLU S 13 -13.43 85.67 0.68
CA GLU S 13 -13.34 84.34 1.25
C GLU S 13 -12.83 83.34 0.22
N ARG S 14 -12.18 82.29 0.70
CA ARG S 14 -11.63 81.26 -0.17
C ARG S 14 -11.74 79.91 0.53
N SER S 15 -12.34 78.93 -0.16
CA SER S 15 -12.48 77.59 0.41
C SER S 15 -11.18 76.83 0.21
N PHE S 16 -10.66 76.25 1.30
CA PHE S 16 -9.41 75.52 1.26
C PHE S 16 -9.52 74.24 2.07
N ASP S 17 -8.68 73.27 1.71
CA ASP S 17 -8.61 72.00 2.43
C ASP S 17 -7.63 72.16 3.58
N ILE S 18 -7.79 71.30 4.60
CA ILE S 18 -6.90 71.39 5.75
C ILE S 18 -5.45 71.24 5.31
N TYR S 19 -5.18 70.30 4.40
CA TYR S 19 -3.82 70.12 3.91
C TYR S 19 -3.43 71.24 2.95
N SER S 20 -4.34 71.63 2.07
CA SER S 20 -4.05 72.70 1.12
C SER S 20 -3.82 74.02 1.86
N ARG S 21 -4.61 74.28 2.90
CA ARG S 21 -4.44 75.52 3.65
C ARG S 21 -3.05 75.60 4.26
N LEU S 22 -2.59 74.50 4.87
CA LEU S 22 -1.25 74.49 5.45
C LEU S 22 -0.18 74.61 4.38
N LEU S 23 -0.43 74.03 3.20
CA LEU S 23 0.54 74.15 2.12
C LEU S 23 0.79 75.61 1.78
N LYS S 24 -0.26 76.42 1.81
CA LYS S 24 -0.12 77.84 1.53
C LYS S 24 0.80 78.51 2.54
N GLU S 25 1.00 77.91 3.71
CA GLU S 25 1.87 78.43 4.75
C GLU S 25 3.25 77.76 4.71
N ARG S 26 3.59 77.10 3.60
CA ARG S 26 4.87 76.44 3.44
C ARG S 26 5.02 75.28 4.43
N VAL S 27 4.00 74.42 4.47
CA VAL S 27 3.98 73.25 5.33
C VAL S 27 3.65 72.04 4.48
N ILE S 28 4.49 71.00 4.56
CA ILE S 28 4.31 69.78 3.80
C ILE S 28 4.22 68.61 4.77
N PHE S 29 3.33 67.68 4.47
CA PHE S 29 3.11 66.50 5.30
C PHE S 29 3.65 65.27 4.58
N LEU S 30 4.41 64.46 5.31
CA LEU S 30 4.99 63.22 4.81
C LEU S 30 4.46 62.11 5.71
N THR S 31 3.30 61.55 5.36
CA THR S 31 2.67 60.50 6.15
C THR S 31 2.55 59.22 5.35
N GLY S 32 2.59 58.09 6.06
CA GLY S 32 2.47 56.79 5.43
C GLY S 32 3.78 56.32 4.85
N GLN S 33 3.73 55.13 4.25
CA GLN S 33 4.93 54.57 3.65
C GLN S 33 5.41 55.45 2.51
N VAL S 34 6.73 55.54 2.36
CA VAL S 34 7.35 56.36 1.32
C VAL S 34 7.32 55.56 0.02
N GLU S 35 6.41 55.92 -0.88
CA GLU S 35 6.26 55.29 -2.18
C GLU S 35 6.58 56.31 -3.27
N ASP S 36 6.45 55.88 -4.53
CA ASP S 36 6.75 56.76 -5.64
C ASP S 36 5.70 57.85 -5.80
N HIS S 37 4.41 57.49 -5.69
CA HIS S 37 3.36 58.48 -5.88
C HIS S 37 3.40 59.55 -4.79
N MET S 38 3.40 59.14 -3.53
CA MET S 38 3.43 60.12 -2.45
C MET S 38 4.71 60.93 -2.50
N ALA S 39 5.86 60.28 -2.74
CA ALA S 39 7.12 61.00 -2.82
C ALA S 39 7.09 61.99 -3.98
N ASN S 40 6.56 61.58 -5.13
CA ASN S 40 6.48 62.49 -6.26
C ASN S 40 5.60 63.68 -5.93
N LEU S 41 4.52 63.45 -5.17
CA LEU S 41 3.64 64.53 -4.79
C LEU S 41 4.38 65.56 -3.93
N ILE S 42 5.20 65.09 -2.99
CA ILE S 42 5.95 66.00 -2.13
C ILE S 42 6.95 66.80 -2.96
N VAL S 43 7.56 66.17 -3.97
CA VAL S 43 8.51 66.88 -4.81
C VAL S 43 7.84 68.06 -5.49
N ALA S 44 6.62 67.85 -6.00
CA ALA S 44 5.90 68.93 -6.65
C ALA S 44 5.63 70.08 -5.69
N GLN S 45 5.25 69.76 -4.45
CA GLN S 45 4.98 70.80 -3.46
C GLN S 45 6.23 71.62 -3.19
N MET S 46 7.38 70.96 -3.04
CA MET S 46 8.62 71.69 -2.78
C MET S 46 8.95 72.63 -3.93
N LEU S 47 8.81 72.17 -5.17
CA LEU S 47 9.09 73.03 -6.31
C LEU S 47 8.14 74.21 -6.35
N PHE S 48 6.85 73.97 -6.09
CA PHE S 48 5.88 75.05 -6.10
C PHE S 48 6.19 76.09 -5.03
N LEU S 49 6.54 75.64 -3.82
CA LEU S 49 6.85 76.58 -2.75
C LEU S 49 8.11 77.39 -3.08
N GLU S 50 9.11 76.76 -3.69
CA GLU S 50 10.32 77.47 -4.05
C GLU S 50 10.03 78.61 -5.00
N ALA S 51 9.20 78.36 -6.02
CA ALA S 51 8.86 79.40 -6.99
C ALA S 51 8.12 80.56 -6.31
N GLU S 52 7.19 80.24 -5.41
CA GLU S 52 6.43 81.28 -4.73
C GLU S 52 7.36 82.18 -3.91
N ASN S 53 8.30 81.59 -3.19
CA ASN S 53 9.22 82.36 -2.37
C ASN S 53 10.48 81.54 -2.10
N PRO S 54 11.54 81.69 -2.90
CA PRO S 54 12.76 80.91 -2.68
C PRO S 54 13.58 81.34 -1.47
N GLU S 55 13.06 82.24 -0.64
CA GLU S 55 13.77 82.72 0.53
C GLU S 55 13.16 82.28 1.86
N LYS S 56 11.88 81.89 1.86
CA LYS S 56 11.23 81.46 3.09
C LYS S 56 11.45 79.96 3.32
N ASP S 57 11.69 79.61 4.57
CA ASP S 57 11.92 78.21 4.93
C ASP S 57 10.67 77.36 4.68
N ILE S 58 10.90 76.08 4.40
CA ILE S 58 9.84 75.11 4.16
C ILE S 58 9.82 74.12 5.30
N TYR S 59 8.62 73.87 5.83
CA TYR S 59 8.44 72.94 6.94
C TYR S 59 7.92 71.62 6.41
N LEU S 60 8.55 70.52 6.82
CA LEU S 60 8.18 69.18 6.37
C LEU S 60 7.97 68.30 7.59
N TYR S 61 6.72 68.05 7.95
CA TYR S 61 6.42 67.18 9.08
C TYR S 61 6.59 65.74 8.62
N ILE S 62 7.32 64.95 9.41
CA ILE S 62 7.61 63.56 9.08
C ILE S 62 6.94 62.66 10.11
N ASN S 63 6.07 61.77 9.63
CA ASN S 63 5.39 60.76 10.46
C ASN S 63 5.14 59.58 9.51
N SER S 64 6.08 58.65 9.46
CA SER S 64 5.93 57.54 8.54
C SER S 64 6.74 56.36 9.04
N PRO S 65 6.34 55.14 8.71
CA PRO S 65 7.13 53.97 9.14
C PRO S 65 8.19 53.60 8.12
N GLY S 66 8.51 54.51 7.20
CA GLY S 66 9.50 54.24 6.17
C GLY S 66 8.89 53.63 4.92
N GLY S 67 9.73 53.45 3.92
CA GLY S 67 9.28 52.88 2.66
C GLY S 67 10.37 52.66 1.64
N VAL S 68 10.03 52.81 0.37
CA VAL S 68 10.99 52.62 -0.71
C VAL S 68 12.14 53.60 -0.55
N ILE S 69 13.33 53.16 -0.94
CA ILE S 69 14.52 54.02 -0.83
C ILE S 69 14.60 54.98 -2.01
N THR S 70 14.40 54.46 -3.22
CA THR S 70 14.47 55.33 -4.40
C THR S 70 13.49 56.49 -4.27
N ALA S 71 12.32 56.25 -3.72
CA ALA S 71 11.35 57.32 -3.53
C ALA S 71 11.90 58.37 -2.58
N GLY S 72 12.55 57.93 -1.49
CA GLY S 72 13.10 58.88 -0.54
C GLY S 72 14.23 59.70 -1.12
N MET S 73 15.05 59.09 -1.99
CA MET S 73 16.17 59.83 -2.58
C MET S 73 15.66 61.03 -3.37
N SER S 74 14.55 60.87 -4.09
CA SER S 74 14.00 61.99 -4.84
C SER S 74 13.66 63.14 -3.91
N ILE S 75 13.07 62.84 -2.75
CA ILE S 75 12.75 63.88 -1.78
C ILE S 75 14.04 64.47 -1.21
N TYR S 76 14.98 63.61 -0.85
CA TYR S 76 16.25 64.09 -0.30
C TYR S 76 16.99 64.97 -1.30
N ASP S 77 17.06 64.52 -2.55
CA ASP S 77 17.75 65.32 -3.57
C ASP S 77 17.04 66.65 -3.79
N THR S 78 15.71 66.64 -3.83
CA THR S 78 14.97 67.88 -4.03
C THR S 78 15.22 68.86 -2.89
N MET S 79 15.26 68.36 -1.66
CA MET S 79 15.50 69.24 -0.51
C MET S 79 16.86 69.91 -0.61
N GLN S 80 17.88 69.16 -1.02
CA GLN S 80 19.22 69.71 -1.14
C GLN S 80 19.38 70.58 -2.39
N PHE S 81 18.43 70.52 -3.32
CA PHE S 81 18.52 71.31 -4.54
C PHE S 81 17.84 72.68 -4.41
N ILE S 82 16.67 72.73 -3.79
CA ILE S 82 15.97 74.00 -3.65
C ILE S 82 16.68 74.89 -2.63
N LYS S 83 16.78 76.18 -2.98
CA LYS S 83 17.44 77.13 -2.09
C LYS S 83 16.78 77.21 -0.71
N PRO S 84 15.46 77.24 -0.59
CA PRO S 84 14.86 77.34 0.75
C PRO S 84 15.32 76.22 1.67
N ASP S 85 15.51 76.57 2.94
CA ASP S 85 15.92 75.60 3.94
C ASP S 85 14.71 74.79 4.35
N VAL S 86 14.78 73.47 4.19
CA VAL S 86 13.68 72.57 4.54
C VAL S 86 13.82 72.20 6.01
N SER S 87 12.92 72.70 6.83
CA SER S 87 12.91 72.40 8.26
C SER S 87 12.09 71.14 8.47
N THR S 88 12.73 70.08 8.94
CA THR S 88 12.06 68.81 9.18
C THR S 88 11.66 68.68 10.64
N ILE S 89 10.41 68.28 10.86
CA ILE S 89 9.86 68.08 12.19
C ILE S 89 9.33 66.65 12.26
N CYS S 90 9.76 65.92 13.28
CA CYS S 90 9.37 64.52 13.47
C CYS S 90 8.17 64.46 14.41
N MET S 91 7.08 63.86 13.94
CA MET S 91 5.87 63.70 14.71
C MET S 91 5.51 62.22 14.76
N GLY S 92 5.35 61.69 15.96
CA GLY S 92 5.00 60.29 16.12
C GLY S 92 6.21 59.37 16.04
N GLN S 93 6.72 59.17 14.83
CA GLN S 93 7.88 58.30 14.66
C GLN S 93 8.58 58.62 13.34
N ALA S 94 9.80 58.13 13.21
CA ALA S 94 10.61 58.31 12.02
C ALA S 94 11.40 57.03 11.78
N ALA S 95 11.08 56.32 10.70
CA ALA S 95 11.74 55.06 10.37
C ALA S 95 13.04 55.34 9.63
N SER S 96 13.60 54.30 9.01
CA SER S 96 14.86 54.45 8.30
C SER S 96 14.78 55.57 7.26
N MET S 97 13.77 55.52 6.39
CA MET S 97 13.63 56.57 5.40
C MET S 97 13.18 57.87 6.06
N GLY S 98 12.24 57.78 6.99
CA GLY S 98 11.80 58.98 7.69
C GLY S 98 12.93 59.63 8.46
N ALA S 99 13.75 58.82 9.13
CA ALA S 99 14.89 59.36 9.86
C ALA S 99 15.91 59.95 8.90
N PHE S 100 16.14 59.29 7.76
CA PHE S 100 17.08 59.81 6.79
C PHE S 100 16.64 61.18 6.29
N LEU S 101 15.35 61.34 5.98
CA LEU S 101 14.87 62.64 5.54
C LEU S 101 14.84 63.64 6.69
N LEU S 102 14.56 63.17 7.90
CA LEU S 102 14.54 64.06 9.05
C LEU S 102 15.90 64.70 9.26
N THR S 103 16.97 63.90 9.22
CA THR S 103 18.31 64.42 9.40
C THR S 103 18.80 65.18 8.17
N ALA S 104 18.15 64.99 7.02
CA ALA S 104 18.55 65.69 5.80
C ALA S 104 18.13 67.15 5.79
N GLY S 105 17.34 67.59 6.77
CA GLY S 105 16.91 68.96 6.80
C GLY S 105 18.07 69.92 7.03
N ALA S 106 17.76 71.21 6.88
CA ALA S 106 18.78 72.24 7.05
C ALA S 106 19.34 72.18 8.47
N LYS S 107 20.66 72.37 8.57
CA LYS S 107 21.32 72.35 9.86
C LYS S 107 20.73 73.41 10.78
N GLY S 108 20.45 73.02 12.02
CA GLY S 108 19.88 73.93 13.00
C GLY S 108 18.39 74.12 12.89
N LYS S 109 17.72 73.46 11.94
CA LYS S 109 16.28 73.58 11.75
C LYS S 109 15.60 72.22 11.76
N ARG S 110 16.23 71.22 12.36
CA ARG S 110 15.68 69.87 12.46
C ARG S 110 15.16 69.71 13.88
N PHE S 111 13.85 69.54 14.02
CA PHE S 111 13.22 69.42 15.32
C PHE S 111 12.50 68.09 15.44
N CYS S 112 12.25 67.69 16.70
CA CYS S 112 11.56 66.45 17.00
C CYS S 112 10.76 66.66 18.27
N LEU S 113 9.54 66.14 18.30
CA LEU S 113 8.70 66.29 19.47
C LEU S 113 9.27 65.47 20.63
N PRO S 114 8.95 65.85 21.87
CA PRO S 114 9.51 65.11 23.02
C PRO S 114 9.19 63.63 23.04
N ASN S 115 7.99 63.23 22.64
CA ASN S 115 7.60 61.82 22.66
C ASN S 115 7.79 61.12 21.33
N SER S 116 8.38 61.78 20.33
CA SER S 116 8.60 61.15 19.05
C SER S 116 9.72 60.13 19.14
N ARG S 117 9.60 59.07 18.33
CA ARG S 117 10.62 57.99 18.30
C ARG S 117 11.33 58.07 16.94
N VAL S 118 12.55 57.58 16.87
CA VAL S 118 13.33 57.51 15.64
C VAL S 118 13.99 56.15 15.55
N MET S 119 13.91 55.52 14.38
CA MET S 119 14.48 54.21 14.13
C MET S 119 15.34 54.29 12.88
N ILE S 120 16.57 53.77 12.98
CA ILE S 120 17.52 53.75 11.88
C ILE S 120 18.00 52.32 11.68
N HIS S 121 18.01 51.87 10.43
CA HIS S 121 18.46 50.51 10.12
C HIS S 121 18.99 50.50 8.69
N GLN S 122 19.72 49.43 8.37
CA GLN S 122 20.30 49.29 7.04
C GLN S 122 19.21 48.98 6.01
N PRO S 123 19.51 49.19 4.73
CA PRO S 123 18.50 48.94 3.69
C PRO S 123 18.02 47.49 3.68
N LEU S 124 16.76 47.32 3.29
CA LEU S 124 16.13 46.01 3.18
C LEU S 124 15.85 45.72 1.71
N GLY S 125 16.02 44.46 1.32
CA GLY S 125 15.77 44.09 -0.06
C GLY S 125 15.89 42.60 -0.25
N GLY S 126 15.83 42.20 -1.50
CA GLY S 126 15.92 40.80 -1.86
C GLY S 126 15.68 40.57 -3.34
N TYR S 127 16.16 39.43 -3.85
CA TYR S 127 15.98 39.11 -5.25
C TYR S 127 15.97 37.60 -5.42
N GLN S 128 15.28 37.13 -6.45
CA GLN S 128 15.17 35.72 -6.77
C GLN S 128 15.53 35.53 -8.23
N GLY S 129 16.43 34.60 -8.51
CA GLY S 129 16.83 34.33 -9.87
C GLY S 129 18.17 33.61 -9.91
N GLN S 130 18.85 33.75 -11.04
CA GLN S 130 20.14 33.10 -11.22
C GLN S 130 21.18 33.72 -10.30
N ALA S 131 22.26 32.96 -10.08
CA ALA S 131 23.33 33.45 -9.22
C ALA S 131 23.95 34.72 -9.77
N THR S 132 24.08 34.81 -11.10
CA THR S 132 24.65 36.00 -11.71
C THR S 132 23.80 37.23 -11.39
N ASP S 133 22.48 37.10 -11.48
CA ASP S 133 21.61 38.23 -11.19
C ASP S 133 21.64 38.58 -9.71
N ILE S 134 21.74 37.56 -8.84
CA ILE S 134 21.79 37.81 -7.41
C ILE S 134 23.00 38.66 -7.06
N GLU S 135 24.16 38.34 -7.65
CA GLU S 135 25.36 39.11 -7.38
C GLU S 135 25.19 40.56 -7.78
N ILE S 136 24.56 40.81 -8.94
CA ILE S 136 24.36 42.17 -9.40
C ILE S 136 23.47 42.93 -8.40
N HIS S 137 22.34 42.34 -8.04
CA HIS S 137 21.44 43.01 -7.09
C HIS S 137 22.08 43.11 -5.71
N ALA S 138 22.83 42.09 -5.31
CA ALA S 138 23.48 42.15 -4.00
C ALA S 138 24.47 43.31 -3.95
N ARG S 139 25.21 43.53 -5.04
CA ARG S 139 26.15 44.65 -5.08
C ARG S 139 25.41 45.98 -5.09
N GLU S 140 24.29 46.06 -5.80
CA GLU S 140 23.53 47.30 -5.87
C GLU S 140 23.03 47.73 -4.50
N ILE S 141 22.41 46.81 -3.76
CA ILE S 141 21.90 47.15 -2.43
C ILE S 141 23.05 47.52 -1.51
N LEU S 142 24.18 46.85 -1.66
CA LEU S 142 25.34 47.17 -0.82
C LEU S 142 25.82 48.59 -1.09
N LYS S 143 25.83 49.00 -2.37
CA LYS S 143 26.23 50.36 -2.69
C LYS S 143 25.26 51.36 -2.08
N VAL S 144 23.95 51.06 -2.15
CA VAL S 144 22.96 51.94 -1.55
C VAL S 144 23.20 52.05 -0.04
N LYS S 145 23.51 50.92 0.59
CA LYS S 145 23.78 50.94 2.03
C LYS S 145 24.96 51.85 2.34
N GLY S 146 26.03 51.73 1.55
CA GLY S 146 27.19 52.59 1.78
C GLY S 146 26.86 54.05 1.54
N ARG S 147 26.13 54.35 0.46
CA ARG S 147 25.76 55.72 0.18
C ARG S 147 24.87 56.29 1.28
N MET S 148 23.93 55.50 1.77
CA MET S 148 23.06 55.96 2.84
C MET S 148 23.85 56.27 4.09
N ASN S 149 24.82 55.42 4.44
CA ASN S 149 25.63 55.65 5.62
C ASN S 149 26.45 56.92 5.49
N GLU S 150 27.03 57.16 4.31
CA GLU S 150 27.82 58.37 4.12
C GLU S 150 26.97 59.62 4.31
N LEU S 151 25.77 59.63 3.74
CA LEU S 151 24.89 60.79 3.90
C LEU S 151 24.49 60.97 5.35
N MET S 152 24.17 59.87 6.04
CA MET S 152 23.79 59.98 7.45
C MET S 152 24.94 60.57 8.27
N ALA S 153 26.16 60.13 8.01
CA ALA S 153 27.31 60.66 8.74
C ALA S 153 27.51 62.14 8.43
N LEU S 154 27.31 62.52 7.17
CA LEU S 154 27.48 63.93 6.79
C LEU S 154 26.51 64.82 7.53
N HIS S 155 25.24 64.43 7.60
CA HIS S 155 24.25 65.25 8.28
C HIS S 155 24.33 65.10 9.80
N THR S 156 24.47 63.87 10.29
CA THR S 156 24.53 63.64 11.73
C THR S 156 25.86 64.08 12.32
N GLY S 157 26.92 64.15 11.52
CA GLY S 157 28.22 64.54 12.01
C GLY S 157 29.01 63.41 12.64
N GLN S 158 28.44 62.22 12.74
CA GLN S 158 29.13 61.09 13.32
C GLN S 158 30.09 60.48 12.30
N SER S 159 30.99 59.64 12.79
CA SER S 159 31.95 58.97 11.93
C SER S 159 31.24 57.90 11.10
N LEU S 160 31.77 57.65 9.90
CA LEU S 160 31.18 56.64 9.05
C LEU S 160 31.19 55.28 9.73
N GLU S 161 32.28 54.96 10.44
CA GLU S 161 32.37 53.68 11.12
C GLU S 161 31.28 53.54 12.17
N GLN S 162 31.04 54.60 12.93
CA GLN S 162 30.01 54.55 13.98
C GLN S 162 28.63 54.32 13.37
N ILE S 163 28.33 55.00 12.27
CA ILE S 163 27.02 54.83 11.64
C ILE S 163 26.82 53.39 11.18
N GLU S 164 27.85 52.79 10.60
CA GLU S 164 27.73 51.41 10.14
C GLU S 164 27.42 50.47 11.29
N ARG S 165 28.12 50.63 12.42
CA ARG S 165 27.87 49.76 13.57
C ARG S 165 26.46 49.95 14.12
N ASP S 166 25.99 51.20 14.18
CA ASP S 166 24.67 51.48 14.72
C ASP S 166 23.56 51.08 13.75
N THR S 167 23.85 51.06 12.45
CA THR S 167 22.85 50.72 11.44
C THR S 167 22.79 49.23 11.13
N GLU S 168 23.68 48.41 11.70
CA GLU S 168 23.64 46.98 11.40
C GLU S 168 22.30 46.37 11.80
N ARG S 169 21.75 46.83 12.93
CA ARG S 169 20.44 46.33 13.42
C ARG S 169 19.58 47.53 13.80
N ASP S 170 18.25 47.36 13.79
CA ASP S 170 17.33 48.43 14.13
C ASP S 170 17.74 49.09 15.44
N ARG S 171 17.83 50.42 15.42
CA ARG S 171 18.22 51.18 16.60
C ARG S 171 17.15 52.24 16.85
N PHE S 172 16.57 52.21 18.05
CA PHE S 172 15.52 53.16 18.43
C PHE S 172 16.14 54.27 19.27
N LEU S 173 15.84 55.51 18.90
CA LEU S 173 16.34 56.68 19.61
C LEU S 173 15.18 57.62 19.92
N SER S 174 15.14 58.09 21.16
CA SER S 174 14.09 59.02 21.57
C SER S 174 14.52 60.43 21.19
N ALA S 175 13.68 61.42 21.50
CA ALA S 175 14.03 62.79 21.17
C ALA S 175 15.35 63.21 21.82
N PRO S 176 15.55 63.03 23.13
CA PRO S 176 16.85 63.42 23.71
C PRO S 176 18.02 62.67 23.09
N GLU S 177 17.83 61.39 22.78
CA GLU S 177 18.91 60.61 22.19
C GLU S 177 19.24 61.09 20.79
N ALA S 178 18.23 61.47 20.01
CA ALA S 178 18.48 61.96 18.66
C ALA S 178 19.32 63.23 18.69
N VAL S 179 19.04 64.13 19.65
CA VAL S 179 19.81 65.36 19.75
C VAL S 179 21.27 65.06 20.01
N GLU S 180 21.55 64.17 20.97
CA GLU S 180 22.93 63.83 21.28
C GLU S 180 23.59 63.08 20.14
N TYR S 181 22.82 62.30 19.38
CA TYR S 181 23.36 61.55 18.26
C TYR S 181 23.55 62.40 17.02
N GLY S 182 23.12 63.65 17.05
CA GLY S 182 23.26 64.54 15.91
C GLY S 182 22.20 64.37 14.85
N LEU S 183 21.22 63.48 15.08
CA LEU S 183 20.17 63.27 14.08
C LEU S 183 19.25 64.49 13.98
N VAL S 184 19.02 65.19 15.08
CA VAL S 184 18.18 66.37 15.12
C VAL S 184 18.98 67.50 15.77
N ASP S 185 18.33 68.66 15.91
CA ASP S 185 18.95 69.84 16.50
C ASP S 185 18.41 70.17 17.88
N SER S 186 17.09 70.26 18.03
CA SER S 186 16.48 70.59 19.31
C SER S 186 15.13 69.87 19.41
N ILE S 187 14.39 70.19 20.47
CA ILE S 187 13.08 69.60 20.73
C ILE S 187 12.08 70.73 20.93
N LEU S 188 10.84 70.47 20.52
CA LEU S 188 9.76 71.44 20.63
C LEU S 188 8.78 70.95 21.70
N THR S 189 8.93 71.46 22.92
CA THR S 189 8.06 71.06 24.02
C THR S 189 6.83 71.96 24.09
N HIS S 190 7.05 73.27 24.18
CA HIS S 190 5.96 74.24 24.25
C HIS S 190 6.30 75.43 23.36
N ARG S 191 5.25 76.14 22.94
CA ARG S 191 5.41 77.32 22.06
C ARG S 191 5.83 78.51 22.93
N ASN S 192 6.92 79.18 22.57
CA ASN S 192 7.45 80.34 23.30
C ASN S 192 6.93 81.64 22.69
N LEU T 1 -4.41 61.95 -1.79
CA LEU T 1 -4.98 63.29 -1.87
C LEU T 1 -4.04 64.22 -2.64
N VAL T 2 -4.62 65.10 -3.45
CA VAL T 2 -3.86 66.05 -4.25
C VAL T 2 -4.09 67.45 -3.71
N PRO T 3 -3.08 68.11 -3.15
CA PRO T 3 -3.29 69.47 -2.63
C PRO T 3 -3.66 70.45 -3.73
N MET T 4 -4.43 71.46 -3.35
CA MET T 4 -4.89 72.51 -4.25
C MET T 4 -4.07 73.77 -4.02
N VAL T 5 -3.63 74.38 -5.11
CA VAL T 5 -2.83 75.60 -5.06
C VAL T 5 -3.63 76.74 -5.69
N ILE T 6 -3.14 77.95 -5.49
CA ILE T 6 -3.77 79.16 -6.00
C ILE T 6 -2.74 79.95 -6.81
N GLU T 7 -3.15 80.41 -7.99
CA GLU T 7 -2.29 81.20 -8.87
C GLU T 7 -2.80 82.63 -8.86
N GLN T 8 -1.94 83.56 -8.46
CA GLN T 8 -2.30 84.98 -8.39
C GLN T 8 -1.93 85.63 -9.71
N THR T 9 -2.92 85.82 -10.57
CA THR T 9 -2.74 86.45 -11.87
C THR T 9 -3.48 87.78 -11.90
N SER T 10 -3.12 88.60 -12.89
CA SER T 10 -3.77 89.90 -13.03
C SER T 10 -5.28 89.73 -13.22
N ARG T 11 -5.70 88.70 -13.95
CA ARG T 11 -7.11 88.48 -14.17
C ARG T 11 -7.82 88.15 -12.85
N GLY T 12 -7.19 87.34 -12.01
CA GLY T 12 -7.77 86.99 -10.73
C GLY T 12 -7.23 85.66 -10.24
N GLU T 13 -7.73 85.26 -9.09
CA GLU T 13 -7.31 83.99 -8.50
C GLU T 13 -7.83 82.82 -9.34
N ARG T 14 -7.12 81.70 -9.27
CA ARG T 14 -7.47 80.51 -10.03
C ARG T 14 -7.07 79.28 -9.23
N SER T 15 -8.03 78.40 -8.97
CA SER T 15 -7.75 77.17 -8.21
C SER T 15 -7.10 76.17 -9.15
N PHE T 16 -5.98 75.60 -8.71
CA PHE T 16 -5.24 74.64 -9.51
C PHE T 16 -4.75 73.49 -8.64
N ASP T 17 -4.53 72.34 -9.27
CA ASP T 17 -4.01 71.17 -8.60
C ASP T 17 -2.48 71.25 -8.62
N ILE T 18 -1.85 70.55 -7.68
CA ILE T 18 -0.39 70.58 -7.62
C ILE T 18 0.19 70.10 -8.94
N TYR T 19 -0.38 69.03 -9.51
CA TYR T 19 0.12 68.54 -10.79
C TYR T 19 -0.32 69.44 -11.93
N SER T 20 -1.57 69.91 -11.89
CA SER T 20 -2.05 70.80 -12.94
C SER T 20 -1.28 72.11 -12.94
N ARG T 21 -0.97 72.64 -11.75
CA ARG T 21 -0.23 73.89 -11.68
C ARG T 21 1.14 73.75 -12.35
N LEU T 22 1.85 72.66 -12.07
CA LEU T 22 3.15 72.45 -12.70
C LEU T 22 3.00 72.26 -14.19
N LEU T 23 1.93 71.60 -14.63
CA LEU T 23 1.72 71.40 -16.06
C LEU T 23 1.68 72.74 -16.77
N LYS T 24 1.09 73.75 -16.15
CA LYS T 24 1.03 75.07 -16.74
C LYS T 24 2.43 75.65 -16.93
N GLU T 25 3.42 75.13 -16.22
CA GLU T 25 4.81 75.58 -16.32
C GLU T 25 5.62 74.67 -17.23
N ARG T 26 4.97 73.82 -18.03
CA ARG T 26 5.65 72.90 -18.94
C ARG T 26 6.43 71.84 -18.17
N VAL T 27 5.76 71.20 -17.21
CA VAL T 27 6.35 70.16 -16.39
C VAL T 27 5.41 68.96 -16.41
N ILE T 28 5.95 67.80 -16.75
CA ILE T 28 5.19 66.56 -16.83
C ILE T 28 5.83 65.53 -15.91
N PHE T 29 4.98 64.78 -15.22
CA PHE T 29 5.43 63.75 -14.28
C PHE T 29 5.17 62.37 -14.86
N LEU T 30 6.17 61.50 -14.78
CA LEU T 30 6.10 60.12 -15.27
C LEU T 30 6.40 59.25 -14.07
N THR T 31 5.37 58.90 -13.30
CA THR T 31 5.52 58.09 -12.10
C THR T 31 4.75 56.79 -12.23
N GLY T 32 5.27 55.75 -11.57
CA GLY T 32 4.64 54.45 -11.60
C GLY T 32 5.02 53.66 -12.83
N GLN T 33 4.47 52.46 -12.91
CA GLN T 33 4.75 51.60 -14.05
C GLN T 33 4.23 52.25 -15.33
N VAL T 34 4.96 52.04 -16.43
CA VAL T 34 4.60 52.60 -17.73
C VAL T 34 3.54 51.69 -18.35
N GLU T 35 2.30 52.15 -18.34
CA GLU T 35 1.17 51.44 -18.91
C GLU T 35 0.57 52.25 -20.06
N ASP T 36 -0.49 51.73 -20.67
CA ASP T 36 -1.11 52.43 -21.79
C ASP T 36 -1.85 53.68 -21.33
N HIS T 37 -2.61 53.59 -20.25
CA HIS T 37 -3.39 54.74 -19.78
C HIS T 37 -2.47 55.88 -19.35
N MET T 38 -1.52 55.61 -18.46
CA MET T 38 -0.62 56.67 -18.02
C MET T 38 0.20 57.21 -19.19
N ALA T 39 0.70 56.32 -20.05
CA ALA T 39 1.47 56.77 -21.20
C ALA T 39 0.62 57.62 -22.12
N ASN T 40 -0.62 57.20 -22.37
CA ASN T 40 -1.50 57.99 -23.22
C ASN T 40 -1.75 59.36 -22.60
N LEU T 41 -1.88 59.42 -21.28
CA LEU T 41 -2.08 60.70 -20.61
C LEU T 41 -0.91 61.63 -20.84
N ILE T 42 0.31 61.09 -20.76
CA ILE T 42 1.51 61.92 -20.97
C ILE T 42 1.54 62.43 -22.40
N VAL T 43 1.15 61.59 -23.36
CA VAL T 43 1.15 62.02 -24.76
C VAL T 43 0.24 63.23 -24.93
N ALA T 44 -0.93 63.20 -24.30
CA ALA T 44 -1.85 64.33 -24.42
C ALA T 44 -1.23 65.60 -23.86
N GLN T 45 -0.53 65.50 -22.73
CA GLN T 45 0.10 66.68 -22.14
C GLN T 45 1.16 67.26 -23.07
N MET T 46 1.98 66.39 -23.69
CA MET T 46 3.00 66.88 -24.59
C MET T 46 2.39 67.63 -25.78
N LEU T 47 1.33 67.07 -26.36
CA LEU T 47 0.68 67.74 -27.48
C LEU T 47 0.11 69.09 -27.06
N PHE T 48 -0.53 69.13 -25.88
CA PHE T 48 -1.11 70.38 -25.40
C PHE T 48 -0.02 71.43 -25.19
N LEU T 49 1.10 71.05 -24.58
CA LEU T 49 2.17 72.00 -24.35
C LEU T 49 2.76 72.51 -25.66
N GLU T 50 2.89 71.63 -26.65
CA GLU T 50 3.44 72.05 -27.93
C GLU T 50 2.57 73.12 -28.58
N ALA T 51 1.24 72.93 -28.54
CA ALA T 51 0.34 73.91 -29.13
C ALA T 51 0.44 75.26 -28.42
N GLU T 52 0.52 75.23 -27.09
CA GLU T 52 0.60 76.48 -26.33
C GLU T 52 1.86 77.25 -26.69
N ASN T 53 2.99 76.57 -26.79
CA ASN T 53 4.24 77.22 -27.12
C ASN T 53 5.22 76.19 -27.70
N PRO T 54 5.28 76.05 -29.02
CA PRO T 54 6.20 75.06 -29.62
C PRO T 54 7.67 75.43 -29.56
N GLU T 55 8.03 76.50 -28.85
CA GLU T 55 9.41 76.92 -28.75
C GLU T 55 10.00 76.75 -27.35
N LYS T 56 9.18 76.66 -26.32
CA LYS T 56 9.68 76.50 -24.95
C LYS T 56 9.92 75.03 -24.65
N ASP T 57 11.02 74.75 -23.96
CA ASP T 57 11.37 73.39 -23.61
C ASP T 57 10.35 72.79 -22.65
N ILE T 58 10.20 71.46 -22.72
CA ILE T 58 9.28 70.71 -21.88
C ILE T 58 10.10 69.87 -20.92
N TYR T 59 9.73 69.90 -19.64
CA TYR T 59 10.42 69.14 -18.61
C TYR T 59 9.60 67.91 -18.26
N LEU T 60 10.27 66.75 -18.23
CA LEU T 60 9.62 65.47 -17.93
C LEU T 60 10.40 64.80 -16.80
N TYR T 61 9.83 64.80 -15.60
CA TYR T 61 10.47 64.14 -14.47
C TYR T 61 10.16 62.65 -14.55
N ILE T 62 11.20 61.83 -14.48
CA ILE T 62 11.06 60.38 -14.59
C ILE T 62 11.39 59.74 -13.25
N ASN T 63 10.42 59.02 -12.70
CA ASN T 63 10.59 58.25 -11.45
C ASN T 63 9.64 57.06 -11.59
N SER T 64 10.15 55.96 -12.12
CA SER T 64 9.31 54.81 -12.36
C SER T 64 10.15 53.56 -12.38
N PRO T 65 9.59 52.40 -12.03
CA PRO T 65 10.37 51.16 -12.09
C PRO T 65 10.25 50.48 -13.44
N GLY T 66 9.76 51.20 -14.45
CA GLY T 66 9.59 50.64 -15.78
C GLY T 66 8.19 50.08 -15.98
N GLY T 67 7.95 49.62 -17.21
CA GLY T 67 6.65 49.07 -17.55
C GLY T 67 6.56 48.50 -18.95
N VAL T 68 5.38 48.60 -19.56
CA VAL T 68 5.18 48.08 -20.90
C VAL T 68 6.08 48.82 -21.88
N ILE T 69 6.53 48.11 -22.91
CA ILE T 69 7.41 48.70 -23.91
C ILE T 69 6.60 49.49 -24.93
N THR T 70 5.52 48.91 -25.44
CA THR T 70 4.70 49.61 -26.42
C THR T 70 4.25 50.97 -25.88
N ALA T 71 3.87 51.02 -24.60
CA ALA T 71 3.46 52.29 -24.01
C ALA T 71 4.61 53.29 -24.03
N GLY T 72 5.81 52.83 -23.71
CA GLY T 72 6.96 53.72 -23.71
C GLY T 72 7.30 54.25 -25.09
N MET T 73 7.12 53.41 -26.12
CA MET T 73 7.42 53.84 -27.48
C MET T 73 6.55 55.03 -27.87
N SER T 74 5.28 55.01 -27.48
CA SER T 74 4.41 56.14 -27.80
C SER T 74 4.97 57.43 -27.21
N ILE T 75 5.43 57.38 -25.96
CA ILE T 75 6.02 58.56 -25.35
C ILE T 75 7.30 58.95 -26.06
N TYR T 76 8.15 57.96 -26.35
CA TYR T 76 9.41 58.24 -27.04
C TYR T 76 9.15 58.84 -28.42
N ASP T 77 8.21 58.27 -29.17
CA ASP T 77 7.90 58.79 -30.49
C ASP T 77 7.35 60.21 -30.40
N THR T 78 6.48 60.47 -29.44
CA THR T 78 5.91 61.81 -29.29
C THR T 78 7.00 62.82 -28.98
N MET T 79 7.95 62.46 -28.11
CA MET T 79 9.02 63.37 -27.75
C MET T 79 9.85 63.73 -28.98
N GLN T 80 10.16 62.75 -29.82
CA GLN T 80 10.96 63.02 -31.01
C GLN T 80 10.16 63.70 -32.11
N PHE T 81 8.83 63.76 -31.98
CA PHE T 81 7.99 64.39 -33.00
C PHE T 81 7.73 65.86 -32.70
N ILE T 82 7.44 66.21 -31.45
CA ILE T 82 7.16 67.60 -31.10
C ILE T 82 8.42 68.43 -31.20
N LYS T 83 8.30 69.63 -31.76
CA LYS T 83 9.44 70.52 -31.90
C LYS T 83 10.08 70.87 -30.57
N PRO T 84 9.35 71.18 -29.50
CA PRO T 84 10.00 71.54 -28.24
C PRO T 84 10.92 70.43 -27.75
N ASP T 85 12.05 70.86 -27.18
CA ASP T 85 13.02 69.93 -26.63
C ASP T 85 12.52 69.42 -25.28
N VAL T 86 12.40 68.11 -25.15
CA VAL T 86 11.90 67.49 -23.94
C VAL T 86 13.10 67.24 -23.02
N SER T 87 13.20 68.02 -21.94
CA SER T 87 14.27 67.87 -20.97
C SER T 87 13.84 66.81 -19.95
N THR T 88 14.57 65.71 -19.92
CA THR T 88 14.25 64.61 -19.01
C THR T 88 15.10 64.70 -17.75
N ILE T 89 14.46 64.61 -16.59
CA ILE T 89 15.11 64.66 -15.30
C ILE T 89 14.77 63.38 -14.55
N CYS T 90 15.78 62.69 -14.04
CA CYS T 90 15.60 61.43 -13.31
C CYS T 90 15.56 61.70 -11.82
N MET T 91 14.47 61.28 -11.17
CA MET T 91 14.29 61.45 -9.74
C MET T 91 14.03 60.08 -9.13
N GLY T 92 14.83 59.72 -8.13
CA GLY T 92 14.68 58.45 -7.47
C GLY T 92 15.33 57.30 -8.22
N GLN T 93 14.72 56.87 -9.32
CA GLN T 93 15.26 55.78 -10.10
C GLN T 93 14.71 55.83 -11.52
N ALA T 94 15.35 55.07 -12.40
CA ALA T 94 14.96 54.97 -13.80
C ALA T 94 15.24 53.55 -14.26
N ALA T 95 14.17 52.80 -14.55
CA ALA T 95 14.30 51.41 -14.98
C ALA T 95 14.57 51.36 -16.48
N SER T 96 14.42 50.18 -17.08
CA SER T 96 14.68 50.02 -18.51
C SER T 96 13.87 51.00 -19.33
N MET T 97 12.55 51.05 -19.11
CA MET T 97 11.73 52.00 -19.86
C MET T 97 12.00 53.42 -19.39
N GLY T 98 12.11 53.62 -18.07
CA GLY T 98 12.42 54.96 -17.57
C GLY T 98 13.75 55.45 -18.07
N ALA T 99 14.76 54.58 -18.06
CA ALA T 99 16.07 54.96 -18.57
C ALA T 99 16.02 55.23 -20.06
N PHE T 100 15.26 54.42 -20.81
CA PHE T 100 15.16 54.64 -22.24
C PHE T 100 14.56 56.00 -22.53
N LEU T 101 13.51 56.39 -21.82
CA LEU T 101 12.91 57.71 -22.02
C LEU T 101 13.84 58.80 -21.49
N LEU T 102 14.57 58.51 -20.41
CA LEU T 102 15.50 59.49 -19.85
C LEU T 102 16.57 59.86 -20.87
N THR T 103 17.15 58.85 -21.52
CA THR T 103 18.19 59.12 -22.51
C THR T 103 17.62 59.64 -23.83
N ALA T 104 16.30 59.51 -24.03
CA ALA T 104 15.67 59.98 -25.25
C ALA T 104 15.45 61.48 -25.27
N GLY T 105 15.71 62.17 -24.18
CA GLY T 105 15.52 63.60 -24.13
C GLY T 105 16.49 64.33 -25.06
N ALA T 106 16.24 65.63 -25.21
CA ALA T 106 17.08 66.44 -26.08
C ALA T 106 18.52 66.42 -25.59
N LYS T 107 19.46 66.34 -26.55
CA LYS T 107 20.87 66.32 -26.21
C LYS T 107 21.25 67.56 -25.42
N GLY T 108 22.01 67.35 -24.34
CA GLY T 108 22.44 68.44 -23.50
C GLY T 108 21.42 68.92 -22.49
N LYS T 109 20.22 68.31 -22.46
CA LYS T 109 19.18 68.70 -21.52
C LYS T 109 18.68 67.51 -20.71
N ARG T 110 19.49 66.46 -20.58
CA ARG T 110 19.14 65.28 -19.81
C ARG T 110 19.89 65.38 -18.49
N PHE T 111 19.15 65.49 -17.40
CA PHE T 111 19.73 65.63 -16.07
C PHE T 111 19.30 64.49 -15.17
N CYS T 112 20.09 64.28 -14.12
CA CYS T 112 19.82 63.24 -13.13
C CYS T 112 20.29 63.74 -11.77
N LEU T 113 19.50 63.48 -10.75
CA LEU T 113 19.86 63.91 -9.41
C LEU T 113 21.08 63.11 -8.92
N PRO T 114 21.86 63.67 -7.99
CA PRO T 114 23.06 62.96 -7.52
C PRO T 114 22.81 61.58 -6.95
N ASN T 115 21.71 61.38 -6.22
CA ASN T 115 21.41 60.09 -5.61
C ASN T 115 20.48 59.23 -6.45
N SER T 116 20.12 59.67 -7.65
CA SER T 116 19.24 58.87 -8.49
C SER T 116 19.98 57.65 -9.04
N ARG T 117 19.22 56.57 -9.24
CA ARG T 117 19.79 55.32 -9.78
C ARG T 117 19.21 55.10 -11.16
N VAL T 118 19.90 54.35 -12.01
CA VAL T 118 19.45 54.01 -13.36
C VAL T 118 19.75 52.55 -13.60
N MET T 119 18.75 51.82 -14.13
CA MET T 119 18.88 50.40 -14.43
C MET T 119 18.47 50.17 -15.88
N ILE T 120 19.31 49.44 -16.61
CA ILE T 120 19.06 49.13 -18.02
C ILE T 120 19.15 47.63 -18.20
N HIS T 121 18.18 47.05 -18.89
CA HIS T 121 18.15 45.61 -19.13
C HIS T 121 17.39 45.36 -20.43
N GLN T 122 17.55 44.14 -20.94
CA GLN T 122 16.89 43.77 -22.18
C GLN T 122 15.39 43.57 -21.97
N PRO T 123 14.60 43.59 -23.04
CA PRO T 123 13.16 43.42 -22.90
C PRO T 123 12.78 42.10 -22.25
N LEU T 124 11.69 42.14 -21.51
CA LEU T 124 11.14 40.97 -20.83
C LEU T 124 9.82 40.58 -21.48
N GLY T 125 9.54 39.29 -21.54
CA GLY T 125 8.31 38.84 -22.15
C GLY T 125 8.15 37.34 -22.05
N GLY T 126 7.13 36.84 -22.72
CA GLY T 126 6.85 35.42 -22.73
C GLY T 126 5.55 35.10 -23.43
N TYR T 127 5.40 33.84 -23.84
CA TYR T 127 4.19 33.42 -24.53
C TYR T 127 4.00 31.93 -24.32
N GLN T 128 2.74 31.51 -24.30
CA GLN T 128 2.36 30.12 -24.13
C GLN T 128 1.45 29.72 -25.28
N GLY T 129 1.77 28.61 -25.92
CA GLY T 129 0.96 28.13 -27.04
C GLY T 129 1.75 27.13 -27.87
N GLN T 130 1.36 27.06 -29.15
CA GLN T 130 2.01 26.14 -30.07
C GLN T 130 3.43 26.62 -30.39
N ALA T 131 4.24 25.70 -30.90
CA ALA T 131 5.61 26.04 -31.25
C ALA T 131 5.65 27.11 -32.33
N THR T 132 4.74 27.02 -33.31
CA THR T 132 4.72 28.02 -34.37
C THR T 132 4.46 29.41 -33.80
N ASP T 133 3.50 29.52 -32.88
CA ASP T 133 3.20 30.81 -32.25
C ASP T 133 4.38 31.30 -31.43
N ILE T 134 5.06 30.39 -30.73
CA ILE T 134 6.21 30.78 -29.91
C ILE T 134 7.30 31.38 -30.78
N GLU T 135 7.56 30.78 -31.95
CA GLU T 135 8.58 31.31 -32.84
C GLU T 135 8.23 32.72 -33.29
N ILE T 136 6.97 32.97 -33.61
CA ILE T 136 6.54 34.30 -34.06
C ILE T 136 6.75 35.31 -32.95
N HIS T 137 6.31 34.99 -31.73
CA HIS T 137 6.47 35.92 -30.62
C HIS T 137 7.93 36.05 -30.23
N ALA T 138 8.70 34.96 -30.30
CA ALA T 138 10.12 35.04 -29.99
C ALA T 138 10.84 35.99 -30.93
N ARG T 139 10.51 35.92 -32.22
CA ARG T 139 11.14 36.81 -33.18
C ARG T 139 10.74 38.26 -32.93
N GLU T 140 9.47 38.49 -32.58
CA GLU T 140 9.00 39.85 -32.34
C GLU T 140 9.77 40.50 -31.18
N ILE T 141 9.87 39.81 -30.05
CA ILE T 141 10.57 40.39 -28.91
C ILE T 141 12.05 40.62 -29.26
N LEU T 142 12.63 39.71 -30.03
CA LEU T 142 14.03 39.90 -30.43
C LEU T 142 14.18 41.16 -31.27
N LYS T 143 13.24 41.42 -32.18
CA LYS T 143 13.30 42.64 -32.97
C LYS T 143 13.18 43.86 -32.08
N VAL T 144 12.30 43.82 -31.09
CA VAL T 144 12.16 44.93 -30.16
C VAL T 144 13.46 45.15 -29.41
N LYS T 145 14.10 44.06 -28.98
CA LYS T 145 15.37 44.18 -28.27
C LYS T 145 16.41 44.85 -29.17
N GLY T 146 16.48 44.44 -30.43
CA GLY T 146 17.43 45.06 -31.35
C GLY T 146 17.10 46.51 -31.59
N ARG T 147 15.82 46.84 -31.77
CA ARG T 147 15.43 48.22 -31.99
C ARG T 147 15.75 49.07 -30.77
N MET T 148 15.48 48.55 -29.57
CA MET T 148 15.78 49.30 -28.36
C MET T 148 17.27 49.55 -28.23
N ASN T 149 18.09 48.54 -28.52
CA ASN T 149 19.54 48.71 -28.42
C ASN T 149 20.03 49.78 -29.40
N GLU T 150 19.51 49.78 -30.63
CA GLU T 150 19.93 50.77 -31.60
C GLU T 150 19.60 52.18 -31.12
N LEU T 151 18.39 52.38 -30.58
CA LEU T 151 18.02 53.69 -30.08
C LEU T 151 18.89 54.09 -28.90
N MET T 152 19.17 53.15 -27.99
CA MET T 152 20.01 53.47 -26.85
C MET T 152 21.39 53.92 -27.30
N ALA T 153 21.96 53.23 -28.28
CA ALA T 153 23.28 53.60 -28.78
C ALA T 153 23.24 54.97 -29.43
N LEU T 154 22.17 55.27 -30.18
CA LEU T 154 22.06 56.56 -30.85
C LEU T 154 22.07 57.71 -29.84
N HIS T 155 21.25 57.60 -28.79
CA HIS T 155 21.18 58.66 -27.80
C HIS T 155 22.38 58.65 -26.85
N THR T 156 22.79 57.46 -26.41
CA THR T 156 23.93 57.37 -25.49
C THR T 156 25.26 57.59 -26.17
N GLY T 157 25.34 57.39 -27.49
CA GLY T 157 26.58 57.56 -28.21
C GLY T 157 27.50 56.36 -28.15
N GLN T 158 27.13 55.31 -27.41
CA GLN T 158 27.95 54.12 -27.31
C GLN T 158 27.75 53.25 -28.55
N SER T 159 28.66 52.29 -28.73
CA SER T 159 28.57 51.38 -29.86
C SER T 159 27.44 50.39 -29.62
N LEU T 160 26.84 49.92 -30.71
CA LEU T 160 25.75 48.95 -30.59
C LEU T 160 26.22 47.70 -29.87
N GLU T 161 27.44 47.24 -30.16
CA GLU T 161 27.95 46.05 -29.51
C GLU T 161 28.07 46.25 -28.00
N GLN T 162 28.55 47.42 -27.58
CA GLN T 162 28.69 47.69 -26.15
C GLN T 162 27.34 47.68 -25.45
N ILE T 163 26.33 48.27 -26.07
CA ILE T 163 25.00 48.30 -25.46
C ILE T 163 24.45 46.89 -25.29
N GLU T 164 24.63 46.04 -26.31
CA GLU T 164 24.13 44.67 -26.20
C GLU T 164 24.78 43.94 -25.04
N ARG T 165 26.09 44.07 -24.87
CA ARG T 165 26.78 43.39 -23.78
C ARG T 165 26.31 43.92 -22.43
N ASP T 166 26.11 45.24 -22.32
CA ASP T 166 25.68 45.82 -21.05
C ASP T 166 24.22 45.54 -20.74
N THR T 167 23.39 45.35 -21.77
CA THR T 167 21.98 45.11 -21.58
C THR T 167 21.63 43.62 -21.43
N GLU T 168 22.60 42.72 -21.58
CA GLU T 168 22.29 41.29 -21.43
C GLU T 168 21.72 40.99 -20.06
N ARG T 169 22.22 41.69 -19.04
CA ARG T 169 21.75 41.48 -17.65
C ARG T 169 21.53 42.86 -17.01
N ASP T 170 20.68 42.94 -15.99
CA ASP T 170 20.41 44.19 -15.30
C ASP T 170 21.72 44.89 -14.94
N ARG T 171 21.82 46.16 -15.30
CA ARG T 171 23.01 46.97 -15.02
C ARG T 171 22.57 48.23 -14.29
N PHE T 172 23.11 48.45 -13.11
CA PHE T 172 22.79 49.62 -12.30
C PHE T 172 23.88 50.66 -12.47
N LEU T 173 23.46 51.90 -12.71
CA LEU T 173 24.38 53.02 -12.90
C LEU T 173 23.92 54.19 -12.04
N SER T 174 24.86 54.81 -11.34
CA SER T 174 24.55 55.95 -10.51
C SER T 174 24.61 57.21 -11.38
N ALA T 175 24.36 58.37 -10.77
CA ALA T 175 24.41 59.60 -11.55
C ALA T 175 25.76 59.83 -12.20
N PRO T 176 26.89 59.75 -11.48
CA PRO T 176 28.18 59.93 -12.17
C PRO T 176 28.42 58.91 -13.26
N GLU T 177 28.01 57.67 -13.04
CA GLU T 177 28.22 56.62 -14.04
C GLU T 177 27.38 56.89 -15.29
N ALA T 178 26.15 57.36 -15.11
CA ALA T 178 25.29 57.65 -16.26
C ALA T 178 25.91 58.74 -17.13
N VAL T 179 26.51 59.76 -16.51
CA VAL T 179 27.13 60.83 -17.28
C VAL T 179 28.26 60.27 -18.13
N GLU T 180 29.12 59.45 -17.53
CA GLU T 180 30.23 58.87 -18.28
C GLU T 180 29.74 57.88 -19.33
N TYR T 181 28.62 57.23 -19.08
CA TYR T 181 28.07 56.26 -20.01
C TYR T 181 27.27 56.92 -21.14
N GLY T 182 27.09 58.24 -21.09
CA GLY T 182 26.35 58.94 -22.11
C GLY T 182 24.84 58.89 -21.95
N LEU T 183 24.34 58.24 -20.89
CA LEU T 183 22.91 58.15 -20.68
C LEU T 183 22.29 59.50 -20.33
N VAL T 184 23.04 60.34 -19.61
CA VAL T 184 22.59 61.67 -19.23
C VAL T 184 23.65 62.68 -19.64
N ASP T 185 23.40 63.96 -19.33
CA ASP T 185 24.30 65.04 -19.68
C ASP T 185 25.02 65.63 -18.47
N SER T 186 24.30 65.96 -17.41
CA SER T 186 24.92 66.53 -16.23
C SER T 186 24.11 66.11 -15.00
N ILE T 187 24.48 66.67 -13.85
CA ILE T 187 23.82 66.38 -12.58
C ILE T 187 23.39 67.69 -11.95
N LEU T 188 22.25 67.65 -11.25
CA LEU T 188 21.69 68.82 -10.58
C LEU T 188 21.86 68.64 -9.08
N THR T 189 22.91 69.23 -8.53
CA THR T 189 23.19 69.14 -7.09
C THR T 189 22.50 70.27 -6.33
N HIS T 190 22.77 71.51 -6.71
CA HIS T 190 22.19 72.68 -6.08
C HIS T 190 21.78 73.67 -7.15
N ARG T 191 20.82 74.54 -6.79
CA ARG T 191 20.31 75.57 -7.72
C ARG T 191 21.30 76.74 -7.75
N ASN T 192 21.77 77.13 -8.93
CA ASN T 192 22.72 78.22 -9.10
C ASN T 192 21.98 79.54 -9.38
N LEU U 1 -5.11 60.11 -12.17
CA LEU U 1 -5.46 61.53 -12.10
C LEU U 1 -5.38 62.17 -13.48
N VAL U 2 -6.34 63.05 -13.78
CA VAL U 2 -6.40 63.74 -15.07
C VAL U 2 -6.06 65.21 -14.85
N PRO U 3 -4.95 65.70 -15.39
CA PRO U 3 -4.62 67.13 -15.19
C PRO U 3 -5.66 68.04 -15.82
N MET U 4 -5.81 69.22 -15.24
CA MET U 4 -6.74 70.23 -15.69
C MET U 4 -5.98 71.31 -16.45
N VAL U 5 -6.51 71.71 -17.60
CA VAL U 5 -5.90 72.74 -18.43
C VAL U 5 -6.82 73.94 -18.49
N ILE U 6 -6.28 75.06 -18.98
CA ILE U 6 -7.03 76.31 -19.10
C ILE U 6 -6.95 76.78 -20.54
N GLU U 7 -8.09 77.22 -21.08
CA GLU U 7 -8.19 77.73 -22.44
C GLU U 7 -8.43 79.22 -22.37
N GLN U 8 -7.54 80.00 -22.97
CA GLN U 8 -7.64 81.46 -22.98
C GLN U 8 -8.38 81.89 -24.24
N THR U 9 -9.67 82.17 -24.10
CA THR U 9 -10.52 82.61 -25.19
C THR U 9 -10.96 84.05 -24.95
N SER U 10 -11.42 84.70 -26.03
CA SER U 10 -11.89 86.07 -25.90
C SER U 10 -13.02 86.19 -24.88
N ARG U 11 -13.89 85.18 -24.81
CA ARG U 11 -14.98 85.23 -23.84
C ARG U 11 -14.44 85.20 -22.42
N GLY U 12 -13.43 84.38 -22.17
CA GLY U 12 -12.85 84.29 -20.85
C GLY U 12 -12.17 82.95 -20.65
N GLU U 13 -11.63 82.76 -19.46
CA GLU U 13 -10.97 81.51 -19.11
C GLU U 13 -11.98 80.38 -19.03
N ARG U 14 -11.50 79.15 -19.24
CA ARG U 14 -12.36 77.98 -19.20
C ARG U 14 -11.58 76.78 -18.72
N SER U 15 -12.04 76.13 -17.65
CA SER U 15 -11.36 74.96 -17.12
C SER U 15 -11.72 73.76 -17.97
N PHE U 16 -10.68 73.02 -18.40
CA PHE U 16 -10.87 71.85 -19.25
C PHE U 16 -9.96 70.73 -18.80
N ASP U 17 -10.36 69.51 -19.12
CA ASP U 17 -9.56 68.32 -18.84
C ASP U 17 -8.61 68.09 -20.00
N ILE U 18 -7.52 67.38 -19.72
CA ILE U 18 -6.55 67.12 -20.77
C ILE U 18 -7.21 66.40 -21.94
N TYR U 19 -8.06 65.41 -21.64
CA TYR U 19 -8.76 64.70 -22.71
C TYR U 19 -9.87 65.56 -23.30
N SER U 20 -10.61 66.27 -22.45
CA SER U 20 -11.68 67.12 -22.95
C SER U 20 -11.12 68.25 -23.82
N ARG U 21 -9.99 68.83 -23.41
CA ARG U 21 -9.39 69.89 -24.20
C ARG U 21 -9.02 69.42 -25.59
N LEU U 22 -8.42 68.23 -25.70
CA LEU U 22 -8.06 67.71 -27.01
C LEU U 22 -9.31 67.37 -27.81
N LEU U 23 -10.37 66.92 -27.14
CA LEU U 23 -11.61 66.63 -27.85
C LEU U 23 -12.12 67.86 -28.57
N LYS U 24 -11.96 69.04 -27.95
CA LYS U 24 -12.39 70.28 -28.57
C LYS U 24 -11.61 70.54 -29.86
N GLU U 25 -10.45 69.92 -30.02
CA GLU U 25 -9.63 70.06 -31.22
C GLU U 25 -9.84 68.92 -32.19
N ARG U 26 -10.91 68.14 -32.03
CA ARG U 26 -11.23 67.01 -32.90
C ARG U 26 -10.18 65.90 -32.77
N VAL U 27 -9.91 65.51 -31.53
CA VAL U 27 -8.95 64.46 -31.22
C VAL U 27 -9.63 63.47 -30.27
N ILE U 28 -9.62 62.19 -30.65
CA ILE U 28 -10.24 61.13 -29.86
C ILE U 28 -9.16 60.11 -29.51
N PHE U 29 -9.21 59.61 -28.28
CA PHE U 29 -8.27 58.62 -27.79
C PHE U 29 -8.94 57.27 -27.66
N LEU U 30 -8.29 56.23 -28.16
CA LEU U 30 -8.77 54.86 -28.12
C LEU U 30 -7.69 54.06 -27.39
N THR U 31 -7.79 54.01 -26.06
CA THR U 31 -6.82 53.32 -25.24
C THR U 31 -7.47 52.19 -24.46
N GLY U 32 -6.70 51.15 -24.19
CA GLY U 32 -7.19 50.00 -23.46
C GLY U 32 -7.92 49.02 -24.35
N GLN U 33 -8.40 47.95 -23.72
CA GLN U 33 -9.14 46.94 -24.46
C GLN U 33 -10.42 47.54 -25.03
N VAL U 34 -10.78 47.09 -26.23
CA VAL U 34 -11.98 47.58 -26.91
C VAL U 34 -13.18 46.84 -26.33
N GLU U 35 -13.92 47.52 -25.47
CA GLU U 35 -15.12 46.99 -24.84
C GLU U 35 -16.34 47.78 -25.32
N ASP U 36 -17.51 47.42 -24.78
CA ASP U 36 -18.73 48.11 -25.19
C ASP U 36 -18.81 49.52 -24.63
N HIS U 37 -18.46 49.70 -23.36
CA HIS U 37 -18.56 51.03 -22.76
C HIS U 37 -17.59 52.02 -23.42
N MET U 38 -16.31 51.66 -23.51
CA MET U 38 -15.34 52.56 -24.13
C MET U 38 -15.68 52.79 -25.59
N ALA U 39 -16.06 51.73 -26.31
CA ALA U 39 -16.42 51.89 -27.71
C ALA U 39 -17.64 52.79 -27.86
N ASN U 40 -18.63 52.61 -27.00
CA ASN U 40 -19.82 53.46 -27.05
C ASN U 40 -19.45 54.90 -26.77
N LEU U 41 -18.49 55.12 -25.86
CA LEU U 41 -18.06 56.48 -25.56
C LEU U 41 -17.43 57.13 -26.78
N ILE U 42 -16.62 56.38 -27.52
CA ILE U 42 -15.99 56.92 -28.73
C ILE U 42 -17.03 57.25 -29.77
N VAL U 43 -18.06 56.41 -29.90
CA VAL U 43 -19.11 56.68 -30.88
C VAL U 43 -19.77 58.01 -30.59
N ALA U 44 -20.04 58.30 -29.31
CA ALA U 44 -20.67 59.56 -28.96
C ALA U 44 -19.78 60.74 -29.34
N GLN U 45 -18.47 60.61 -29.12
CA GLN U 45 -17.56 61.70 -29.47
C GLN U 45 -17.57 61.96 -30.98
N MET U 46 -17.55 60.89 -31.78
CA MET U 46 -17.57 61.07 -33.22
C MET U 46 -18.84 61.78 -33.68
N LEU U 47 -19.99 61.39 -33.12
CA LEU U 47 -21.24 62.04 -33.50
C LEU U 47 -21.22 63.51 -33.08
N PHE U 48 -20.71 63.81 -31.90
CA PHE U 48 -20.65 65.20 -31.43
C PHE U 48 -19.74 66.03 -32.33
N LEU U 49 -18.58 65.48 -32.69
CA LEU U 49 -17.66 66.23 -33.54
C LEU U 49 -18.27 66.48 -34.92
N GLU U 50 -18.99 65.50 -35.46
CA GLU U 50 -19.59 65.68 -36.77
C GLU U 50 -20.58 66.84 -36.77
N ALA U 51 -21.40 66.93 -35.72
CA ALA U 51 -22.39 68.01 -35.64
C ALA U 51 -21.70 69.37 -35.55
N GLU U 52 -20.63 69.46 -34.76
CA GLU U 52 -19.92 70.74 -34.62
C GLU U 52 -19.37 71.20 -35.96
N ASN U 53 -18.76 70.30 -36.71
CA ASN U 53 -18.19 70.65 -38.01
C ASN U 53 -18.08 69.40 -38.87
N PRO U 54 -19.05 69.11 -39.72
CA PRO U 54 -18.98 67.92 -40.56
C PRO U 54 -17.99 67.99 -41.72
N GLU U 55 -17.14 69.02 -41.75
CA GLU U 55 -16.15 69.18 -42.82
C GLU U 55 -14.71 69.05 -42.34
N LYS U 56 -14.45 69.18 -41.04
CA LYS U 56 -13.10 69.07 -40.53
C LYS U 56 -12.79 67.62 -40.19
N ASP U 57 -11.56 67.20 -40.50
CA ASP U 57 -11.13 65.83 -40.23
C ASP U 57 -11.08 65.57 -38.73
N ILE U 58 -11.30 64.30 -38.38
CA ILE U 58 -11.28 63.83 -37.00
C ILE U 58 -10.05 62.95 -36.80
N TYR U 59 -9.33 63.19 -35.72
CA TYR U 59 -8.13 62.43 -35.40
C TYR U 59 -8.44 61.41 -34.32
N LEU U 60 -8.03 60.17 -34.54
CA LEU U 60 -8.27 59.07 -33.60
C LEU U 60 -6.95 58.38 -33.31
N TYR U 61 -6.40 58.62 -32.13
CA TYR U 61 -5.15 57.97 -31.73
C TYR U 61 -5.49 56.57 -31.23
N ILE U 62 -4.80 55.57 -31.77
CA ILE U 62 -5.04 54.18 -31.42
C ILE U 62 -3.84 53.62 -30.66
N ASN U 63 -4.08 53.16 -29.44
CA ASN U 63 -3.06 52.52 -28.60
C ASN U 63 -3.84 51.53 -27.73
N SER U 64 -3.97 50.30 -28.21
CA SER U 64 -4.75 49.32 -27.47
C SER U 64 -4.29 47.93 -27.84
N PRO U 65 -4.43 46.95 -26.94
CA PRO U 65 -4.04 45.59 -27.28
C PRO U 65 -5.17 44.80 -27.91
N GLY U 66 -6.23 45.49 -28.34
CA GLY U 66 -7.37 44.83 -28.93
C GLY U 66 -8.45 44.53 -27.91
N GLY U 67 -9.56 43.99 -28.40
CA GLY U 67 -10.67 43.65 -27.54
C GLY U 67 -11.84 43.00 -28.24
N VAL U 68 -13.05 43.25 -27.75
CA VAL U 68 -14.24 42.65 -28.34
C VAL U 68 -14.37 43.12 -29.79
N ILE U 69 -14.92 42.25 -30.63
CA ILE U 69 -15.08 42.56 -32.04
C ILE U 69 -16.35 43.39 -32.26
N THR U 70 -17.47 42.98 -31.66
CA THR U 70 -18.70 43.73 -31.83
C THR U 70 -18.51 45.19 -31.45
N ALA U 71 -17.77 45.45 -30.37
CA ALA U 71 -17.53 46.83 -29.97
C ALA U 71 -16.76 47.58 -31.05
N GLY U 72 -15.76 46.93 -31.65
CA GLY U 72 -14.99 47.58 -32.70
C GLY U 72 -15.82 47.87 -33.94
N MET U 73 -16.75 46.98 -34.27
CA MET U 73 -17.59 47.20 -35.45
C MET U 73 -18.38 48.48 -35.32
N SER U 74 -18.89 48.77 -34.12
CA SER U 74 -19.64 50.00 -33.93
C SER U 74 -18.77 51.22 -34.25
N ILE U 75 -17.52 51.20 -33.80
CA ILE U 75 -16.62 52.31 -34.10
C ILE U 75 -16.33 52.35 -35.60
N TYR U 76 -16.06 51.19 -36.21
CA TYR U 76 -15.79 51.16 -37.64
C TYR U 76 -16.98 51.66 -38.45
N ASP U 77 -18.18 51.20 -38.10
CA ASP U 77 -19.36 51.63 -38.82
C ASP U 77 -19.58 53.13 -38.66
N THR U 78 -19.38 53.65 -37.45
CA THR U 78 -19.56 55.08 -37.22
C THR U 78 -18.56 55.89 -38.05
N MET U 79 -17.33 55.42 -38.13
CA MET U 79 -16.32 56.12 -38.91
C MET U 79 -16.70 56.17 -40.39
N GLN U 80 -17.22 55.07 -40.92
CA GLN U 80 -17.62 55.03 -42.31
C GLN U 80 -18.95 55.73 -42.56
N PHE U 81 -19.69 56.07 -41.50
CA PHE U 81 -20.98 56.74 -41.66
C PHE U 81 -20.85 58.25 -41.62
N ILE U 82 -20.03 58.79 -40.71
CA ILE U 82 -19.89 60.24 -40.60
C ILE U 82 -19.11 60.78 -41.79
N LYS U 83 -19.55 61.93 -42.30
CA LYS U 83 -18.87 62.55 -43.44
C LYS U 83 -17.42 62.91 -43.15
N PRO U 84 -17.07 63.47 -41.99
CA PRO U 84 -15.66 63.82 -41.75
C PRO U 84 -14.75 62.62 -41.89
N ASP U 85 -13.55 62.86 -42.44
CA ASP U 85 -12.54 61.82 -42.60
C ASP U 85 -11.88 61.58 -41.26
N VAL U 86 -11.92 60.33 -40.79
CA VAL U 86 -11.34 59.96 -39.51
C VAL U 86 -9.88 59.56 -39.76
N SER U 87 -8.95 60.42 -39.35
CA SER U 87 -7.53 60.15 -39.51
C SER U 87 -7.07 59.33 -38.30
N THR U 88 -6.62 58.11 -38.56
CA THR U 88 -6.18 57.21 -37.50
C THR U 88 -4.66 57.26 -37.37
N ILE U 89 -4.20 57.41 -36.13
CA ILE U 89 -2.77 57.46 -35.81
C ILE U 89 -2.49 56.36 -34.79
N CYS U 90 -1.49 55.54 -35.08
CA CYS U 90 -1.11 54.42 -34.22
C CYS U 90 0.02 54.85 -33.30
N MET U 91 -0.20 54.72 -31.99
CA MET U 91 0.80 55.07 -30.99
C MET U 91 1.04 53.85 -30.11
N GLY U 92 2.29 53.43 -29.99
CA GLY U 92 2.63 52.30 -29.17
C GLY U 92 2.42 50.97 -29.88
N GLN U 93 1.16 50.56 -30.02
CA GLN U 93 0.86 49.30 -30.68
C GLN U 93 -0.57 49.31 -31.19
N ALA U 94 -0.87 48.37 -32.07
CA ALA U 94 -2.20 48.20 -32.64
C ALA U 94 -2.46 46.72 -32.81
N ALA U 95 -3.40 46.17 -32.04
CA ALA U 95 -3.72 44.76 -32.10
C ALA U 95 -4.68 44.48 -33.24
N SER U 96 -5.30 43.30 -33.25
CA SER U 96 -6.22 42.95 -34.31
C SER U 96 -7.32 43.99 -34.45
N MET U 97 -8.01 44.32 -33.36
CA MET U 97 -9.05 45.33 -33.44
C MET U 97 -8.44 46.71 -33.64
N GLY U 98 -7.35 47.01 -32.94
CA GLY U 98 -6.69 48.29 -33.13
C GLY U 98 -6.20 48.47 -34.55
N ALA U 99 -5.61 47.42 -35.11
CA ALA U 99 -5.12 47.48 -36.49
C ALA U 99 -6.30 47.60 -37.46
N PHE U 100 -7.38 46.88 -37.19
CA PHE U 100 -8.55 46.96 -38.06
C PHE U 100 -9.10 48.38 -38.11
N LEU U 101 -9.20 49.03 -36.95
CA LEU U 101 -9.67 50.40 -36.93
C LEU U 101 -8.64 51.34 -37.51
N LEU U 102 -7.35 51.05 -37.31
CA LEU U 102 -6.30 51.89 -37.84
C LEU U 102 -6.37 51.93 -39.37
N THR U 103 -6.54 50.77 -40.00
CA THR U 103 -6.63 50.72 -41.46
C THR U 103 -7.98 51.20 -41.96
N ALA U 104 -8.98 51.31 -41.09
CA ALA U 104 -10.30 51.76 -41.50
C ALA U 104 -10.38 53.27 -41.69
N GLY U 105 -9.32 54.00 -41.34
CA GLY U 105 -9.33 55.43 -41.49
C GLY U 105 -9.39 55.86 -42.95
N ALA U 106 -9.60 57.16 -43.14
CA ALA U 106 -9.69 57.68 -44.49
C ALA U 106 -8.40 57.42 -45.26
N LYS U 107 -8.54 57.06 -46.53
CA LYS U 107 -7.38 56.78 -47.36
C LYS U 107 -6.47 57.99 -47.42
N GLY U 108 -5.17 57.76 -47.25
CA GLY U 108 -4.19 58.83 -47.27
C GLY U 108 -4.06 59.60 -45.98
N LYS U 109 -4.82 59.25 -44.95
CA LYS U 109 -4.76 59.93 -43.67
C LYS U 109 -4.52 58.96 -42.51
N ARG U 110 -3.95 57.79 -42.81
CA ARG U 110 -3.64 56.78 -41.81
C ARG U 110 -2.14 56.87 -41.54
N PHE U 111 -1.77 57.23 -40.31
CA PHE U 111 -0.38 57.39 -39.94
C PHE U 111 -0.02 56.45 -38.79
N CYS U 112 1.28 56.21 -38.67
CA CYS U 112 1.82 55.35 -37.62
C CYS U 112 3.19 55.87 -37.23
N LEU U 113 3.45 55.91 -35.94
CA LEU U 113 4.73 56.40 -35.45
C LEU U 113 5.84 55.43 -35.86
N PRO U 114 7.08 55.92 -35.98
CA PRO U 114 8.17 55.02 -36.42
C PRO U 114 8.37 53.80 -35.54
N ASN U 115 8.23 53.91 -34.23
CA ASN U 115 8.43 52.78 -33.33
C ASN U 115 7.15 52.05 -32.97
N SER U 116 6.01 52.41 -33.57
CA SER U 116 4.77 51.72 -33.27
C SER U 116 4.76 50.33 -33.91
N ARG U 117 4.09 49.41 -33.23
CA ARG U 117 3.98 48.02 -33.71
C ARG U 117 2.53 47.78 -34.13
N VAL U 118 2.30 46.82 -35.02
CA VAL U 118 0.97 46.44 -35.47
C VAL U 118 0.89 44.93 -35.51
N MET U 119 -0.20 44.38 -34.98
CA MET U 119 -0.42 42.94 -34.93
C MET U 119 -1.80 42.65 -35.51
N ILE U 120 -1.87 41.68 -36.43
CA ILE U 120 -3.12 41.28 -37.06
C ILE U 120 -3.27 39.78 -36.91
N HIS U 121 -4.45 39.34 -36.51
CA HIS U 121 -4.72 37.91 -36.32
C HIS U 121 -6.20 37.67 -36.52
N GLN U 122 -6.55 36.40 -36.71
CA GLN U 122 -7.94 36.03 -36.91
C GLN U 122 -8.73 36.16 -35.62
N PRO U 123 -10.06 36.22 -35.71
CA PRO U 123 -10.88 36.38 -34.50
C PRO U 123 -10.69 35.24 -33.52
N LEU U 124 -10.84 35.57 -32.25
CA LEU U 124 -10.74 34.63 -31.14
C LEU U 124 -12.10 34.46 -30.49
N GLY U 125 -12.38 33.24 -30.04
CA GLY U 125 -13.65 32.98 -29.40
C GLY U 125 -13.76 31.55 -28.96
N GLY U 126 -14.97 31.18 -28.54
CA GLY U 126 -15.24 29.83 -28.08
C GLY U 126 -16.61 29.71 -27.47
N TYR U 127 -17.09 28.48 -27.32
CA TYR U 127 -18.40 28.24 -26.75
C TYR U 127 -18.44 26.84 -26.15
N GLN U 128 -19.24 26.69 -25.10
CA GLN U 128 -19.41 25.42 -24.40
C GLN U 128 -20.89 25.08 -24.35
N GLY U 129 -21.23 23.86 -24.73
CA GLY U 129 -22.63 23.45 -24.70
C GLY U 129 -22.85 22.26 -25.62
N GLN U 130 -24.09 22.14 -26.09
CA GLN U 130 -24.44 21.04 -26.97
C GLN U 130 -23.76 21.20 -28.32
N ALA U 131 -23.62 20.08 -29.03
CA ALA U 131 -22.98 20.11 -30.33
C ALA U 131 -23.73 21.02 -31.28
N THR U 132 -25.07 21.01 -31.21
CA THR U 132 -25.86 21.88 -32.08
C THR U 132 -25.52 23.34 -31.84
N ASP U 133 -25.42 23.75 -30.58
CA ASP U 133 -25.07 25.13 -30.27
C ASP U 133 -23.66 25.46 -30.72
N ILE U 134 -22.73 24.51 -30.56
CA ILE U 134 -21.35 24.74 -30.98
C ILE U 134 -21.28 25.02 -32.48
N GLU U 135 -22.03 24.26 -33.27
CA GLU U 135 -22.03 24.48 -34.72
C GLU U 135 -22.54 25.87 -35.06
N ILE U 136 -23.60 26.32 -34.38
CA ILE U 136 -24.13 27.65 -34.65
C ILE U 136 -23.09 28.71 -34.33
N HIS U 137 -22.47 28.61 -33.16
CA HIS U 137 -21.47 29.60 -32.78
C HIS U 137 -20.22 29.48 -33.66
N ALA U 138 -19.85 28.25 -34.03
CA ALA U 138 -18.69 28.08 -34.89
C ALA U 138 -18.91 28.77 -36.24
N ARG U 139 -20.11 28.64 -36.81
CA ARG U 139 -20.41 29.29 -38.07
C ARG U 139 -20.39 30.80 -37.93
N GLU U 140 -20.93 31.31 -36.82
CA GLU U 140 -20.97 32.75 -36.61
C GLU U 140 -19.57 33.35 -36.59
N ILE U 141 -18.66 32.76 -35.81
CA ILE U 141 -17.30 33.31 -35.73
C ILE U 141 -16.63 33.21 -37.09
N LEU U 142 -16.89 32.14 -37.84
CA LEU U 142 -16.31 32.00 -39.16
C LEU U 142 -16.78 33.13 -40.08
N LYS U 143 -18.07 33.47 -40.01
CA LYS U 143 -18.58 34.57 -40.82
C LYS U 143 -17.91 35.87 -40.42
N VAL U 144 -17.72 36.09 -39.13
CA VAL U 144 -17.04 37.29 -38.66
C VAL U 144 -15.62 37.32 -39.21
N LYS U 145 -14.95 36.17 -39.19
CA LYS U 145 -13.59 36.10 -39.73
C LYS U 145 -13.58 36.46 -41.21
N GLY U 146 -14.53 35.91 -41.96
CA GLY U 146 -14.59 36.23 -43.39
C GLY U 146 -14.90 37.69 -43.62
N ARG U 147 -15.84 38.24 -42.86
CA ARG U 147 -16.20 39.65 -43.02
C ARG U 147 -15.02 40.55 -42.68
N MET U 148 -14.30 40.21 -41.60
CA MET U 148 -13.14 41.02 -41.21
C MET U 148 -12.07 41.00 -42.30
N ASN U 149 -11.81 39.82 -42.88
CA ASN U 149 -10.79 39.73 -43.92
C ASN U 149 -11.19 40.57 -45.14
N GLU U 150 -12.46 40.53 -45.52
CA GLU U 150 -12.91 41.32 -46.67
C GLU U 150 -12.68 42.80 -46.44
N LEU U 151 -13.02 43.29 -45.24
CA LEU U 151 -12.82 44.70 -44.93
C LEU U 151 -11.34 45.04 -44.92
N MET U 152 -10.51 44.17 -44.34
CA MET U 152 -9.07 44.43 -44.31
C MET U 152 -8.51 44.53 -45.73
N ALA U 153 -8.93 43.63 -46.62
CA ALA U 153 -8.45 43.68 -47.99
C ALA U 153 -8.92 44.95 -48.68
N LEU U 154 -10.16 45.37 -48.41
CA LEU U 154 -10.68 46.58 -49.04
C LEU U 154 -9.85 47.81 -48.66
N HIS U 155 -9.57 47.98 -47.37
CA HIS U 155 -8.81 49.13 -46.92
C HIS U 155 -7.32 48.97 -47.21
N THR U 156 -6.77 47.79 -46.96
CA THR U 156 -5.34 47.57 -47.20
C THR U 156 -5.01 47.46 -48.68
N GLY U 157 -5.97 47.07 -49.52
CA GLY U 157 -5.72 46.91 -50.94
C GLY U 157 -5.15 45.57 -51.32
N GLN U 158 -4.83 44.72 -50.35
CA GLN U 158 -4.30 43.40 -50.63
C GLN U 158 -5.42 42.47 -51.08
N SER U 159 -5.02 41.34 -51.65
CA SER U 159 -5.98 40.34 -52.10
C SER U 159 -6.58 39.63 -50.90
N LEU U 160 -7.82 39.17 -51.04
CA LEU U 160 -8.48 38.45 -49.95
C LEU U 160 -7.69 37.21 -49.57
N GLU U 161 -7.15 36.51 -50.57
CA GLU U 161 -6.37 35.30 -50.28
C GLU U 161 -5.14 35.63 -49.45
N GLN U 162 -4.44 36.73 -49.80
CA GLN U 162 -3.25 37.10 -49.04
C GLN U 162 -3.58 37.44 -47.60
N ILE U 163 -4.69 38.15 -47.37
CA ILE U 163 -5.07 38.51 -46.01
C ILE U 163 -5.36 37.26 -45.19
N GLU U 164 -6.05 36.29 -45.77
CA GLU U 164 -6.37 35.07 -45.05
C GLU U 164 -5.10 34.35 -44.62
N ARG U 165 -4.12 34.23 -45.52
CA ARG U 165 -2.88 33.54 -45.18
C ARG U 165 -2.12 34.28 -44.08
N ASP U 166 -2.07 35.61 -44.17
CA ASP U 166 -1.34 36.39 -43.16
C ASP U 166 -2.06 36.45 -41.83
N THR U 167 -3.39 36.33 -41.83
CA THR U 167 -4.17 36.39 -40.61
C THR U 167 -4.35 35.04 -39.93
N GLU U 168 -3.87 33.95 -40.53
CA GLU U 168 -4.02 32.65 -39.89
C GLU U 168 -3.36 32.61 -38.53
N ARG U 169 -2.22 33.30 -38.40
CA ARG U 169 -1.48 33.36 -37.11
C ARG U 169 -1.07 34.81 -36.86
N ASP U 170 -0.82 35.18 -35.60
CA ASP U 170 -0.40 36.53 -35.25
C ASP U 170 0.75 36.97 -36.15
N ARG U 171 0.61 38.15 -36.72
CA ARG U 171 1.63 38.73 -37.59
C ARG U 171 1.97 40.11 -37.09
N PHE U 172 3.25 40.34 -36.79
CA PHE U 172 3.72 41.62 -36.28
C PHE U 172 4.35 42.41 -37.42
N LEU U 173 3.93 43.66 -37.58
CA LEU U 173 4.44 44.53 -38.62
C LEU U 173 4.86 45.86 -37.99
N SER U 174 6.04 46.34 -38.37
CA SER U 174 6.53 47.61 -37.88
C SER U 174 5.96 48.73 -38.75
N ALA U 175 6.33 49.97 -38.43
CA ALA U 175 5.82 51.09 -39.22
C ALA U 175 6.21 50.96 -40.69
N PRO U 176 7.47 50.72 -41.05
CA PRO U 176 7.78 50.57 -42.49
C PRO U 176 7.04 49.42 -43.14
N GLU U 177 6.87 48.31 -42.42
CA GLU U 177 6.17 47.15 -42.99
C GLU U 177 4.70 47.46 -43.21
N ALA U 178 4.08 48.19 -42.28
CA ALA U 178 2.67 48.52 -42.43
C ALA U 178 2.44 49.36 -43.68
N VAL U 179 3.34 50.30 -43.97
CA VAL U 179 3.21 51.13 -45.15
C VAL U 179 3.25 50.28 -46.41
N GLU U 180 4.23 49.37 -46.49
CA GLU U 180 4.33 48.51 -47.66
C GLU U 180 3.17 47.53 -47.74
N TYR U 181 2.59 47.14 -46.61
CA TYR U 181 1.47 46.21 -46.58
C TYR U 181 0.14 46.91 -46.86
N GLY U 182 0.13 48.23 -46.97
CA GLY U 182 -1.09 48.97 -47.22
C GLY U 182 -1.94 49.21 -45.99
N LEU U 183 -1.47 48.80 -44.81
CA LEU U 183 -2.25 49.00 -43.59
C LEU U 183 -2.32 50.49 -43.22
N VAL U 184 -1.24 51.23 -43.47
CA VAL U 184 -1.16 52.66 -43.20
C VAL U 184 -0.75 53.38 -44.47
N ASP U 185 -0.62 54.70 -44.37
CA ASP U 185 -0.25 55.54 -45.50
C ASP U 185 1.17 56.11 -45.40
N SER U 186 1.53 56.67 -44.26
CA SER U 186 2.87 57.25 -44.08
C SER U 186 3.27 57.12 -42.62
N ILE U 187 4.41 57.71 -42.28
CA ILE U 187 4.95 57.69 -40.93
C ILE U 187 5.22 59.13 -40.50
N LEU U 188 5.04 59.40 -39.20
CA LEU U 188 5.25 60.71 -38.63
C LEU U 188 6.51 60.65 -37.76
N THR U 189 7.64 61.09 -38.32
CA THR U 189 8.90 61.09 -37.60
C THR U 189 9.10 62.40 -36.86
N HIS U 190 9.05 63.52 -37.58
CA HIS U 190 9.22 64.85 -37.00
C HIS U 190 8.18 65.79 -37.59
N ARG U 191 7.89 66.86 -36.85
CA ARG U 191 6.90 67.87 -37.29
C ARG U 191 7.57 68.79 -38.31
N ASN U 192 6.95 68.99 -39.47
CA ASN U 192 7.48 69.84 -40.53
C ASN U 192 6.84 71.23 -40.47
#